data_6NCF
#
_entry.id   6NCF
#
_cell.length_a   76.870
_cell.length_b   203.720
_cell.length_c   110.440
_cell.angle_alpha   90.000
_cell.angle_beta   109.710
_cell.angle_gamma   90.000
#
_symmetry.space_group_name_H-M   'P 1 21 1'
#
loop_
_entity.id
_entity.type
_entity.pdbx_description
1 polymer 'Arachidonate 5-lipoxygenase'
2 non-polymer 'FE (II) ION'
3 non-polymer '(3alpha,8alpha,17alpha,18alpha)-3-(acetyloxy)-11-oxours-12-en-23-oic acid'
#
_entity_poly.entity_id   1
_entity_poly.type   'polypeptide(L)'
_entity_poly.pdbx_seq_one_letter_code
;MGSSHHHHHHSSGLVPRGSHMPSYTVTVATGSQEHAGTDDYIYLSLVGSAGCSEKHLLDKGSFERGAVDSYDVTVDEELG
EIQLVRIEKRKYGSNDDWYLKYITLKTPHGDYIEFPCYRWITGDVEVVLRDGRAKLARDDQIHILKQHRRKELETRQKQY
RWMEWNPGFPLSIDAKCHKDLPRDIQFDSEKGVDFVLNYSKAMENLFINRFMHMFQSSWNDFADFEKIFVKISNTISERV
MNHWQEDLMFGYQFLNGANPVLIRRCTELPEKLPVTTEMVECSLERQLSLEQEVQQGNIFIVDFELLDGIDANKTDPCTL
QFLAAPICLLYKNLANKIVPIAIQLNQIPGDENPIFLPSDAKYDWLLAKIWVRSSDFHVHQTITHLLRTHLVSEVFGIAM
YRQLPAVHPIFKLLVAHVRFTIAINTKAREQLICECGLFDKANATGGGGHVQMVQRAMKDLTYASLCFPEAIKARGMESK
EDIPYYFYRDDGLLVWEAIRTFTAEVVDIYYEGDQVVEEDPELQDFVNDVYVYGMRGRKSSGFPKSVKSREQLSEYLTVV
IFTASAQHAAVNFGQYDWASWIPNAPPTMRAPPPTAKGVVTIEQIVDTLPDRGRSCWHLGAVWALSQFQENELFLGMYPE
EHFIEKPVKEAMARFRKNLEAIVSVIAERNENLQLPYYYLSPDRIPNSVAI
;
_entity_poly.pdbx_strand_id   A,B,C,D
#
# COMPACT_ATOMS: atom_id res chain seq x y z
N SER A 3 55.53 -15.25 -37.63
CA SER A 3 54.71 -16.25 -36.95
C SER A 3 54.36 -17.41 -37.88
N SER A 4 55.06 -17.51 -39.00
CA SER A 4 54.79 -18.54 -39.99
C SER A 4 55.60 -19.80 -39.70
N HIS A 5 54.91 -20.93 -39.67
CA HIS A 5 55.50 -22.23 -39.40
C HIS A 5 55.17 -23.16 -40.55
N HIS A 6 56.19 -23.83 -41.08
CA HIS A 6 56.04 -24.70 -42.25
C HIS A 6 56.21 -26.16 -41.86
N HIS A 7 55.24 -26.98 -42.24
CA HIS A 7 55.28 -28.41 -42.04
C HIS A 7 55.42 -29.12 -43.37
N HIS A 8 56.31 -30.11 -43.42
CA HIS A 8 56.65 -30.80 -44.65
C HIS A 8 56.44 -32.30 -44.49
N HIS A 9 55.80 -32.90 -45.50
CA HIS A 9 55.40 -34.30 -45.45
C HIS A 9 56.57 -35.27 -45.30
N TYR A 24 48.97 -30.60 -52.54
CA TYR A 24 48.26 -29.43 -52.01
C TYR A 24 49.04 -28.80 -50.88
N THR A 25 49.23 -27.49 -50.95
CA THR A 25 49.86 -26.71 -49.88
C THR A 25 48.75 -26.02 -49.09
N VAL A 26 48.50 -26.49 -47.87
CA VAL A 26 47.40 -25.99 -47.05
C VAL A 26 47.97 -24.98 -46.06
N THR A 27 47.34 -23.82 -45.97
CA THR A 27 47.75 -22.79 -45.03
C THR A 27 46.54 -22.44 -44.16
N VAL A 28 46.69 -22.61 -42.86
CA VAL A 28 45.62 -22.38 -41.89
C VAL A 28 46.00 -21.17 -41.05
N ALA A 29 45.11 -20.18 -41.00
CA ALA A 29 45.36 -18.98 -40.23
C ALA A 29 44.60 -19.06 -38.92
N THR A 30 45.34 -19.10 -37.80
CA THR A 30 44.75 -19.15 -36.48
C THR A 30 44.55 -17.72 -35.97
N GLY A 31 43.62 -17.57 -35.04
CA GLY A 31 43.20 -16.24 -34.63
C GLY A 31 44.20 -15.51 -33.75
N SER A 32 44.04 -14.19 -33.69
CA SER A 32 44.87 -13.32 -32.86
C SER A 32 44.33 -13.14 -31.45
N GLN A 33 43.12 -13.64 -31.15
CA GLN A 33 42.53 -13.47 -29.82
C GLN A 33 43.47 -13.96 -28.74
N GLU A 34 43.14 -13.71 -27.48
CA GLU A 34 43.97 -14.19 -26.39
C GLU A 34 43.88 -15.69 -26.19
N HIS A 35 43.19 -16.44 -27.05
CA HIS A 35 42.94 -17.84 -26.80
C HIS A 35 42.71 -18.61 -28.09
N ALA A 36 43.04 -18.01 -29.23
CA ALA A 36 42.65 -18.63 -30.49
C ALA A 36 43.42 -19.90 -30.79
N GLY A 37 44.56 -20.12 -30.15
CA GLY A 37 45.31 -21.33 -30.38
C GLY A 37 44.67 -22.52 -29.70
N THR A 38 44.87 -23.69 -30.30
CA THR A 38 44.38 -24.95 -29.73
C THR A 38 45.45 -26.02 -29.88
N ASP A 39 45.55 -26.90 -28.89
CA ASP A 39 46.48 -28.02 -28.91
C ASP A 39 45.84 -29.33 -29.34
N ASP A 40 44.55 -29.32 -29.68
CA ASP A 40 43.86 -30.54 -30.07
C ASP A 40 44.28 -30.95 -31.49
N TYR A 41 43.91 -32.18 -31.85
CA TYR A 41 44.16 -32.64 -33.21
C TYR A 41 43.21 -31.94 -34.17
N ILE A 42 43.73 -31.51 -35.31
CA ILE A 42 42.95 -30.87 -36.35
C ILE A 42 43.11 -31.71 -37.61
N TYR A 43 42.04 -32.35 -38.04
CA TYR A 43 42.03 -33.08 -39.29
C TYR A 43 41.35 -32.26 -40.38
N LEU A 44 41.77 -32.51 -41.62
CA LEU A 44 41.37 -31.72 -42.77
C LEU A 44 41.08 -32.64 -43.93
N SER A 45 40.05 -32.28 -44.71
CA SER A 45 39.67 -33.03 -45.89
C SER A 45 39.36 -32.05 -47.01
N LEU A 46 39.62 -32.47 -48.25
CA LEU A 46 39.30 -31.67 -49.42
C LEU A 46 38.20 -32.40 -50.19
N VAL A 47 37.07 -31.74 -50.37
CA VAL A 47 35.94 -32.31 -51.09
C VAL A 47 35.95 -31.77 -52.51
N GLY A 48 36.14 -32.65 -53.48
CA GLY A 48 36.24 -32.23 -54.86
C GLY A 48 35.11 -32.71 -55.74
N SER A 49 34.97 -32.08 -56.90
CA SER A 49 33.93 -32.47 -57.86
C SER A 49 34.18 -33.86 -58.42
N ALA A 50 35.37 -34.43 -58.22
CA ALA A 50 35.70 -35.76 -58.70
C ALA A 50 36.09 -36.71 -57.58
N GLY A 51 35.99 -36.28 -56.33
CA GLY A 51 36.31 -37.16 -55.23
C GLY A 51 36.50 -36.38 -53.95
N CYS A 52 36.67 -37.15 -52.88
CA CYS A 52 36.92 -36.63 -51.55
C CYS A 52 38.32 -37.04 -51.12
N SER A 53 38.76 -36.47 -50.00
CA SER A 53 40.11 -36.72 -49.48
C SER A 53 40.04 -37.31 -48.08
N GLU A 54 41.07 -38.07 -47.75
CA GLU A 54 41.15 -38.68 -46.43
C GLU A 54 41.31 -37.60 -45.37
N LYS A 55 41.00 -37.96 -44.12
CA LYS A 55 41.21 -37.06 -43.00
C LYS A 55 42.72 -36.95 -42.75
N HIS A 56 43.33 -35.88 -43.24
CA HIS A 56 44.76 -35.67 -43.08
C HIS A 56 45.03 -35.02 -41.71
N LEU A 57 45.91 -35.65 -40.95
CA LEU A 57 46.27 -35.15 -39.62
C LEU A 57 47.30 -34.02 -39.72
N LEU A 58 46.97 -32.86 -39.14
CA LEU A 58 47.85 -31.72 -39.12
C LEU A 58 48.99 -31.95 -38.12
N ASP A 59 49.85 -30.93 -37.97
CA ASP A 59 50.95 -31.04 -37.02
C ASP A 59 50.42 -31.42 -35.65
N LYS A 60 51.22 -32.18 -34.91
CA LYS A 60 50.85 -32.50 -33.53
C LYS A 60 50.99 -31.29 -32.62
N GLY A 61 51.82 -30.32 -33.00
CA GLY A 61 52.03 -29.17 -32.13
C GLY A 61 50.78 -28.31 -32.13
N SER A 62 50.51 -27.69 -30.98
CA SER A 62 49.30 -26.91 -30.84
C SER A 62 49.34 -25.67 -31.72
N PHE A 63 48.20 -25.34 -32.32
CA PHE A 63 48.11 -24.12 -33.08
C PHE A 63 48.16 -22.95 -32.11
N GLU A 64 49.00 -21.97 -32.42
CA GLU A 64 49.26 -20.86 -31.53
C GLU A 64 48.40 -19.65 -31.88
N ARG A 65 48.29 -18.75 -30.90
CA ARG A 65 47.47 -17.56 -31.06
C ARG A 65 48.10 -16.63 -32.07
N GLY A 66 47.31 -16.21 -33.06
CA GLY A 66 47.86 -15.37 -34.10
C GLY A 66 48.69 -16.11 -35.10
N ALA A 67 48.61 -17.44 -35.13
CA ALA A 67 49.54 -18.24 -35.92
C ALA A 67 49.09 -18.34 -37.39
N VAL A 68 50.03 -18.82 -38.20
CA VAL A 68 49.79 -19.13 -39.60
C VAL A 68 50.61 -20.36 -39.94
N ASP A 69 49.96 -21.53 -39.95
CA ASP A 69 50.68 -22.78 -40.11
C ASP A 69 50.50 -23.30 -41.53
N SER A 70 51.56 -23.88 -42.09
CA SER A 70 51.55 -24.40 -43.44
C SER A 70 51.90 -25.87 -43.42
N TYR A 71 51.15 -26.64 -44.20
CA TYR A 71 51.26 -28.09 -44.23
C TYR A 71 51.26 -28.58 -45.67
N ASP A 72 51.99 -29.66 -45.90
CA ASP A 72 51.99 -30.35 -47.18
C ASP A 72 51.07 -31.56 -47.08
N VAL A 73 50.05 -31.59 -47.92
CA VAL A 73 49.07 -32.69 -47.95
C VAL A 73 49.08 -33.26 -49.36
N THR A 74 49.31 -34.57 -49.46
CA THR A 74 49.37 -35.28 -50.72
C THR A 74 48.10 -36.10 -50.91
N VAL A 75 47.40 -35.88 -52.03
CA VAL A 75 46.18 -36.60 -52.31
C VAL A 75 46.54 -37.84 -53.13
N ASP A 76 45.88 -38.96 -52.82
CA ASP A 76 46.18 -40.21 -53.50
C ASP A 76 45.73 -40.19 -54.96
N GLU A 77 44.72 -39.39 -55.29
CA GLU A 77 44.16 -39.38 -56.64
C GLU A 77 43.65 -37.98 -56.95
N GLU A 78 43.49 -37.73 -58.26
CA GLU A 78 42.99 -36.43 -58.71
C GLU A 78 41.61 -36.16 -58.14
N LEU A 79 41.46 -35.00 -57.50
CA LEU A 79 40.22 -34.61 -56.84
C LEU A 79 39.42 -33.61 -57.66
N GLY A 80 39.94 -33.16 -58.78
CA GLY A 80 39.26 -32.12 -59.52
C GLY A 80 39.21 -30.82 -58.72
N GLU A 81 38.46 -29.88 -59.27
CA GLU A 81 38.33 -28.57 -58.65
C GLU A 81 37.87 -28.71 -57.20
N ILE A 82 38.61 -28.09 -56.29
CA ILE A 82 38.28 -28.13 -54.87
C ILE A 82 37.11 -27.19 -54.61
N GLN A 83 36.03 -27.72 -54.02
CA GLN A 83 34.81 -26.97 -53.74
C GLN A 83 34.56 -26.73 -52.26
N LEU A 84 34.79 -27.71 -51.40
CA LEU A 84 34.48 -27.63 -49.99
C LEU A 84 35.69 -28.07 -49.18
N VAL A 85 35.71 -27.69 -47.91
CA VAL A 85 36.75 -28.16 -47.00
C VAL A 85 36.11 -28.55 -45.67
N ARG A 86 36.35 -29.79 -45.24
CA ARG A 86 35.89 -30.21 -43.93
C ARG A 86 37.03 -30.01 -42.94
N ILE A 87 36.68 -29.56 -41.74
CA ILE A 87 37.63 -29.33 -40.67
C ILE A 87 37.06 -29.96 -39.41
N GLU A 88 37.81 -30.89 -38.84
CA GLU A 88 37.41 -31.51 -37.58
C GLU A 88 38.49 -31.28 -36.54
N LYS A 89 38.08 -31.09 -35.30
CA LYS A 89 39.02 -30.92 -34.20
C LYS A 89 38.61 -31.91 -33.12
N ARG A 90 39.49 -32.86 -32.84
CA ARG A 90 39.26 -33.83 -31.79
C ARG A 90 40.21 -33.54 -30.63
N LYS A 91 39.66 -33.52 -29.43
CA LYS A 91 40.44 -33.13 -28.26
C LYS A 91 41.54 -34.14 -27.97
N TYR A 92 42.74 -33.62 -27.71
CA TYR A 92 43.80 -34.48 -27.19
C TYR A 92 43.54 -34.73 -25.71
N GLY A 93 42.92 -33.75 -25.06
CA GLY A 93 42.58 -33.75 -23.65
C GLY A 93 42.03 -32.38 -23.32
N SER A 94 40.98 -32.28 -22.52
CA SER A 94 40.44 -30.98 -22.15
C SER A 94 40.28 -30.10 -23.38
N ASN A 95 39.20 -30.31 -24.13
CA ASN A 95 38.96 -29.60 -25.39
C ASN A 95 38.69 -28.12 -25.18
N ASP A 96 39.46 -27.28 -25.87
CA ASP A 96 39.34 -25.83 -25.82
C ASP A 96 38.99 -25.32 -27.21
N ASP A 97 38.30 -24.19 -27.25
CA ASP A 97 37.79 -23.66 -28.50
C ASP A 97 38.88 -23.00 -29.35
N TRP A 98 38.74 -23.11 -30.66
CA TRP A 98 39.74 -22.68 -31.65
C TRP A 98 39.09 -21.71 -32.62
N TYR A 99 39.65 -20.53 -32.76
CA TYR A 99 39.11 -19.55 -33.71
C TYR A 99 39.87 -19.69 -35.03
N LEU A 100 39.16 -20.15 -36.07
CA LEU A 100 39.73 -20.25 -37.39
C LEU A 100 39.41 -18.98 -38.19
N LYS A 101 40.44 -18.41 -38.81
CA LYS A 101 40.25 -17.22 -39.65
C LYS A 101 39.96 -17.64 -41.08
N TYR A 102 40.94 -18.21 -41.77
CA TYR A 102 40.76 -18.68 -43.13
C TYR A 102 41.67 -19.88 -43.39
N ILE A 103 41.50 -20.44 -44.57
CA ILE A 103 42.30 -21.57 -45.06
C ILE A 103 42.55 -21.32 -46.54
N THR A 104 43.82 -21.34 -46.93
CA THR A 104 44.20 -21.19 -48.33
C THR A 104 44.78 -22.48 -48.84
N LEU A 105 44.48 -22.78 -50.10
CA LEU A 105 45.01 -23.94 -50.80
C LEU A 105 45.72 -23.47 -52.06
N LYS A 106 46.90 -24.03 -52.30
CA LYS A 106 47.60 -23.89 -53.57
C LYS A 106 47.63 -25.28 -54.19
N THR A 107 46.79 -25.50 -55.19
CA THR A 107 46.57 -26.83 -55.75
C THR A 107 47.71 -27.20 -56.69
N PRO A 108 47.81 -28.49 -57.06
CA PRO A 108 48.84 -28.89 -58.02
C PRO A 108 48.76 -28.14 -59.34
N HIS A 109 47.55 -27.96 -59.87
CA HIS A 109 47.35 -27.28 -61.15
C HIS A 109 47.64 -25.78 -61.10
N GLY A 110 48.12 -25.27 -59.97
CA GLY A 110 48.51 -23.86 -59.89
C GLY A 110 47.38 -22.91 -59.56
N ASP A 111 46.46 -23.32 -58.69
CA ASP A 111 45.27 -22.54 -58.36
C ASP A 111 45.30 -22.18 -56.89
N TYR A 112 45.05 -20.91 -56.58
CA TYR A 112 44.99 -20.43 -55.21
C TYR A 112 43.54 -20.20 -54.83
N ILE A 113 43.08 -20.90 -53.80
CA ILE A 113 41.68 -20.85 -53.37
C ILE A 113 41.65 -20.53 -51.90
N GLU A 114 40.88 -19.50 -51.54
CA GLU A 114 40.79 -19.03 -50.17
C GLU A 114 39.41 -19.37 -49.61
N PHE A 115 39.39 -19.95 -48.41
CA PHE A 115 38.14 -20.27 -47.72
C PHE A 115 38.08 -19.46 -46.43
N PRO A 116 37.28 -18.39 -46.37
CA PRO A 116 37.18 -17.64 -45.13
C PRO A 116 36.39 -18.42 -44.10
N CYS A 117 36.96 -18.57 -42.90
CA CYS A 117 36.26 -19.22 -41.79
C CYS A 117 35.77 -18.21 -40.78
N TYR A 118 36.66 -17.65 -39.96
CA TYR A 118 36.28 -16.64 -38.97
C TYR A 118 35.20 -17.18 -38.04
N ARG A 119 35.48 -18.34 -37.44
CA ARG A 119 34.48 -19.02 -36.61
C ARG A 119 35.17 -19.77 -35.49
N TRP A 120 34.41 -20.01 -34.42
CA TRP A 120 34.90 -20.81 -33.30
C TRP A 120 34.54 -22.27 -33.52
N ILE A 121 35.54 -23.13 -33.51
CA ILE A 121 35.40 -24.57 -33.65
C ILE A 121 35.75 -25.14 -32.28
N THR A 122 34.79 -25.81 -31.64
CA THR A 122 35.02 -26.33 -30.30
C THR A 122 34.95 -27.86 -30.25
N GLY A 123 35.24 -28.51 -31.38
CA GLY A 123 35.20 -29.96 -31.47
C GLY A 123 33.79 -30.50 -31.61
N ASP A 124 32.80 -29.77 -31.07
CA ASP A 124 31.44 -30.28 -31.02
C ASP A 124 30.93 -30.72 -32.39
N VAL A 125 31.36 -30.02 -33.45
CA VAL A 125 30.87 -30.29 -34.79
C VAL A 125 32.03 -30.23 -35.77
N GLU A 126 31.82 -30.84 -36.94
CA GLU A 126 32.75 -30.72 -38.04
C GLU A 126 32.31 -29.53 -38.86
N VAL A 127 33.21 -28.61 -39.12
CA VAL A 127 32.88 -27.39 -39.84
C VAL A 127 33.16 -27.62 -41.32
N VAL A 128 32.32 -27.07 -42.18
CA VAL A 128 32.50 -27.22 -43.61
C VAL A 128 32.53 -25.82 -44.21
N LEU A 129 33.64 -25.48 -44.85
CA LEU A 129 33.86 -24.16 -45.41
C LEU A 129 33.81 -24.23 -46.92
N ARG A 130 33.40 -23.12 -47.51
CA ARG A 130 33.25 -22.98 -48.94
C ARG A 130 34.15 -21.86 -49.45
N ASP A 131 34.43 -21.89 -50.75
CA ASP A 131 35.32 -20.91 -51.35
C ASP A 131 34.85 -19.49 -51.07
N GLY A 132 35.82 -18.57 -50.92
CA GLY A 132 35.56 -17.18 -50.56
C GLY A 132 34.84 -16.36 -51.62
N ARG A 133 34.58 -16.92 -52.79
CA ARG A 133 33.85 -16.21 -53.84
C ARG A 133 32.35 -16.20 -53.51
N ALA A 134 31.82 -15.00 -53.27
CA ALA A 134 30.43 -14.84 -52.86
C ALA A 134 29.47 -15.39 -53.91
N LYS A 135 28.46 -16.13 -53.44
CA LYS A 135 27.55 -16.86 -54.31
C LYS A 135 26.11 -16.70 -53.86
N LEU A 136 25.22 -16.70 -54.83
CA LEU A 136 23.79 -16.79 -54.61
C LEU A 136 23.37 -18.21 -54.89
N ALA A 137 22.25 -18.62 -54.28
CA ALA A 137 21.77 -19.99 -54.47
C ALA A 137 21.60 -20.30 -55.96
N ARG A 138 21.13 -19.30 -56.73
CA ARG A 138 20.94 -19.47 -58.16
C ARG A 138 22.21 -19.88 -58.88
N ASP A 139 23.37 -19.49 -58.34
CA ASP A 139 24.65 -19.83 -58.95
C ASP A 139 25.00 -21.31 -58.75
N ASP A 140 24.54 -21.91 -57.65
CA ASP A 140 24.87 -23.27 -57.28
C ASP A 140 23.94 -24.25 -57.98
N GLN A 141 24.52 -25.25 -58.66
CA GLN A 141 23.70 -26.21 -59.39
C GLN A 141 24.10 -27.66 -59.18
N ILE A 142 25.15 -27.95 -58.41
CA ILE A 142 25.62 -29.32 -58.23
C ILE A 142 25.31 -29.78 -56.79
N HIS A 143 25.01 -31.08 -56.66
CA HIS A 143 24.57 -31.64 -55.39
C HIS A 143 25.51 -31.29 -54.24
N ILE A 144 26.80 -31.16 -54.52
CA ILE A 144 27.78 -30.96 -53.44
C ILE A 144 27.53 -29.61 -52.77
N LEU A 145 27.59 -28.54 -53.57
CA LEU A 145 27.40 -27.20 -53.03
C LEU A 145 25.98 -27.00 -52.49
N LYS A 146 24.97 -27.49 -53.22
CA LYS A 146 23.60 -27.31 -52.77
C LYS A 146 23.32 -28.03 -51.46
N GLN A 147 23.79 -29.26 -51.31
CA GLN A 147 23.61 -29.93 -50.04
C GLN A 147 24.30 -29.17 -48.94
N HIS A 148 25.51 -28.67 -49.20
CA HIS A 148 26.19 -27.89 -48.18
C HIS A 148 25.35 -26.68 -47.77
N ARG A 149 24.80 -25.97 -48.75
CA ARG A 149 24.02 -24.77 -48.44
C ARG A 149 22.76 -25.10 -47.66
N ARG A 150 22.01 -26.10 -48.11
CA ARG A 150 20.76 -26.47 -47.46
C ARG A 150 21.02 -26.90 -46.02
N LYS A 151 22.02 -27.77 -45.82
CA LYS A 151 22.36 -28.23 -44.48
C LYS A 151 22.88 -27.09 -43.61
N GLU A 152 23.67 -26.18 -44.20
CA GLU A 152 24.15 -25.02 -43.46
C GLU A 152 22.99 -24.22 -42.91
N LEU A 153 21.97 -23.99 -43.75
CA LEU A 153 20.81 -23.24 -43.27
C LEU A 153 20.04 -24.04 -42.24
N GLU A 154 19.97 -25.37 -42.41
CA GLU A 154 19.29 -26.20 -41.40
C GLU A 154 19.91 -25.97 -40.03
N THR A 155 21.24 -26.00 -39.95
CA THR A 155 21.89 -25.83 -38.66
C THR A 155 21.84 -24.38 -38.19
N ARG A 156 21.95 -23.41 -39.11
CA ARG A 156 21.80 -22.02 -38.71
C ARG A 156 20.48 -21.81 -37.99
N GLN A 157 19.40 -22.36 -38.57
CA GLN A 157 18.07 -22.23 -37.99
C GLN A 157 17.91 -23.09 -36.74
N LYS A 158 18.67 -24.18 -36.63
CA LYS A 158 18.69 -24.91 -35.36
C LYS A 158 19.34 -24.09 -34.27
N GLN A 159 20.35 -23.29 -34.63
CA GLN A 159 21.19 -22.62 -33.66
C GLN A 159 20.71 -21.23 -33.30
N TYR A 160 20.05 -20.54 -34.23
CA TYR A 160 19.57 -19.17 -34.02
C TYR A 160 18.05 -19.14 -34.09
N ARG A 161 17.40 -19.28 -32.94
CA ARG A 161 15.95 -19.23 -32.84
C ARG A 161 15.50 -17.95 -32.15
N TRP A 162 14.22 -17.64 -32.30
CA TRP A 162 13.61 -16.42 -31.78
C TRP A 162 12.97 -16.65 -30.41
N MET A 163 12.89 -15.57 -29.63
CA MET A 163 12.26 -15.59 -28.33
C MET A 163 11.78 -14.19 -27.99
N GLU A 164 10.71 -14.11 -27.20
CA GLU A 164 10.16 -12.85 -26.73
C GLU A 164 10.66 -12.65 -25.30
N TRP A 165 11.57 -11.69 -25.11
CA TRP A 165 12.11 -11.48 -23.76
C TRP A 165 11.04 -10.86 -22.86
N ASN A 166 10.35 -9.86 -23.37
CA ASN A 166 9.23 -9.21 -22.68
C ASN A 166 8.09 -9.01 -23.67
N PRO A 167 6.85 -9.04 -23.18
CA PRO A 167 5.70 -8.92 -24.09
C PRO A 167 5.77 -7.62 -24.88
N GLY A 168 5.27 -7.68 -26.12
CA GLY A 168 5.30 -6.53 -26.99
C GLY A 168 6.67 -6.13 -27.45
N PHE A 169 7.73 -6.77 -26.95
CA PHE A 169 9.11 -6.51 -27.32
C PHE A 169 9.43 -7.16 -28.67
N PRO A 170 10.38 -6.61 -29.41
CA PRO A 170 10.93 -7.33 -30.56
C PRO A 170 11.51 -8.66 -30.11
N LEU A 171 11.49 -9.63 -31.02
CA LEU A 171 11.98 -10.97 -30.68
C LEU A 171 13.50 -10.96 -30.62
N SER A 172 14.05 -11.69 -29.64
CA SER A 172 15.49 -11.72 -29.42
C SER A 172 15.99 -13.17 -29.42
N ILE A 173 17.30 -13.33 -29.26
CA ILE A 173 17.90 -14.65 -29.27
C ILE A 173 17.39 -15.50 -28.12
N ASP A 174 17.21 -16.79 -28.40
CA ASP A 174 16.77 -17.77 -27.39
C ASP A 174 17.96 -18.10 -26.49
N ALA A 175 18.03 -17.44 -25.33
CA ALA A 175 19.11 -17.72 -24.39
C ALA A 175 18.82 -17.02 -23.07
N LYS A 176 19.19 -17.69 -21.98
CA LYS A 176 19.06 -17.13 -20.63
C LYS A 176 20.32 -16.41 -20.18
N CYS A 177 21.49 -16.97 -20.45
CA CYS A 177 22.76 -16.34 -20.09
C CYS A 177 23.71 -16.36 -21.28
N HIS A 178 24.83 -15.63 -21.13
CA HIS A 178 25.76 -15.43 -22.25
C HIS A 178 26.29 -16.75 -22.78
N LYS A 179 26.65 -17.68 -21.89
CA LYS A 179 27.18 -18.97 -22.30
C LYS A 179 26.19 -19.79 -23.12
N ASP A 180 24.93 -19.38 -23.22
CA ASP A 180 23.95 -20.18 -23.95
C ASP A 180 23.90 -19.88 -25.45
N LEU A 181 24.60 -18.85 -25.90
CA LEU A 181 24.65 -18.53 -27.32
C LEU A 181 25.64 -19.45 -28.02
N PRO A 182 25.54 -19.59 -29.35
CA PRO A 182 26.65 -20.19 -30.09
C PRO A 182 27.90 -19.35 -29.88
N ARG A 183 29.03 -20.02 -29.60
CA ARG A 183 30.26 -19.28 -29.33
C ARG A 183 30.64 -18.36 -30.48
N ASP A 184 30.22 -18.67 -31.71
CA ASP A 184 30.57 -17.82 -32.84
C ASP A 184 29.99 -16.43 -32.67
N ILE A 185 28.92 -16.29 -31.88
CA ILE A 185 28.28 -15.00 -31.65
C ILE A 185 28.51 -14.53 -30.21
N GLN A 186 29.37 -15.20 -29.46
CA GLN A 186 29.74 -14.79 -28.12
C GLN A 186 30.87 -13.77 -28.18
N PHE A 187 31.16 -13.14 -27.05
CA PHE A 187 32.33 -12.28 -26.99
C PHE A 187 33.61 -13.10 -27.01
N ASP A 188 34.63 -12.56 -27.69
CA ASP A 188 35.94 -13.21 -27.75
C ASP A 188 36.48 -13.49 -26.36
N SER A 189 36.08 -12.67 -25.39
CA SER A 189 36.50 -12.81 -24.00
C SER A 189 35.41 -13.49 -23.17
N GLU A 190 35.86 -14.16 -22.11
CA GLU A 190 34.93 -14.89 -21.25
C GLU A 190 34.07 -13.93 -20.45
N LYS A 191 34.72 -13.04 -19.70
CA LYS A 191 34.08 -11.95 -18.95
C LYS A 191 34.56 -10.58 -19.44
N GLY A 192 35.03 -10.50 -20.69
CA GLY A 192 35.65 -9.27 -21.18
C GLY A 192 34.74 -8.05 -21.21
N VAL A 193 33.50 -8.22 -21.66
CA VAL A 193 32.56 -7.10 -21.79
C VAL A 193 31.42 -7.35 -20.82
N ASP A 194 31.58 -6.86 -19.58
CA ASP A 194 30.61 -7.06 -18.51
C ASP A 194 30.15 -5.74 -17.92
N PHE A 195 28.83 -5.58 -17.83
CA PHE A 195 28.26 -4.37 -17.25
C PHE A 195 28.67 -4.25 -15.78
N VAL A 196 28.54 -5.32 -15.02
CA VAL A 196 28.88 -5.29 -13.60
C VAL A 196 30.37 -5.00 -13.42
N LEU A 197 31.21 -5.71 -14.16
CA LEU A 197 32.65 -5.58 -13.96
C LEU A 197 33.15 -4.22 -14.43
N ASN A 198 32.73 -3.80 -15.62
CA ASN A 198 33.23 -2.53 -16.15
C ASN A 198 32.63 -1.33 -15.39
N TYR A 199 31.36 -1.42 -14.97
CA TYR A 199 30.80 -0.31 -14.19
C TYR A 199 31.51 -0.17 -12.85
N SER A 200 31.68 -1.27 -12.12
CA SER A 200 32.33 -1.17 -10.82
C SER A 200 33.80 -0.79 -10.97
N LYS A 201 34.45 -1.27 -12.03
CA LYS A 201 35.83 -0.94 -12.28
C LYS A 201 35.99 0.54 -12.60
N ALA A 202 34.99 1.13 -13.27
CA ALA A 202 34.98 2.58 -13.46
C ALA A 202 34.77 3.30 -12.13
N MET A 203 33.78 2.86 -11.36
CA MET A 203 33.52 3.51 -10.08
C MET A 203 34.76 3.52 -9.21
N GLU A 204 35.63 2.51 -9.36
CA GLU A 204 36.92 2.56 -8.68
C GLU A 204 37.91 3.49 -9.39
N ASN A 205 37.93 3.43 -10.73
CA ASN A 205 38.83 4.27 -11.51
C ASN A 205 38.43 5.73 -11.40
N LEU A 206 37.14 6.01 -11.32
CA LEU A 206 36.68 7.38 -11.18
C LEU A 206 36.79 7.87 -9.75
N PHE A 207 37.24 7.01 -8.83
CA PHE A 207 37.51 7.37 -7.44
C PHE A 207 36.22 7.68 -6.68
N ILE A 208 35.16 6.91 -6.94
CA ILE A 208 33.85 7.21 -6.36
C ILE A 208 33.25 6.01 -5.63
N ASN A 209 34.09 5.10 -5.17
CA ASN A 209 33.56 3.93 -4.48
C ASN A 209 32.84 4.31 -3.19
N ARG A 210 33.30 5.36 -2.51
CA ARG A 210 32.69 5.74 -1.24
C ARG A 210 31.19 5.99 -1.35
N PHE A 211 30.69 6.27 -2.55
CA PHE A 211 29.28 6.56 -2.76
C PHE A 211 28.55 5.45 -3.51
N MET A 212 29.17 4.27 -3.64
CA MET A 212 28.59 3.24 -4.50
C MET A 212 27.20 2.83 -4.02
N HIS A 213 27.02 2.74 -2.70
CA HIS A 213 25.74 2.41 -2.06
C HIS A 213 25.38 3.46 -1.01
N MET A 214 25.65 4.72 -1.32
CA MET A 214 25.39 5.82 -0.39
C MET A 214 24.09 6.55 -0.77
N PHE A 215 23.01 5.78 -0.72
CA PHE A 215 21.69 6.29 -1.05
C PHE A 215 21.19 7.10 0.15
N GLN A 216 19.95 7.59 0.07
CA GLN A 216 19.33 8.33 1.16
C GLN A 216 20.22 9.46 1.69
N SER A 217 21.36 9.68 1.03
CA SER A 217 22.26 10.79 1.33
C SER A 217 22.25 11.71 0.13
N SER A 218 21.97 12.98 0.36
CA SER A 218 21.94 13.97 -0.71
C SER A 218 23.20 14.81 -0.71
N TRP A 219 23.59 15.24 -1.90
CA TRP A 219 24.70 16.18 -2.05
C TRP A 219 24.29 17.52 -1.43
N ASN A 220 25.12 18.03 -0.51
CA ASN A 220 24.72 19.24 0.22
C ASN A 220 24.57 20.44 -0.70
N ASP A 221 25.30 20.48 -1.81
CA ASP A 221 25.23 21.60 -2.74
C ASP A 221 25.86 21.19 -4.06
N PHE A 222 25.80 22.10 -5.03
CA PHE A 222 26.51 21.88 -6.28
C PHE A 222 28.02 21.85 -6.10
N ALA A 223 28.55 22.65 -5.18
CA ALA A 223 30.00 22.75 -5.02
C ALA A 223 30.63 21.42 -4.64
N ASP A 224 29.98 20.66 -3.74
CA ASP A 224 30.53 19.38 -3.31
C ASP A 224 30.66 18.43 -4.50
N PHE A 225 29.59 18.29 -5.27
CA PHE A 225 29.61 17.43 -6.44
C PHE A 225 30.63 17.95 -7.45
N GLU A 226 30.75 19.28 -7.58
CA GLU A 226 31.70 19.88 -8.52
C GLU A 226 33.14 19.58 -8.17
N LYS A 227 33.49 19.54 -6.89
CA LYS A 227 34.89 19.31 -6.55
C LYS A 227 35.32 17.89 -6.90
N ILE A 228 34.42 16.91 -6.76
CA ILE A 228 34.72 15.56 -7.23
C ILE A 228 34.70 15.51 -8.74
N PHE A 229 33.86 16.34 -9.37
CA PHE A 229 33.69 16.31 -10.82
C PHE A 229 34.84 16.94 -11.59
N VAL A 230 35.48 17.98 -11.04
CA VAL A 230 36.51 18.67 -11.81
C VAL A 230 37.66 17.73 -12.13
N LYS A 231 37.94 16.80 -11.22
CA LYS A 231 39.09 15.92 -11.41
C LYS A 231 38.79 14.83 -12.42
N ILE A 232 37.52 14.59 -12.69
CA ILE A 232 37.11 13.55 -13.62
C ILE A 232 36.45 14.12 -14.86
N SER A 233 36.16 15.42 -14.87
CA SER A 233 35.46 16.07 -15.97
C SER A 233 36.24 15.99 -17.27
N ASN A 234 35.54 16.21 -18.37
CA ASN A 234 36.13 16.31 -19.70
C ASN A 234 35.89 17.72 -20.26
N THR A 235 36.23 17.90 -21.54
CA THR A 235 36.04 19.16 -22.22
C THR A 235 34.56 19.51 -22.28
N ILE A 236 33.79 18.75 -23.07
CA ILE A 236 32.37 19.02 -23.17
C ILE A 236 31.72 18.92 -21.80
N SER A 237 32.21 18.01 -20.95
CA SER A 237 31.64 17.90 -19.61
C SER A 237 31.86 19.19 -18.81
N GLU A 238 33.08 19.75 -18.87
CA GLU A 238 33.36 20.98 -18.14
C GLU A 238 32.60 22.16 -18.71
N ARG A 239 32.38 22.21 -20.03
CA ARG A 239 31.50 23.22 -20.58
C ARG A 239 30.08 23.05 -20.06
N VAL A 240 29.57 21.82 -20.03
CA VAL A 240 28.25 21.57 -19.44
C VAL A 240 28.20 22.12 -18.02
N MET A 241 29.24 21.82 -17.24
CA MET A 241 29.30 22.31 -15.87
C MET A 241 29.19 23.82 -15.82
N ASN A 242 29.92 24.52 -16.71
CA ASN A 242 29.95 25.97 -16.68
C ASN A 242 28.72 26.62 -17.31
N HIS A 243 27.95 25.88 -18.13
CA HIS A 243 26.87 26.52 -18.88
C HIS A 243 25.57 25.74 -18.89
N TRP A 244 25.31 24.90 -17.88
CA TRP A 244 24.12 24.06 -17.92
C TRP A 244 22.84 24.84 -17.62
N GLN A 245 22.97 25.99 -16.94
CA GLN A 245 21.83 26.83 -16.59
C GLN A 245 21.42 27.80 -17.70
N GLU A 246 22.00 27.70 -18.89
CA GLU A 246 21.77 28.64 -19.97
C GLU A 246 20.79 28.10 -20.99
N ASP A 247 19.84 28.96 -21.41
CA ASP A 247 18.86 28.53 -22.40
C ASP A 247 19.54 28.04 -23.68
N LEU A 248 20.71 28.58 -23.99
CA LEU A 248 21.41 28.20 -25.21
C LEU A 248 21.92 26.77 -25.15
N MET A 249 22.53 26.37 -24.03
CA MET A 249 22.99 24.99 -23.90
C MET A 249 21.81 24.03 -23.87
N PHE A 250 20.75 24.40 -23.16
CA PHE A 250 19.53 23.59 -23.10
C PHE A 250 19.00 23.32 -24.50
N GLY A 251 18.84 24.37 -25.30
CA GLY A 251 18.36 24.16 -26.65
C GLY A 251 19.37 23.49 -27.55
N TYR A 252 20.67 23.72 -27.31
CA TYR A 252 21.70 23.17 -28.17
C TYR A 252 21.75 21.66 -28.09
N GLN A 253 21.45 21.11 -26.91
CA GLN A 253 21.45 19.66 -26.80
C GLN A 253 20.36 19.04 -27.67
N PHE A 254 19.27 19.77 -27.90
CA PHE A 254 18.18 19.25 -28.72
C PHE A 254 18.61 19.04 -30.17
N LEU A 255 19.73 19.62 -30.59
CA LEU A 255 20.25 19.43 -31.94
C LEU A 255 21.51 18.59 -31.97
N ASN A 256 22.43 18.80 -31.02
CA ASN A 256 23.75 18.18 -31.08
C ASN A 256 24.13 17.46 -29.79
N GLY A 257 23.18 17.19 -28.90
CA GLY A 257 23.45 16.45 -27.68
C GLY A 257 23.55 14.96 -27.93
N ALA A 258 23.25 14.18 -26.88
CA ALA A 258 23.30 12.72 -26.98
C ALA A 258 21.99 12.12 -27.49
N ASN A 259 20.94 12.93 -27.66
CA ASN A 259 19.63 12.44 -28.08
C ASN A 259 19.00 13.46 -29.05
N PRO A 260 19.69 13.80 -30.15
CA PRO A 260 19.24 14.87 -31.05
C PRO A 260 18.23 14.42 -32.09
N VAL A 261 17.19 13.71 -31.66
CA VAL A 261 16.25 13.05 -32.56
C VAL A 261 14.81 13.39 -32.27
N LEU A 262 14.52 14.18 -31.23
CA LEU A 262 13.13 14.36 -30.80
C LEU A 262 12.51 15.67 -31.24
N ILE A 263 13.31 16.70 -31.54
CA ILE A 263 12.74 18.00 -31.86
C ILE A 263 12.01 17.93 -33.20
N ARG A 264 10.91 18.67 -33.29
CA ARG A 264 10.12 18.78 -34.51
C ARG A 264 9.72 20.22 -34.68
N ARG A 265 9.74 20.69 -35.92
CA ARG A 265 9.23 22.03 -36.20
C ARG A 265 7.73 22.06 -36.03
N CYS A 266 7.25 23.10 -35.34
CA CYS A 266 5.83 23.22 -35.04
C CYS A 266 5.15 24.04 -36.13
N THR A 267 4.14 23.45 -36.78
CA THR A 267 3.33 24.12 -37.79
C THR A 267 1.99 24.57 -37.24
N GLU A 268 1.61 24.08 -36.06
CA GLU A 268 0.39 24.51 -35.41
C GLU A 268 0.55 24.24 -33.91
N LEU A 269 0.19 25.22 -33.11
CA LEU A 269 0.36 25.09 -31.67
C LEU A 269 -0.55 23.98 -31.15
N PRO A 270 -0.04 23.09 -30.29
CA PRO A 270 -0.92 22.06 -29.73
C PRO A 270 -2.01 22.71 -28.88
N GLU A 271 -3.22 22.19 -29.00
CA GLU A 271 -4.33 22.72 -28.22
C GLU A 271 -4.15 22.45 -26.73
N LYS A 272 -3.42 21.39 -26.38
CA LYS A 272 -3.21 21.03 -24.99
C LYS A 272 -2.28 21.99 -24.25
N LEU A 273 -1.46 22.75 -24.97
CA LEU A 273 -0.57 23.73 -24.37
C LEU A 273 -1.10 25.13 -24.67
N PRO A 274 -1.84 25.77 -23.75
CA PRO A 274 -2.44 27.09 -24.04
C PRO A 274 -1.44 28.23 -23.90
N VAL A 275 -0.40 28.19 -24.71
CA VAL A 275 0.63 29.22 -24.71
C VAL A 275 0.11 30.45 -25.44
N THR A 276 0.51 31.62 -24.96
CA THR A 276 0.01 32.88 -25.47
C THR A 276 1.15 33.74 -26.00
N THR A 277 0.83 34.58 -26.99
CA THR A 277 1.83 35.52 -27.48
C THR A 277 2.28 36.47 -26.38
N GLU A 278 1.33 36.93 -25.56
CA GLU A 278 1.63 37.80 -24.43
C GLU A 278 2.53 37.11 -23.41
N MET A 279 2.55 35.78 -23.40
CA MET A 279 3.40 35.04 -22.48
C MET A 279 4.86 35.05 -22.93
N VAL A 280 5.10 35.08 -24.24
CA VAL A 280 6.43 34.92 -24.80
C VAL A 280 6.95 36.20 -25.44
N GLU A 281 6.27 37.34 -25.23
CA GLU A 281 6.68 38.58 -25.86
C GLU A 281 8.16 38.86 -25.66
N CYS A 282 8.69 38.52 -24.48
CA CYS A 282 10.08 38.87 -24.17
C CYS A 282 11.08 37.98 -24.89
N SER A 283 10.76 36.69 -25.08
CA SER A 283 11.68 35.83 -25.81
C SER A 283 11.64 36.07 -27.30
N LEU A 284 10.51 36.53 -27.83
CA LEU A 284 10.38 36.71 -29.27
C LEU A 284 11.17 37.94 -29.72
N GLU A 285 11.80 37.84 -30.90
CA GLU A 285 12.75 38.85 -31.35
C GLU A 285 12.47 39.32 -32.77
N ARG A 286 11.24 39.19 -33.27
CA ARG A 286 10.96 39.60 -34.64
C ARG A 286 9.77 40.53 -34.75
N GLN A 287 9.22 40.98 -33.63
CA GLN A 287 8.03 41.84 -33.64
C GLN A 287 6.83 41.13 -34.28
N LEU A 288 6.86 39.80 -34.35
CA LEU A 288 5.75 38.98 -34.83
C LEU A 288 5.04 38.32 -33.65
N SER A 289 3.84 37.82 -33.91
CA SER A 289 3.07 37.13 -32.86
C SER A 289 3.41 35.65 -32.82
N LEU A 290 3.13 35.03 -31.67
CA LEU A 290 3.45 33.61 -31.49
C LEU A 290 2.86 32.78 -32.63
N GLU A 291 1.57 32.95 -32.90
CA GLU A 291 0.96 32.21 -34.00
C GLU A 291 1.54 32.66 -35.34
N GLN A 292 1.78 33.96 -35.48
CA GLN A 292 2.42 34.48 -36.67
C GLN A 292 3.80 33.85 -36.85
N GLU A 293 4.51 33.65 -35.74
CA GLU A 293 5.82 33.02 -35.81
C GLU A 293 5.72 31.55 -36.19
N VAL A 294 4.69 30.86 -35.70
CA VAL A 294 4.46 29.48 -36.10
C VAL A 294 4.20 29.41 -37.60
N GLN A 295 3.46 30.39 -38.12
CA GLN A 295 3.24 30.45 -39.55
C GLN A 295 4.55 30.70 -40.28
N GLN A 296 5.50 31.37 -39.61
CA GLN A 296 6.80 31.60 -40.24
C GLN A 296 7.71 30.40 -40.17
N GLY A 297 7.45 29.45 -39.27
CA GLY A 297 8.29 28.29 -39.14
C GLY A 297 9.48 28.44 -38.22
N ASN A 298 9.41 29.37 -37.26
CA ASN A 298 10.48 29.62 -36.31
C ASN A 298 10.23 29.03 -34.93
N ILE A 299 9.14 28.28 -34.76
CA ILE A 299 8.77 27.68 -33.48
C ILE A 299 8.99 26.19 -33.58
N PHE A 300 9.67 25.61 -32.58
CA PHE A 300 9.96 24.19 -32.52
C PHE A 300 9.36 23.58 -31.27
N ILE A 301 9.28 22.25 -31.26
CA ILE A 301 8.56 21.54 -30.20
C ILE A 301 9.26 20.24 -29.85
N VAL A 302 9.20 19.90 -28.57
CA VAL A 302 9.60 18.58 -28.08
C VAL A 302 8.49 18.10 -27.16
N ASP A 303 7.77 17.06 -27.58
CA ASP A 303 6.59 16.56 -26.88
C ASP A 303 6.91 15.19 -26.30
N PHE A 304 6.78 15.04 -24.99
CA PHE A 304 7.12 13.80 -24.30
C PHE A 304 5.88 12.99 -23.94
N GLU A 305 4.96 12.86 -24.90
CA GLU A 305 3.75 12.09 -24.63
C GLU A 305 4.07 10.67 -24.18
N LEU A 306 5.25 10.15 -24.53
CA LEU A 306 5.58 8.76 -24.25
C LEU A 306 5.86 8.49 -22.78
N LEU A 307 6.12 9.53 -22.00
CA LEU A 307 6.37 9.36 -20.57
C LEU A 307 5.10 9.43 -19.74
N ASP A 308 3.96 9.71 -20.35
CA ASP A 308 2.69 9.75 -19.63
C ASP A 308 2.22 8.33 -19.37
N GLY A 309 2.08 7.98 -18.11
CA GLY A 309 1.67 6.65 -17.74
C GLY A 309 2.79 5.71 -17.37
N ILE A 310 4.05 6.14 -17.54
CA ILE A 310 5.17 5.32 -17.11
C ILE A 310 5.21 5.30 -15.59
N ASP A 311 5.44 4.13 -15.02
CA ASP A 311 5.51 3.97 -13.57
C ASP A 311 6.93 4.22 -13.08
N ALA A 312 7.06 5.06 -12.06
CA ALA A 312 8.35 5.43 -11.52
C ALA A 312 8.93 4.29 -10.69
N ASN A 313 10.22 4.40 -10.40
CA ASN A 313 10.95 3.35 -9.71
C ASN A 313 10.49 3.27 -8.25
N LYS A 314 9.79 2.20 -7.90
CA LYS A 314 9.34 1.99 -6.53
C LYS A 314 10.19 0.96 -5.80
N THR A 315 11.35 0.59 -6.37
CA THR A 315 12.21 -0.39 -5.72
C THR A 315 12.87 0.18 -4.46
N ASP A 316 12.98 1.50 -4.35
CA ASP A 316 13.54 2.15 -3.16
C ASP A 316 12.43 2.82 -2.37
N PRO A 317 11.88 2.16 -1.34
CA PRO A 317 10.78 2.76 -0.58
C PRO A 317 11.18 4.04 0.15
N CYS A 318 12.46 4.21 0.47
CA CYS A 318 12.91 5.39 1.22
C CYS A 318 13.19 6.58 0.29
N THR A 319 13.00 6.43 -1.02
CA THR A 319 13.09 7.55 -1.96
C THR A 319 11.99 7.39 -3.00
N LEU A 320 11.15 8.41 -3.14
CA LEU A 320 10.13 8.41 -4.18
C LEU A 320 10.73 9.02 -5.44
N GLN A 321 10.63 8.30 -6.55
CA GLN A 321 11.17 8.76 -7.83
C GLN A 321 10.00 9.15 -8.73
N PHE A 322 10.20 10.18 -9.54
CA PHE A 322 9.10 10.80 -10.27
C PHE A 322 9.48 11.04 -11.73
N LEU A 323 8.50 10.88 -12.60
CA LEU A 323 8.62 11.19 -14.01
C LEU A 323 7.61 12.28 -14.37
N ALA A 324 7.71 12.77 -15.60
CA ALA A 324 6.80 13.76 -16.13
C ALA A 324 6.54 13.43 -17.60
N ALA A 325 5.75 14.28 -18.25
CA ALA A 325 5.49 14.18 -19.69
C ALA A 325 5.44 15.59 -20.27
N PRO A 326 6.55 16.32 -20.18
CA PRO A 326 6.54 17.74 -20.55
C PRO A 326 6.24 17.98 -22.02
N ILE A 327 5.92 19.23 -22.30
CA ILE A 327 5.82 19.78 -23.64
C ILE A 327 6.70 21.02 -23.61
N CYS A 328 7.77 21.01 -24.40
CA CYS A 328 8.71 22.12 -24.46
C CYS A 328 8.53 22.82 -25.80
N LEU A 329 8.27 24.12 -25.75
CA LEU A 329 8.18 24.97 -26.92
C LEU A 329 9.42 25.86 -26.98
N LEU A 330 10.07 25.87 -28.15
CA LEU A 330 11.32 26.56 -28.34
C LEU A 330 11.19 27.51 -29.52
N TYR A 331 12.11 28.46 -29.59
CA TYR A 331 12.06 29.56 -30.55
C TYR A 331 13.43 29.69 -31.19
N LYS A 332 13.44 30.02 -32.48
CA LYS A 332 14.68 30.21 -33.22
C LYS A 332 14.88 31.72 -33.32
N ASN A 333 15.80 32.24 -32.53
CA ASN A 333 15.98 33.68 -32.38
C ASN A 333 16.72 34.25 -33.58
N LEU A 334 16.92 35.57 -33.56
CA LEU A 334 17.56 36.26 -34.66
C LEU A 334 18.93 35.69 -34.99
N ALA A 335 19.60 35.06 -34.01
CA ALA A 335 20.88 34.40 -34.24
C ALA A 335 20.73 33.00 -34.84
N ASN A 336 19.52 32.61 -35.20
CA ASN A 336 19.28 31.29 -35.77
C ASN A 336 19.62 30.19 -34.77
N LYS A 337 19.54 30.51 -33.49
CA LYS A 337 19.77 29.56 -32.40
C LYS A 337 18.42 29.22 -31.78
N ILE A 338 18.24 27.95 -31.43
CA ILE A 338 17.00 27.46 -30.86
C ILE A 338 17.12 27.47 -29.34
N VAL A 339 16.30 28.29 -28.69
CA VAL A 339 16.34 28.42 -27.23
C VAL A 339 14.94 28.21 -26.65
N PRO A 340 14.81 27.66 -25.44
CA PRO A 340 13.48 27.37 -24.91
C PRO A 340 12.74 28.64 -24.52
N ILE A 341 11.47 28.72 -24.93
CA ILE A 341 10.60 29.84 -24.59
C ILE A 341 9.40 29.43 -23.74
N ALA A 342 9.06 28.15 -23.66
CA ALA A 342 7.91 27.75 -22.84
C ALA A 342 8.03 26.28 -22.46
N ILE A 343 7.60 25.94 -21.24
CA ILE A 343 7.69 24.58 -20.74
C ILE A 343 6.50 24.27 -19.85
N GLN A 344 5.72 23.25 -20.23
CA GLN A 344 4.64 22.75 -19.39
C GLN A 344 4.95 21.29 -19.06
N LEU A 345 5.13 20.99 -17.78
CA LEU A 345 5.74 19.71 -17.40
C LEU A 345 4.81 18.51 -17.58
N ASN A 346 3.51 18.71 -17.75
CA ASN A 346 2.59 17.59 -17.88
C ASN A 346 1.72 17.77 -19.11
N GLN A 347 0.95 16.73 -19.43
CA GLN A 347 0.27 16.73 -20.72
C GLN A 347 -1.04 17.50 -20.70
N ILE A 348 -1.84 17.36 -19.64
CA ILE A 348 -3.13 18.02 -19.54
C ILE A 348 -2.93 19.33 -18.78
N PRO A 349 -3.26 20.49 -19.37
CA PRO A 349 -3.08 21.75 -18.66
C PRO A 349 -4.05 21.89 -17.49
N GLY A 350 -3.84 22.96 -16.73
CA GLY A 350 -4.69 23.26 -15.59
C GLY A 350 -4.02 24.27 -14.69
N ASP A 351 -4.53 24.36 -13.46
CA ASP A 351 -3.96 25.26 -12.46
C ASP A 351 -2.73 24.69 -11.77
N GLU A 352 -2.60 23.37 -11.72
CA GLU A 352 -1.44 22.72 -11.11
C GLU A 352 -0.37 22.31 -12.13
N ASN A 353 -0.62 22.50 -13.42
CA ASN A 353 0.38 22.28 -14.46
C ASN A 353 0.73 23.61 -15.08
N PRO A 354 1.50 24.44 -14.39
CA PRO A 354 1.83 25.77 -14.92
C PRO A 354 2.72 25.66 -16.14
N ILE A 355 2.61 26.66 -17.00
CA ILE A 355 3.56 26.85 -18.10
C ILE A 355 4.64 27.79 -17.58
N PHE A 356 5.80 27.23 -17.26
CA PHE A 356 6.91 28.04 -16.79
C PHE A 356 7.58 28.72 -17.97
N LEU A 357 8.23 29.84 -17.70
CA LEU A 357 8.78 30.72 -18.73
C LEU A 357 10.13 31.24 -18.28
N PRO A 358 10.98 31.67 -19.22
CA PRO A 358 12.27 32.26 -18.82
C PRO A 358 12.13 33.54 -18.01
N SER A 359 10.95 34.15 -17.99
CA SER A 359 10.69 35.32 -17.16
C SER A 359 10.36 34.96 -15.72
N ASP A 360 10.09 33.69 -15.43
CA ASP A 360 9.71 33.29 -14.09
C ASP A 360 10.92 33.36 -13.15
N ALA A 361 10.67 33.04 -11.88
CA ALA A 361 11.75 33.00 -10.91
C ALA A 361 12.88 32.13 -11.43
N LYS A 362 14.10 32.45 -11.00
CA LYS A 362 15.27 31.75 -11.53
C LYS A 362 15.08 30.24 -11.45
N TYR A 363 14.61 29.78 -10.30
CA TYR A 363 14.57 28.35 -10.03
C TYR A 363 13.28 27.68 -10.51
N ASP A 364 12.20 28.42 -10.73
CA ASP A 364 11.07 27.82 -11.42
C ASP A 364 11.50 27.38 -12.82
N TRP A 365 12.14 28.29 -13.55
CA TRP A 365 12.60 27.99 -14.89
C TRP A 365 13.69 26.92 -14.84
N LEU A 366 14.57 27.00 -13.85
CA LEU A 366 15.63 25.99 -13.73
C LEU A 366 15.04 24.60 -13.47
N LEU A 367 14.02 24.51 -12.63
CA LEU A 367 13.42 23.22 -12.32
C LEU A 367 12.70 22.67 -13.55
N ALA A 368 12.04 23.55 -14.31
CA ALA A 368 11.44 23.13 -15.58
C ALA A 368 12.48 22.55 -16.52
N LYS A 369 13.63 23.21 -16.64
CA LYS A 369 14.67 22.69 -17.51
C LYS A 369 15.21 21.35 -16.99
N ILE A 370 15.39 21.24 -15.68
CA ILE A 370 15.90 19.99 -15.11
C ILE A 370 14.96 18.84 -15.41
N TRP A 371 13.65 19.08 -15.29
CA TRP A 371 12.69 18.03 -15.58
C TRP A 371 12.69 17.68 -17.06
N VAL A 372 12.78 18.68 -17.94
CA VAL A 372 12.84 18.39 -19.37
C VAL A 372 14.06 17.54 -19.68
N ARG A 373 15.20 17.85 -19.05
CA ARG A 373 16.41 17.08 -19.25
C ARG A 373 16.24 15.65 -18.77
N SER A 374 15.68 15.48 -17.56
CA SER A 374 15.43 14.14 -17.05
C SER A 374 14.55 13.33 -18.01
N SER A 375 13.50 13.96 -18.54
CA SER A 375 12.63 13.24 -19.48
C SER A 375 13.40 12.84 -20.74
N ASP A 376 14.20 13.76 -21.28
CA ASP A 376 14.99 13.42 -22.45
C ASP A 376 15.95 12.27 -22.14
N PHE A 377 16.49 12.24 -20.92
CA PHE A 377 17.41 11.17 -20.53
C PHE A 377 16.71 9.82 -20.49
N HIS A 378 15.48 9.81 -19.99
CA HIS A 378 14.72 8.57 -19.95
C HIS A 378 14.41 8.08 -21.36
N VAL A 379 13.97 8.99 -22.22
CA VAL A 379 13.69 8.61 -23.61
C VAL A 379 14.95 8.10 -24.29
N HIS A 380 16.05 8.84 -24.13
CA HIS A 380 17.30 8.43 -24.77
C HIS A 380 17.66 7.01 -24.36
N GLN A 381 17.74 6.79 -23.04
CA GLN A 381 18.20 5.49 -22.55
C GLN A 381 17.30 4.37 -23.05
N THR A 382 15.98 4.58 -23.03
CA THR A 382 15.13 3.46 -23.38
C THR A 382 14.76 3.43 -24.85
N ILE A 383 14.33 4.56 -25.40
CA ILE A 383 13.72 4.59 -26.72
C ILE A 383 14.75 4.89 -27.81
N THR A 384 15.42 6.03 -27.70
CA THR A 384 16.40 6.42 -28.71
C THR A 384 17.53 5.42 -28.83
N HIS A 385 18.00 4.89 -27.71
CA HIS A 385 19.26 4.17 -27.62
C HIS A 385 19.07 2.66 -27.68
N LEU A 386 18.39 2.10 -26.69
CA LEU A 386 18.18 0.66 -26.56
C LEU A 386 17.32 0.09 -27.69
N LEU A 387 16.02 0.40 -27.65
CA LEU A 387 15.07 -0.15 -28.62
C LEU A 387 15.53 0.12 -30.03
N ARG A 388 15.48 1.40 -30.42
CA ARG A 388 15.62 1.78 -31.81
C ARG A 388 17.01 1.48 -32.38
N THR A 389 17.99 1.14 -31.53
CA THR A 389 19.33 0.81 -32.01
C THR A 389 19.71 -0.64 -31.69
N HIS A 390 19.86 -0.99 -30.41
CA HIS A 390 20.34 -2.32 -30.04
C HIS A 390 19.40 -3.43 -30.50
N LEU A 391 18.12 -3.30 -30.16
CA LEU A 391 17.17 -4.39 -30.40
C LEU A 391 16.89 -4.55 -31.89
N VAL A 392 16.85 -3.44 -32.62
CA VAL A 392 16.70 -3.51 -34.07
C VAL A 392 17.87 -4.25 -34.69
N SER A 393 19.09 -3.87 -34.29
CA SER A 393 20.28 -4.54 -34.80
C SER A 393 20.25 -6.02 -34.46
N GLU A 394 19.78 -6.37 -33.27
CA GLU A 394 19.69 -7.77 -32.88
C GLU A 394 18.71 -8.54 -33.74
N VAL A 395 17.58 -7.90 -34.07
CA VAL A 395 16.63 -8.53 -34.98
C VAL A 395 17.29 -8.79 -36.33
N PHE A 396 17.99 -7.78 -36.86
CA PHE A 396 18.65 -7.99 -38.15
C PHE A 396 19.67 -9.12 -38.05
N GLY A 397 20.40 -9.18 -36.94
CA GLY A 397 21.41 -10.21 -36.79
C GLY A 397 20.83 -11.60 -36.68
N ILE A 398 19.75 -11.76 -35.92
CA ILE A 398 19.16 -13.09 -35.81
C ILE A 398 18.59 -13.54 -37.13
N ALA A 399 17.95 -12.62 -37.87
CA ALA A 399 17.47 -12.96 -39.21
C ALA A 399 18.62 -13.34 -40.13
N MET A 400 19.72 -12.58 -40.05
CA MET A 400 20.91 -12.85 -40.86
C MET A 400 21.43 -14.26 -40.62
N TYR A 401 21.60 -14.62 -39.35
CA TYR A 401 22.18 -15.91 -39.04
C TYR A 401 21.22 -17.04 -39.38
N ARG A 402 19.91 -16.75 -39.33
CA ARG A 402 18.95 -17.79 -39.65
C ARG A 402 18.81 -18.03 -41.15
N GLN A 403 18.86 -16.97 -41.98
CA GLN A 403 18.42 -17.11 -43.36
C GLN A 403 19.52 -16.94 -44.40
N LEU A 404 20.67 -16.38 -44.06
CA LEU A 404 21.71 -16.11 -45.06
C LEU A 404 22.94 -16.96 -44.79
N PRO A 405 23.26 -17.92 -45.67
CA PRO A 405 24.46 -18.74 -45.44
C PRO A 405 25.73 -17.90 -45.55
N ALA A 406 26.79 -18.42 -44.93
CA ALA A 406 28.04 -17.67 -44.87
C ALA A 406 28.58 -17.39 -46.26
N VAL A 407 28.13 -18.12 -47.28
CA VAL A 407 28.61 -17.89 -48.64
C VAL A 407 27.85 -16.81 -49.38
N HIS A 408 26.81 -16.23 -48.77
CA HIS A 408 25.94 -15.26 -49.43
C HIS A 408 26.55 -13.87 -49.35
N PRO A 409 26.52 -13.11 -50.45
CA PRO A 409 27.14 -11.78 -50.44
C PRO A 409 26.54 -10.85 -49.39
N ILE A 410 25.28 -11.01 -49.02
CA ILE A 410 24.72 -10.14 -47.98
C ILE A 410 25.27 -10.53 -46.61
N PHE A 411 25.46 -11.83 -46.37
CA PHE A 411 26.05 -12.27 -45.10
C PHE A 411 27.46 -11.71 -44.92
N LYS A 412 28.30 -11.89 -45.92
CA LYS A 412 29.68 -11.41 -45.83
C LYS A 412 29.73 -9.93 -45.52
N LEU A 413 28.71 -9.18 -45.92
CA LEU A 413 28.70 -7.72 -45.76
C LEU A 413 28.18 -7.30 -44.39
N LEU A 414 27.08 -7.90 -43.95
CA LEU A 414 26.45 -7.51 -42.69
C LEU A 414 27.09 -8.18 -41.48
N VAL A 415 27.77 -9.30 -41.67
CA VAL A 415 28.31 -10.03 -40.53
C VAL A 415 29.22 -9.13 -39.71
N ALA A 416 29.96 -8.23 -40.38
CA ALA A 416 30.86 -7.30 -39.71
C ALA A 416 30.12 -6.16 -39.01
N HIS A 417 28.84 -5.97 -39.30
CA HIS A 417 28.09 -4.87 -38.69
C HIS A 417 27.15 -5.36 -37.60
N VAL A 418 26.99 -6.67 -37.48
CA VAL A 418 26.21 -7.25 -36.41
C VAL A 418 27.09 -7.98 -35.42
N ARG A 419 28.39 -7.67 -35.45
CA ARG A 419 29.36 -8.30 -34.57
C ARG A 419 29.18 -7.80 -33.14
N PHE A 420 28.97 -8.73 -32.22
CA PHE A 420 28.83 -8.42 -30.80
C PHE A 420 27.50 -7.77 -30.45
N THR A 421 26.53 -7.81 -31.37
CA THR A 421 25.22 -7.22 -31.09
C THR A 421 24.35 -8.15 -30.26
N ILE A 422 24.22 -9.41 -30.69
CA ILE A 422 23.47 -10.40 -29.93
C ILE A 422 24.09 -10.59 -28.56
N ALA A 423 25.42 -10.62 -28.50
CA ALA A 423 26.09 -10.90 -27.24
C ALA A 423 25.96 -9.73 -26.28
N ILE A 424 26.09 -8.51 -26.79
CA ILE A 424 25.94 -7.36 -25.90
C ILE A 424 24.49 -7.27 -25.40
N ASN A 425 23.51 -7.53 -26.26
CA ASN A 425 22.12 -7.50 -25.79
C ASN A 425 21.86 -8.59 -24.77
N THR A 426 22.37 -9.80 -25.00
CA THR A 426 22.17 -10.88 -24.04
C THR A 426 22.81 -10.53 -22.71
N LYS A 427 24.02 -9.99 -22.72
CA LYS A 427 24.66 -9.57 -21.47
C LYS A 427 23.85 -8.46 -20.78
N ALA A 428 23.31 -7.53 -21.57
CA ALA A 428 22.45 -6.51 -20.97
C ALA A 428 21.28 -7.17 -20.25
N ARG A 429 20.59 -8.08 -20.94
CA ARG A 429 19.42 -8.73 -20.35
C ARG A 429 19.81 -9.59 -19.14
N GLU A 430 21.01 -10.15 -19.11
CA GLU A 430 21.42 -10.99 -17.99
C GLU A 430 21.99 -10.20 -16.83
N GLN A 431 22.40 -8.95 -17.05
CA GLN A 431 23.04 -8.18 -15.99
C GLN A 431 22.43 -6.79 -15.82
N LEU A 432 22.03 -6.17 -16.93
CA LEU A 432 21.72 -4.73 -16.91
C LEU A 432 20.25 -4.42 -16.63
N ILE A 433 19.36 -4.80 -17.55
CA ILE A 433 17.98 -4.36 -17.49
C ILE A 433 17.01 -5.49 -17.13
N CYS A 434 17.50 -6.59 -16.55
CA CYS A 434 16.59 -7.61 -16.03
C CYS A 434 15.90 -7.10 -14.78
N GLU A 435 14.91 -7.87 -14.31
CA GLU A 435 14.24 -7.51 -13.06
C GLU A 435 15.26 -7.50 -11.93
N CYS A 436 15.34 -6.36 -11.23
CA CYS A 436 16.34 -6.13 -10.19
C CYS A 436 17.75 -5.99 -10.76
N GLY A 437 17.86 -5.45 -11.98
CA GLY A 437 19.15 -5.27 -12.62
C GLY A 437 19.78 -3.92 -12.29
N LEU A 438 21.01 -3.76 -12.79
CA LEU A 438 21.77 -2.53 -12.52
C LEU A 438 20.99 -1.29 -12.95
N PHE A 439 20.12 -1.42 -13.94
CA PHE A 439 19.40 -0.25 -14.41
C PHE A 439 18.57 0.37 -13.29
N ASP A 440 17.94 -0.47 -12.46
CA ASP A 440 17.09 -0.04 -11.37
C ASP A 440 17.84 0.70 -10.26
N LYS A 441 19.17 0.81 -10.35
CA LYS A 441 19.93 1.42 -9.26
C LYS A 441 19.68 2.92 -9.20
N ALA A 442 19.76 3.59 -10.36
CA ALA A 442 19.69 5.05 -10.42
C ALA A 442 18.51 5.58 -11.21
N ASN A 443 17.96 4.82 -12.14
CA ASN A 443 16.91 5.31 -13.04
C ASN A 443 15.53 5.15 -12.40
N ALA A 444 14.71 6.20 -12.51
CA ALA A 444 13.38 6.18 -11.93
C ALA A 444 12.42 5.26 -12.68
N THR A 445 12.75 4.90 -13.92
CA THR A 445 11.93 3.99 -14.71
C THR A 445 12.26 2.53 -14.47
N GLY A 446 12.98 2.22 -13.41
CA GLY A 446 13.24 0.84 -13.06
C GLY A 446 12.00 0.17 -12.48
N GLY A 447 12.10 -1.15 -12.37
CA GLY A 447 10.99 -1.92 -11.86
C GLY A 447 9.91 -2.20 -12.87
N GLY A 448 10.12 -1.84 -14.14
CA GLY A 448 9.16 -2.15 -15.19
C GLY A 448 8.73 -0.97 -16.04
N GLY A 449 8.89 0.25 -15.52
CA GLY A 449 8.46 1.41 -16.28
C GLY A 449 9.10 1.44 -17.65
N HIS A 450 10.42 1.21 -17.70
CA HIS A 450 11.10 1.28 -19.00
C HIS A 450 10.59 0.21 -19.94
N VAL A 451 10.20 -0.94 -19.40
CA VAL A 451 9.61 -1.97 -20.24
C VAL A 451 8.39 -1.42 -20.95
N GLN A 452 7.49 -0.78 -20.18
CA GLN A 452 6.30 -0.21 -20.79
C GLN A 452 6.68 0.78 -21.89
N MET A 453 7.73 1.58 -21.67
CA MET A 453 8.12 2.54 -22.69
C MET A 453 8.35 1.83 -24.01
N VAL A 454 9.15 0.76 -23.98
CA VAL A 454 9.43 0.07 -25.24
C VAL A 454 8.13 -0.38 -25.88
N GLN A 455 7.25 -0.99 -25.10
CA GLN A 455 6.00 -1.47 -25.67
C GLN A 455 5.26 -0.33 -26.33
N ARG A 456 5.15 0.79 -25.62
CA ARG A 456 4.40 1.93 -26.16
C ARG A 456 5.13 2.50 -27.36
N ALA A 457 6.46 2.52 -27.32
CA ALA A 457 7.23 3.02 -28.44
C ALA A 457 7.16 2.09 -29.64
N MET A 458 6.89 0.80 -29.42
CA MET A 458 6.93 -0.14 -30.54
C MET A 458 6.02 0.30 -31.69
N LYS A 459 4.78 0.67 -31.38
CA LYS A 459 3.88 1.04 -32.47
C LYS A 459 4.29 2.33 -33.18
N ASP A 460 5.23 3.08 -32.65
CA ASP A 460 5.72 4.27 -33.33
C ASP A 460 6.93 3.97 -34.22
N LEU A 461 7.54 2.80 -34.06
CA LEU A 461 8.70 2.42 -34.83
C LEU A 461 8.27 1.97 -36.23
N THR A 462 8.84 2.60 -37.24
CA THR A 462 8.50 2.28 -38.63
C THR A 462 9.76 2.24 -39.47
N TYR A 463 9.66 1.54 -40.60
CA TYR A 463 10.78 1.46 -41.53
C TYR A 463 11.22 2.82 -42.03
N ALA A 464 10.27 3.76 -42.15
CA ALA A 464 10.65 5.11 -42.57
C ALA A 464 11.37 5.86 -41.47
N SER A 465 11.05 5.56 -40.20
CA SER A 465 11.73 6.22 -39.10
C SER A 465 13.21 5.90 -39.07
N LEU A 466 13.60 4.73 -39.60
CA LEU A 466 15.00 4.34 -39.63
C LEU A 466 15.74 4.82 -40.87
N CYS A 467 15.02 5.23 -41.91
CA CYS A 467 15.67 5.82 -43.08
C CYS A 467 15.97 7.29 -42.77
N PHE A 468 17.25 7.66 -42.84
CA PHE A 468 17.69 8.91 -42.22
C PHE A 468 17.10 10.13 -42.90
N PRO A 469 17.23 10.33 -44.21
CA PRO A 469 16.68 11.56 -44.79
C PRO A 469 15.19 11.70 -44.55
N GLU A 470 14.42 10.63 -44.76
CA GLU A 470 12.99 10.68 -44.45
C GLU A 470 12.76 11.05 -43.00
N ALA A 471 13.55 10.47 -42.08
CA ALA A 471 13.34 10.78 -40.67
C ALA A 471 13.61 12.25 -40.39
N ILE A 472 14.67 12.80 -40.99
CA ILE A 472 14.97 14.22 -40.81
C ILE A 472 13.82 15.08 -41.32
N LYS A 473 13.35 14.78 -42.53
CA LYS A 473 12.28 15.57 -43.12
C LYS A 473 10.95 15.40 -42.39
N ALA A 474 10.71 14.24 -41.79
CA ALA A 474 9.42 13.99 -41.18
C ALA A 474 9.12 14.96 -40.05
N ARG A 475 10.15 15.42 -39.34
CA ARG A 475 9.95 16.37 -38.26
C ARG A 475 10.07 17.81 -38.75
N GLY A 476 10.31 18.01 -40.04
CA GLY A 476 10.52 19.33 -40.58
C GLY A 476 11.88 19.94 -40.30
N MET A 477 12.89 19.12 -39.99
CA MET A 477 14.23 19.60 -39.65
C MET A 477 15.20 19.50 -40.81
N GLU A 478 14.70 19.65 -42.03
CA GLU A 478 15.40 19.35 -43.27
C GLU A 478 16.28 20.50 -43.78
N SER A 479 15.85 21.75 -43.60
CA SER A 479 16.49 22.89 -44.26
C SER A 479 17.71 23.34 -43.48
N LYS A 480 18.91 23.03 -44.00
CA LYS A 480 20.12 23.56 -43.40
C LYS A 480 20.17 25.09 -43.42
N GLU A 481 19.44 25.72 -44.34
CA GLU A 481 19.39 27.18 -44.37
C GLU A 481 18.56 27.73 -43.21
N ASP A 482 17.43 27.09 -42.91
CA ASP A 482 16.60 27.57 -41.81
C ASP A 482 17.09 27.01 -40.48
N ILE A 483 17.66 25.81 -40.47
CA ILE A 483 18.16 25.23 -39.23
C ILE A 483 19.64 24.93 -39.45
N PRO A 484 20.48 25.97 -39.45
CA PRO A 484 21.88 25.76 -39.88
C PRO A 484 22.72 24.97 -38.89
N TYR A 485 22.48 25.12 -37.58
CA TYR A 485 23.34 24.52 -36.57
C TYR A 485 22.76 23.18 -36.09
N TYR A 486 22.69 22.26 -37.04
CA TYR A 486 22.24 20.90 -36.79
C TYR A 486 23.34 19.98 -37.32
N PHE A 487 24.43 19.92 -36.56
CA PHE A 487 25.60 19.18 -37.01
C PHE A 487 25.31 17.69 -37.07
N TYR A 488 24.49 17.18 -36.15
CA TYR A 488 24.12 15.77 -36.17
C TYR A 488 23.51 15.40 -37.51
N ARG A 489 22.58 16.22 -38.00
CA ARG A 489 21.99 15.98 -39.31
C ARG A 489 23.03 16.08 -40.41
N ASP A 490 23.86 17.12 -40.37
CA ASP A 490 24.80 17.36 -41.46
C ASP A 490 25.76 16.19 -41.64
N ASP A 491 26.29 15.66 -40.53
CA ASP A 491 27.19 14.53 -40.63
C ASP A 491 26.42 13.23 -40.94
N GLY A 492 25.23 13.08 -40.36
CA GLY A 492 24.45 11.88 -40.63
C GLY A 492 24.12 11.73 -42.10
N LEU A 493 23.79 12.82 -42.77
CA LEU A 493 23.46 12.68 -44.19
C LEU A 493 24.67 12.28 -45.01
N LEU A 494 25.84 12.85 -44.68
CA LEU A 494 27.07 12.48 -45.37
C LEU A 494 27.33 10.99 -45.22
N VAL A 495 27.32 10.51 -43.97
CA VAL A 495 27.60 9.10 -43.71
C VAL A 495 26.54 8.23 -44.37
N TRP A 496 25.27 8.61 -44.27
CA TRP A 496 24.20 7.81 -44.84
C TRP A 496 24.40 7.64 -46.35
N GLU A 497 24.69 8.73 -47.05
CA GLU A 497 24.88 8.60 -48.49
C GLU A 497 26.13 7.81 -48.82
N ALA A 498 27.19 7.94 -48.01
CA ALA A 498 28.37 7.11 -48.21
C ALA A 498 28.02 5.63 -48.13
N ILE A 499 27.28 5.24 -47.11
CA ILE A 499 26.92 3.83 -46.95
C ILE A 499 25.97 3.41 -48.05
N ARG A 500 25.06 4.29 -48.46
CA ARG A 500 24.15 3.94 -49.54
C ARG A 500 24.93 3.65 -50.81
N THR A 501 25.95 4.47 -51.11
CA THR A 501 26.76 4.24 -52.30
C THR A 501 27.52 2.93 -52.21
N PHE A 502 28.12 2.64 -51.05
CA PHE A 502 28.83 1.38 -50.86
C PHE A 502 27.90 0.18 -51.08
N THR A 503 26.74 0.21 -50.42
CA THR A 503 25.78 -0.88 -50.54
C THR A 503 25.27 -1.00 -51.97
N ALA A 504 25.03 0.12 -52.64
CA ALA A 504 24.63 0.08 -54.03
C ALA A 504 25.67 -0.64 -54.87
N GLU A 505 26.95 -0.32 -54.64
CA GLU A 505 27.99 -0.97 -55.43
C GLU A 505 27.96 -2.47 -55.21
N VAL A 506 27.84 -2.91 -53.96
CA VAL A 506 27.82 -4.34 -53.69
C VAL A 506 26.63 -5.00 -54.37
N VAL A 507 25.45 -4.42 -54.17
CA VAL A 507 24.21 -4.94 -54.77
C VAL A 507 24.38 -5.08 -56.28
N ASP A 508 24.94 -4.05 -56.92
CA ASP A 508 25.12 -4.11 -58.37
C ASP A 508 26.16 -5.14 -58.75
N ILE A 509 27.12 -5.42 -57.86
CA ILE A 509 28.10 -6.45 -58.19
C ILE A 509 27.43 -7.81 -58.22
N TYR A 510 26.42 -8.03 -57.39
CA TYR A 510 25.88 -9.38 -57.22
C TYR A 510 24.49 -9.60 -57.80
N TYR A 511 23.78 -8.56 -58.22
CA TYR A 511 22.44 -8.73 -58.76
C TYR A 511 22.34 -8.09 -60.14
N GLU A 512 22.28 -8.94 -61.17
CA GLU A 512 22.17 -8.44 -62.53
C GLU A 512 21.04 -7.43 -62.67
N GLY A 513 19.93 -7.68 -62.00
CA GLY A 513 18.75 -6.84 -62.11
C GLY A 513 17.78 -7.09 -60.97
N ASP A 514 16.61 -6.45 -61.08
CA ASP A 514 15.60 -6.57 -60.03
C ASP A 514 15.04 -7.99 -59.98
N GLN A 515 15.04 -8.69 -61.12
CA GLN A 515 14.54 -10.06 -61.15
C GLN A 515 15.37 -10.96 -60.25
N VAL A 516 16.68 -10.77 -60.23
CA VAL A 516 17.57 -11.59 -59.42
C VAL A 516 17.35 -11.33 -57.93
N VAL A 517 17.18 -10.07 -57.55
CA VAL A 517 16.84 -9.73 -56.17
C VAL A 517 15.52 -10.37 -55.78
N GLU A 518 14.51 -10.20 -56.64
CA GLU A 518 13.17 -10.69 -56.36
C GLU A 518 13.15 -12.21 -56.22
N GLU A 519 13.94 -12.90 -57.03
CA GLU A 519 14.00 -14.36 -57.04
C GLU A 519 14.94 -14.93 -55.98
N ASP A 520 15.59 -14.10 -55.18
CA ASP A 520 16.56 -14.56 -54.19
C ASP A 520 15.84 -15.15 -52.97
N PRO A 521 15.78 -16.48 -52.83
CA PRO A 521 14.97 -17.05 -51.74
C PRO A 521 15.50 -16.74 -50.35
N GLU A 522 16.82 -16.75 -50.17
CA GLU A 522 17.38 -16.55 -48.84
C GLU A 522 17.27 -15.10 -48.41
N LEU A 523 17.46 -14.18 -49.36
CA LEU A 523 17.21 -12.78 -49.06
C LEU A 523 15.76 -12.57 -48.64
N GLN A 524 14.82 -13.19 -49.37
CA GLN A 524 13.41 -12.99 -49.05
C GLN A 524 13.09 -13.53 -47.66
N ASP A 525 13.60 -14.73 -47.33
CA ASP A 525 13.30 -15.25 -46.00
C ASP A 525 13.96 -14.41 -44.92
N PHE A 526 15.14 -13.86 -45.18
CA PHE A 526 15.77 -12.92 -44.24
C PHE A 526 14.88 -11.71 -44.00
N VAL A 527 14.43 -11.07 -45.08
CA VAL A 527 13.52 -9.94 -44.95
C VAL A 527 12.28 -10.34 -44.16
N ASN A 528 11.76 -11.53 -44.42
CA ASN A 528 10.52 -11.92 -43.78
C ASN A 528 10.70 -12.29 -42.32
N ASP A 529 11.88 -12.79 -41.94
CA ASP A 529 12.17 -13.02 -40.53
C ASP A 529 12.32 -11.71 -39.79
N VAL A 530 12.78 -10.67 -40.49
CA VAL A 530 12.78 -9.33 -39.90
C VAL A 530 11.36 -8.82 -39.73
N TYR A 531 10.53 -8.99 -40.76
CA TYR A 531 9.18 -8.42 -40.72
C TYR A 531 8.29 -9.12 -39.70
N VAL A 532 8.28 -10.45 -39.71
CA VAL A 532 7.35 -11.21 -38.88
C VAL A 532 7.87 -11.37 -37.46
N TYR A 533 9.10 -11.87 -37.33
CA TYR A 533 9.66 -12.11 -36.00
C TYR A 533 10.24 -10.83 -35.40
N GLY A 534 10.98 -10.07 -36.19
CA GLY A 534 11.54 -8.81 -35.71
C GLY A 534 10.48 -7.80 -35.31
N MET A 535 9.63 -7.41 -36.27
CA MET A 535 8.58 -6.43 -36.01
C MET A 535 7.27 -7.08 -35.59
N ARG A 536 7.23 -8.40 -35.46
CA ARG A 536 6.06 -9.13 -34.95
C ARG A 536 4.95 -9.16 -35.97
N GLY A 537 5.28 -8.98 -37.25
CA GLY A 537 4.27 -8.97 -38.29
C GLY A 537 3.24 -7.86 -38.10
N ARG A 538 3.65 -6.74 -37.52
CA ARG A 538 2.76 -5.58 -37.37
C ARG A 538 2.69 -4.81 -38.69
N LYS A 539 1.49 -4.74 -39.26
CA LYS A 539 1.31 -4.07 -40.55
C LYS A 539 1.75 -2.62 -40.51
N SER A 540 1.58 -1.93 -39.39
CA SER A 540 1.82 -0.49 -39.30
C SER A 540 3.31 -0.12 -39.19
N SER A 541 4.21 -1.08 -39.36
CA SER A 541 5.65 -0.79 -39.27
C SER A 541 6.22 -0.30 -40.59
N GLY A 542 5.64 -0.68 -41.71
CA GLY A 542 6.18 -0.27 -42.99
C GLY A 542 7.34 -1.10 -43.48
N PHE A 543 7.71 -2.15 -42.76
CA PHE A 543 8.84 -2.96 -43.16
C PHE A 543 8.50 -3.79 -44.40
N PRO A 544 9.42 -3.90 -45.35
CA PRO A 544 9.15 -4.71 -46.54
C PRO A 544 9.00 -6.18 -46.16
N LYS A 545 7.92 -6.80 -46.63
CA LYS A 545 7.78 -8.25 -46.56
C LYS A 545 8.60 -8.98 -47.62
N SER A 546 9.14 -8.25 -48.60
CA SER A 546 9.96 -8.78 -49.68
C SER A 546 10.64 -7.63 -50.40
N VAL A 547 11.89 -7.85 -50.80
CA VAL A 547 12.64 -6.89 -51.62
C VAL A 547 12.62 -7.37 -53.06
N LYS A 548 12.21 -6.47 -53.97
CA LYS A 548 12.08 -6.80 -55.39
C LYS A 548 12.88 -5.85 -56.27
N SER A 549 13.75 -5.04 -55.69
CA SER A 549 14.56 -4.10 -56.45
C SER A 549 15.90 -3.92 -55.76
N ARG A 550 16.93 -3.63 -56.55
CA ARG A 550 18.24 -3.39 -55.95
C ARG A 550 18.25 -2.09 -55.16
N GLU A 551 17.50 -1.07 -55.58
CA GLU A 551 17.42 0.14 -54.78
C GLU A 551 16.80 -0.15 -53.42
N GLN A 552 15.80 -1.04 -53.38
CA GLN A 552 15.18 -1.38 -52.11
C GLN A 552 16.13 -2.22 -51.26
N LEU A 553 16.89 -3.11 -51.88
CA LEU A 553 17.85 -3.90 -51.12
C LEU A 553 18.95 -3.01 -50.56
N SER A 554 19.45 -2.08 -51.38
CA SER A 554 20.43 -1.11 -50.91
C SER A 554 19.89 -0.33 -49.72
N GLU A 555 18.66 0.15 -49.82
CA GLU A 555 18.09 0.92 -48.70
C GLU A 555 17.92 0.04 -47.46
N TYR A 556 17.55 -1.22 -47.65
CA TYR A 556 17.37 -2.10 -46.51
C TYR A 556 18.67 -2.32 -45.77
N LEU A 557 19.72 -2.68 -46.52
CA LEU A 557 21.02 -2.87 -45.88
C LEU A 557 21.54 -1.56 -45.31
N THR A 558 21.24 -0.44 -45.96
CA THR A 558 21.65 0.85 -45.42
C THR A 558 21.01 1.11 -44.06
N VAL A 559 19.71 0.89 -43.96
CA VAL A 559 19.05 1.01 -42.67
C VAL A 559 19.74 0.12 -41.66
N VAL A 560 19.95 -1.15 -42.03
CA VAL A 560 20.58 -2.11 -41.12
C VAL A 560 21.89 -1.54 -40.59
N ILE A 561 22.80 -1.21 -41.50
CA ILE A 561 24.17 -0.87 -41.12
C ILE A 561 24.20 0.47 -40.39
N PHE A 562 23.52 1.48 -40.95
CA PHE A 562 23.52 2.80 -40.31
C PHE A 562 22.94 2.74 -38.91
N THR A 563 21.91 1.91 -38.71
CA THR A 563 21.41 1.73 -37.36
C THR A 563 22.45 1.05 -36.49
N ALA A 564 23.19 0.10 -37.07
CA ALA A 564 24.16 -0.67 -36.30
C ALA A 564 25.46 0.09 -36.01
N SER A 565 25.82 1.10 -36.80
CA SER A 565 27.10 1.76 -36.61
C SER A 565 26.94 3.25 -36.31
N ALA A 566 26.58 4.06 -37.30
CA ALA A 566 26.61 5.52 -37.14
C ALA A 566 25.55 6.00 -36.16
N GLN A 567 24.28 5.68 -36.40
CA GLN A 567 23.21 6.14 -35.53
C GLN A 567 23.47 5.71 -34.09
N HIS A 568 23.80 4.43 -33.90
CA HIS A 568 24.01 3.91 -32.56
C HIS A 568 25.11 4.67 -31.84
N ALA A 569 26.20 4.98 -32.55
CA ALA A 569 27.30 5.72 -31.96
C ALA A 569 26.92 7.16 -31.67
N ALA A 570 26.06 7.75 -32.50
CA ALA A 570 25.60 9.10 -32.23
C ALA A 570 24.74 9.14 -30.97
N VAL A 571 24.05 8.03 -30.67
CA VAL A 571 23.16 8.00 -29.53
C VAL A 571 23.84 7.46 -28.28
N ASN A 572 25.03 6.88 -28.42
CA ASN A 572 25.74 6.32 -27.28
C ASN A 572 26.85 7.23 -26.78
N PHE A 573 27.68 7.76 -27.69
CA PHE A 573 28.93 8.41 -27.31
C PHE A 573 28.80 9.90 -26.97
N GLY A 574 27.58 10.38 -26.74
CA GLY A 574 27.39 11.69 -26.16
C GLY A 574 26.93 11.61 -24.72
N GLN A 575 27.00 10.43 -24.11
CA GLN A 575 26.46 10.21 -22.76
C GLN A 575 27.38 10.72 -21.66
N TYR A 576 28.70 10.53 -21.79
CA TYR A 576 29.57 11.07 -20.75
C TYR A 576 29.80 12.57 -20.93
N ASP A 577 29.77 13.06 -22.16
CA ASP A 577 29.89 14.50 -22.38
C ASP A 577 28.73 15.25 -21.74
N TRP A 578 27.50 14.76 -21.96
CA TRP A 578 26.31 15.53 -21.64
C TRP A 578 25.60 15.08 -20.38
N ALA A 579 25.57 13.78 -20.11
CA ALA A 579 24.94 13.26 -18.91
C ALA A 579 25.87 13.24 -17.70
N SER A 580 27.18 13.40 -17.92
CA SER A 580 28.13 13.36 -16.82
C SER A 580 27.84 14.42 -15.76
N TRP A 581 27.40 15.60 -16.18
CA TRP A 581 26.97 16.63 -15.24
C TRP A 581 25.52 16.33 -14.90
N ILE A 582 25.32 15.60 -13.80
CA ILE A 582 23.99 15.07 -13.47
C ILE A 582 22.90 16.13 -13.61
N PRO A 583 23.06 17.37 -13.10
CA PRO A 583 21.99 18.37 -13.25
C PRO A 583 21.58 18.57 -14.70
N ASN A 584 22.48 18.24 -15.62
CA ASN A 584 22.20 18.36 -17.05
C ASN A 584 21.53 17.12 -17.64
N ALA A 585 21.56 16.00 -16.94
CA ALA A 585 20.93 14.77 -17.40
C ALA A 585 20.56 13.89 -16.21
N PRO A 586 19.56 14.27 -15.43
CA PRO A 586 19.23 13.51 -14.22
C PRO A 586 18.65 12.14 -14.55
N PRO A 587 19.21 11.08 -13.95
CA PRO A 587 18.62 9.75 -14.13
C PRO A 587 17.38 9.50 -13.29
N THR A 588 17.15 10.33 -12.27
CA THR A 588 15.97 10.20 -11.42
C THR A 588 15.69 11.58 -10.83
N MET A 589 14.48 11.71 -10.30
CA MET A 589 14.06 12.90 -9.57
C MET A 589 13.40 12.44 -8.29
N ARG A 590 13.71 13.11 -7.18
CA ARG A 590 13.26 12.65 -5.87
C ARG A 590 12.10 13.47 -5.31
N ALA A 591 11.52 14.37 -6.10
CA ALA A 591 10.35 15.13 -5.69
C ALA A 591 9.44 15.28 -6.90
N PRO A 592 8.13 15.38 -6.67
CA PRO A 592 7.20 15.56 -7.78
C PRO A 592 7.36 16.94 -8.39
N PRO A 593 6.99 17.13 -9.66
CA PRO A 593 7.17 18.43 -10.31
C PRO A 593 6.45 19.54 -9.58
N PRO A 594 7.06 20.73 -9.50
CA PRO A 594 6.42 21.84 -8.78
C PRO A 594 5.09 22.21 -9.43
N THR A 595 4.06 22.32 -8.60
CA THR A 595 2.71 22.58 -9.08
C THR A 595 2.33 24.05 -9.00
N ALA A 596 3.27 24.92 -8.59
CA ALA A 596 2.98 26.34 -8.46
C ALA A 596 4.24 27.13 -8.77
N LYS A 597 4.04 28.40 -9.13
CA LYS A 597 5.14 29.29 -9.48
C LYS A 597 5.53 30.14 -8.28
N GLY A 598 6.82 30.41 -8.14
CA GLY A 598 7.35 31.21 -7.05
C GLY A 598 7.40 30.52 -5.71
N VAL A 599 7.39 29.20 -5.69
CA VAL A 599 7.35 28.42 -4.47
C VAL A 599 8.56 27.51 -4.32
N VAL A 600 9.54 27.61 -5.23
CA VAL A 600 10.66 26.68 -5.27
C VAL A 600 11.98 27.42 -5.12
N THR A 601 12.90 26.79 -4.40
CA THR A 601 14.22 27.33 -4.09
C THR A 601 15.30 26.36 -4.54
N ILE A 602 16.50 26.91 -4.79
CA ILE A 602 17.64 26.12 -5.27
C ILE A 602 17.90 24.93 -4.36
N GLU A 603 17.75 25.12 -3.04
CA GLU A 603 17.91 24.00 -2.13
C GLU A 603 16.95 22.88 -2.49
N GLN A 604 15.68 23.22 -2.76
CA GLN A 604 14.68 22.21 -3.04
C GLN A 604 15.00 21.45 -4.33
N ILE A 605 15.62 22.12 -5.30
CA ILE A 605 16.04 21.37 -6.48
C ILE A 605 17.17 20.42 -6.12
N VAL A 606 18.16 20.89 -5.35
CA VAL A 606 19.22 19.95 -4.97
C VAL A 606 18.60 18.73 -4.30
N ASP A 607 17.54 18.94 -3.51
CA ASP A 607 16.88 17.81 -2.86
C ASP A 607 16.07 16.98 -3.85
N THR A 608 15.62 17.59 -4.95
CA THR A 608 14.93 16.84 -5.98
C THR A 608 15.91 16.00 -6.81
N LEU A 609 17.17 16.42 -6.85
CA LEU A 609 18.19 15.77 -7.64
C LEU A 609 18.59 14.42 -7.04
N PRO A 610 19.33 13.61 -7.78
CA PRO A 610 19.68 12.26 -7.32
C PRO A 610 20.51 12.29 -6.04
N ASP A 611 20.45 11.18 -5.29
CA ASP A 611 21.24 11.02 -4.09
C ASP A 611 22.71 10.74 -4.45
N ARG A 612 23.54 10.60 -3.41
CA ARG A 612 24.95 10.27 -3.63
C ARG A 612 25.13 8.86 -4.17
N GLY A 613 24.27 7.92 -3.77
CA GLY A 613 24.47 6.54 -4.20
C GLY A 613 24.14 6.34 -5.67
N ARG A 614 23.00 6.90 -6.11
CA ARG A 614 22.62 6.83 -7.52
C ARG A 614 23.58 7.63 -8.40
N SER A 615 24.16 8.71 -7.85
CA SER A 615 25.13 9.52 -8.58
C SER A 615 26.27 8.67 -9.12
N CYS A 616 26.86 7.85 -8.26
CA CYS A 616 28.01 7.04 -8.68
C CYS A 616 27.62 6.05 -9.76
N TRP A 617 26.46 5.40 -9.60
CA TRP A 617 26.06 4.40 -10.58
C TRP A 617 25.76 5.02 -11.93
N HIS A 618 25.10 6.18 -11.94
CA HIS A 618 24.86 6.88 -13.20
C HIS A 618 26.17 7.27 -13.87
N LEU A 619 27.07 7.87 -13.10
CA LEU A 619 28.33 8.33 -13.66
C LEU A 619 29.14 7.16 -14.22
N GLY A 620 29.29 6.09 -13.43
CA GLY A 620 29.97 4.91 -13.92
C GLY A 620 29.33 4.33 -15.16
N ALA A 621 27.99 4.28 -15.19
CA ALA A 621 27.33 3.69 -16.33
C ALA A 621 27.62 4.49 -17.60
N VAL A 622 27.51 5.82 -17.52
CA VAL A 622 27.72 6.62 -18.72
C VAL A 622 29.18 6.54 -19.15
N TRP A 623 30.11 6.53 -18.20
CA TRP A 623 31.52 6.42 -18.54
C TRP A 623 31.83 5.08 -19.20
N ALA A 624 31.42 3.97 -18.57
CA ALA A 624 31.69 2.66 -19.12
C ALA A 624 31.06 2.51 -20.50
N LEU A 625 29.81 2.96 -20.64
CA LEU A 625 29.10 2.84 -21.91
C LEU A 625 29.60 3.85 -22.93
N SER A 626 30.49 4.77 -22.53
CA SER A 626 31.02 5.79 -23.40
C SER A 626 32.45 5.48 -23.85
N GLN A 627 32.79 4.20 -24.01
CA GLN A 627 34.18 3.82 -24.21
C GLN A 627 34.37 3.12 -25.55
N PHE A 628 35.51 3.40 -26.20
CA PHE A 628 35.95 2.70 -27.40
C PHE A 628 37.02 1.68 -27.04
N GLN A 629 37.05 0.59 -27.80
CA GLN A 629 38.04 -0.46 -27.56
C GLN A 629 39.42 -0.03 -28.05
N GLU A 630 40.46 -0.62 -27.45
CA GLU A 630 41.82 -0.25 -27.79
C GLU A 630 42.20 -0.70 -29.20
N ASN A 631 41.64 -1.82 -29.66
CA ASN A 631 41.80 -2.25 -31.05
C ASN A 631 40.41 -2.43 -31.66
N GLU A 632 39.62 -1.36 -31.67
CA GLU A 632 38.26 -1.38 -32.17
C GLU A 632 38.24 -1.19 -33.69
N LEU A 633 37.16 -1.65 -34.30
CA LEU A 633 36.97 -1.60 -35.74
C LEU A 633 35.93 -0.52 -36.05
N PHE A 634 36.35 0.54 -36.73
CA PHE A 634 35.48 1.64 -37.09
C PHE A 634 34.99 1.49 -38.51
N LEU A 635 34.00 2.30 -38.87
CA LEU A 635 33.32 2.15 -40.15
C LEU A 635 34.33 1.99 -41.27
N GLY A 636 34.31 0.83 -41.91
CA GLY A 636 35.17 0.53 -43.03
C GLY A 636 36.28 -0.45 -42.71
N MET A 637 36.69 -0.53 -41.45
CA MET A 637 37.76 -1.43 -41.03
C MET A 637 37.20 -2.85 -40.98
N TYR A 638 37.48 -3.63 -42.04
CA TYR A 638 36.95 -4.98 -42.21
C TYR A 638 38.13 -5.95 -42.21
N PRO A 639 38.80 -6.12 -41.07
CA PRO A 639 40.02 -6.93 -41.06
C PRO A 639 39.77 -8.37 -41.46
N GLU A 640 38.64 -8.91 -41.06
CA GLU A 640 38.22 -10.25 -41.44
C GLU A 640 37.76 -10.21 -42.90
N GLU A 641 38.57 -10.79 -43.79
CA GLU A 641 38.28 -10.78 -45.23
C GLU A 641 37.29 -11.90 -45.56
N HIS A 642 36.00 -11.60 -45.38
CA HIS A 642 34.97 -12.49 -45.91
C HIS A 642 34.87 -12.34 -47.42
N PHE A 643 34.80 -11.09 -47.90
CA PHE A 643 35.00 -10.83 -49.32
C PHE A 643 36.48 -11.01 -49.65
N ILE A 644 36.78 -11.73 -50.73
CA ILE A 644 38.14 -11.96 -51.16
C ILE A 644 38.28 -11.62 -52.63
N GLU A 645 37.17 -11.30 -53.28
CA GLU A 645 37.20 -10.95 -54.69
C GLU A 645 37.63 -9.50 -54.88
N LYS A 646 38.09 -9.21 -56.11
CA LYS A 646 38.68 -7.90 -56.41
C LYS A 646 37.64 -6.80 -56.49
N PRO A 647 36.52 -6.97 -57.19
CA PRO A 647 35.58 -5.85 -57.32
C PRO A 647 35.04 -5.38 -55.99
N VAL A 648 34.76 -6.31 -55.07
CA VAL A 648 34.24 -5.93 -53.77
C VAL A 648 35.32 -5.24 -52.94
N LYS A 649 36.57 -5.64 -53.11
CA LYS A 649 37.65 -4.91 -52.46
C LYS A 649 37.72 -3.48 -52.97
N GLU A 650 37.52 -3.27 -54.27
CA GLU A 650 37.53 -1.91 -54.79
C GLU A 650 36.36 -1.10 -54.25
N ALA A 651 35.19 -1.73 -54.14
CA ALA A 651 34.05 -1.03 -53.57
C ALA A 651 34.35 -0.60 -52.14
N MET A 652 34.93 -1.50 -51.34
CA MET A 652 35.33 -1.13 -49.99
C MET A 652 36.35 -0.01 -49.98
N ALA A 653 37.32 -0.05 -50.90
CA ALA A 653 38.32 1.01 -50.97
C ALA A 653 37.67 2.38 -51.20
N ARG A 654 36.74 2.44 -52.15
CA ARG A 654 36.02 3.70 -52.35
C ARG A 654 35.26 4.10 -51.08
N PHE A 655 34.61 3.13 -50.43
CA PHE A 655 33.95 3.45 -49.17
C PHE A 655 34.92 4.15 -48.23
N ARG A 656 36.13 3.60 -48.10
CA ARG A 656 37.12 4.16 -47.19
C ARG A 656 37.51 5.58 -47.61
N LYS A 657 37.68 5.80 -48.92
CA LYS A 657 38.09 7.13 -49.38
C LYS A 657 37.01 8.18 -49.11
N ASN A 658 35.76 7.85 -49.42
CA ASN A 658 34.66 8.79 -49.14
C ASN A 658 34.52 9.06 -47.64
N LEU A 659 34.66 8.01 -46.82
CA LEU A 659 34.58 8.21 -45.39
C LEU A 659 35.67 9.15 -44.91
N GLU A 660 36.91 8.91 -45.36
CA GLU A 660 38.03 9.77 -44.97
C GLU A 660 37.79 11.22 -45.40
N ALA A 661 37.22 11.41 -46.60
CA ALA A 661 36.88 12.76 -47.03
C ALA A 661 35.88 13.40 -46.08
N ILE A 662 34.85 12.66 -45.69
CA ILE A 662 33.87 13.18 -44.74
C ILE A 662 34.56 13.53 -43.42
N VAL A 663 35.54 12.73 -43.01
CA VAL A 663 36.28 13.03 -41.79
C VAL A 663 36.95 14.40 -41.90
N SER A 664 37.54 14.68 -43.06
CA SER A 664 38.14 15.99 -43.27
C SER A 664 37.09 17.09 -43.20
N VAL A 665 35.96 16.89 -43.87
CA VAL A 665 34.89 17.90 -43.85
C VAL A 665 34.46 18.20 -42.43
N ILE A 666 34.23 17.16 -41.64
CA ILE A 666 33.73 17.34 -40.28
C ILE A 666 34.77 18.00 -39.39
N ALA A 667 36.05 17.65 -39.57
CA ALA A 667 37.09 18.28 -38.78
C ALA A 667 37.20 19.77 -39.09
N GLU A 668 37.18 20.11 -40.38
CA GLU A 668 37.24 21.52 -40.78
C GLU A 668 36.05 22.29 -40.24
N ARG A 669 34.86 21.67 -40.23
CA ARG A 669 33.71 22.30 -39.58
C ARG A 669 33.98 22.51 -38.10
N ASN A 670 34.45 21.46 -37.41
CA ASN A 670 34.65 21.56 -35.97
C ASN A 670 35.64 22.65 -35.60
N GLU A 671 36.57 22.96 -36.50
CA GLU A 671 37.56 23.98 -36.18
C GLU A 671 36.93 25.34 -35.95
N ASN A 672 35.72 25.59 -36.46
CA ASN A 672 35.10 26.91 -36.35
C ASN A 672 33.92 26.94 -35.36
N LEU A 673 33.81 25.95 -34.50
CA LEU A 673 32.66 25.82 -33.60
C LEU A 673 33.06 26.07 -32.16
N GLN A 674 32.12 26.64 -31.40
CA GLN A 674 32.29 26.71 -29.96
C GLN A 674 32.68 25.35 -29.41
N LEU A 675 31.80 24.38 -29.59
CA LEU A 675 32.01 23.00 -29.13
C LEU A 675 32.01 22.06 -30.33
N PRO A 676 33.15 21.47 -30.69
CA PRO A 676 33.20 20.63 -31.90
C PRO A 676 32.31 19.40 -31.78
N TYR A 677 31.82 18.94 -32.93
CA TYR A 677 30.95 17.76 -33.02
C TYR A 677 31.66 16.67 -33.80
N TYR A 678 32.23 15.69 -33.08
CA TYR A 678 33.03 14.63 -33.67
C TYR A 678 32.34 13.27 -33.67
N TYR A 679 31.09 13.17 -33.21
CA TYR A 679 30.48 11.85 -33.05
C TYR A 679 30.23 11.18 -34.40
N LEU A 680 29.89 11.95 -35.42
CA LEU A 680 29.63 11.35 -36.72
C LEU A 680 30.86 11.35 -37.63
N SER A 681 32.03 11.64 -37.11
CA SER A 681 33.26 11.45 -37.87
C SER A 681 33.58 9.98 -38.01
N PRO A 682 33.55 9.41 -39.23
CA PRO A 682 33.69 7.96 -39.39
C PRO A 682 34.88 7.35 -38.66
N ASP A 683 35.89 8.16 -38.35
CA ASP A 683 37.06 7.65 -37.63
C ASP A 683 36.75 7.37 -36.17
N ARG A 684 35.51 7.61 -35.76
CA ARG A 684 35.06 7.34 -34.41
C ARG A 684 33.75 6.56 -34.41
N ILE A 685 33.37 6.00 -35.55
CA ILE A 685 32.14 5.24 -35.67
C ILE A 685 32.52 3.77 -35.81
N PRO A 686 32.34 2.97 -34.76
CA PRO A 686 32.62 1.54 -34.89
C PRO A 686 31.77 0.93 -35.99
N ASN A 687 32.05 -0.35 -36.28
CA ASN A 687 31.30 -1.06 -37.30
C ASN A 687 29.95 -1.57 -36.78
N SER A 688 29.90 -2.01 -35.52
CA SER A 688 28.72 -2.67 -34.98
C SER A 688 28.31 -2.01 -33.66
N VAL A 689 27.19 -2.50 -33.12
CA VAL A 689 26.62 -1.98 -31.88
C VAL A 689 27.06 -2.81 -30.69
N ALA A 690 28.25 -2.55 -30.16
CA ALA A 690 28.77 -3.32 -29.05
C ALA A 690 28.57 -2.64 -27.70
N ILE A 691 27.81 -1.55 -27.65
CA ILE A 691 27.44 -0.91 -26.39
C ILE A 691 26.44 0.23 -26.65
N SER B 3 53.83 -18.37 17.30
CA SER B 3 53.40 -19.54 18.07
C SER B 3 53.07 -20.71 17.13
N SER B 4 53.71 -20.72 15.96
CA SER B 4 53.45 -21.75 14.97
C SER B 4 54.22 -23.02 15.30
N HIS B 5 53.61 -24.15 14.95
CA HIS B 5 54.18 -25.47 15.20
C HIS B 5 53.97 -26.34 13.97
N HIS B 6 55.00 -27.10 13.62
CA HIS B 6 54.99 -27.94 12.41
C HIS B 6 55.20 -29.39 12.78
N HIS B 7 54.39 -30.27 12.20
CA HIS B 7 54.54 -31.71 12.34
C HIS B 7 54.72 -32.32 10.95
N HIS B 8 55.56 -33.34 10.87
CA HIS B 8 55.94 -33.91 9.58
C HIS B 8 55.86 -35.44 9.62
N HIS B 9 55.62 -36.02 8.45
CA HIS B 9 55.56 -37.47 8.30
C HIS B 9 56.91 -38.13 8.60
N SER B 23 50.15 -35.09 -0.19
CA SER B 23 49.49 -35.18 1.11
C SER B 23 48.77 -33.88 1.46
N TYR B 24 47.87 -33.96 2.44
CA TYR B 24 47.14 -32.79 2.93
C TYR B 24 47.92 -32.12 4.05
N THR B 25 48.06 -30.80 3.95
CA THR B 25 48.68 -30.00 5.02
C THR B 25 47.56 -29.35 5.81
N VAL B 26 47.38 -29.79 7.04
CA VAL B 26 46.31 -29.33 7.92
C VAL B 26 46.89 -28.30 8.89
N THR B 27 46.21 -27.18 9.03
CA THR B 27 46.62 -26.13 9.95
C THR B 27 45.47 -25.84 10.90
N VAL B 28 45.71 -25.98 12.19
CA VAL B 28 44.71 -25.78 13.22
C VAL B 28 45.10 -24.55 14.03
N ALA B 29 44.23 -23.54 14.03
CA ALA B 29 44.42 -22.33 14.82
C ALA B 29 43.44 -22.34 15.99
N THR B 30 43.99 -22.41 17.21
CA THR B 30 43.27 -22.38 18.47
C THR B 30 43.15 -20.95 18.98
N GLY B 31 42.12 -20.71 19.80
CA GLY B 31 41.80 -19.37 20.23
C GLY B 31 42.71 -18.85 21.31
N SER B 32 42.69 -17.52 21.46
CA SER B 32 43.49 -16.79 22.45
C SER B 32 42.78 -16.66 23.80
N GLN B 33 41.56 -17.15 23.94
CA GLN B 33 40.81 -17.02 25.19
C GLN B 33 41.61 -17.57 26.37
N GLU B 34 41.14 -17.33 27.59
CA GLU B 34 41.87 -17.86 28.75
C GLU B 34 41.70 -19.36 28.88
N HIS B 35 40.46 -19.85 29.04
CA HIS B 35 40.27 -21.28 29.28
C HIS B 35 40.18 -22.10 27.98
N ALA B 36 40.45 -21.48 26.84
CA ALA B 36 40.35 -22.11 25.53
C ALA B 36 41.58 -22.95 25.17
N GLY B 37 41.90 -23.90 26.03
CA GLY B 37 43.02 -24.77 25.79
C GLY B 37 42.64 -26.19 26.11
N THR B 38 43.26 -27.14 25.40
CA THR B 38 43.05 -28.55 25.66
C THR B 38 44.35 -29.35 25.58
N ASP B 39 44.48 -30.31 26.48
CA ASP B 39 45.55 -31.30 26.46
C ASP B 39 45.03 -32.65 25.93
N ASP B 40 43.76 -32.71 25.57
CA ASP B 40 43.12 -33.93 25.11
C ASP B 40 43.60 -34.29 23.70
N TYR B 41 43.26 -35.51 23.26
CA TYR B 41 43.56 -35.93 21.90
C TYR B 41 42.64 -35.20 20.93
N ILE B 42 43.17 -34.85 19.76
CA ILE B 42 42.35 -34.26 18.71
C ILE B 42 42.45 -35.14 17.47
N TYR B 43 41.31 -35.74 17.09
CA TYR B 43 41.17 -36.53 15.88
C TYR B 43 40.56 -35.69 14.78
N LEU B 44 40.82 -36.09 13.53
CA LEU B 44 40.43 -35.30 12.38
C LEU B 44 39.91 -36.20 11.27
N SER B 45 38.89 -35.71 10.56
CA SER B 45 38.36 -36.43 9.41
C SER B 45 38.10 -35.44 8.28
N LEU B 46 38.39 -35.87 7.04
CA LEU B 46 38.14 -35.08 5.85
C LEU B 46 37.11 -35.81 5.00
N VAL B 47 35.99 -35.16 4.73
CA VAL B 47 34.95 -35.75 3.89
C VAL B 47 35.08 -35.14 2.50
N GLY B 48 35.38 -35.96 1.51
CA GLY B 48 35.62 -35.46 0.18
C GLY B 48 34.56 -35.84 -0.83
N SER B 49 34.53 -35.16 -1.97
CA SER B 49 33.55 -35.47 -3.00
C SER B 49 33.75 -36.85 -3.61
N ALA B 50 34.89 -37.48 -3.36
CA ALA B 50 35.15 -38.83 -3.85
C ALA B 50 35.44 -39.83 -2.74
N GLY B 51 35.36 -39.43 -1.48
CA GLY B 51 35.64 -40.35 -0.40
C GLY B 51 35.84 -39.63 0.92
N CYS B 52 35.96 -40.42 1.97
CA CYS B 52 36.20 -39.96 3.33
C CYS B 52 37.57 -40.42 3.81
N SER B 53 38.00 -39.91 4.95
CA SER B 53 39.30 -40.22 5.53
C SER B 53 39.15 -40.77 6.94
N GLU B 54 40.12 -41.56 7.36
CA GLU B 54 40.10 -42.11 8.70
C GLU B 54 40.18 -41.00 9.73
N LYS B 55 39.85 -41.34 10.97
CA LYS B 55 40.06 -40.40 12.07
C LYS B 55 41.56 -40.30 12.30
N HIS B 56 42.19 -39.29 11.73
CA HIS B 56 43.62 -39.12 11.95
C HIS B 56 43.80 -38.39 13.28
N LEU B 57 44.57 -38.98 14.18
CA LEU B 57 44.83 -38.32 15.45
C LEU B 57 45.87 -37.24 15.22
N LEU B 58 45.50 -35.99 15.49
CA LEU B 58 46.44 -34.90 15.26
C LEU B 58 47.54 -34.96 16.31
N ASP B 59 47.14 -35.05 17.57
CA ASP B 59 48.10 -35.23 18.64
C ASP B 59 47.34 -35.58 19.90
N LYS B 60 47.99 -36.37 20.74
CA LYS B 60 47.47 -36.76 22.05
C LYS B 60 47.46 -35.63 23.06
N GLY B 61 48.23 -34.57 22.84
CA GLY B 61 48.29 -33.56 23.88
C GLY B 61 49.20 -32.40 23.56
N SER B 62 49.07 -31.36 24.37
CA SER B 62 49.89 -30.14 24.33
C SER B 62 49.35 -29.04 23.42
N PHE B 63 48.04 -28.93 23.24
CA PHE B 63 47.51 -27.75 22.56
C PHE B 63 47.54 -26.55 23.49
N GLU B 64 48.17 -25.47 23.03
CA GLU B 64 48.32 -24.24 23.79
C GLU B 64 47.41 -23.15 23.22
N ARG B 65 47.07 -22.19 24.07
CA ARG B 65 46.20 -21.09 23.66
C ARG B 65 46.95 -20.09 22.81
N GLY B 66 46.33 -19.69 21.70
CA GLY B 66 46.94 -18.79 20.75
C GLY B 66 47.90 -19.42 19.77
N ALA B 67 47.89 -20.74 19.65
CA ALA B 67 48.84 -21.47 18.82
C ALA B 67 48.34 -21.56 17.38
N VAL B 68 49.24 -22.00 16.50
CA VAL B 68 48.89 -22.32 15.12
C VAL B 68 49.72 -23.52 14.71
N ASP B 69 49.13 -24.71 14.78
CA ASP B 69 49.88 -25.95 14.56
C ASP B 69 49.60 -26.52 13.18
N SER B 70 50.63 -27.10 12.57
CA SER B 70 50.53 -27.65 11.23
C SER B 70 50.92 -29.12 11.24
N TYR B 71 50.16 -29.94 10.51
CA TYR B 71 50.33 -31.37 10.46
C TYR B 71 50.29 -31.85 9.01
N ASP B 72 51.05 -32.92 8.74
CA ASP B 72 51.02 -33.60 7.45
C ASP B 72 50.15 -34.84 7.58
N VAL B 73 49.11 -34.94 6.75
CA VAL B 73 48.18 -36.06 6.80
C VAL B 73 48.13 -36.69 5.42
N THR B 74 48.45 -37.98 5.35
CA THR B 74 48.36 -38.75 4.11
C THR B 74 47.18 -39.71 4.25
N VAL B 75 46.26 -39.62 3.31
CA VAL B 75 45.02 -40.41 3.32
C VAL B 75 45.21 -41.69 2.49
N ASP B 76 44.49 -42.74 2.89
CA ASP B 76 44.65 -44.04 2.24
C ASP B 76 44.25 -44.00 0.77
N GLU B 77 43.34 -43.10 0.40
CA GLU B 77 42.86 -43.05 -0.97
C GLU B 77 42.52 -41.62 -1.34
N GLU B 78 42.56 -41.34 -2.64
CA GLU B 78 42.21 -40.01 -3.13
C GLU B 78 40.76 -39.73 -2.77
N LEU B 79 40.51 -38.58 -2.16
CA LEU B 79 39.21 -38.27 -1.58
C LEU B 79 38.34 -37.35 -2.43
N GLY B 80 38.83 -36.88 -3.56
CA GLY B 80 38.07 -35.91 -4.31
C GLY B 80 37.96 -34.60 -3.53
N GLU B 81 37.15 -33.70 -4.07
CA GLU B 81 36.98 -32.39 -3.44
C GLU B 81 36.55 -32.54 -1.98
N ILE B 82 37.31 -31.90 -1.09
CA ILE B 82 36.97 -31.88 0.33
C ILE B 82 35.87 -30.86 0.55
N GLN B 83 34.78 -31.31 1.19
CA GLN B 83 33.62 -30.49 1.49
C GLN B 83 33.55 -30.13 2.96
N LEU B 84 33.89 -31.06 3.84
CA LEU B 84 33.74 -30.92 5.27
C LEU B 84 35.01 -31.35 5.98
N VAL B 85 35.12 -30.94 7.23
CA VAL B 85 36.17 -31.40 8.12
C VAL B 85 35.53 -31.76 9.45
N ARG B 86 35.72 -32.99 9.90
CA ARG B 86 35.21 -33.46 11.17
C ARG B 86 36.30 -33.32 12.24
N ILE B 87 35.89 -32.93 13.44
CA ILE B 87 36.78 -32.75 14.58
C ILE B 87 36.11 -33.40 15.79
N GLU B 88 36.79 -34.35 16.41
CA GLU B 88 36.31 -34.98 17.63
C GLU B 88 37.35 -34.83 18.72
N LYS B 89 36.89 -34.71 19.97
CA LYS B 89 37.76 -34.54 21.12
C LYS B 89 37.45 -35.62 22.14
N ARG B 90 38.48 -36.41 22.47
CA ARG B 90 38.38 -37.51 23.42
C ARG B 90 39.08 -37.13 24.72
N LYS B 91 38.43 -37.43 25.85
CA LYS B 91 38.96 -37.01 27.14
C LYS B 91 40.26 -37.76 27.46
N TYR B 92 41.32 -36.99 27.73
CA TYR B 92 42.61 -37.50 28.21
C TYR B 92 42.83 -37.03 29.64
N GLY B 93 42.41 -37.84 30.61
CA GLY B 93 42.61 -37.44 31.98
C GLY B 93 41.67 -36.32 32.34
N SER B 94 42.21 -35.10 32.36
CA SER B 94 41.42 -33.91 32.60
C SER B 94 40.74 -33.45 31.32
N ASN B 95 39.43 -33.54 31.27
CA ASN B 95 38.69 -33.06 30.10
C ASN B 95 38.86 -31.55 30.06
N ASP B 96 39.45 -31.04 28.99
CA ASP B 96 39.75 -29.62 28.86
C ASP B 96 39.04 -29.07 27.62
N ASP B 97 38.49 -27.87 27.73
CA ASP B 97 37.75 -27.25 26.62
C ASP B 97 38.70 -26.55 25.66
N TRP B 98 38.37 -26.58 24.36
CA TRP B 98 39.29 -26.09 23.35
C TRP B 98 38.62 -25.05 22.47
N TYR B 99 39.18 -23.84 22.38
CA TYR B 99 38.63 -22.86 21.47
C TYR B 99 39.43 -22.95 20.18
N LEU B 100 38.80 -23.46 19.14
CA LEU B 100 39.42 -23.55 17.84
C LEU B 100 39.02 -22.31 17.04
N LYS B 101 39.99 -21.68 16.40
CA LYS B 101 39.70 -20.51 15.57
C LYS B 101 39.35 -20.98 14.17
N TYR B 102 40.30 -21.59 13.47
CA TYR B 102 40.01 -22.04 12.11
C TYR B 102 40.85 -23.26 11.76
N ILE B 103 40.59 -23.78 10.55
CA ILE B 103 41.33 -24.92 10.01
C ILE B 103 41.59 -24.67 8.53
N THR B 104 42.85 -24.72 8.13
CA THR B 104 43.21 -24.55 6.72
C THR B 104 43.74 -25.87 6.17
N LEU B 105 43.44 -26.12 4.91
CA LEU B 105 43.94 -27.29 4.21
C LEU B 105 44.72 -26.84 2.98
N LYS B 106 45.87 -27.46 2.78
CA LYS B 106 46.64 -27.36 1.54
C LYS B 106 46.60 -28.76 0.93
N THR B 107 45.78 -28.91 -0.11
CA THR B 107 45.52 -30.22 -0.68
C THR B 107 46.64 -30.65 -1.62
N PRO B 108 46.69 -31.94 -1.97
CA PRO B 108 47.70 -32.39 -2.94
C PRO B 108 47.57 -31.68 -4.28
N HIS B 109 46.34 -31.51 -4.79
CA HIS B 109 46.10 -30.89 -6.08
C HIS B 109 46.42 -29.40 -6.13
N GLY B 110 46.95 -28.83 -5.04
CA GLY B 110 47.32 -27.43 -5.03
C GLY B 110 46.24 -26.43 -4.67
N ASP B 111 45.35 -26.79 -3.75
CA ASP B 111 44.22 -25.95 -3.37
C ASP B 111 44.36 -25.55 -1.91
N TYR B 112 44.19 -24.26 -1.63
CA TYR B 112 44.21 -23.72 -0.27
C TYR B 112 42.79 -23.41 0.13
N ILE B 113 42.30 -24.07 1.18
CA ILE B 113 40.90 -23.99 1.57
C ILE B 113 40.81 -23.71 3.07
N GLU B 114 40.05 -22.67 3.43
CA GLU B 114 39.88 -22.28 4.82
C GLU B 114 38.49 -22.66 5.31
N PHE B 115 38.44 -23.28 6.48
CA PHE B 115 37.20 -23.65 7.14
C PHE B 115 37.18 -22.89 8.46
N PRO B 116 36.39 -21.81 8.55
CA PRO B 116 36.24 -21.11 9.84
C PRO B 116 35.33 -21.88 10.78
N CYS B 117 35.80 -22.05 12.01
CA CYS B 117 35.02 -22.71 13.06
C CYS B 117 34.47 -21.69 14.04
N TYR B 118 35.34 -21.12 14.87
CA TYR B 118 35.01 -20.08 15.83
C TYR B 118 33.96 -20.52 16.85
N ARG B 119 34.19 -21.68 17.47
CA ARG B 119 33.32 -22.15 18.55
C ARG B 119 34.15 -23.02 19.49
N TRP B 120 33.61 -23.20 20.69
CA TRP B 120 34.25 -24.00 21.74
C TRP B 120 33.95 -25.48 21.52
N ILE B 121 34.99 -26.30 21.52
CA ILE B 121 34.89 -27.73 21.25
C ILE B 121 35.03 -28.49 22.56
N THR B 122 33.99 -29.25 22.86
CA THR B 122 33.84 -30.15 24.01
C THR B 122 33.65 -31.57 23.48
N GLY B 123 33.90 -32.55 24.36
CA GLY B 123 33.76 -33.95 23.98
C GLY B 123 32.36 -34.33 23.57
N ASP B 124 31.35 -33.61 24.06
CA ASP B 124 29.97 -34.04 23.89
C ASP B 124 29.63 -34.32 22.43
N VAL B 125 30.15 -33.50 21.51
CA VAL B 125 29.83 -33.61 20.10
C VAL B 125 31.11 -33.40 19.28
N GLU B 126 31.09 -33.95 18.08
CA GLU B 126 32.11 -33.70 17.08
C GLU B 126 31.63 -32.59 16.16
N VAL B 127 32.49 -31.60 15.92
CA VAL B 127 32.12 -30.45 15.09
C VAL B 127 32.58 -30.69 13.67
N VAL B 128 31.75 -30.27 12.71
CA VAL B 128 32.10 -30.40 11.30
C VAL B 128 31.97 -29.04 10.63
N LEU B 129 33.07 -28.62 10.01
CA LEU B 129 33.21 -27.31 9.41
C LEU B 129 33.14 -27.44 7.90
N ARG B 130 32.62 -26.39 7.29
CA ARG B 130 32.44 -26.28 5.85
C ARG B 130 33.27 -25.11 5.35
N ASP B 131 33.53 -25.10 4.05
CA ASP B 131 34.39 -24.07 3.48
C ASP B 131 33.85 -22.68 3.80
N GLY B 132 34.78 -21.74 3.98
CA GLY B 132 34.41 -20.40 4.38
C GLY B 132 33.58 -19.66 3.36
N ARG B 133 33.28 -20.29 2.23
CA ARG B 133 32.47 -19.64 1.21
C ARG B 133 31.03 -19.55 1.70
N ALA B 134 30.54 -18.33 1.90
CA ALA B 134 29.17 -18.17 2.38
C ALA B 134 28.24 -18.83 1.38
N LYS B 135 27.27 -19.59 1.88
CA LYS B 135 26.44 -20.42 1.02
C LYS B 135 24.98 -20.29 1.39
N LEU B 136 24.12 -20.34 0.38
CA LEU B 136 22.69 -20.41 0.54
C LEU B 136 22.22 -21.84 0.33
N ALA B 137 21.05 -22.15 0.91
CA ALA B 137 20.50 -23.48 0.74
C ALA B 137 20.30 -23.78 -0.75
N ARG B 138 19.94 -22.76 -1.53
CA ARG B 138 19.78 -22.91 -2.97
C ARG B 138 21.07 -23.37 -3.62
N ASP B 139 22.21 -23.03 -3.02
CA ASP B 139 23.51 -23.42 -3.55
C ASP B 139 23.77 -24.91 -3.33
N ASP B 140 23.19 -25.49 -2.28
CA ASP B 140 23.46 -26.88 -1.92
C ASP B 140 22.58 -27.81 -2.75
N GLN B 141 23.21 -28.78 -3.43
CA GLN B 141 22.45 -29.70 -4.26
C GLN B 141 22.87 -31.15 -4.10
N ILE B 142 23.87 -31.44 -3.27
CA ILE B 142 24.36 -32.80 -3.07
C ILE B 142 23.93 -33.28 -1.70
N HIS B 143 23.64 -34.58 -1.60
CA HIS B 143 23.15 -35.15 -0.35
C HIS B 143 24.03 -34.79 0.84
N ILE B 144 25.34 -34.67 0.62
CA ILE B 144 26.28 -34.47 1.72
C ILE B 144 26.13 -33.08 2.32
N LEU B 145 26.24 -32.04 1.49
CA LEU B 145 26.15 -30.67 2.00
C LEU B 145 24.75 -30.36 2.51
N LYS B 146 23.72 -30.78 1.78
CA LYS B 146 22.34 -30.56 2.23
C LYS B 146 22.08 -31.31 3.53
N GLN B 147 22.62 -32.52 3.63
CA GLN B 147 22.54 -33.32 4.84
C GLN B 147 23.15 -32.58 6.02
N HIS B 148 24.33 -32.01 5.80
CA HIS B 148 25.01 -31.25 6.83
C HIS B 148 24.19 -30.05 7.28
N ARG B 149 23.66 -29.30 6.31
CA ARG B 149 22.89 -28.10 6.67
C ARG B 149 21.63 -28.44 7.43
N ARG B 150 20.87 -29.43 6.95
CA ARG B 150 19.63 -29.81 7.61
C ARG B 150 19.90 -30.26 9.04
N LYS B 151 20.89 -31.13 9.22
CA LYS B 151 21.18 -31.60 10.57
C LYS B 151 21.66 -30.45 11.46
N GLU B 152 22.45 -29.54 10.89
CA GLU B 152 22.89 -28.37 11.65
C GLU B 152 21.71 -27.61 12.21
N LEU B 153 20.69 -27.38 11.39
CA LEU B 153 19.55 -26.63 11.91
C LEU B 153 18.77 -27.46 12.94
N GLU B 154 18.61 -28.77 12.71
CA GLU B 154 17.90 -29.60 13.69
C GLU B 154 18.56 -29.49 15.07
N THR B 155 19.89 -29.62 15.10
CA THR B 155 20.60 -29.59 16.37
C THR B 155 20.56 -28.20 16.98
N ARG B 156 20.71 -27.16 16.16
CA ARG B 156 20.63 -25.81 16.69
C ARG B 156 19.30 -25.58 17.39
N GLN B 157 18.22 -26.01 16.76
CA GLN B 157 16.90 -25.80 17.29
C GLN B 157 16.69 -26.64 18.55
N LYS B 158 17.40 -27.75 18.68
CA LYS B 158 17.43 -28.41 19.97
C LYS B 158 18.18 -27.59 21.01
N GLN B 159 19.24 -26.88 20.59
CA GLN B 159 20.13 -26.23 21.54
C GLN B 159 19.73 -24.81 21.91
N TYR B 160 19.13 -24.08 20.98
CA TYR B 160 18.72 -22.69 21.21
C TYR B 160 17.21 -22.62 21.18
N ARG B 161 16.60 -22.71 22.35
CA ARG B 161 15.16 -22.66 22.48
C ARG B 161 14.74 -21.34 23.12
N TRP B 162 13.46 -21.04 22.94
CA TRP B 162 12.83 -19.82 23.44
C TRP B 162 12.22 -20.08 24.80
N MET B 163 12.10 -19.00 25.58
CA MET B 163 11.57 -19.10 26.93
C MET B 163 10.91 -17.79 27.30
N GLU B 164 9.87 -17.87 28.13
CA GLU B 164 9.18 -16.68 28.63
C GLU B 164 9.69 -16.41 30.05
N TRP B 165 10.54 -15.39 30.17
CA TRP B 165 11.14 -15.04 31.46
C TRP B 165 10.11 -14.42 32.39
N ASN B 166 9.37 -13.44 31.88
CA ASN B 166 8.27 -12.76 32.55
C ASN B 166 7.14 -12.52 31.56
N PRO B 167 5.90 -12.49 32.03
CA PRO B 167 4.77 -12.33 31.11
C PRO B 167 4.87 -11.05 30.30
N GLY B 168 4.37 -11.12 29.06
CA GLY B 168 4.40 -9.99 28.15
C GLY B 168 5.76 -9.58 27.66
N PHE B 169 6.84 -10.20 28.17
CA PHE B 169 8.20 -9.91 27.72
C PHE B 169 8.47 -10.57 26.38
N PRO B 170 9.35 -9.98 25.57
CA PRO B 170 9.86 -10.73 24.41
C PRO B 170 10.52 -12.01 24.88
N LEU B 171 10.49 -13.02 24.02
CA LEU B 171 11.01 -14.33 24.39
C LEU B 171 12.54 -14.32 24.42
N SER B 172 13.13 -15.04 25.37
CA SER B 172 14.58 -15.07 25.57
C SER B 172 15.07 -16.52 25.54
N ILE B 173 16.39 -16.69 25.69
CA ILE B 173 16.96 -18.02 25.63
C ILE B 173 16.33 -18.90 26.69
N ASP B 174 16.13 -20.17 26.36
CA ASP B 174 15.58 -21.14 27.31
C ASP B 174 16.65 -21.58 28.30
N ALA B 175 17.28 -20.62 28.99
CA ALA B 175 18.26 -20.90 30.03
C ALA B 175 17.88 -20.15 31.30
N LYS B 176 18.12 -20.77 32.46
CA LYS B 176 17.88 -20.14 33.76
C LYS B 176 19.09 -19.40 34.29
N CYS B 177 20.28 -19.96 34.16
CA CYS B 177 21.50 -19.29 34.57
C CYS B 177 22.56 -19.39 33.46
N HIS B 178 23.62 -18.61 33.62
CA HIS B 178 24.66 -18.54 32.59
C HIS B 178 25.30 -19.90 32.35
N LYS B 179 25.57 -20.65 33.42
CA LYS B 179 26.19 -21.95 33.27
C LYS B 179 25.36 -22.91 32.44
N ASP B 180 24.11 -22.55 32.13
CA ASP B 180 23.25 -23.40 31.31
C ASP B 180 23.36 -23.10 29.83
N LEU B 181 24.09 -22.06 29.44
CA LEU B 181 24.19 -21.73 28.03
C LEU B 181 25.12 -22.68 27.31
N PRO B 182 24.96 -22.82 25.99
CA PRO B 182 26.00 -23.46 25.18
C PRO B 182 27.28 -22.66 25.29
N ARG B 183 28.41 -23.36 25.39
CA ARG B 183 29.67 -22.64 25.42
C ARG B 183 29.78 -21.72 24.22
N ASP B 184 29.03 -22.03 23.14
CA ASP B 184 29.07 -21.22 21.93
C ASP B 184 28.55 -19.81 22.20
N ILE B 185 27.68 -19.64 23.19
CA ILE B 185 27.13 -18.32 23.53
C ILE B 185 27.55 -17.87 24.92
N GLN B 186 28.48 -18.56 25.56
CA GLN B 186 28.96 -18.16 26.88
C GLN B 186 30.14 -17.18 26.77
N PHE B 187 30.47 -16.56 27.90
CA PHE B 187 31.65 -15.71 28.01
C PHE B 187 32.93 -16.53 28.01
N ASP B 188 33.98 -15.94 27.43
CA ASP B 188 35.28 -16.61 27.41
C ASP B 188 35.71 -16.98 28.81
N SER B 189 35.42 -16.12 29.79
CA SER B 189 35.58 -16.43 31.21
C SER B 189 34.19 -16.58 31.83
N GLU B 190 34.10 -17.45 32.84
CA GLU B 190 32.81 -17.65 33.51
C GLU B 190 32.47 -16.45 34.41
N LYS B 191 33.44 -16.01 35.21
CA LYS B 191 33.24 -14.89 36.12
C LYS B 191 33.92 -13.62 35.62
N GLY B 192 34.28 -13.58 34.34
CA GLY B 192 34.90 -12.40 33.76
C GLY B 192 33.94 -11.22 33.71
N VAL B 193 32.71 -11.46 33.25
CA VAL B 193 31.71 -10.41 33.13
C VAL B 193 30.52 -10.81 34.01
N ASP B 194 30.56 -10.41 35.28
CA ASP B 194 29.51 -10.67 36.25
C ASP B 194 29.09 -9.35 36.87
N PHE B 195 27.78 -9.10 36.90
CA PHE B 195 27.29 -7.86 37.46
C PHE B 195 27.74 -7.68 38.90
N VAL B 196 27.64 -8.74 39.71
CA VAL B 196 28.03 -8.66 41.12
C VAL B 196 29.51 -8.30 41.24
N LEU B 197 30.36 -8.96 40.46
CA LEU B 197 31.79 -8.72 40.62
C LEU B 197 32.16 -7.32 40.15
N ASN B 198 31.62 -6.89 39.00
CA ASN B 198 32.01 -5.58 38.48
C ASN B 198 31.45 -4.46 39.35
N TYR B 199 30.24 -4.63 39.89
CA TYR B 199 29.65 -3.63 40.77
C TYR B 199 30.40 -3.54 42.10
N SER B 200 30.65 -4.68 42.75
CA SER B 200 31.34 -4.63 44.04
C SER B 200 32.78 -4.15 43.88
N LYS B 201 33.44 -4.55 42.79
CA LYS B 201 34.80 -4.11 42.53
C LYS B 201 34.84 -2.62 42.20
N ALA B 202 33.78 -2.08 41.59
CA ALA B 202 33.69 -0.64 41.41
C ALA B 202 33.51 0.05 42.76
N MET B 203 32.58 -0.44 43.58
CA MET B 203 32.35 0.17 44.89
C MET B 203 33.62 0.17 45.73
N GLU B 204 34.47 -0.84 45.57
CA GLU B 204 35.75 -0.82 46.28
C GLU B 204 36.75 0.12 45.60
N ASN B 205 36.76 0.16 44.26
CA ASN B 205 37.64 1.08 43.55
C ASN B 205 37.18 2.52 43.74
N LEU B 206 35.86 2.74 43.79
CA LEU B 206 35.32 4.09 43.95
C LEU B 206 35.40 4.58 45.40
N PHE B 207 35.91 3.75 46.32
CA PHE B 207 36.17 4.17 47.71
C PHE B 207 34.87 4.47 48.45
N ILE B 208 33.85 3.66 48.22
CA ILE B 208 32.54 3.89 48.80
C ILE B 208 32.05 2.65 49.53
N ASN B 209 32.99 1.78 49.92
CA ASN B 209 32.60 0.57 50.64
C ASN B 209 31.96 0.91 51.97
N ARG B 210 32.48 1.97 52.64
CA ARG B 210 31.93 2.39 53.91
C ARG B 210 30.46 2.76 53.82
N PHE B 211 29.95 3.09 52.63
CA PHE B 211 28.55 3.45 52.44
C PHE B 211 27.79 2.36 51.70
N MET B 212 28.41 1.21 51.48
CA MET B 212 27.85 0.19 50.60
C MET B 212 26.54 -0.38 51.11
N HIS B 213 26.37 -0.50 52.44
CA HIS B 213 25.18 -1.09 53.04
C HIS B 213 24.48 -0.13 54.00
N MET B 214 24.51 1.17 53.70
CA MET B 214 23.91 2.21 54.55
C MET B 214 22.68 2.83 53.87
N PHE B 215 21.65 2.03 53.67
CA PHE B 215 20.43 2.49 52.99
C PHE B 215 19.51 3.33 53.89
N GLN B 216 19.98 3.88 55.01
CA GLN B 216 19.15 4.74 55.84
C GLN B 216 19.87 6.00 56.34
N SER B 217 21.04 6.31 55.81
CA SER B 217 21.76 7.54 56.16
C SER B 217 21.74 8.48 54.96
N SER B 218 21.34 9.71 55.20
CA SER B 218 21.25 10.72 54.17
C SER B 218 22.47 11.63 54.22
N TRP B 219 22.85 12.15 53.06
CA TRP B 219 23.97 13.08 53.00
C TRP B 219 23.63 14.34 53.79
N ASN B 220 24.49 14.67 54.76
CA ASN B 220 24.21 15.83 55.62
C ASN B 220 24.09 17.11 54.81
N ASP B 221 24.70 17.13 53.62
CA ASP B 221 24.64 18.28 52.74
C ASP B 221 25.07 17.82 51.34
N PHE B 222 24.94 18.72 50.37
CA PHE B 222 25.53 18.45 49.07
C PHE B 222 27.05 18.31 49.18
N ALA B 223 27.64 19.04 50.12
CA ALA B 223 29.08 18.95 50.31
C ALA B 223 29.52 17.55 50.65
N ASP B 224 28.69 16.78 51.37
CA ASP B 224 29.10 15.45 51.79
C ASP B 224 29.40 14.55 50.59
N PHE B 225 28.41 14.36 49.72
CA PHE B 225 28.65 13.57 48.51
C PHE B 225 29.62 14.27 47.56
N GLU B 226 29.54 15.60 47.50
CA GLU B 226 30.43 16.35 46.62
C GLU B 226 31.88 16.11 47.01
N LYS B 227 32.11 15.93 48.31
CA LYS B 227 33.38 15.47 48.85
C LYS B 227 33.62 14.02 48.44
N ILE B 228 32.53 13.25 48.33
CA ILE B 228 32.67 11.90 47.79
C ILE B 228 32.89 11.93 46.28
N PHE B 229 32.34 12.93 45.59
CA PHE B 229 32.40 12.98 44.13
C PHE B 229 33.73 13.52 43.60
N VAL B 230 34.39 14.41 44.34
CA VAL B 230 35.60 15.09 43.87
C VAL B 230 36.73 14.11 43.56
N LYS B 231 36.77 12.97 44.23
CA LYS B 231 37.87 12.04 44.09
C LYS B 231 37.78 11.22 42.81
N ILE B 232 38.84 11.26 42.01
CA ILE B 232 38.93 10.50 40.76
C ILE B 232 37.96 11.01 39.69
N SER B 233 37.16 12.02 40.03
CA SER B 233 36.06 12.45 39.15
C SER B 233 36.55 12.66 37.72
N ASN B 234 35.61 12.70 36.76
CA ASN B 234 35.94 12.90 35.36
C ASN B 234 35.44 14.24 34.86
N THR B 235 35.61 14.46 33.56
CA THR B 235 35.26 15.71 32.91
C THR B 235 33.77 16.03 32.92
N ILE B 236 33.02 15.30 32.09
CA ILE B 236 31.60 15.63 31.91
C ILE B 236 30.85 15.55 33.22
N SER B 237 31.20 14.58 34.07
CA SER B 237 30.49 14.45 35.34
C SER B 237 30.70 15.66 36.23
N GLU B 238 31.94 16.12 36.34
CA GLU B 238 32.19 17.28 37.19
C GLU B 238 31.59 18.54 36.58
N ARG B 239 31.58 18.64 35.25
CA ARG B 239 30.89 19.76 34.62
C ARG B 239 29.42 19.75 34.99
N VAL B 240 28.78 18.57 34.93
CA VAL B 240 27.41 18.41 35.41
C VAL B 240 27.30 18.94 36.83
N MET B 241 28.26 18.56 37.68
CA MET B 241 28.25 19.03 39.05
C MET B 241 28.24 20.55 39.13
N ASN B 242 29.07 21.20 38.32
CA ASN B 242 29.20 22.65 38.40
C ASN B 242 28.04 23.39 37.73
N HIS B 243 27.28 22.73 36.86
CA HIS B 243 26.25 23.42 36.11
C HIS B 243 24.94 22.64 36.03
N TRP B 244 24.67 21.76 37.00
CA TRP B 244 23.50 20.90 36.93
C TRP B 244 22.20 21.64 37.26
N GLN B 245 22.27 22.74 38.00
CA GLN B 245 21.09 23.52 38.33
C GLN B 245 20.75 24.56 37.27
N GLU B 246 21.39 24.50 36.11
CA GLU B 246 21.18 25.50 35.06
C GLU B 246 20.21 24.92 34.03
N ASP B 247 19.18 25.69 33.69
CA ASP B 247 18.18 25.19 32.76
C ASP B 247 18.77 24.82 31.42
N LEU B 248 19.86 25.48 31.02
CA LEU B 248 20.42 25.22 29.70
C LEU B 248 21.01 23.81 29.59
N MET B 249 21.77 23.37 30.60
CA MET B 249 22.27 21.99 30.58
C MET B 249 21.11 21.00 30.73
N PHE B 250 20.14 21.32 31.58
CA PHE B 250 18.99 20.44 31.77
C PHE B 250 18.32 20.15 30.44
N GLY B 251 18.01 21.20 29.67
CA GLY B 251 17.43 21.01 28.36
C GLY B 251 18.42 20.38 27.39
N TYR B 252 19.72 20.59 27.62
CA TYR B 252 20.74 20.05 26.73
C TYR B 252 20.78 18.52 26.78
N GLN B 253 20.55 17.95 27.95
CA GLN B 253 20.62 16.49 28.04
C GLN B 253 19.53 15.82 27.21
N PHE B 254 18.39 16.48 27.01
CA PHE B 254 17.34 15.89 26.19
C PHE B 254 17.77 15.71 24.74
N LEU B 255 18.85 16.35 24.32
CA LEU B 255 19.39 16.17 22.98
C LEU B 255 20.69 15.39 22.96
N ASN B 256 21.59 15.64 23.92
CA ASN B 256 22.93 15.04 23.89
C ASN B 256 23.31 14.39 25.21
N GLY B 257 22.34 14.12 26.07
CA GLY B 257 22.62 13.43 27.31
C GLY B 257 22.77 11.93 27.08
N ALA B 258 22.50 11.18 28.13
CA ALA B 258 22.57 9.72 28.08
C ALA B 258 21.27 9.07 27.63
N ASN B 259 20.19 9.83 27.45
CA ASN B 259 18.89 9.27 27.06
C ASN B 259 18.18 10.20 26.09
N PRO B 260 18.83 10.53 24.96
CA PRO B 260 18.31 11.56 24.04
C PRO B 260 17.31 11.03 23.02
N VAL B 261 16.32 10.28 23.49
CA VAL B 261 15.41 9.57 22.62
C VAL B 261 13.95 9.90 22.87
N LEU B 262 13.64 10.69 23.90
CA LEU B 262 12.26 10.92 24.26
C LEU B 262 11.73 12.27 23.83
N ILE B 263 12.58 13.28 23.66
CA ILE B 263 12.05 14.60 23.35
C ILE B 263 11.43 14.60 21.96
N ARG B 264 10.35 15.33 21.81
CA ARG B 264 9.62 15.46 20.56
C ARG B 264 9.12 16.90 20.41
N ARG B 265 9.09 17.38 19.18
CA ARG B 265 8.49 18.68 18.91
C ARG B 265 6.98 18.62 19.09
N CYS B 266 6.44 19.64 19.76
CA CYS B 266 5.01 19.70 20.07
C CYS B 266 4.27 20.48 19.00
N THR B 267 3.26 19.86 18.40
CA THR B 267 2.42 20.54 17.42
C THR B 267 1.10 21.02 17.99
N GLU B 268 0.72 20.53 19.17
CA GLU B 268 -0.50 21.03 19.82
C GLU B 268 -0.42 20.69 21.31
N LEU B 269 -0.74 21.67 22.15
CA LEU B 269 -0.63 21.50 23.59
C LEU B 269 -1.63 20.47 24.09
N PRO B 270 -1.21 19.51 24.90
CA PRO B 270 -2.15 18.52 25.45
C PRO B 270 -3.18 19.15 26.39
N GLU B 271 -4.40 18.62 26.33
CA GLU B 271 -5.45 19.10 27.24
C GLU B 271 -5.09 18.85 28.70
N LYS B 272 -4.29 17.82 28.98
CA LYS B 272 -3.97 17.53 30.37
C LYS B 272 -3.01 18.56 30.98
N LEU B 273 -2.26 19.29 30.16
CA LEU B 273 -1.35 20.30 30.68
C LEU B 273 -1.89 21.69 30.38
N PRO B 274 -2.56 22.34 31.33
CA PRO B 274 -3.17 23.66 31.08
C PRO B 274 -2.17 24.80 31.23
N VAL B 275 -1.15 24.79 30.35
CA VAL B 275 -0.14 25.84 30.35
C VAL B 275 -0.71 27.08 29.67
N THR B 276 -0.33 28.25 30.17
CA THR B 276 -0.85 29.51 29.68
C THR B 276 0.28 30.39 29.20
N THR B 277 -0.02 31.24 28.22
CA THR B 277 0.97 32.23 27.80
C THR B 277 1.32 33.16 28.95
N GLU B 278 0.32 33.56 29.72
CA GLU B 278 0.54 34.39 30.89
C GLU B 278 1.43 33.70 31.91
N MET B 279 1.40 32.35 31.94
CA MET B 279 2.25 31.60 32.85
C MET B 279 3.69 31.53 32.33
N VAL B 280 3.85 31.50 31.01
CA VAL B 280 5.14 31.33 30.35
C VAL B 280 5.56 32.58 29.62
N GLU B 281 4.82 33.68 29.80
CA GLU B 281 5.13 34.95 29.15
C GLU B 281 6.57 35.36 29.37
N CYS B 282 7.12 35.03 30.54
CA CYS B 282 8.49 35.43 30.86
C CYS B 282 9.51 34.59 30.11
N SER B 283 9.22 33.32 29.87
CA SER B 283 10.13 32.44 29.16
C SER B 283 10.17 32.73 27.66
N LEU B 284 9.06 33.22 27.09
CA LEU B 284 8.99 33.46 25.66
C LEU B 284 9.80 34.68 25.27
N GLU B 285 10.49 34.60 24.13
CA GLU B 285 11.48 35.60 23.76
C GLU B 285 11.31 36.13 22.34
N ARG B 286 10.11 36.02 21.75
CA ARG B 286 9.90 36.46 20.38
C ARG B 286 8.68 37.36 20.21
N GLN B 287 8.05 37.80 21.29
CA GLN B 287 6.80 38.54 21.23
C GLN B 287 5.65 37.70 20.67
N LEU B 288 5.79 36.38 20.68
CA LEU B 288 4.71 35.50 20.27
C LEU B 288 4.07 34.87 21.50
N SER B 289 2.87 34.35 21.31
CA SER B 289 2.13 33.68 22.36
C SER B 289 2.51 32.20 22.40
N LEU B 290 2.26 31.58 23.54
CA LEU B 290 2.57 30.17 23.68
C LEU B 290 2.00 29.38 22.51
N GLU B 291 0.76 29.68 22.13
CA GLU B 291 0.15 29.00 20.99
C GLU B 291 0.88 29.35 19.69
N GLN B 292 1.23 30.62 19.51
CA GLN B 292 2.03 31.01 18.36
C GLN B 292 3.37 30.30 18.36
N GLU B 293 3.97 30.12 19.54
CA GLU B 293 5.27 29.45 19.60
C GLU B 293 5.13 27.97 19.26
N VAL B 294 4.03 27.34 19.70
CA VAL B 294 3.79 25.95 19.33
C VAL B 294 3.55 25.82 17.84
N GLN B 295 2.77 26.75 17.26
CA GLN B 295 2.51 26.73 15.82
C GLN B 295 3.76 27.02 15.01
N GLN B 296 4.72 27.74 15.60
CA GLN B 296 6.00 28.00 14.94
C GLN B 296 6.94 26.81 14.98
N GLY B 297 6.67 25.83 15.85
CA GLY B 297 7.54 24.68 15.98
C GLY B 297 8.67 24.90 16.95
N ASN B 298 8.51 25.82 17.90
CA ASN B 298 9.53 26.15 18.89
C ASN B 298 9.22 25.57 20.26
N ILE B 299 8.12 24.82 20.39
CA ILE B 299 7.70 24.25 21.66
C ILE B 299 7.92 22.74 21.59
N PHE B 300 8.60 22.21 22.59
CA PHE B 300 8.92 20.80 22.66
C PHE B 300 8.32 20.19 23.92
N ILE B 301 8.24 18.86 23.95
CA ILE B 301 7.59 18.17 25.04
C ILE B 301 8.31 16.86 25.32
N VAL B 302 8.36 16.52 26.60
CA VAL B 302 8.82 15.22 27.06
C VAL B 302 7.74 14.71 28.00
N ASP B 303 7.02 13.67 27.57
CA ASP B 303 5.84 13.16 28.25
C ASP B 303 6.17 11.79 28.84
N PHE B 304 6.00 11.63 30.14
CA PHE B 304 6.30 10.38 30.83
C PHE B 304 5.02 9.63 31.17
N GLU B 305 4.07 9.57 30.23
CA GLU B 305 2.80 8.91 30.48
C GLU B 305 2.97 7.44 30.83
N LEU B 306 4.08 6.81 30.42
CA LEU B 306 4.24 5.38 30.62
C LEU B 306 4.52 5.04 32.08
N LEU B 307 4.91 6.03 32.87
CA LEU B 307 5.16 5.86 34.30
C LEU B 307 3.91 6.04 35.15
N ASP B 308 2.78 6.39 34.55
CA ASP B 308 1.56 6.59 35.31
C ASP B 308 0.95 5.25 35.67
N GLY B 309 0.85 4.97 36.98
CA GLY B 309 0.32 3.72 37.48
C GLY B 309 1.34 2.69 37.91
N ILE B 310 2.63 2.94 37.71
CA ILE B 310 3.66 2.00 38.14
C ILE B 310 3.75 1.96 39.67
N ASP B 311 3.95 0.77 40.22
CA ASP B 311 4.06 0.59 41.66
C ASP B 311 5.50 0.82 42.10
N ALA B 312 5.67 1.63 43.13
CA ALA B 312 6.98 2.01 43.65
C ALA B 312 7.58 0.87 44.48
N ASN B 313 8.89 0.98 44.71
CA ASN B 313 9.64 -0.08 45.38
C ASN B 313 9.29 -0.12 46.86
N LYS B 314 8.63 -1.21 47.27
CA LYS B 314 8.30 -1.45 48.67
C LYS B 314 9.24 -2.45 49.30
N THR B 315 10.38 -2.74 48.65
CA THR B 315 11.32 -3.71 49.19
C THR B 315 12.00 -3.22 50.45
N ASP B 316 12.13 -1.91 50.64
CA ASP B 316 12.71 -1.35 51.85
C ASP B 316 11.64 -0.67 52.68
N PRO B 317 11.09 -1.33 53.70
CA PRO B 317 10.03 -0.69 54.50
C PRO B 317 10.48 0.57 55.23
N CYS B 318 11.76 0.69 55.55
CA CYS B 318 12.23 1.87 56.28
C CYS B 318 12.51 3.06 55.38
N THR B 319 12.26 2.91 54.08
CA THR B 319 12.33 4.02 53.13
C THR B 319 11.15 3.84 52.18
N LEU B 320 10.28 4.84 52.11
CA LEU B 320 9.21 4.85 51.13
C LEU B 320 9.72 5.51 49.86
N GLN B 321 9.62 4.81 48.74
CA GLN B 321 10.11 5.31 47.46
C GLN B 321 8.94 5.67 46.57
N PHE B 322 9.14 6.70 45.75
CA PHE B 322 8.07 7.33 44.99
C PHE B 322 8.48 7.52 43.54
N LEU B 323 7.52 7.37 42.65
CA LEU B 323 7.69 7.66 41.24
C LEU B 323 6.76 8.80 40.86
N ALA B 324 6.95 9.33 39.64
CA ALA B 324 6.10 10.37 39.10
C ALA B 324 5.93 10.14 37.61
N ALA B 325 5.19 11.03 36.96
CA ALA B 325 4.98 10.97 35.50
C ALA B 325 5.00 12.40 34.95
N PRO B 326 6.14 13.07 35.05
CA PRO B 326 6.17 14.49 34.67
C PRO B 326 5.89 14.72 33.20
N ILE B 327 5.55 15.97 32.91
CA ILE B 327 5.41 16.49 31.56
C ILE B 327 6.27 17.75 31.50
N CYS B 328 7.28 17.73 30.65
CA CYS B 328 8.21 18.84 30.49
C CYS B 328 7.91 19.57 29.19
N LEU B 329 7.66 20.86 29.29
CA LEU B 329 7.46 21.72 28.15
C LEU B 329 8.68 22.63 28.00
N LEU B 330 9.25 22.64 26.80
CA LEU B 330 10.52 23.29 26.49
C LEU B 330 10.35 24.30 25.35
N TYR B 331 11.32 25.20 25.23
CA TYR B 331 11.27 26.35 24.34
C TYR B 331 12.58 26.48 23.58
N LYS B 332 12.50 26.87 22.30
CA LYS B 332 13.67 27.04 21.44
C LYS B 332 13.98 28.53 21.31
N ASN B 333 15.06 28.97 21.97
CA ASN B 333 15.39 30.38 22.14
C ASN B 333 16.04 30.97 20.89
N LEU B 334 16.32 32.28 20.95
CA LEU B 334 16.97 32.98 19.85
C LEU B 334 18.33 32.36 19.52
N ALA B 335 19.00 31.78 20.52
CA ALA B 335 20.27 31.09 20.34
C ALA B 335 20.07 29.66 19.86
N ASN B 336 18.84 29.27 19.58
CA ASN B 336 18.51 27.93 19.09
C ASN B 336 18.77 26.85 20.13
N LYS B 337 18.66 27.21 21.41
CA LYS B 337 18.85 26.28 22.52
C LYS B 337 17.49 25.95 23.13
N ILE B 338 17.30 24.70 23.52
CA ILE B 338 16.03 24.23 24.07
C ILE B 338 16.09 24.23 25.59
N VAL B 339 15.26 25.04 26.22
CA VAL B 339 15.26 25.15 27.68
C VAL B 339 13.86 24.88 28.24
N PRO B 340 13.76 24.31 29.45
CA PRO B 340 12.44 24.00 30.00
C PRO B 340 11.71 25.27 30.43
N ILE B 341 10.44 25.34 30.06
CA ILE B 341 9.58 26.45 30.46
C ILE B 341 8.44 26.02 31.38
N ALA B 342 8.12 24.72 31.45
CA ALA B 342 7.03 24.29 32.33
C ALA B 342 7.22 22.83 32.71
N ILE B 343 6.83 22.48 33.93
CA ILE B 343 7.00 21.11 34.42
C ILE B 343 5.81 20.73 35.29
N GLN B 344 5.09 19.68 34.91
CA GLN B 344 3.99 19.17 35.75
C GLN B 344 4.31 17.74 36.17
N LEU B 345 4.40 17.52 37.49
CA LEU B 345 4.99 16.28 37.98
C LEU B 345 4.08 15.06 37.83
N ASN B 346 2.80 15.26 37.56
CA ASN B 346 1.87 14.15 37.37
C ASN B 346 1.02 14.38 36.12
N GLN B 347 0.26 13.36 35.75
CA GLN B 347 -0.45 13.39 34.47
C GLN B 347 -1.77 14.14 34.57
N ILE B 348 -2.51 13.96 35.66
CA ILE B 348 -3.81 14.59 35.83
C ILE B 348 -3.61 15.90 36.57
N PRO B 349 -3.95 17.04 35.98
CA PRO B 349 -3.74 18.33 36.65
C PRO B 349 -4.66 18.48 37.85
N GLY B 350 -4.45 19.56 38.60
CA GLY B 350 -5.30 19.87 39.72
C GLY B 350 -4.63 20.88 40.65
N ASP B 351 -5.23 21.02 41.83
CA ASP B 351 -4.67 21.91 42.86
C ASP B 351 -3.56 21.26 43.65
N GLU B 352 -3.51 19.93 43.68
CA GLU B 352 -2.42 19.23 44.32
C GLU B 352 -1.34 18.79 43.33
N ASN B 353 -1.57 18.99 42.02
CA ASN B 353 -0.58 18.74 40.99
C ASN B 353 -0.25 20.07 40.31
N PRO B 354 0.52 20.93 40.97
CA PRO B 354 0.83 22.24 40.38
C PRO B 354 1.73 22.11 39.16
N ILE B 355 1.62 23.10 38.27
CA ILE B 355 2.54 23.26 37.15
C ILE B 355 3.65 24.20 37.61
N PHE B 356 4.81 23.65 37.90
CA PHE B 356 5.95 24.45 38.33
C PHE B 356 6.62 25.13 37.15
N LEU B 357 7.26 26.26 37.44
CA LEU B 357 7.82 27.17 36.45
C LEU B 357 9.16 27.71 36.94
N PRO B 358 9.99 28.21 36.02
CA PRO B 358 11.27 28.80 36.44
C PRO B 358 11.12 30.08 37.26
N SER B 359 9.94 30.69 37.25
CA SER B 359 9.69 31.88 38.05
C SER B 359 9.33 31.56 39.49
N ASP B 360 9.05 30.29 39.77
CA ASP B 360 8.64 29.87 41.10
C ASP B 360 9.82 29.89 42.06
N ALA B 361 9.56 29.50 43.31
CA ALA B 361 10.61 29.43 44.32
C ALA B 361 11.78 28.61 43.82
N LYS B 362 12.98 28.96 44.31
CA LYS B 362 14.19 28.32 43.81
C LYS B 362 14.08 26.81 43.87
N TYR B 363 13.66 26.28 45.01
CA TYR B 363 13.68 24.85 45.19
C TYR B 363 12.43 24.17 44.66
N ASP B 364 11.35 24.91 44.44
CA ASP B 364 10.22 24.35 43.73
C ASP B 364 10.62 23.98 42.31
N TRP B 365 11.21 24.93 41.58
CA TRP B 365 11.68 24.66 40.23
C TRP B 365 12.80 23.63 40.24
N LEU B 366 13.68 23.71 41.24
CA LEU B 366 14.77 22.75 41.32
C LEU B 366 14.24 21.33 41.51
N LEU B 367 13.29 21.15 42.41
CA LEU B 367 12.77 19.82 42.67
C LEU B 367 11.95 19.31 41.49
N ALA B 368 11.20 20.19 40.83
CA ALA B 368 10.48 19.77 39.63
C ALA B 368 11.45 19.23 38.58
N LYS B 369 12.53 19.97 38.35
CA LYS B 369 13.51 19.49 37.37
C LYS B 369 14.19 18.21 37.84
N ILE B 370 14.46 18.09 39.14
CA ILE B 370 15.07 16.88 39.67
C ILE B 370 14.20 15.68 39.41
N TRP B 371 12.88 15.83 39.62
CA TRP B 371 11.96 14.74 39.35
C TRP B 371 11.92 14.40 37.87
N VAL B 372 11.93 15.42 37.01
CA VAL B 372 11.96 15.13 35.58
C VAL B 372 13.21 14.32 35.24
N ARG B 373 14.33 14.67 35.86
CA ARG B 373 15.58 13.95 35.62
C ARG B 373 15.47 12.50 36.09
N SER B 374 14.95 12.31 37.29
CA SER B 374 14.75 10.95 37.81
C SER B 374 13.89 10.13 36.85
N SER B 375 12.82 10.72 36.33
CA SER B 375 11.97 9.98 35.40
C SER B 375 12.73 9.63 34.13
N ASP B 376 13.50 10.58 33.59
CA ASP B 376 14.29 10.27 32.42
C ASP B 376 15.25 9.12 32.71
N PHE B 377 15.81 9.09 33.91
CA PHE B 377 16.73 8.02 34.25
C PHE B 377 16.03 6.68 34.31
N HIS B 378 14.83 6.64 34.89
CA HIS B 378 14.10 5.38 34.98
C HIS B 378 13.74 4.85 33.59
N VAL B 379 13.23 5.73 32.74
CA VAL B 379 12.89 5.32 31.38
C VAL B 379 14.14 4.84 30.66
N HIS B 380 15.23 5.59 30.78
CA HIS B 380 16.48 5.21 30.14
C HIS B 380 16.89 3.81 30.55
N GLN B 381 17.06 3.59 31.86
CA GLN B 381 17.58 2.31 32.31
C GLN B 381 16.69 1.17 31.88
N THR B 382 15.38 1.35 31.97
CA THR B 382 14.55 0.18 31.72
C THR B 382 14.17 0.05 30.25
N ILE B 383 13.71 1.14 29.62
CA ILE B 383 13.12 1.01 28.29
C ILE B 383 14.22 1.22 27.26
N THR B 384 14.84 2.40 27.27
CA THR B 384 15.90 2.72 26.32
C THR B 384 17.06 1.73 26.42
N HIS B 385 17.36 1.25 27.62
CA HIS B 385 18.58 0.50 27.89
C HIS B 385 18.36 -1.01 27.85
N LEU B 386 17.57 -1.52 28.79
CA LEU B 386 17.33 -2.96 28.86
C LEU B 386 16.54 -3.44 27.66
N LEU B 387 15.26 -3.08 27.62
CA LEU B 387 14.36 -3.62 26.61
C LEU B 387 14.91 -3.39 25.21
N ARG B 388 14.86 -2.13 24.75
CA ARG B 388 14.99 -1.81 23.33
C ARG B 388 16.34 -2.16 22.73
N THR B 389 17.35 -2.41 23.56
CA THR B 389 18.68 -2.75 23.07
C THR B 389 19.05 -4.17 23.45
N HIS B 390 19.14 -4.44 24.76
CA HIS B 390 19.58 -5.76 25.17
C HIS B 390 18.62 -6.82 24.67
N LEU B 391 17.31 -6.68 24.98
CA LEU B 391 16.39 -7.77 24.68
C LEU B 391 16.13 -7.89 23.18
N VAL B 392 16.08 -6.76 22.47
CA VAL B 392 15.90 -6.82 21.01
C VAL B 392 17.08 -7.49 20.34
N SER B 393 18.29 -7.07 20.71
CA SER B 393 19.48 -7.69 20.14
C SER B 393 19.51 -9.18 20.46
N GLU B 394 19.09 -9.55 21.68
CA GLU B 394 19.04 -10.97 22.03
C GLU B 394 18.03 -11.71 21.19
N VAL B 395 16.89 -11.09 20.90
CA VAL B 395 15.91 -11.71 20.02
C VAL B 395 16.52 -12.01 18.66
N PHE B 396 17.21 -11.01 18.10
CA PHE B 396 17.86 -11.19 16.81
C PHE B 396 18.90 -12.30 16.89
N GLY B 397 19.62 -12.36 18.00
CA GLY B 397 20.64 -13.39 18.14
C GLY B 397 20.06 -14.78 18.23
N ILE B 398 18.98 -14.94 19.00
CA ILE B 398 18.38 -16.26 19.13
C ILE B 398 17.81 -16.70 17.79
N ALA B 399 17.18 -15.80 17.05
CA ALA B 399 16.72 -16.17 15.72
C ALA B 399 17.88 -16.56 14.83
N MET B 400 18.96 -15.79 14.86
CA MET B 400 20.13 -16.10 14.04
C MET B 400 20.66 -17.49 14.35
N TYR B 401 20.83 -17.79 15.64
CA TYR B 401 21.39 -19.09 16.03
C TYR B 401 20.41 -20.22 15.76
N ARG B 402 19.11 -19.96 15.82
CA ARG B 402 18.20 -21.07 15.60
C ARG B 402 18.04 -21.40 14.13
N GLN B 403 18.00 -20.39 13.27
CA GLN B 403 17.55 -20.61 11.90
C GLN B 403 18.61 -20.45 10.82
N LEU B 404 19.76 -19.84 11.13
CA LEU B 404 20.74 -19.54 10.10
C LEU B 404 22.00 -20.37 10.30
N PRO B 405 22.30 -21.31 9.40
CA PRO B 405 23.53 -22.10 9.55
C PRO B 405 24.76 -21.23 9.38
N ALA B 406 25.87 -21.72 9.95
CA ALA B 406 27.08 -20.92 9.99
C ALA B 406 27.64 -20.61 8.60
N VAL B 407 27.26 -21.40 7.59
CA VAL B 407 27.76 -21.16 6.23
C VAL B 407 26.99 -20.08 5.50
N HIS B 408 25.95 -19.52 6.13
CA HIS B 408 25.05 -18.54 5.54
C HIS B 408 25.65 -17.14 5.68
N PRO B 409 25.60 -16.32 4.63
CA PRO B 409 26.21 -14.98 4.74
C PRO B 409 25.57 -14.12 5.81
N ILE B 410 24.27 -14.30 6.09
CA ILE B 410 23.65 -13.48 7.12
C ILE B 410 24.15 -13.87 8.50
N PHE B 411 24.37 -15.17 8.72
CA PHE B 411 25.02 -15.59 9.96
C PHE B 411 26.42 -15.00 10.03
N LYS B 412 27.22 -15.20 8.98
CA LYS B 412 28.57 -14.68 8.99
C LYS B 412 28.59 -13.19 9.27
N LEU B 413 27.52 -12.49 8.91
CA LEU B 413 27.47 -11.05 9.06
C LEU B 413 27.04 -10.63 10.45
N LEU B 414 25.98 -11.26 10.98
CA LEU B 414 25.43 -10.85 12.25
C LEU B 414 26.14 -11.44 13.46
N VAL B 415 26.86 -12.54 13.29
CA VAL B 415 27.48 -13.22 14.43
C VAL B 415 28.39 -12.27 15.20
N ALA B 416 29.08 -11.37 14.51
CA ALA B 416 29.99 -10.45 15.17
C ALA B 416 29.28 -9.37 15.96
N HIS B 417 27.97 -9.21 15.78
CA HIS B 417 27.22 -8.16 16.46
C HIS B 417 26.30 -8.68 17.56
N VAL B 418 26.15 -9.99 17.71
CA VAL B 418 25.38 -10.55 18.81
C VAL B 418 26.29 -11.24 19.81
N ARG B 419 27.58 -10.92 19.81
CA ARG B 419 28.51 -11.62 20.68
C ARG B 419 28.28 -11.17 22.12
N PHE B 420 28.02 -12.14 23.00
CA PHE B 420 27.86 -11.91 24.44
C PHE B 420 26.53 -11.26 24.79
N THR B 421 25.60 -11.16 23.86
CA THR B 421 24.32 -10.54 24.18
C THR B 421 23.45 -11.49 25.00
N ILE B 422 23.35 -12.74 24.54
CA ILE B 422 22.65 -13.75 25.31
C ILE B 422 23.31 -13.94 26.67
N ALA B 423 24.65 -13.94 26.71
CA ALA B 423 25.35 -14.25 27.96
C ALA B 423 25.23 -13.13 28.98
N ILE B 424 25.41 -11.89 28.54
CA ILE B 424 25.25 -10.78 29.48
C ILE B 424 23.81 -10.66 29.92
N ASN B 425 22.86 -10.88 29.00
CA ASN B 425 21.44 -10.84 29.36
C ASN B 425 21.10 -11.93 30.35
N THR B 426 21.62 -13.14 30.14
CA THR B 426 21.37 -14.25 31.05
C THR B 426 21.91 -13.93 32.44
N LYS B 427 23.12 -13.37 32.50
CA LYS B 427 23.66 -12.98 33.80
C LYS B 427 22.79 -11.92 34.45
N ALA B 428 22.24 -10.99 33.66
CA ALA B 428 21.31 -10.00 34.22
C ALA B 428 20.10 -10.68 34.84
N ARG B 429 19.46 -11.58 34.09
CA ARG B 429 18.25 -12.22 34.59
C ARG B 429 18.54 -13.06 35.82
N GLU B 430 19.75 -13.59 35.91
CA GLU B 430 20.11 -14.40 37.07
C GLU B 430 20.59 -13.54 38.24
N GLN B 431 20.99 -12.30 37.98
CA GLN B 431 21.54 -11.42 39.02
C GLN B 431 20.96 -10.01 39.04
N LEU B 432 20.68 -9.43 37.87
CA LEU B 432 20.48 -7.98 37.83
C LEU B 432 19.02 -7.57 37.99
N ILE B 433 18.16 -7.97 37.06
CA ILE B 433 16.79 -7.50 37.06
C ILE B 433 15.84 -8.60 37.52
N CYS B 434 16.39 -9.64 38.16
CA CYS B 434 15.63 -10.69 38.82
C CYS B 434 15.03 -10.21 40.14
N GLU B 435 14.16 -11.03 40.71
CA GLU B 435 13.59 -10.75 42.03
C GLU B 435 14.69 -10.72 43.09
N CYS B 436 14.75 -9.61 43.83
CA CYS B 436 15.79 -9.38 44.83
C CYS B 436 17.17 -9.20 44.20
N GLY B 437 17.22 -8.66 42.97
CA GLY B 437 18.49 -8.45 42.31
C GLY B 437 19.10 -7.10 42.64
N LEU B 438 20.33 -6.91 42.17
CA LEU B 438 21.03 -5.67 42.49
C LEU B 438 20.23 -4.44 42.07
N PHE B 439 19.38 -4.60 41.05
CA PHE B 439 18.61 -3.46 40.55
C PHE B 439 17.74 -2.88 41.66
N ASP B 440 17.16 -3.74 42.49
CA ASP B 440 16.28 -3.32 43.58
C ASP B 440 17.02 -2.56 44.69
N LYS B 441 18.34 -2.43 44.63
CA LYS B 441 19.05 -1.79 45.72
C LYS B 441 18.80 -0.29 45.75
N ALA B 442 18.95 0.37 44.59
CA ALA B 442 18.88 1.82 44.49
C ALA B 442 17.75 2.34 43.63
N ASN B 443 17.22 1.55 42.70
CA ASN B 443 16.25 2.04 41.74
C ASN B 443 14.85 1.95 42.33
N ALA B 444 14.08 3.04 42.20
CA ALA B 444 12.71 3.05 42.73
C ALA B 444 11.77 2.18 41.93
N THR B 445 12.12 1.84 40.69
CA THR B 445 11.31 0.95 39.86
C THR B 445 11.70 -0.51 40.04
N GLY B 446 12.47 -0.83 41.09
CA GLY B 446 12.73 -2.20 41.44
C GLY B 446 11.54 -2.85 42.14
N GLY B 447 11.63 -4.16 42.29
CA GLY B 447 10.57 -4.91 42.94
C GLY B 447 9.39 -5.25 42.05
N GLY B 448 9.47 -4.95 40.75
CA GLY B 448 8.40 -5.28 39.84
C GLY B 448 7.98 -4.10 38.97
N GLY B 449 8.30 -2.88 39.40
CA GLY B 449 7.92 -1.71 38.63
C GLY B 449 8.47 -1.77 37.22
N HIS B 450 9.74 -2.14 37.08
CA HIS B 450 10.34 -2.19 35.75
C HIS B 450 9.74 -3.29 34.91
N VAL B 451 9.28 -4.39 35.51
CA VAL B 451 8.58 -5.41 34.75
C VAL B 451 7.33 -4.82 34.10
N GLN B 452 6.54 -4.09 34.89
CA GLN B 452 5.35 -3.44 34.38
C GLN B 452 5.70 -2.43 33.29
N MET B 453 6.80 -1.68 33.48
CA MET B 453 7.25 -0.75 32.45
C MET B 453 7.57 -1.48 31.16
N VAL B 454 8.30 -2.58 31.24
CA VAL B 454 8.64 -3.35 30.05
C VAL B 454 7.36 -3.79 29.34
N GLN B 455 6.41 -4.34 30.09
CA GLN B 455 5.16 -4.78 29.49
C GLN B 455 4.47 -3.62 28.77
N ARG B 456 4.40 -2.46 29.42
CA ARG B 456 3.69 -1.33 28.81
C ARG B 456 4.42 -0.82 27.57
N ALA B 457 5.75 -0.78 27.62
CA ALA B 457 6.52 -0.31 26.47
C ALA B 457 6.45 -1.29 25.32
N MET B 458 6.16 -2.56 25.60
CA MET B 458 6.15 -3.55 24.53
C MET B 458 5.32 -3.07 23.35
N LYS B 459 4.13 -2.52 23.60
CA LYS B 459 3.30 -1.99 22.52
C LYS B 459 3.88 -0.76 21.86
N ASP B 460 4.94 -0.18 22.42
CA ASP B 460 5.61 0.98 21.85
C ASP B 460 6.69 0.55 20.87
N LEU B 461 7.08 -0.72 20.93
CA LEU B 461 8.16 -1.26 20.12
C LEU B 461 7.67 -1.55 18.72
N THR B 462 8.35 -0.95 17.75
CA THR B 462 8.02 -1.14 16.36
C THR B 462 9.30 -1.29 15.56
N TYR B 463 9.18 -1.94 14.41
CA TYR B 463 10.31 -2.04 13.49
C TYR B 463 10.76 -0.66 13.05
N ALA B 464 9.83 0.29 12.91
CA ALA B 464 10.19 1.64 12.50
C ALA B 464 10.89 2.40 13.62
N SER B 465 10.55 2.10 14.87
CA SER B 465 11.20 2.80 15.98
C SER B 465 12.69 2.49 16.01
N LEU B 466 13.09 1.33 15.50
CA LEU B 466 14.51 0.98 15.43
C LEU B 466 15.16 1.45 14.15
N CYS B 467 14.36 1.84 13.15
CA CYS B 467 14.89 2.47 11.96
C CYS B 467 15.15 3.94 12.25
N PHE B 468 16.41 4.36 12.10
CA PHE B 468 16.84 5.63 12.69
C PHE B 468 16.17 6.83 12.06
N PRO B 469 16.28 7.06 10.74
CA PRO B 469 15.67 8.28 10.17
C PRO B 469 14.17 8.35 10.34
N GLU B 470 13.46 7.25 10.07
CA GLU B 470 12.02 7.25 10.25
C GLU B 470 11.66 7.58 11.70
N ALA B 471 12.36 6.99 12.67
CA ALA B 471 12.06 7.27 14.06
C ALA B 471 12.32 8.74 14.39
N ILE B 472 13.45 9.28 13.91
CA ILE B 472 13.75 10.69 14.18
C ILE B 472 12.64 11.57 13.64
N LYS B 473 12.20 11.31 12.40
CA LYS B 473 11.13 12.12 11.83
C LYS B 473 9.84 11.93 12.62
N ALA B 474 9.67 10.76 13.25
CA ALA B 474 8.46 10.50 14.01
C ALA B 474 8.33 11.45 15.20
N ARG B 475 9.45 11.90 15.75
CA ARG B 475 9.48 12.84 16.86
C ARG B 475 9.60 14.29 16.42
N GLY B 476 9.65 14.54 15.11
CA GLY B 476 9.76 15.90 14.63
C GLY B 476 11.10 16.54 14.92
N MET B 477 12.11 15.75 15.26
CA MET B 477 13.42 16.26 15.58
C MET B 477 14.37 16.14 14.41
N GLU B 478 13.82 16.16 13.20
CA GLU B 478 14.53 15.83 11.98
C GLU B 478 15.29 17.03 11.44
N SER B 479 14.70 18.21 11.59
CA SER B 479 15.18 19.39 10.88
C SER B 479 16.40 19.93 11.61
N LYS B 480 17.58 19.66 11.06
CA LYS B 480 18.79 20.28 11.60
C LYS B 480 18.71 21.79 11.48
N GLU B 481 17.81 22.30 10.62
CA GLU B 481 17.63 23.73 10.47
C GLU B 481 16.94 24.31 11.70
N ASP B 482 15.90 23.63 12.19
CA ASP B 482 15.17 24.09 13.36
C ASP B 482 15.76 23.61 14.68
N ILE B 483 16.42 22.47 14.68
CA ILE B 483 17.00 21.89 15.89
C ILE B 483 18.49 21.67 15.65
N PRO B 484 19.30 22.74 15.71
CA PRO B 484 20.68 22.62 15.22
C PRO B 484 21.57 21.73 16.07
N TYR B 485 21.40 21.73 17.38
CA TYR B 485 22.31 21.04 18.29
C TYR B 485 21.73 19.72 18.77
N TYR B 486 21.53 18.80 17.83
CA TYR B 486 21.03 17.46 18.13
C TYR B 486 22.05 16.47 17.57
N PHE B 487 23.18 16.37 18.28
CA PHE B 487 24.30 15.56 17.81
C PHE B 487 23.95 14.09 17.80
N TYR B 488 23.17 13.62 18.77
CA TYR B 488 22.80 12.21 18.78
C TYR B 488 22.11 11.86 17.46
N ARG B 489 21.19 12.72 17.02
CA ARG B 489 20.52 12.49 15.74
C ARG B 489 21.48 12.54 14.57
N ASP B 490 22.33 13.57 14.51
CA ASP B 490 23.21 13.72 13.35
C ASP B 490 24.17 12.54 13.22
N ASP B 491 24.78 12.17 14.34
CA ASP B 491 25.76 11.10 14.36
C ASP B 491 25.10 9.75 14.15
N GLY B 492 23.92 9.55 14.73
CA GLY B 492 23.20 8.33 14.49
C GLY B 492 22.85 8.17 13.03
N LEU B 493 22.51 9.28 12.36
CA LEU B 493 22.20 9.20 10.93
C LEU B 493 23.45 8.83 10.13
N LEU B 494 24.60 9.41 10.49
CA LEU B 494 25.83 9.05 9.80
C LEU B 494 26.13 7.56 9.96
N VAL B 495 26.16 7.08 11.21
CA VAL B 495 26.48 5.67 11.46
C VAL B 495 25.43 4.76 10.83
N TRP B 496 24.16 5.15 10.92
CA TRP B 496 23.09 4.36 10.34
C TRP B 496 23.31 4.18 8.86
N GLU B 497 23.65 5.26 8.15
CA GLU B 497 23.89 5.14 6.72
C GLU B 497 25.13 4.32 6.44
N ALA B 498 26.16 4.41 7.29
CA ALA B 498 27.30 3.53 7.11
C ALA B 498 26.87 2.06 7.14
N ILE B 499 26.10 1.68 8.15
CA ILE B 499 25.68 0.29 8.27
C ILE B 499 24.74 -0.10 7.13
N ARG B 500 23.88 0.83 6.72
CA ARG B 500 22.96 0.57 5.61
C ARG B 500 23.73 0.31 4.33
N THR B 501 24.75 1.12 4.05
CA THR B 501 25.56 0.94 2.85
C THR B 501 26.31 -0.38 2.90
N PHE B 502 26.89 -0.69 4.06
CA PHE B 502 27.63 -1.94 4.18
C PHE B 502 26.73 -3.14 3.91
N THR B 503 25.57 -3.18 4.59
CA THR B 503 24.65 -4.31 4.41
C THR B 503 24.11 -4.39 2.99
N ALA B 504 23.79 -3.23 2.38
CA ALA B 504 23.35 -3.23 1.00
C ALA B 504 24.41 -3.84 0.08
N GLU B 505 25.66 -3.42 0.23
CA GLU B 505 26.71 -3.93 -0.62
C GLU B 505 26.88 -5.44 -0.46
N VAL B 506 26.88 -5.91 0.79
CA VAL B 506 27.07 -7.34 1.02
C VAL B 506 25.89 -8.13 0.43
N VAL B 507 24.67 -7.70 0.72
CA VAL B 507 23.50 -8.35 0.14
C VAL B 507 23.64 -8.42 -1.37
N ASP B 508 24.10 -7.33 -1.98
CA ASP B 508 24.27 -7.34 -3.43
C ASP B 508 25.33 -8.34 -3.84
N ILE B 509 26.30 -8.57 -2.96
CA ILE B 509 27.34 -9.55 -3.28
C ILE B 509 26.77 -10.95 -3.29
N TYR B 510 25.79 -11.22 -2.43
CA TYR B 510 25.30 -12.59 -2.23
C TYR B 510 23.88 -12.84 -2.73
N TYR B 511 23.15 -11.80 -3.13
CA TYR B 511 21.77 -11.94 -3.62
C TYR B 511 21.65 -11.28 -5.00
N GLU B 512 21.53 -12.10 -6.05
CA GLU B 512 21.34 -11.56 -7.39
C GLU B 512 20.16 -10.61 -7.44
N GLY B 513 19.06 -10.96 -6.78
CA GLY B 513 17.85 -10.17 -6.88
C GLY B 513 16.85 -10.50 -5.78
N ASP B 514 15.67 -9.88 -5.89
CA ASP B 514 14.67 -10.03 -4.85
C ASP B 514 14.07 -11.44 -4.81
N GLN B 515 14.03 -12.14 -5.95
CA GLN B 515 13.49 -13.49 -5.96
C GLN B 515 14.30 -14.41 -5.05
N VAL B 516 15.62 -14.24 -5.03
CA VAL B 516 16.46 -15.08 -4.19
C VAL B 516 16.20 -14.82 -2.71
N VAL B 517 16.01 -13.54 -2.35
CA VAL B 517 15.65 -13.19 -0.97
C VAL B 517 14.33 -13.85 -0.60
N GLU B 518 13.33 -13.69 -1.46
CA GLU B 518 12.00 -14.23 -1.16
C GLU B 518 12.03 -15.75 -1.06
N GLU B 519 12.87 -16.42 -1.85
CA GLU B 519 12.93 -17.88 -1.86
C GLU B 519 13.78 -18.46 -0.73
N ASP B 520 14.44 -17.62 0.06
CA ASP B 520 15.34 -18.13 1.09
C ASP B 520 14.57 -18.64 2.28
N PRO B 521 14.41 -19.95 2.42
CA PRO B 521 13.58 -20.48 3.52
C PRO B 521 14.20 -20.22 4.89
N GLU B 522 15.54 -20.22 4.96
CA GLU B 522 16.23 -20.05 6.25
C GLU B 522 16.16 -18.60 6.70
N LEU B 523 16.34 -17.66 5.76
CA LEU B 523 16.11 -16.26 6.08
C LEU B 523 14.67 -16.04 6.53
N GLN B 524 13.72 -16.66 5.82
CA GLN B 524 12.32 -16.48 6.18
C GLN B 524 12.06 -17.04 7.57
N ASP B 525 12.67 -18.17 7.90
CA ASP B 525 12.46 -18.75 9.23
C ASP B 525 13.06 -17.86 10.30
N PHE B 526 14.21 -17.24 10.01
CA PHE B 526 14.81 -16.27 10.92
C PHE B 526 13.86 -15.11 11.18
N VAL B 527 13.38 -14.48 10.11
CA VAL B 527 12.45 -13.37 10.23
C VAL B 527 11.22 -13.78 11.02
N ASN B 528 10.70 -14.97 10.75
CA ASN B 528 9.45 -15.39 11.37
C ASN B 528 9.65 -15.76 12.83
N ASP B 529 10.85 -16.22 13.20
CA ASP B 529 11.14 -16.46 14.61
C ASP B 529 11.29 -15.15 15.36
N VAL B 530 11.74 -14.10 14.66
CA VAL B 530 11.75 -12.78 15.28
C VAL B 530 10.34 -12.28 15.50
N TYR B 531 9.48 -12.43 14.47
CA TYR B 531 8.13 -11.89 14.53
C TYR B 531 7.26 -12.64 15.53
N VAL B 532 7.31 -13.97 15.51
CA VAL B 532 6.34 -14.78 16.24
C VAL B 532 6.75 -14.95 17.69
N TYR B 533 7.93 -15.50 17.93
CA TYR B 533 8.34 -15.81 19.29
C TYR B 533 8.93 -14.59 19.99
N GLY B 534 9.81 -13.87 19.29
CA GLY B 534 10.44 -12.71 19.89
C GLY B 534 9.43 -11.65 20.27
N MET B 535 8.69 -11.15 19.29
CA MET B 535 7.70 -10.11 19.51
C MET B 535 6.32 -10.66 19.80
N ARG B 536 6.18 -11.98 19.88
CA ARG B 536 4.95 -12.63 20.30
C ARG B 536 3.86 -12.53 19.25
N GLY B 537 4.25 -12.31 17.99
CA GLY B 537 3.31 -12.26 16.89
C GLY B 537 2.24 -11.19 17.00
N ARG B 538 2.56 -10.05 17.60
CA ARG B 538 1.62 -8.94 17.67
C ARG B 538 1.64 -8.18 16.35
N LYS B 539 0.49 -8.13 15.68
CA LYS B 539 0.41 -7.47 14.39
C LYS B 539 0.92 -6.03 14.46
N SER B 540 0.67 -5.34 15.57
CA SER B 540 0.97 -3.93 15.71
C SER B 540 2.44 -3.65 15.97
N SER B 541 3.30 -4.67 15.88
CA SER B 541 4.73 -4.48 16.11
C SER B 541 5.43 -3.99 14.85
N GLY B 542 4.86 -4.30 13.69
CA GLY B 542 5.41 -3.87 12.42
C GLY B 542 6.55 -4.70 11.90
N PHE B 543 6.93 -5.75 12.60
CA PHE B 543 8.06 -6.57 12.16
C PHE B 543 7.63 -7.38 10.94
N PRO B 544 8.46 -7.44 9.90
CA PRO B 544 8.09 -8.23 8.72
C PRO B 544 7.98 -9.72 9.04
N LYS B 545 6.89 -10.33 8.54
CA LYS B 545 6.74 -11.78 8.57
C LYS B 545 7.59 -12.48 7.50
N SER B 546 8.14 -11.72 6.56
CA SER B 546 8.92 -12.23 5.45
C SER B 546 9.63 -11.07 4.79
N VAL B 547 10.86 -11.32 4.33
CA VAL B 547 11.64 -10.36 3.56
C VAL B 547 11.53 -10.74 2.09
N LYS B 548 11.14 -9.78 1.25
CA LYS B 548 10.90 -10.06 -0.16
C LYS B 548 11.72 -9.18 -1.09
N SER B 549 12.68 -8.42 -0.57
CA SER B 549 13.49 -7.54 -1.41
C SER B 549 14.86 -7.36 -0.78
N ARG B 550 15.85 -7.11 -1.65
CA ARG B 550 17.20 -6.85 -1.16
C ARG B 550 17.30 -5.53 -0.41
N GLU B 551 16.52 -4.53 -0.82
CA GLU B 551 16.47 -3.27 -0.10
C GLU B 551 15.88 -3.46 1.28
N GLN B 552 14.86 -4.31 1.39
CA GLN B 552 14.23 -4.57 2.69
C GLN B 552 15.17 -5.37 3.57
N LEU B 553 15.91 -6.33 3.00
CA LEU B 553 16.86 -7.09 3.80
C LEU B 553 18.00 -6.19 4.26
N SER B 554 18.45 -5.31 3.37
CA SER B 554 19.47 -4.32 3.76
C SER B 554 19.01 -3.51 4.97
N GLU B 555 17.77 -2.99 4.91
CA GLU B 555 17.26 -2.18 6.02
C GLU B 555 17.13 -3.03 7.28
N TYR B 556 16.74 -4.29 7.13
CA TYR B 556 16.58 -5.19 8.28
C TYR B 556 17.91 -5.41 9.00
N LEU B 557 18.95 -5.75 8.22
CA LEU B 557 20.28 -5.94 8.80
C LEU B 557 20.81 -4.64 9.38
N THR B 558 20.47 -3.50 8.79
CA THR B 558 20.86 -2.23 9.36
C THR B 558 20.25 -2.05 10.75
N VAL B 559 18.95 -2.35 10.89
CA VAL B 559 18.32 -2.31 12.20
C VAL B 559 19.10 -3.17 13.19
N VAL B 560 19.30 -4.44 12.84
CA VAL B 560 19.98 -5.35 13.76
C VAL B 560 21.31 -4.76 14.20
N ILE B 561 22.15 -4.42 13.22
CA ILE B 561 23.54 -4.05 13.50
C ILE B 561 23.62 -2.72 14.23
N PHE B 562 22.85 -1.73 13.78
CA PHE B 562 22.84 -0.43 14.41
C PHE B 562 22.32 -0.51 15.85
N THR B 563 21.31 -1.35 16.10
CA THR B 563 20.84 -1.51 17.47
C THR B 563 21.91 -2.17 18.34
N ALA B 564 22.63 -3.14 17.78
CA ALA B 564 23.61 -3.88 18.57
C ALA B 564 24.86 -3.08 18.86
N SER B 565 25.15 -2.05 18.05
CA SER B 565 26.38 -1.29 18.17
C SER B 565 26.09 0.19 18.45
N ALA B 566 25.59 0.93 17.46
CA ALA B 566 25.52 2.39 17.58
C ALA B 566 24.55 2.80 18.68
N GLN B 567 23.31 2.33 18.63
CA GLN B 567 22.32 2.71 19.64
C GLN B 567 22.85 2.39 21.04
N HIS B 568 23.34 1.17 21.25
CA HIS B 568 23.80 0.77 22.57
C HIS B 568 24.98 1.64 23.05
N ALA B 569 25.89 1.98 22.13
CA ALA B 569 27.02 2.83 22.50
C ALA B 569 26.57 4.25 22.80
N ALA B 570 25.56 4.74 22.08
CA ALA B 570 25.04 6.08 22.34
C ALA B 570 24.30 6.16 23.66
N VAL B 571 23.67 5.06 24.09
CA VAL B 571 22.86 5.08 25.31
C VAL B 571 23.58 4.50 26.53
N ASN B 572 24.71 3.81 26.36
CA ASN B 572 25.33 3.14 27.49
C ASN B 572 26.51 3.90 28.08
N PHE B 573 27.38 4.44 27.24
CA PHE B 573 28.66 4.92 27.72
C PHE B 573 28.59 6.36 28.22
N GLY B 574 27.38 6.87 28.46
CA GLY B 574 27.18 8.16 29.11
C GLY B 574 26.64 8.12 30.52
N GLN B 575 26.61 6.95 31.16
CA GLN B 575 25.97 6.85 32.46
C GLN B 575 26.86 7.43 33.57
N TYR B 576 28.17 7.18 33.52
CA TYR B 576 29.02 7.76 34.54
C TYR B 576 29.30 9.23 34.27
N ASP B 577 29.33 9.64 33.00
CA ASP B 577 29.48 11.06 32.69
C ASP B 577 28.33 11.87 33.27
N TRP B 578 27.10 11.41 33.07
CA TRP B 578 25.90 12.17 33.39
C TRP B 578 25.19 11.71 34.66
N ALA B 579 25.10 10.40 34.90
CA ALA B 579 24.39 9.90 36.07
C ALA B 579 25.24 9.86 37.32
N SER B 580 26.57 9.95 37.19
CA SER B 580 27.44 9.93 38.36
C SER B 580 27.10 11.05 39.33
N TRP B 581 26.66 12.20 38.82
CA TRP B 581 26.16 13.28 39.67
C TRP B 581 24.70 12.97 39.96
N ILE B 582 24.47 12.27 41.08
CA ILE B 582 23.14 11.77 41.40
C ILE B 582 22.05 12.83 41.27
N PRO B 583 22.23 14.07 41.78
CA PRO B 583 21.15 15.06 41.70
C PRO B 583 20.64 15.28 40.28
N ASN B 584 21.48 14.97 39.29
CA ASN B 584 21.07 15.11 37.90
C ASN B 584 20.37 13.87 37.35
N ALA B 585 20.46 12.74 38.05
CA ALA B 585 19.76 11.52 37.63
C ALA B 585 19.53 10.63 38.84
N PRO B 586 18.67 11.04 39.76
CA PRO B 586 18.44 10.24 40.98
C PRO B 586 17.76 8.93 40.66
N PRO B 587 18.31 7.81 41.15
CA PRO B 587 17.68 6.50 40.89
C PRO B 587 16.43 6.23 41.72
N THR B 588 16.20 6.98 42.80
CA THR B 588 15.01 6.80 43.62
C THR B 588 14.71 8.12 44.32
N MET B 589 13.50 8.22 44.84
CA MET B 589 13.07 9.37 45.62
C MET B 589 12.37 8.90 46.89
N ARG B 590 12.71 9.53 48.02
CA ARG B 590 12.19 9.11 49.32
C ARG B 590 11.12 10.06 49.85
N ALA B 591 10.64 10.99 49.03
CA ALA B 591 9.55 11.88 49.38
C ALA B 591 8.67 12.06 48.17
N PRO B 592 7.38 12.27 48.36
CA PRO B 592 6.47 12.44 47.21
C PRO B 592 6.70 13.77 46.52
N PRO B 593 6.33 13.88 45.25
CA PRO B 593 6.46 15.14 44.54
C PRO B 593 5.65 16.23 45.22
N PRO B 594 6.16 17.47 45.23
CA PRO B 594 5.47 18.55 45.95
C PRO B 594 4.08 18.78 45.37
N THR B 595 3.10 18.87 46.25
CA THR B 595 1.71 19.07 45.88
C THR B 595 1.28 20.52 45.99
N ALA B 596 2.20 21.41 46.34
CA ALA B 596 1.91 22.82 46.48
C ALA B 596 3.16 23.60 46.15
N LYS B 597 2.99 24.88 45.83
CA LYS B 597 4.12 25.73 45.50
C LYS B 597 4.54 26.47 46.76
N GLY B 598 5.85 26.60 46.96
CA GLY B 598 6.36 27.21 48.15
C GLY B 598 6.20 26.28 49.33
N VAL B 599 6.91 26.54 50.43
CA VAL B 599 6.90 25.71 51.63
C VAL B 599 7.68 24.41 51.44
N VAL B 600 8.82 24.50 50.75
CA VAL B 600 9.73 23.36 50.57
C VAL B 600 11.16 23.92 50.55
N THR B 601 12.07 23.23 51.23
CA THR B 601 13.43 23.73 51.37
C THR B 601 14.46 22.68 50.94
N ILE B 602 15.64 23.17 50.54
CA ILE B 602 16.73 22.31 50.06
C ILE B 602 17.05 21.19 51.04
N GLU B 603 16.93 21.47 52.34
CA GLU B 603 17.14 20.42 53.33
C GLU B 603 16.21 19.25 53.05
N GLN B 604 14.95 19.55 52.78
CA GLN B 604 14.01 18.51 52.41
C GLN B 604 14.40 17.87 51.09
N ILE B 605 15.11 18.59 50.22
CA ILE B 605 15.63 17.99 48.99
C ILE B 605 16.65 16.91 49.31
N VAL B 606 17.62 17.24 50.17
CA VAL B 606 18.62 16.26 50.56
C VAL B 606 17.93 15.03 51.15
N ASP B 607 16.84 15.25 51.88
CA ASP B 607 16.12 14.08 52.41
C ASP B 607 15.30 13.38 51.31
N THR B 608 14.88 14.09 50.26
CA THR B 608 14.15 13.44 49.19
C THR B 608 15.04 12.65 48.26
N LEU B 609 16.28 13.08 48.08
CA LEU B 609 17.19 12.42 47.17
C LEU B 609 17.66 11.10 47.78
N PRO B 610 18.31 10.24 46.98
CA PRO B 610 18.67 8.92 47.49
C PRO B 610 19.59 9.01 48.70
N ASP B 611 19.56 7.97 49.51
CA ASP B 611 20.43 7.86 50.66
C ASP B 611 21.85 7.53 50.21
N ARG B 612 22.74 7.35 51.19
CA ARG B 612 24.12 7.01 50.88
C ARG B 612 24.22 5.63 50.24
N GLY B 613 23.35 4.70 50.62
CA GLY B 613 23.46 3.34 50.09
C GLY B 613 23.06 3.25 48.63
N ARG B 614 21.92 3.85 48.28
CA ARG B 614 21.53 3.87 46.88
C ARG B 614 22.51 4.68 46.05
N SER B 615 23.06 5.75 46.62
CA SER B 615 24.12 6.52 45.95
C SER B 615 25.33 5.65 45.64
N CYS B 616 25.78 4.88 46.62
CA CYS B 616 26.97 4.04 46.43
C CYS B 616 26.72 2.97 45.36
N TRP B 617 25.57 2.30 45.45
CA TRP B 617 25.25 1.26 44.47
C TRP B 617 25.06 1.86 43.08
N HIS B 618 24.47 3.05 43.01
CA HIS B 618 24.30 3.73 41.72
C HIS B 618 25.65 4.05 41.10
N LEU B 619 26.58 4.59 41.89
CA LEU B 619 27.90 4.90 41.34
C LEU B 619 28.56 3.65 40.81
N GLY B 620 28.54 2.57 41.59
CA GLY B 620 29.12 1.32 41.11
C GLY B 620 28.49 0.85 39.80
N ALA B 621 27.16 0.87 39.73
CA ALA B 621 26.47 0.33 38.56
C ALA B 621 26.74 1.16 37.31
N VAL B 622 26.63 2.48 37.42
CA VAL B 622 26.84 3.33 36.26
C VAL B 622 28.31 3.31 35.84
N TRP B 623 29.23 3.22 36.80
CA TRP B 623 30.64 3.12 36.43
C TRP B 623 30.90 1.83 35.67
N ALA B 624 30.48 0.70 36.24
CA ALA B 624 30.74 -0.60 35.61
C ALA B 624 30.13 -0.68 34.22
N LEU B 625 28.89 -0.22 34.05
CA LEU B 625 28.28 -0.39 32.73
C LEU B 625 28.84 0.56 31.67
N SER B 626 29.67 1.54 32.05
CA SER B 626 30.20 2.52 31.12
C SER B 626 31.67 2.30 30.78
N GLN B 627 32.13 1.05 30.80
CA GLN B 627 33.54 0.72 30.65
C GLN B 627 33.77 -0.18 29.45
N PHE B 628 34.93 0.00 28.82
CA PHE B 628 35.39 -0.85 27.74
C PHE B 628 36.37 -1.87 28.30
N GLN B 629 36.35 -3.07 27.73
CA GLN B 629 37.30 -4.09 28.14
C GLN B 629 38.67 -3.81 27.51
N GLU B 630 39.72 -4.37 28.11
CA GLU B 630 41.06 -4.13 27.61
C GLU B 630 41.24 -4.66 26.19
N ASN B 631 40.46 -5.68 25.82
CA ASN B 631 40.48 -6.19 24.45
C ASN B 631 39.10 -6.08 23.80
N GLU B 632 38.58 -4.86 23.68
CA GLU B 632 37.29 -4.64 23.05
C GLU B 632 37.40 -4.52 21.55
N LEU B 633 36.35 -4.94 20.85
CA LEU B 633 36.28 -4.89 19.39
C LEU B 633 35.20 -3.88 19.00
N PHE B 634 35.60 -2.80 18.33
CA PHE B 634 34.67 -1.75 17.95
C PHE B 634 34.19 -1.95 16.51
N LEU B 635 33.15 -1.20 16.18
CA LEU B 635 32.46 -1.37 14.91
C LEU B 635 33.44 -1.43 13.75
N GLY B 636 33.43 -2.57 13.05
CA GLY B 636 34.26 -2.80 11.90
C GLY B 636 35.42 -3.75 12.14
N MET B 637 35.87 -3.89 13.38
CA MET B 637 36.96 -4.79 13.72
C MET B 637 36.41 -6.21 13.71
N TYR B 638 36.66 -6.94 12.63
CA TYR B 638 36.12 -8.28 12.42
C TYR B 638 37.24 -9.31 12.41
N PRO B 639 37.86 -9.53 13.56
CA PRO B 639 38.99 -10.48 13.60
C PRO B 639 38.56 -11.89 13.26
N GLU B 640 37.36 -12.30 13.66
CA GLU B 640 36.85 -13.62 13.35
C GLU B 640 36.58 -13.68 11.85
N GLU B 641 37.45 -14.37 11.11
CA GLU B 641 37.32 -14.44 9.65
C GLU B 641 36.31 -15.53 9.30
N HIS B 642 35.04 -15.16 9.42
CA HIS B 642 33.96 -15.96 8.84
C HIS B 642 33.89 -15.74 7.34
N PHE B 643 33.80 -14.48 6.92
CA PHE B 643 33.95 -14.14 5.50
C PHE B 643 35.41 -14.24 5.09
N ILE B 644 35.65 -14.96 3.99
CA ILE B 644 36.99 -15.09 3.44
C ILE B 644 37.04 -14.80 1.95
N GLU B 645 35.89 -14.53 1.32
CA GLU B 645 35.88 -14.17 -0.08
C GLU B 645 36.30 -12.71 -0.24
N LYS B 646 36.78 -12.38 -1.43
CA LYS B 646 37.45 -11.10 -1.62
C LYS B 646 36.48 -9.93 -1.68
N PRO B 647 35.38 -10.04 -2.43
CA PRO B 647 34.48 -8.88 -2.54
C PRO B 647 33.90 -8.43 -1.20
N VAL B 648 33.54 -9.38 -0.34
CA VAL B 648 32.98 -8.99 0.96
C VAL B 648 34.07 -8.40 1.86
N LYS B 649 35.31 -8.89 1.76
CA LYS B 649 36.40 -8.23 2.48
C LYS B 649 36.59 -6.79 2.02
N GLU B 650 36.45 -6.55 0.71
CA GLU B 650 36.54 -5.19 0.20
C GLU B 650 35.40 -4.33 0.69
N ALA B 651 34.20 -4.89 0.75
CA ALA B 651 33.07 -4.16 1.32
C ALA B 651 33.33 -3.83 2.79
N MET B 652 33.87 -4.79 3.55
CA MET B 652 34.21 -4.55 4.94
C MET B 652 35.22 -3.41 5.08
N ALA B 653 36.25 -3.42 4.23
CA ALA B 653 37.24 -2.35 4.25
C ALA B 653 36.59 -1.00 3.96
N ARG B 654 35.73 -0.94 2.96
CA ARG B 654 35.05 0.32 2.66
C ARG B 654 34.20 0.77 3.84
N PHE B 655 33.50 -0.16 4.49
CA PHE B 655 32.77 0.15 5.71
C PHE B 655 33.70 0.82 6.72
N ARG B 656 34.90 0.27 6.89
CA ARG B 656 35.87 0.85 7.82
C ARG B 656 36.27 2.25 7.40
N LYS B 657 36.44 2.49 6.09
CA LYS B 657 36.81 3.82 5.63
C LYS B 657 35.69 4.83 5.93
N ASN B 658 34.45 4.44 5.67
CA ASN B 658 33.33 5.31 6.02
C ASN B 658 33.30 5.57 7.52
N LEU B 659 33.59 4.54 8.33
CA LEU B 659 33.64 4.73 9.77
C LEU B 659 34.68 5.79 10.16
N GLU B 660 35.89 5.67 9.62
CA GLU B 660 36.94 6.64 9.92
C GLU B 660 36.53 8.05 9.49
N ALA B 661 35.85 8.18 8.34
CA ALA B 661 35.36 9.48 7.91
C ALA B 661 34.38 10.07 8.91
N ILE B 662 33.43 9.25 9.38
CA ILE B 662 32.48 9.72 10.38
C ILE B 662 33.21 10.12 11.65
N VAL B 663 34.24 9.35 12.03
CA VAL B 663 34.99 9.69 13.23
C VAL B 663 35.61 11.08 13.07
N SER B 664 36.16 11.37 11.90
CA SER B 664 36.77 12.66 11.67
C SER B 664 35.75 13.79 11.75
N VAL B 665 34.60 13.61 11.09
CA VAL B 665 33.57 14.65 11.15
C VAL B 665 33.16 14.91 12.61
N ILE B 666 32.94 13.84 13.36
CA ILE B 666 32.48 13.99 14.73
C ILE B 666 33.53 14.68 15.59
N ALA B 667 34.81 14.35 15.38
CA ALA B 667 35.87 15.00 16.12
C ALA B 667 35.93 16.49 15.78
N GLU B 668 35.83 16.81 14.49
CA GLU B 668 35.85 18.21 14.05
C GLU B 668 34.74 19.01 14.71
N ARG B 669 33.53 18.46 14.71
CA ARG B 669 32.42 19.14 15.34
C ARG B 669 32.64 19.26 16.85
N ASN B 670 33.09 18.18 17.51
CA ASN B 670 33.29 18.24 18.95
C ASN B 670 34.31 19.30 19.34
N GLU B 671 35.31 19.53 18.49
CA GLU B 671 36.33 20.52 18.83
C GLU B 671 35.73 21.91 18.99
N ASN B 672 34.55 22.14 18.43
CA ASN B 672 33.86 23.43 18.47
C ASN B 672 32.67 23.41 19.42
N LEU B 673 32.64 22.45 20.35
CA LEU B 673 31.50 22.22 21.23
C LEU B 673 31.85 22.62 22.65
N GLN B 674 30.88 23.21 23.35
CA GLN B 674 31.00 23.39 24.79
C GLN B 674 31.26 22.05 25.46
N LEU B 675 30.32 21.12 25.31
CA LEU B 675 30.46 19.77 25.86
C LEU B 675 30.42 18.76 24.72
N PRO B 676 31.55 18.13 24.38
CA PRO B 676 31.58 17.23 23.23
C PRO B 676 30.73 15.99 23.44
N TYR B 677 30.19 15.48 22.32
CA TYR B 677 29.36 14.27 22.29
C TYR B 677 30.12 13.19 21.53
N TYR B 678 30.74 12.28 22.28
CA TYR B 678 31.60 11.27 21.67
C TYR B 678 31.03 9.86 21.69
N TYR B 679 29.79 9.65 22.13
CA TYR B 679 29.32 8.28 22.29
C TYR B 679 29.21 7.57 20.95
N LEU B 680 28.80 8.29 19.91
CA LEU B 680 28.61 7.73 18.58
C LEU B 680 29.84 7.93 17.69
N SER B 681 30.98 8.30 18.25
CA SER B 681 32.21 8.31 17.46
C SER B 681 32.59 6.88 17.11
N PRO B 682 32.63 6.51 15.81
CA PRO B 682 32.76 5.09 15.43
C PRO B 682 33.86 4.33 16.13
N ASP B 683 34.89 5.01 16.63
CA ASP B 683 35.96 4.33 17.35
C ASP B 683 35.58 3.94 18.77
N ARG B 684 34.34 4.23 19.20
CA ARG B 684 33.93 3.88 20.55
C ARG B 684 32.57 3.20 20.57
N ILE B 685 32.13 2.67 19.43
CA ILE B 685 30.86 1.97 19.29
C ILE B 685 31.17 0.48 19.15
N PRO B 686 30.90 -0.34 20.16
CA PRO B 686 31.16 -1.78 20.05
C PRO B 686 30.42 -2.40 18.87
N ASN B 687 30.74 -3.67 18.60
CA ASN B 687 30.03 -4.43 17.59
C ASN B 687 28.74 -5.02 18.14
N SER B 688 28.77 -5.50 19.39
CA SER B 688 27.69 -6.26 20.02
C SER B 688 27.37 -5.65 21.39
N VAL B 689 26.40 -6.24 22.07
CA VAL B 689 25.95 -5.73 23.37
C VAL B 689 26.71 -6.52 24.44
N ALA B 690 27.96 -6.13 24.65
CA ALA B 690 28.82 -6.80 25.60
C ALA B 690 28.90 -6.04 26.92
N ILE B 691 28.00 -5.10 27.14
CA ILE B 691 27.95 -4.33 28.37
C ILE B 691 26.64 -3.54 28.44
N SER C 23 -51.56 39.85 -9.90
CA SER C 23 -51.53 38.58 -9.16
C SER C 23 -50.88 37.45 -9.97
N TYR C 24 -49.74 36.97 -9.48
CA TYR C 24 -49.02 35.87 -10.09
C TYR C 24 -49.56 34.54 -9.58
N THR C 25 -49.87 33.63 -10.50
CA THR C 25 -50.25 32.27 -10.16
C THR C 25 -49.04 31.37 -10.41
N VAL C 26 -48.43 30.89 -9.33
CA VAL C 26 -47.20 30.10 -9.40
C VAL C 26 -47.56 28.63 -9.24
N THR C 27 -47.00 27.79 -10.11
CA THR C 27 -47.21 26.35 -10.07
C THR C 27 -45.87 25.66 -9.96
N VAL C 28 -45.71 24.84 -8.91
CA VAL C 28 -44.48 24.13 -8.62
C VAL C 28 -44.74 22.65 -8.81
N ALA C 29 -43.93 21.99 -9.65
CA ALA C 29 -44.06 20.56 -9.91
C ALA C 29 -42.99 19.78 -9.16
N THR C 30 -43.42 18.91 -8.25
CA THR C 30 -42.49 18.05 -7.52
C THR C 30 -42.26 16.76 -8.31
N GLY C 31 -41.10 16.16 -8.09
CA GLY C 31 -40.71 15.03 -8.90
C GLY C 31 -41.44 13.76 -8.51
N SER C 32 -41.44 12.79 -9.42
CA SER C 32 -42.04 11.49 -9.16
C SER C 32 -41.05 10.53 -8.53
N GLN C 33 -39.78 10.91 -8.46
CA GLN C 33 -38.71 10.08 -7.95
C GLN C 33 -38.97 9.64 -6.52
N GLU C 34 -38.18 8.65 -6.08
CA GLU C 34 -38.13 8.28 -4.69
C GLU C 34 -37.24 9.27 -3.95
N HIS C 35 -37.66 9.68 -2.76
CA HIS C 35 -37.03 10.72 -1.95
C HIS C 35 -37.24 12.12 -2.51
N ALA C 36 -38.02 12.29 -3.57
CA ALA C 36 -38.18 13.58 -4.23
C ALA C 36 -39.12 14.52 -3.51
N GLY C 37 -39.58 14.14 -2.32
CA GLY C 37 -40.43 15.00 -1.51
C GLY C 37 -39.65 15.65 -0.38
N THR C 38 -40.08 16.85 -0.01
CA THR C 38 -39.47 17.57 1.10
C THR C 38 -40.55 18.24 1.92
N ASP C 39 -40.33 18.26 3.23
CA ASP C 39 -41.19 18.98 4.16
C ASP C 39 -40.63 20.34 4.56
N ASP C 40 -39.46 20.71 4.03
CA ASP C 40 -38.80 21.96 4.38
C ASP C 40 -39.52 23.15 3.78
N TYR C 41 -39.15 24.33 4.25
CA TYR C 41 -39.74 25.57 3.77
C TYR C 41 -39.26 25.87 2.36
N ILE C 42 -40.15 26.36 1.52
CA ILE C 42 -39.82 26.75 0.15
C ILE C 42 -40.18 28.22 -0.03
N TYR C 43 -39.17 29.05 -0.23
CA TYR C 43 -39.37 30.44 -0.59
C TYR C 43 -39.18 30.61 -2.09
N LEU C 44 -39.80 31.64 -2.64
CA LEU C 44 -39.76 31.86 -4.08
C LEU C 44 -39.59 33.35 -4.30
N SER C 45 -38.77 33.68 -5.30
CA SER C 45 -38.54 35.08 -5.65
C SER C 45 -38.56 35.21 -7.16
N LEU C 46 -39.08 36.33 -7.63
CA LEU C 46 -39.18 36.63 -9.06
C LEU C 46 -38.27 37.81 -9.37
N VAL C 47 -37.36 37.62 -10.31
CA VAL C 47 -36.43 38.65 -10.76
C VAL C 47 -36.99 39.22 -12.06
N GLY C 48 -37.33 40.51 -12.05
CA GLY C 48 -37.98 41.09 -13.21
C GLY C 48 -37.19 42.14 -13.96
N SER C 49 -37.59 42.44 -15.20
CA SER C 49 -36.91 43.47 -15.98
C SER C 49 -37.11 44.86 -15.40
N ALA C 50 -38.10 45.03 -14.51
CA ALA C 50 -38.35 46.30 -13.86
C ALA C 50 -38.28 46.23 -12.33
N GLY C 51 -37.91 45.08 -11.77
CA GLY C 51 -37.81 44.96 -10.34
C GLY C 51 -37.77 43.52 -9.89
N CYS C 52 -37.53 43.35 -8.60
CA CYS C 52 -37.51 42.04 -7.95
C CYS C 52 -38.69 41.94 -6.98
N SER C 53 -38.92 40.73 -6.48
CA SER C 53 -40.07 40.48 -5.62
C SER C 53 -39.62 39.93 -4.27
N GLU C 54 -40.47 40.16 -3.27
CA GLU C 54 -40.17 39.73 -1.92
C GLU C 54 -40.03 38.21 -1.86
N LYS C 55 -39.39 37.74 -0.78
CA LYS C 55 -39.32 36.31 -0.52
C LYS C 55 -40.68 35.81 -0.08
N HIS C 56 -41.48 35.31 -1.01
CA HIS C 56 -42.78 34.75 -0.66
C HIS C 56 -42.59 33.29 -0.30
N LEU C 57 -43.08 32.90 0.86
CA LEU C 57 -43.03 31.51 1.27
C LEU C 57 -44.12 30.80 0.48
N LEU C 58 -43.75 29.74 -0.24
CA LEU C 58 -44.74 29.07 -1.07
C LEU C 58 -45.86 28.54 -0.18
N ASP C 59 -45.70 27.33 0.37
CA ASP C 59 -46.73 26.80 1.23
C ASP C 59 -46.19 26.47 2.61
N LYS C 60 -47.06 26.61 3.61
CA LYS C 60 -46.74 26.14 4.95
C LYS C 60 -46.75 24.62 5.02
N GLY C 61 -47.37 23.95 4.06
CA GLY C 61 -47.45 22.52 4.07
C GLY C 61 -46.51 21.89 3.06
N SER C 62 -46.11 20.66 3.37
CA SER C 62 -45.11 19.95 2.59
C SER C 62 -45.61 19.52 1.21
N PHE C 63 -44.73 19.68 0.21
CA PHE C 63 -45.00 19.20 -1.14
C PHE C 63 -44.87 17.68 -1.16
N GLU C 64 -45.82 17.02 -1.79
CA GLU C 64 -45.81 15.56 -1.83
C GLU C 64 -45.19 15.09 -3.14
N ARG C 65 -44.75 13.83 -3.14
CA ARG C 65 -44.08 13.26 -4.30
C ARG C 65 -45.09 13.06 -5.43
N GLY C 66 -44.75 13.55 -6.62
CA GLY C 66 -45.64 13.52 -7.76
C GLY C 66 -46.72 14.58 -7.77
N ALA C 67 -46.63 15.58 -6.91
CA ALA C 67 -47.66 16.60 -6.77
C ALA C 67 -47.41 17.77 -7.72
N VAL C 68 -48.41 18.65 -7.80
CA VAL C 68 -48.28 19.92 -8.51
C VAL C 68 -49.07 20.98 -7.74
N ASP C 69 -48.37 21.84 -7.02
CA ASP C 69 -49.02 22.77 -6.10
C ASP C 69 -49.08 24.17 -6.69
N SER C 70 -50.20 24.86 -6.45
CA SER C 70 -50.47 26.17 -7.02
C SER C 70 -50.68 27.20 -5.93
N TYR C 71 -50.11 28.40 -6.14
CA TYR C 71 -50.12 29.48 -5.18
C TYR C 71 -50.49 30.78 -5.86
N ASP C 72 -51.18 31.65 -5.11
CA ASP C 72 -51.43 33.03 -5.53
C ASP C 72 -50.46 33.94 -4.78
N VAL C 73 -49.69 34.72 -5.54
CA VAL C 73 -48.70 35.62 -4.98
C VAL C 73 -49.03 37.02 -5.47
N THR C 74 -49.25 37.94 -4.54
CA THR C 74 -49.45 39.34 -4.88
C THR C 74 -48.18 40.07 -4.47
N VAL C 75 -47.53 40.70 -5.43
CA VAL C 75 -46.23 41.33 -5.19
C VAL C 75 -46.41 42.79 -4.83
N ASP C 76 -45.51 43.27 -3.96
CA ASP C 76 -45.54 44.65 -3.48
C ASP C 76 -45.27 45.68 -4.59
N GLU C 77 -44.55 45.29 -5.64
CA GLU C 77 -44.24 46.26 -6.69
C GLU C 77 -44.15 45.58 -8.05
N GLU C 78 -44.39 46.37 -9.10
CA GLU C 78 -44.31 45.89 -10.47
C GLU C 78 -42.90 45.41 -10.80
N LEU C 79 -42.82 44.21 -11.37
CA LEU C 79 -41.54 43.55 -11.66
C LEU C 79 -41.15 43.62 -13.12
N GLY C 80 -42.00 44.16 -13.98
CA GLY C 80 -41.62 44.08 -15.38
C GLY C 80 -41.57 42.62 -15.80
N GLU C 81 -41.11 42.41 -17.04
CA GLU C 81 -40.98 41.06 -17.55
C GLU C 81 -40.14 40.22 -16.61
N ILE C 82 -40.67 39.06 -16.22
CA ILE C 82 -39.93 38.16 -15.35
C ILE C 82 -38.86 37.46 -16.17
N GLN C 83 -37.62 37.56 -15.71
CA GLN C 83 -36.44 37.02 -16.38
C GLN C 83 -35.88 35.78 -15.69
N LEU C 84 -35.86 35.78 -14.37
CA LEU C 84 -35.32 34.66 -13.61
C LEU C 84 -36.29 34.36 -12.47
N VAL C 85 -36.15 33.17 -11.91
CA VAL C 85 -36.90 32.80 -10.70
C VAL C 85 -35.94 32.15 -9.73
N ARG C 86 -35.88 32.69 -8.52
CA ARG C 86 -35.04 32.16 -7.45
C ARG C 86 -35.84 31.24 -6.54
N ILE C 87 -35.19 30.17 -6.08
CA ILE C 87 -35.81 29.21 -5.18
C ILE C 87 -34.82 28.92 -4.05
N GLU C 88 -35.21 29.23 -2.82
CA GLU C 88 -34.41 28.91 -1.64
C GLU C 88 -35.30 28.19 -0.62
N LYS C 89 -34.72 27.21 0.08
CA LYS C 89 -35.46 26.40 1.04
C LYS C 89 -34.68 26.20 2.34
N ARG C 90 -35.33 26.49 3.47
CA ARG C 90 -34.72 26.28 4.79
C ARG C 90 -35.28 25.03 5.46
N LYS C 91 -34.38 24.25 6.07
CA LYS C 91 -34.73 22.94 6.62
C LYS C 91 -35.63 23.04 7.86
N TYR C 92 -36.70 22.23 7.86
CA TYR C 92 -37.58 22.04 9.01
C TYR C 92 -37.23 20.71 9.66
N GLY C 93 -36.56 20.75 10.82
CA GLY C 93 -36.18 19.49 11.40
C GLY C 93 -35.32 18.70 10.43
N SER C 94 -35.40 17.36 10.55
CA SER C 94 -34.78 16.43 9.62
C SER C 94 -34.70 16.99 8.20
N ASN C 95 -33.49 17.28 7.72
CA ASN C 95 -33.33 17.84 6.38
C ASN C 95 -33.69 16.81 5.32
N ASP C 96 -34.67 17.12 4.47
CA ASP C 96 -35.09 16.24 3.39
C ASP C 96 -34.94 16.98 2.06
N ASP C 97 -34.39 16.29 1.07
CA ASP C 97 -34.14 16.89 -0.24
C ASP C 97 -35.39 16.94 -1.10
N TRP C 98 -35.47 17.95 -1.96
CA TRP C 98 -36.65 18.18 -2.77
C TRP C 98 -36.29 18.21 -4.24
N TYR C 99 -36.92 17.37 -5.04
CA TYR C 99 -36.67 17.36 -6.48
C TYR C 99 -37.68 18.25 -7.17
N LEU C 100 -37.23 19.37 -7.73
CA LEU C 100 -38.10 20.25 -8.47
C LEU C 100 -37.96 19.93 -9.96
N LYS C 101 -39.10 19.73 -10.62
CA LYS C 101 -39.11 19.50 -12.07
C LYS C 101 -39.23 20.82 -12.82
N TYR C 102 -40.35 21.52 -12.65
CA TYR C 102 -40.52 22.81 -13.32
C TYR C 102 -41.35 23.75 -12.46
N ILE C 103 -41.41 25.00 -12.92
CA ILE C 103 -42.18 26.05 -12.27
C ILE C 103 -42.82 26.92 -13.35
N THR C 104 -44.13 27.08 -13.30
CA THR C 104 -44.85 27.92 -14.24
C THR C 104 -45.43 29.13 -13.53
N LEU C 105 -45.45 30.28 -14.21
CA LEU C 105 -46.08 31.47 -13.68
C LEU C 105 -47.11 31.98 -14.68
N LYS C 106 -48.28 32.35 -14.15
CA LYS C 106 -49.33 33.03 -14.90
C LYS C 106 -49.45 34.45 -14.36
N THR C 107 -48.98 35.42 -15.13
CA THR C 107 -48.87 36.80 -14.69
C THR C 107 -50.21 37.53 -14.80
N PRO C 108 -50.30 38.71 -14.18
CA PRO C 108 -51.51 39.54 -14.35
C PRO C 108 -51.81 39.86 -15.81
N HIS C 109 -50.79 40.17 -16.62
CA HIS C 109 -51.06 40.51 -18.01
C HIS C 109 -51.61 39.34 -18.81
N GLY C 110 -51.83 38.19 -18.17
CA GLY C 110 -52.38 37.05 -18.86
C GLY C 110 -51.31 36.27 -19.59
N ASP C 111 -50.10 36.22 -19.04
CA ASP C 111 -48.93 35.64 -19.69
C ASP C 111 -48.45 34.42 -18.92
N TYR C 112 -48.20 33.35 -19.66
CA TYR C 112 -47.77 32.06 -19.13
C TYR C 112 -46.29 31.83 -19.45
N ILE C 113 -45.48 31.59 -18.42
CA ILE C 113 -44.04 31.43 -18.53
C ILE C 113 -43.63 30.13 -17.84
N GLU C 114 -42.88 29.29 -18.54
CA GLU C 114 -42.45 27.99 -18.04
C GLU C 114 -40.94 28.00 -17.77
N PHE C 115 -40.54 27.53 -16.59
CA PHE C 115 -39.14 27.42 -16.19
C PHE C 115 -38.82 25.96 -15.92
N PRO C 116 -38.08 25.27 -16.79
CA PRO C 116 -37.68 23.90 -16.46
C PRO C 116 -36.52 23.92 -15.47
N CYS C 117 -36.68 23.17 -14.39
CA CYS C 117 -35.61 23.01 -13.41
C CYS C 117 -35.02 21.60 -13.51
N TYR C 118 -35.74 20.59 -13.04
CA TYR C 118 -35.25 19.20 -13.12
C TYR C 118 -33.94 19.08 -12.35
N ARG C 119 -33.99 19.50 -11.09
CA ARG C 119 -32.79 19.55 -10.27
C ARG C 119 -33.17 19.21 -8.84
N TRP C 120 -32.17 18.73 -8.12
CA TRP C 120 -32.32 18.43 -6.71
C TRP C 120 -32.01 19.68 -5.91
N ILE C 121 -32.93 20.07 -5.04
CA ILE C 121 -32.83 21.27 -4.24
C ILE C 121 -32.50 20.87 -2.82
N THR C 122 -31.32 21.31 -2.38
CA THR C 122 -30.75 21.10 -1.07
C THR C 122 -30.57 22.46 -0.41
N GLY C 123 -30.35 22.45 0.90
CA GLY C 123 -30.20 23.71 1.62
C GLY C 123 -28.96 24.49 1.22
N ASP C 124 -27.94 23.79 0.71
CA ASP C 124 -26.64 24.42 0.49
C ASP C 124 -26.74 25.69 -0.37
N VAL C 125 -27.56 25.66 -1.42
CA VAL C 125 -27.64 26.77 -2.35
C VAL C 125 -29.09 27.00 -2.79
N GLU C 126 -29.32 28.21 -3.31
CA GLU C 126 -30.57 28.58 -3.98
C GLU C 126 -30.42 28.36 -5.48
N VAL C 127 -31.43 27.76 -6.08
CA VAL C 127 -31.43 27.48 -7.51
C VAL C 127 -32.08 28.65 -8.23
N VAL C 128 -31.56 28.98 -9.41
CA VAL C 128 -32.05 30.10 -10.20
C VAL C 128 -32.40 29.59 -11.58
N LEU C 129 -33.65 29.76 -11.99
CA LEU C 129 -34.17 29.23 -13.24
C LEU C 129 -34.42 30.35 -14.23
N ARG C 130 -34.30 30.00 -15.51
CA ARG C 130 -34.54 30.89 -16.64
C ARG C 130 -35.69 30.32 -17.47
N ASP C 131 -36.29 31.18 -18.30
CA ASP C 131 -37.41 30.74 -19.13
C ASP C 131 -36.96 29.59 -20.03
N GLY C 132 -37.90 28.66 -20.30
CA GLY C 132 -37.57 27.47 -21.06
C GLY C 132 -37.18 27.71 -22.51
N ARG C 133 -37.24 28.96 -22.97
CA ARG C 133 -36.87 29.28 -24.35
C ARG C 133 -35.36 29.22 -24.51
N ALA C 134 -34.90 28.27 -25.33
CA ALA C 134 -33.48 28.02 -25.52
C ALA C 134 -32.76 29.26 -26.00
N LYS C 135 -31.56 29.49 -25.44
CA LYS C 135 -30.83 30.74 -25.67
C LYS C 135 -29.36 30.47 -25.96
N LEU C 136 -28.80 31.29 -26.86
CA LEU C 136 -27.37 31.35 -27.13
C LEU C 136 -26.77 32.59 -26.46
N ALA C 137 -25.46 32.53 -26.21
CA ALA C 137 -24.79 33.62 -25.51
C ALA C 137 -25.06 34.96 -26.17
N ARG C 138 -25.10 34.99 -27.51
CA ARG C 138 -25.43 36.22 -28.23
C ARG C 138 -26.82 36.73 -27.87
N ASP C 139 -27.72 35.84 -27.45
CA ASP C 139 -29.10 36.27 -27.18
C ASP C 139 -29.22 37.12 -25.92
N ASP C 140 -28.39 36.88 -24.90
CA ASP C 140 -28.46 37.64 -23.66
C ASP C 140 -27.61 38.90 -23.73
N GLN C 141 -28.24 40.04 -23.43
CA GLN C 141 -27.60 41.35 -23.55
C GLN C 141 -27.78 42.26 -22.34
N ILE C 142 -28.53 41.83 -21.33
CA ILE C 142 -28.76 42.63 -20.12
C ILE C 142 -27.99 41.99 -18.99
N HIS C 143 -27.44 42.83 -18.10
CA HIS C 143 -26.57 42.35 -17.03
C HIS C 143 -27.19 41.20 -16.26
N ILE C 144 -28.51 41.16 -16.16
CA ILE C 144 -29.18 40.17 -15.32
C ILE C 144 -28.95 38.76 -15.87
N LEU C 145 -29.35 38.55 -17.13
CA LEU C 145 -29.20 37.23 -17.75
C LEU C 145 -27.72 36.88 -17.93
N LYS C 146 -26.91 37.86 -18.33
CA LYS C 146 -25.49 37.58 -18.55
C LYS C 146 -24.82 37.15 -17.27
N GLN C 147 -25.09 37.86 -16.17
CA GLN C 147 -24.54 37.45 -14.88
C GLN C 147 -25.06 36.08 -14.47
N HIS C 148 -26.34 35.80 -14.74
CA HIS C 148 -26.87 34.48 -14.43
C HIS C 148 -26.07 33.40 -15.17
N ARG C 149 -25.80 33.61 -16.45
CA ARG C 149 -25.04 32.61 -17.21
C ARG C 149 -23.65 32.44 -16.64
N ARG C 150 -22.97 33.56 -16.37
CA ARG C 150 -21.61 33.52 -15.86
C ARG C 150 -21.54 32.78 -14.53
N LYS C 151 -22.43 33.12 -13.60
CA LYS C 151 -22.45 32.44 -12.30
C LYS C 151 -22.78 30.97 -12.44
N GLU C 152 -23.74 30.63 -13.31
CA GLU C 152 -24.09 29.24 -13.49
C GLU C 152 -22.87 28.44 -13.90
N LEU C 153 -22.13 28.95 -14.89
CA LEU C 153 -20.95 28.23 -15.36
C LEU C 153 -19.84 28.22 -14.31
N GLU C 154 -19.71 29.32 -13.57
CA GLU C 154 -18.73 29.40 -12.49
C GLU C 154 -18.93 28.27 -11.49
N THR C 155 -20.17 28.06 -11.07
CA THR C 155 -20.43 26.97 -10.12
C THR C 155 -20.36 25.62 -10.82
N ARG C 156 -20.84 25.53 -12.08
CA ARG C 156 -20.80 24.28 -12.83
C ARG C 156 -19.38 23.71 -12.89
N GLN C 157 -18.41 24.58 -13.22
CA GLN C 157 -17.05 24.10 -13.38
C GLN C 157 -16.40 23.75 -12.05
N LYS C 158 -16.84 24.39 -10.96
CA LYS C 158 -16.40 23.92 -9.65
C LYS C 158 -17.03 22.58 -9.30
N GLN C 159 -18.23 22.30 -9.80
CA GLN C 159 -18.96 21.10 -9.41
C GLN C 159 -18.67 19.90 -10.30
N TYR C 160 -18.41 20.12 -11.59
CA TYR C 160 -18.15 19.04 -12.53
C TYR C 160 -16.73 19.25 -13.02
N ARG C 161 -15.77 18.60 -12.37
CA ARG C 161 -14.38 18.73 -12.73
C ARG C 161 -13.87 17.42 -13.33
N TRP C 162 -12.74 17.51 -14.03
CA TRP C 162 -12.11 16.38 -14.68
C TRP C 162 -11.01 15.80 -13.78
N MET C 163 -10.81 14.50 -13.88
CA MET C 163 -9.80 13.83 -13.07
C MET C 163 -9.36 12.57 -13.80
N GLU C 164 -8.12 12.17 -13.58
CA GLU C 164 -7.57 10.98 -14.22
C GLU C 164 -7.69 9.81 -13.25
N TRP C 165 -8.62 8.90 -13.53
CA TRP C 165 -8.84 7.75 -12.65
C TRP C 165 -7.68 6.75 -12.74
N ASN C 166 -7.28 6.41 -13.96
CA ASN C 166 -6.15 5.53 -14.19
C ASN C 166 -5.33 6.11 -15.32
N PRO C 167 -4.02 5.91 -15.32
CA PRO C 167 -3.16 6.55 -16.33
C PRO C 167 -3.58 6.20 -17.74
N GLY C 168 -3.42 7.17 -18.65
CA GLY C 168 -3.79 6.99 -20.03
C GLY C 168 -5.27 6.87 -20.28
N PHE C 169 -6.10 6.84 -19.24
CA PHE C 169 -7.54 6.79 -19.42
C PHE C 169 -8.05 8.17 -19.82
N PRO C 170 -9.18 8.21 -20.52
CA PRO C 170 -9.89 9.49 -20.67
C PRO C 170 -10.29 10.02 -19.31
N LEU C 171 -10.30 11.35 -19.18
CA LEU C 171 -10.60 11.97 -17.90
C LEU C 171 -12.07 11.83 -17.56
N SER C 172 -12.35 11.61 -16.27
CA SER C 172 -13.70 11.39 -15.78
C SER C 172 -14.01 12.39 -14.67
N ILE C 173 -15.24 12.31 -14.15
CA ILE C 173 -15.68 13.21 -13.10
C ILE C 173 -14.81 13.00 -11.86
N ASP C 174 -14.55 14.10 -11.14
CA ASP C 174 -13.72 14.05 -9.95
C ASP C 174 -14.39 13.36 -8.76
N ALA C 175 -15.51 12.65 -8.86
CA ALA C 175 -16.04 11.96 -7.70
C ALA C 175 -15.21 10.73 -7.39
N LYS C 176 -15.02 10.48 -6.10
CA LYS C 176 -14.28 9.30 -5.65
C LYS C 176 -15.23 8.12 -5.48
N CYS C 177 -16.39 8.38 -4.89
CA CYS C 177 -17.46 7.40 -4.79
C CYS C 177 -18.74 8.12 -5.21
N HIS C 178 -19.81 7.34 -5.42
CA HIS C 178 -21.04 7.91 -5.93
C HIS C 178 -21.58 9.00 -4.99
N LYS C 179 -21.52 8.75 -3.68
CA LYS C 179 -22.01 9.69 -2.68
C LYS C 179 -21.26 11.02 -2.71
N ASP C 180 -20.14 11.10 -3.43
CA ASP C 180 -19.38 12.34 -3.55
C ASP C 180 -19.79 13.17 -4.77
N LEU C 181 -20.66 12.64 -5.63
CA LEU C 181 -21.10 13.37 -6.82
C LEU C 181 -22.10 14.47 -6.45
N PRO C 182 -22.27 15.44 -7.35
CA PRO C 182 -23.38 16.39 -7.20
C PRO C 182 -24.71 15.65 -7.15
N ARG C 183 -25.58 16.09 -6.25
CA ARG C 183 -26.86 15.42 -6.11
C ARG C 183 -27.64 15.40 -7.43
N ASP C 184 -27.41 16.38 -8.30
CA ASP C 184 -28.15 16.45 -9.55
C ASP C 184 -27.83 15.30 -10.50
N ILE C 185 -26.63 14.74 -10.41
CA ILE C 185 -26.21 13.67 -11.32
C ILE C 185 -26.06 12.32 -10.61
N GLN C 186 -26.58 12.18 -9.40
CA GLN C 186 -26.54 10.89 -8.72
C GLN C 186 -27.72 10.02 -9.14
N PHE C 187 -27.67 8.75 -8.74
CA PHE C 187 -28.84 7.89 -8.87
C PHE C 187 -29.89 8.30 -7.85
N ASP C 188 -31.16 8.26 -8.28
CA ASP C 188 -32.27 8.74 -7.46
C ASP C 188 -32.40 8.03 -6.12
N SER C 189 -32.07 6.73 -6.05
CA SER C 189 -32.10 5.99 -4.80
C SER C 189 -30.69 5.75 -4.28
N GLU C 190 -30.57 5.56 -2.97
CA GLU C 190 -29.25 5.38 -2.36
C GLU C 190 -28.60 4.09 -2.82
N LYS C 191 -29.32 2.96 -2.68
CA LYS C 191 -28.83 1.66 -3.14
C LYS C 191 -29.63 1.12 -4.31
N GLY C 192 -30.30 1.98 -5.07
CA GLY C 192 -31.13 1.51 -6.17
C GLY C 192 -30.35 0.77 -7.24
N VAL C 193 -29.22 1.33 -7.67
CA VAL C 193 -28.39 0.74 -8.71
C VAL C 193 -27.00 0.48 -8.11
N ASP C 194 -26.81 -0.71 -7.56
CA ASP C 194 -25.55 -1.11 -6.95
C ASP C 194 -25.05 -2.40 -7.61
N PHE C 195 -23.79 -2.39 -8.08
CA PHE C 195 -23.24 -3.59 -8.71
C PHE C 195 -23.22 -4.77 -7.75
N VAL C 196 -22.80 -4.54 -6.50
CA VAL C 196 -22.77 -5.61 -5.53
C VAL C 196 -24.16 -6.19 -5.37
N LEU C 197 -25.15 -5.31 -5.20
CA LEU C 197 -26.51 -5.76 -4.97
C LEU C 197 -27.13 -6.33 -6.23
N ASN C 198 -26.89 -5.72 -7.39
CA ASN C 198 -27.53 -6.22 -8.61
C ASN C 198 -26.97 -7.58 -9.00
N TYR C 199 -25.66 -7.78 -8.83
CA TYR C 199 -25.07 -9.09 -9.10
C TYR C 199 -25.57 -10.13 -8.11
N SER C 200 -25.62 -9.78 -6.83
CA SER C 200 -26.08 -10.73 -5.83
C SER C 200 -27.55 -11.05 -6.04
N LYS C 201 -28.34 -10.07 -6.45
CA LYS C 201 -29.75 -10.26 -6.70
C LYS C 201 -29.99 -11.15 -7.91
N ALA C 202 -29.13 -11.06 -8.91
CA ALA C 202 -29.23 -11.99 -10.03
C ALA C 202 -28.85 -13.41 -9.58
N MET C 203 -27.72 -13.54 -8.90
CA MET C 203 -27.28 -14.88 -8.49
C MET C 203 -28.28 -15.57 -7.57
N GLU C 204 -28.98 -14.81 -6.73
CA GLU C 204 -30.00 -15.43 -5.91
C GLU C 204 -31.29 -15.64 -6.72
N ASN C 205 -31.59 -14.73 -7.64
CA ASN C 205 -32.72 -14.88 -8.53
C ASN C 205 -32.51 -15.99 -9.54
N LEU C 206 -31.27 -16.14 -10.03
CA LEU C 206 -30.91 -17.17 -11.00
C LEU C 206 -30.67 -18.53 -10.37
N PHE C 207 -30.78 -18.65 -9.04
CA PHE C 207 -30.65 -19.92 -8.35
C PHE C 207 -29.22 -20.46 -8.44
N ILE C 208 -28.23 -19.56 -8.39
CA ILE C 208 -26.84 -19.97 -8.53
C ILE C 208 -26.01 -19.37 -7.41
N ASN C 209 -26.67 -18.95 -6.32
CA ASN C 209 -25.95 -18.39 -5.19
C ASN C 209 -25.09 -19.43 -4.50
N ARG C 210 -25.55 -20.69 -4.50
CA ARG C 210 -24.81 -21.77 -3.86
C ARG C 210 -23.37 -21.89 -4.38
N PHE C 211 -23.05 -21.26 -5.49
CA PHE C 211 -21.71 -21.36 -6.08
C PHE C 211 -20.87 -20.10 -5.91
N MET C 212 -21.29 -19.17 -5.05
CA MET C 212 -20.60 -17.89 -4.95
C MET C 212 -19.15 -18.07 -4.51
N HIS C 213 -18.84 -19.15 -3.80
CA HIS C 213 -17.49 -19.43 -3.33
C HIS C 213 -16.90 -20.67 -4.01
N MET C 214 -17.27 -20.93 -5.26
CA MET C 214 -16.80 -22.17 -5.86
C MET C 214 -15.75 -21.91 -6.93
N PHE C 215 -14.68 -21.22 -6.55
CA PHE C 215 -13.60 -20.90 -7.47
C PHE C 215 -12.64 -22.05 -7.61
N GLN C 216 -12.95 -23.20 -7.03
CA GLN C 216 -12.12 -24.38 -7.15
C GLN C 216 -12.95 -25.59 -7.56
N SER C 217 -14.20 -25.37 -7.96
CA SER C 217 -15.08 -26.43 -8.40
C SER C 217 -15.28 -26.32 -9.91
N SER C 218 -15.05 -27.41 -10.62
CA SER C 218 -15.24 -27.47 -12.06
C SER C 218 -16.55 -28.20 -12.34
N TRP C 219 -17.20 -27.84 -13.45
CA TRP C 219 -18.39 -28.56 -13.84
C TRP C 219 -18.05 -30.01 -14.17
N ASN C 220 -18.78 -30.94 -13.56
CA ASN C 220 -18.47 -32.35 -13.72
C ASN C 220 -18.62 -32.79 -15.17
N ASP C 221 -19.44 -32.10 -15.94
CA ASP C 221 -19.64 -32.38 -17.36
C ASP C 221 -20.36 -31.18 -17.98
N PHE C 222 -20.52 -31.22 -19.30
CA PHE C 222 -21.41 -30.26 -19.94
C PHE C 222 -22.85 -30.47 -19.49
N ALA C 223 -23.22 -31.72 -19.21
CA ALA C 223 -24.57 -32.01 -18.73
C ALA C 223 -24.84 -31.28 -17.42
N ASP C 224 -23.83 -31.17 -16.55
CA ASP C 224 -24.02 -30.48 -15.27
C ASP C 224 -24.42 -29.03 -15.49
N PHE C 225 -23.62 -28.29 -16.27
CA PHE C 225 -23.97 -26.90 -16.53
C PHE C 225 -25.29 -26.80 -17.27
N GLU C 226 -25.58 -27.74 -18.16
CA GLU C 226 -26.85 -27.69 -18.87
C GLU C 226 -28.02 -27.86 -17.89
N LYS C 227 -27.85 -28.72 -16.89
CA LYS C 227 -28.89 -28.97 -15.91
C LYS C 227 -29.10 -27.77 -14.99
N ILE C 228 -28.02 -27.08 -14.62
CA ILE C 228 -28.19 -25.86 -13.85
C ILE C 228 -28.72 -24.72 -14.73
N PHE C 229 -28.38 -24.76 -16.02
CA PHE C 229 -28.70 -23.72 -16.98
C PHE C 229 -30.13 -23.83 -17.50
N VAL C 230 -30.71 -25.03 -17.52
CA VAL C 230 -32.04 -25.22 -18.09
C VAL C 230 -33.06 -24.31 -17.41
N LYS C 231 -32.84 -23.99 -16.14
CA LYS C 231 -33.80 -23.15 -15.42
C LYS C 231 -33.63 -21.66 -15.74
N ILE C 232 -32.48 -21.25 -16.24
CA ILE C 232 -32.21 -19.83 -16.45
C ILE C 232 -32.09 -19.43 -17.92
N SER C 233 -32.04 -20.38 -18.85
CA SER C 233 -31.82 -20.03 -20.25
C SER C 233 -32.96 -19.16 -20.79
N ASN C 234 -32.66 -18.43 -21.85
CA ASN C 234 -33.66 -17.66 -22.59
C ASN C 234 -33.68 -18.18 -24.03
N THR C 235 -34.38 -17.45 -24.89
CA THR C 235 -34.53 -17.87 -26.28
C THR C 235 -33.17 -18.01 -26.96
N ILE C 236 -32.52 -16.88 -27.23
CA ILE C 236 -31.24 -16.92 -27.91
C ILE C 236 -30.23 -17.73 -27.10
N SER C 237 -30.30 -17.66 -25.77
CA SER C 237 -29.38 -18.45 -24.96
C SER C 237 -29.62 -19.95 -25.18
N GLU C 238 -30.89 -20.35 -25.23
CA GLU C 238 -31.20 -21.76 -25.46
C GLU C 238 -30.75 -22.21 -26.84
N ARG C 239 -30.88 -21.32 -27.83
CA ARG C 239 -30.38 -21.63 -29.15
C ARG C 239 -28.87 -21.75 -29.14
N VAL C 240 -28.18 -20.84 -28.46
CA VAL C 240 -26.73 -20.95 -28.32
C VAL C 240 -26.39 -22.31 -27.75
N MET C 241 -27.08 -22.72 -26.68
CA MET C 241 -26.81 -24.02 -26.08
C MET C 241 -26.95 -25.13 -27.12
N ASN C 242 -28.02 -25.09 -27.91
CA ASN C 242 -28.25 -26.18 -28.85
C ASN C 242 -27.38 -26.11 -30.09
N HIS C 243 -26.79 -24.96 -30.42
CA HIS C 243 -26.06 -24.83 -31.67
C HIS C 243 -24.74 -24.09 -31.53
N TRP C 244 -24.14 -24.07 -30.33
CA TRP C 244 -22.93 -23.29 -30.14
C TRP C 244 -21.70 -23.95 -30.75
N GLN C 245 -21.73 -25.27 -30.94
CA GLN C 245 -20.62 -25.99 -31.55
C GLN C 245 -20.66 -25.95 -33.07
N GLU C 246 -21.58 -25.17 -33.63
CA GLU C 246 -21.78 -25.11 -35.07
C GLU C 246 -21.09 -23.87 -35.62
N ASP C 247 -20.28 -24.06 -36.66
CA ASP C 247 -19.51 -22.95 -37.22
C ASP C 247 -20.43 -21.80 -37.64
N LEU C 248 -21.68 -22.10 -37.97
CA LEU C 248 -22.61 -21.06 -38.40
C LEU C 248 -22.89 -20.08 -37.28
N MET C 249 -23.10 -20.57 -36.06
CA MET C 249 -23.29 -19.67 -34.93
C MET C 249 -22.02 -18.90 -34.61
N PHE C 250 -20.87 -19.56 -34.68
CA PHE C 250 -19.59 -18.89 -34.44
C PHE C 250 -19.44 -17.69 -35.37
N GLY C 251 -19.59 -17.93 -36.68
CA GLY C 251 -19.45 -16.83 -37.63
C GLY C 251 -20.56 -15.81 -37.53
N TYR C 252 -21.75 -16.25 -37.12
CA TYR C 252 -22.91 -15.37 -37.03
C TYR C 252 -22.76 -14.35 -35.93
N GLN C 253 -22.09 -14.73 -34.82
CA GLN C 253 -21.94 -13.78 -33.73
C GLN C 253 -21.06 -12.60 -34.11
N PHE C 254 -20.12 -12.78 -35.03
CA PHE C 254 -19.28 -11.67 -35.45
C PHE C 254 -20.04 -10.57 -36.17
N LEU C 255 -21.25 -10.88 -36.66
CA LEU C 255 -22.08 -9.90 -37.36
C LEU C 255 -23.32 -9.49 -36.59
N ASN C 256 -23.99 -10.43 -35.94
CA ASN C 256 -25.27 -10.18 -35.31
C ASN C 256 -25.28 -10.62 -33.86
N GLY C 257 -24.12 -10.88 -33.27
CA GLY C 257 -24.00 -11.21 -31.87
C GLY C 257 -23.98 -9.96 -31.01
N ALA C 258 -23.39 -10.10 -29.83
CA ALA C 258 -23.27 -9.02 -28.87
C ALA C 258 -22.02 -8.16 -29.08
N ASN C 259 -21.15 -8.54 -30.01
CA ASN C 259 -19.91 -7.79 -30.27
C ASN C 259 -19.61 -7.75 -31.76
N PRO C 260 -20.54 -7.20 -32.58
CA PRO C 260 -20.42 -7.25 -34.04
C PRO C 260 -19.58 -6.12 -34.65
N VAL C 261 -18.43 -5.83 -34.04
CA VAL C 261 -17.64 -4.68 -34.42
C VAL C 261 -16.19 -5.01 -34.74
N LEU C 262 -15.77 -6.27 -34.57
CA LEU C 262 -14.37 -6.62 -34.68
C LEU C 262 -14.01 -7.23 -36.03
N ILE C 263 -15.00 -7.75 -36.76
CA ILE C 263 -14.74 -8.38 -38.05
C ILE C 263 -14.27 -7.32 -39.03
N ARG C 264 -13.35 -7.71 -39.93
CA ARG C 264 -12.91 -6.82 -40.99
C ARG C 264 -12.78 -7.64 -42.25
N ARG C 265 -13.11 -7.02 -43.38
CA ARG C 265 -12.87 -7.64 -44.67
C ARG C 265 -11.36 -7.69 -44.94
N CYS C 266 -10.91 -8.82 -45.46
CA CYS C 266 -9.51 -9.10 -45.65
C CYS C 266 -9.07 -8.70 -47.06
N THR C 267 -8.01 -7.89 -47.15
CA THR C 267 -7.42 -7.52 -48.43
C THR C 267 -6.14 -8.29 -48.75
N GLU C 268 -5.48 -8.88 -47.76
CA GLU C 268 -4.32 -9.72 -47.99
C GLU C 268 -4.01 -10.50 -46.72
N LEU C 269 -3.60 -11.76 -46.87
CA LEU C 269 -3.34 -12.59 -45.70
C LEU C 269 -2.22 -11.99 -44.88
N PRO C 270 -2.37 -11.90 -43.55
CA PRO C 270 -1.27 -11.39 -42.73
C PRO C 270 -0.07 -12.31 -42.83
N GLU C 271 1.12 -11.71 -42.91
CA GLU C 271 2.34 -12.52 -42.96
C GLU C 271 2.54 -13.30 -41.67
N LYS C 272 2.03 -12.79 -40.55
CA LYS C 272 2.13 -13.51 -39.29
C LYS C 272 1.26 -14.75 -39.27
N LEU C 273 0.26 -14.83 -40.15
CA LEU C 273 -0.60 -16.00 -40.27
C LEU C 273 -0.23 -16.73 -41.55
N PRO C 274 0.62 -17.75 -41.49
CA PRO C 274 1.06 -18.44 -42.72
C PRO C 274 0.08 -19.54 -43.15
N VAL C 275 -1.17 -19.14 -43.42
CA VAL C 275 -2.17 -20.09 -43.89
C VAL C 275 -2.02 -20.30 -45.39
N THR C 276 -2.25 -21.53 -45.84
CA THR C 276 -2.07 -21.95 -47.21
C THR C 276 -3.37 -22.49 -47.78
N THR C 277 -3.49 -22.42 -49.11
CA THR C 277 -4.65 -22.97 -49.79
C THR C 277 -4.82 -24.47 -49.52
N GLU C 278 -3.72 -25.22 -49.50
CA GLU C 278 -3.82 -26.64 -49.21
C GLU C 278 -4.43 -26.89 -47.84
N MET C 279 -4.25 -25.95 -46.91
CA MET C 279 -4.79 -26.16 -45.57
C MET C 279 -6.30 -25.97 -45.51
N VAL C 280 -6.82 -25.01 -46.28
CA VAL C 280 -8.22 -24.63 -46.17
C VAL C 280 -9.02 -24.90 -47.44
N GLU C 281 -8.40 -25.55 -48.44
CA GLU C 281 -9.11 -25.82 -49.69
C GLU C 281 -10.44 -26.52 -49.44
N CYS C 282 -10.53 -27.33 -48.38
CA CYS C 282 -11.74 -28.07 -48.09
C CYS C 282 -12.85 -27.17 -47.57
N SER C 283 -12.48 -26.10 -46.84
CA SER C 283 -13.48 -25.14 -46.38
C SER C 283 -13.98 -24.26 -47.51
N LEU C 284 -13.14 -24.06 -48.54
CA LEU C 284 -13.49 -23.23 -49.68
C LEU C 284 -14.48 -23.96 -50.58
N GLU C 285 -15.38 -23.19 -51.19
CA GLU C 285 -16.50 -23.75 -51.94
C GLU C 285 -16.62 -23.16 -53.34
N ARG C 286 -15.53 -22.62 -53.91
CA ARG C 286 -15.66 -21.93 -55.18
C ARG C 286 -14.66 -22.40 -56.24
N GLN C 287 -13.92 -23.47 -55.99
CA GLN C 287 -12.87 -23.94 -56.89
C GLN C 287 -11.75 -22.89 -57.03
N LEU C 288 -11.71 -21.94 -56.10
CA LEU C 288 -10.70 -20.90 -56.05
C LEU C 288 -9.69 -21.18 -54.94
N SER C 289 -8.58 -20.47 -55.02
CA SER C 289 -7.50 -20.52 -54.05
C SER C 289 -7.72 -19.49 -52.95
N LEU C 290 -7.10 -19.73 -51.78
CA LEU C 290 -7.25 -18.83 -50.65
C LEU C 290 -6.91 -17.39 -51.02
N GLU C 291 -5.75 -17.17 -51.65
CA GLU C 291 -5.34 -15.82 -52.01
C GLU C 291 -6.26 -15.21 -53.06
N GLN C 292 -6.62 -15.99 -54.08
CA GLN C 292 -7.60 -15.52 -55.05
C GLN C 292 -8.93 -15.21 -54.37
N GLU C 293 -9.26 -16.00 -53.34
CA GLU C 293 -10.49 -15.78 -52.59
C GLU C 293 -10.44 -14.47 -51.82
N VAL C 294 -9.27 -14.15 -51.26
CA VAL C 294 -9.11 -12.89 -50.57
C VAL C 294 -9.21 -11.73 -51.54
N GLN C 295 -8.61 -11.87 -52.73
CA GLN C 295 -8.70 -10.82 -53.73
C GLN C 295 -10.12 -10.65 -54.25
N GLN C 296 -10.95 -11.70 -54.17
CA GLN C 296 -12.35 -11.54 -54.54
C GLN C 296 -13.17 -10.89 -53.44
N GLY C 297 -12.65 -10.83 -52.22
CA GLY C 297 -13.39 -10.25 -51.11
C GLY C 297 -14.27 -11.22 -50.39
N ASN C 298 -13.98 -12.51 -50.43
CA ASN C 298 -14.78 -13.52 -49.75
C ASN C 298 -14.14 -14.01 -48.46
N ILE C 299 -12.96 -13.49 -48.12
CA ILE C 299 -12.25 -13.85 -46.90
C ILE C 299 -12.27 -12.66 -45.96
N PHE C 300 -12.64 -12.91 -44.71
CA PHE C 300 -12.68 -11.90 -43.66
C PHE C 300 -11.77 -12.34 -42.53
N ILE C 301 -11.45 -11.41 -41.63
CA ILE C 301 -10.48 -11.68 -40.58
C ILE C 301 -10.88 -10.96 -39.29
N VAL C 302 -10.55 -11.58 -38.16
CA VAL C 302 -10.69 -10.99 -36.83
C VAL C 302 -9.34 -11.13 -36.14
N ASP C 303 -8.69 -10.00 -35.89
CA ASP C 303 -7.31 -9.95 -35.38
C ASP C 303 -7.31 -9.40 -33.96
N PHE C 304 -6.73 -10.16 -33.03
CA PHE C 304 -6.66 -9.83 -31.61
C PHE C 304 -5.27 -9.35 -31.19
N GLU C 305 -4.63 -8.50 -31.99
CA GLU C 305 -3.31 -8.00 -31.64
C GLU C 305 -3.30 -7.29 -30.30
N LEU C 306 -4.46 -6.83 -29.83
CA LEU C 306 -4.54 -6.00 -28.64
C LEU C 306 -4.32 -6.79 -27.35
N LEU C 307 -4.45 -8.12 -27.39
CA LEU C 307 -4.29 -8.94 -26.19
C LEU C 307 -2.88 -9.45 -25.96
N ASP C 308 -1.94 -9.17 -26.86
CA ASP C 308 -0.56 -9.61 -26.67
C ASP C 308 0.15 -8.68 -25.69
N GLY C 309 0.59 -9.22 -24.56
CA GLY C 309 1.18 -8.44 -23.51
C GLY C 309 0.24 -8.08 -22.38
N ILE C 310 -1.05 -8.38 -22.53
CA ILE C 310 -1.99 -8.18 -21.45
C ILE C 310 -1.72 -9.22 -20.36
N ASP C 311 -1.79 -8.79 -19.10
CA ASP C 311 -1.48 -9.64 -17.97
C ASP C 311 -2.69 -10.46 -17.54
N ALA C 312 -2.50 -11.77 -17.38
CA ALA C 312 -3.61 -12.62 -16.98
C ALA C 312 -3.88 -12.46 -15.49
N ASN C 313 -5.06 -12.90 -15.07
CA ASN C 313 -5.53 -12.62 -13.72
C ASN C 313 -4.74 -13.44 -12.70
N LYS C 314 -3.91 -12.76 -11.91
CA LYS C 314 -3.13 -13.37 -10.83
C LYS C 314 -3.71 -13.08 -9.45
N THR C 315 -4.93 -12.54 -9.36
CA THR C 315 -5.52 -12.21 -8.07
C THR C 315 -5.87 -13.44 -7.25
N ASP C 316 -6.05 -14.60 -7.90
CA ASP C 316 -6.30 -15.83 -7.17
C ASP C 316 -5.04 -16.69 -7.24
N PRO C 317 -4.21 -16.70 -6.20
CA PRO C 317 -2.96 -17.47 -6.30
C PRO C 317 -3.19 -18.94 -6.55
N CYS C 318 -4.33 -19.47 -6.12
CA CYS C 318 -4.67 -20.86 -6.29
C CYS C 318 -5.35 -21.16 -7.62
N THR C 319 -5.47 -20.16 -8.50
CA THR C 319 -6.03 -20.35 -9.84
C THR C 319 -5.19 -19.57 -10.84
N LEU C 320 -4.64 -20.28 -11.83
CA LEU C 320 -3.92 -19.65 -12.93
C LEU C 320 -4.88 -19.38 -14.07
N GLN C 321 -4.96 -18.12 -14.50
CA GLN C 321 -5.82 -17.72 -15.62
C GLN C 321 -4.95 -17.30 -16.80
N PHE C 322 -5.47 -17.54 -18.01
CA PHE C 322 -4.71 -17.41 -19.23
C PHE C 322 -5.50 -16.62 -20.27
N LEU C 323 -4.78 -15.83 -21.06
CA LEU C 323 -5.31 -15.08 -22.18
C LEU C 323 -4.65 -15.55 -23.46
N ALA C 324 -5.17 -15.09 -24.59
CA ALA C 324 -4.58 -15.38 -25.90
C ALA C 324 -4.75 -14.16 -26.78
N ALA C 325 -4.29 -14.27 -28.03
CA ALA C 325 -4.42 -13.20 -29.02
C ALA C 325 -4.71 -13.83 -30.36
N PRO C 326 -5.87 -14.48 -30.50
CA PRO C 326 -6.13 -15.27 -31.71
C PRO C 326 -6.17 -14.42 -32.97
N ILE C 327 -6.05 -15.11 -34.08
CA ILE C 327 -6.30 -14.59 -35.42
C ILE C 327 -7.28 -15.55 -36.07
N CYS C 328 -8.48 -15.06 -36.37
CA CYS C 328 -9.52 -15.87 -36.97
C CYS C 328 -9.64 -15.49 -38.44
N LEU C 329 -9.48 -16.46 -39.31
CA LEU C 329 -9.70 -16.29 -40.73
C LEU C 329 -11.02 -16.97 -41.07
N LEU C 330 -11.92 -16.21 -41.69
CA LEU C 330 -13.28 -16.66 -41.93
C LEU C 330 -13.56 -16.56 -43.42
N TYR C 331 -14.56 -17.31 -43.85
CA TYR C 331 -14.85 -17.47 -45.27
C TYR C 331 -16.34 -17.33 -45.48
N LYS C 332 -16.71 -16.67 -46.57
CA LYS C 332 -18.10 -16.44 -46.93
C LYS C 332 -18.45 -17.43 -48.02
N ASN C 333 -19.14 -18.50 -47.64
CA ASN C 333 -19.36 -19.59 -48.56
C ASN C 333 -20.50 -19.26 -49.51
N LEU C 334 -20.76 -20.15 -50.47
CA LEU C 334 -21.78 -19.89 -51.48
C LEU C 334 -23.13 -19.60 -50.85
N ALA C 335 -23.36 -20.03 -49.61
CA ALA C 335 -24.60 -19.70 -48.92
C ALA C 335 -24.55 -18.31 -48.30
N ASN C 336 -23.51 -17.52 -48.56
CA ASN C 336 -23.40 -16.16 -48.03
C ASN C 336 -23.33 -16.14 -46.52
N LYS C 337 -22.83 -17.23 -45.93
CA LYS C 337 -22.64 -17.33 -44.50
C LYS C 337 -21.15 -17.28 -44.18
N ILE C 338 -20.82 -16.60 -43.09
CA ILE C 338 -19.43 -16.39 -42.69
C ILE C 338 -19.08 -17.48 -41.67
N VAL C 339 -18.14 -18.34 -42.04
CA VAL C 339 -17.76 -19.47 -41.19
C VAL C 339 -16.25 -19.47 -40.93
N PRO C 340 -15.80 -19.93 -39.76
CA PRO C 340 -14.37 -19.93 -39.48
C PRO C 340 -13.67 -21.02 -40.29
N ILE C 341 -12.59 -20.64 -40.96
CA ILE C 341 -11.80 -21.60 -41.71
C ILE C 341 -10.38 -21.74 -41.17
N ALA C 342 -9.91 -20.81 -40.34
CA ALA C 342 -8.57 -20.99 -39.77
C ALA C 342 -8.48 -20.18 -38.49
N ILE C 343 -7.74 -20.71 -37.51
CA ILE C 343 -7.59 -20.05 -36.22
C ILE C 343 -6.18 -20.29 -35.70
N GLN C 344 -5.45 -19.21 -35.45
CA GLN C 344 -4.14 -19.31 -34.80
C GLN C 344 -4.22 -18.56 -33.48
N LEU C 345 -4.03 -19.27 -32.37
CA LEU C 345 -4.42 -18.72 -31.07
C LEU C 345 -3.49 -17.63 -30.57
N ASN C 346 -2.30 -17.46 -31.16
CA ASN C 346 -1.34 -16.45 -30.75
C ASN C 346 -0.82 -15.72 -31.99
N GLN C 347 -0.09 -14.63 -31.75
CA GLN C 347 0.25 -13.70 -32.83
C GLN C 347 1.47 -14.15 -33.62
N ILE C 348 2.47 -14.72 -32.96
CA ILE C 348 3.71 -15.13 -33.61
C ILE C 348 3.54 -16.56 -34.10
N PRO C 349 3.66 -16.83 -35.40
CA PRO C 349 3.49 -18.20 -35.89
C PRO C 349 4.63 -19.08 -35.42
N GLY C 350 4.48 -20.38 -35.65
CA GLY C 350 5.55 -21.30 -35.32
C GLY C 350 5.04 -22.73 -35.27
N ASP C 351 5.88 -23.58 -34.69
CA ASP C 351 5.52 -24.97 -34.50
C ASP C 351 4.72 -25.18 -33.23
N GLU C 352 4.82 -24.28 -32.25
CA GLU C 352 4.02 -24.38 -31.03
C GLU C 352 2.76 -23.52 -31.05
N ASN C 353 2.56 -22.71 -32.10
CA ASN C 353 1.34 -21.95 -32.27
C ASN C 353 0.68 -22.48 -33.54
N PRO C 354 0.01 -23.63 -33.46
CA PRO C 354 -0.58 -24.23 -34.66
C PRO C 354 -1.73 -23.41 -35.19
N ILE C 355 -1.96 -23.53 -36.50
CA ILE C 355 -3.15 -23.02 -37.15
C ILE C 355 -4.18 -24.14 -37.16
N PHE C 356 -5.20 -24.03 -36.30
CA PHE C 356 -6.25 -25.03 -36.23
C PHE C 356 -7.23 -24.83 -37.38
N LEU C 357 -7.91 -25.92 -37.73
CA LEU C 357 -8.76 -25.95 -38.91
C LEU C 357 -10.01 -26.75 -38.59
N PRO C 358 -11.10 -26.52 -39.34
CA PRO C 358 -12.29 -27.36 -39.15
C PRO C 358 -12.08 -28.82 -39.52
N SER C 359 -11.00 -29.13 -40.22
CA SER C 359 -10.68 -30.52 -40.55
C SER C 359 -9.95 -31.25 -39.43
N ASP C 360 -9.49 -30.54 -38.41
CA ASP C 360 -8.72 -31.16 -37.34
C ASP C 360 -9.62 -32.01 -36.46
N ALA C 361 -9.01 -32.60 -35.43
CA ALA C 361 -9.72 -33.39 -34.43
C ALA C 361 -10.91 -32.60 -33.89
N LYS C 362 -11.93 -33.33 -33.44
CA LYS C 362 -13.18 -32.69 -33.02
C LYS C 362 -12.96 -31.56 -32.03
N TYR C 363 -12.18 -31.81 -30.99
CA TYR C 363 -12.05 -30.86 -29.90
C TYR C 363 -10.90 -29.86 -30.09
N ASP C 364 -9.96 -30.15 -30.99
CA ASP C 364 -8.95 -29.14 -31.35
C ASP C 364 -9.62 -27.92 -31.96
N TRP C 365 -10.49 -28.14 -32.95
CA TRP C 365 -11.21 -27.04 -33.56
C TRP C 365 -12.16 -26.39 -32.56
N LEU C 366 -12.80 -27.21 -31.73
CA LEU C 366 -13.72 -26.67 -30.73
C LEU C 366 -12.98 -25.81 -29.73
N LEU C 367 -11.82 -26.26 -29.26
CA LEU C 367 -11.08 -25.46 -28.29
C LEU C 367 -10.51 -24.20 -28.91
N ALA C 368 -10.04 -24.26 -30.15
CA ALA C 368 -9.59 -23.04 -30.81
C ALA C 368 -10.72 -22.01 -30.82
N LYS C 369 -11.93 -22.46 -31.18
CA LYS C 369 -13.05 -21.55 -31.19
C LYS C 369 -13.38 -21.05 -29.78
N ILE C 370 -13.25 -21.92 -28.79
CA ILE C 370 -13.51 -21.52 -27.40
C ILE C 370 -12.58 -20.40 -26.98
N TRP C 371 -11.30 -20.50 -27.36
CA TRP C 371 -10.36 -19.43 -27.05
C TRP C 371 -10.72 -18.16 -27.78
N VAL C 372 -11.16 -18.27 -29.04
CA VAL C 372 -11.61 -17.08 -29.74
C VAL C 372 -12.76 -16.42 -28.98
N ARG C 373 -13.65 -17.25 -28.42
CA ARG C 373 -14.77 -16.72 -27.64
C ARG C 373 -14.30 -16.01 -26.37
N SER C 374 -13.39 -16.64 -25.63
CA SER C 374 -12.84 -16.00 -24.43
C SER C 374 -12.23 -14.64 -24.78
N SER C 375 -11.45 -14.60 -25.86
CA SER C 375 -10.79 -13.36 -26.28
C SER C 375 -11.80 -12.30 -26.70
N ASP C 376 -12.80 -12.69 -27.50
CA ASP C 376 -13.81 -11.74 -27.93
C ASP C 376 -14.58 -11.18 -26.74
N PHE C 377 -14.87 -12.02 -25.75
CA PHE C 377 -15.59 -11.53 -24.59
C PHE C 377 -14.71 -10.57 -23.78
N HIS C 378 -13.42 -10.89 -23.67
CA HIS C 378 -12.51 -10.02 -22.93
C HIS C 378 -12.41 -8.65 -23.60
N VAL C 379 -12.28 -8.63 -24.92
CA VAL C 379 -12.23 -7.35 -25.62
C VAL C 379 -13.56 -6.61 -25.47
N HIS C 380 -14.67 -7.31 -25.70
CA HIS C 380 -15.98 -6.66 -25.60
C HIS C 380 -16.17 -6.00 -24.25
N GLN C 381 -15.93 -6.74 -23.17
CA GLN C 381 -16.23 -6.22 -21.83
C GLN C 381 -15.50 -4.91 -21.58
N THR C 382 -14.27 -4.79 -22.08
CA THR C 382 -13.44 -3.62 -21.80
C THR C 382 -13.56 -2.53 -22.87
N ILE C 383 -13.41 -2.89 -24.14
CA ILE C 383 -13.22 -1.92 -25.21
C ILE C 383 -14.52 -1.53 -25.89
N THR C 384 -15.21 -2.51 -26.47
CA THR C 384 -16.47 -2.22 -27.13
C THR C 384 -17.46 -1.61 -26.16
N HIS C 385 -17.47 -2.10 -24.93
CA HIS C 385 -18.50 -1.80 -23.95
C HIS C 385 -18.07 -0.71 -22.98
N LEU C 386 -17.03 -0.97 -22.18
CA LEU C 386 -16.60 -0.02 -21.17
C LEU C 386 -16.06 1.25 -21.80
N LEU C 387 -14.87 1.18 -22.42
CA LEU C 387 -14.27 2.38 -22.97
C LEU C 387 -15.18 3.08 -23.95
N ARG C 388 -15.31 2.49 -25.14
CA ARG C 388 -15.85 3.17 -26.32
C ARG C 388 -17.31 3.57 -26.17
N THR C 389 -17.99 3.10 -25.12
CA THR C 389 -19.36 3.54 -24.85
C THR C 389 -19.43 4.29 -23.54
N HIS C 390 -19.16 3.63 -22.41
CA HIS C 390 -19.32 4.28 -21.10
C HIS C 390 -18.39 5.47 -20.94
N LEU C 391 -17.08 5.28 -21.16
CA LEU C 391 -16.17 6.39 -20.85
C LEU C 391 -16.31 7.52 -21.85
N VAL C 392 -16.60 7.19 -23.11
CA VAL C 392 -16.85 8.23 -24.10
C VAL C 392 -18.05 9.06 -23.69
N SER C 393 -19.15 8.39 -23.36
CA SER C 393 -20.34 9.14 -22.95
C SER C 393 -20.07 9.98 -21.72
N GLU C 394 -19.28 9.45 -20.77
CA GLU C 394 -18.98 10.24 -19.57
C GLU C 394 -18.16 11.47 -19.91
N VAL C 395 -17.23 11.34 -20.86
CA VAL C 395 -16.49 12.51 -21.31
C VAL C 395 -17.44 13.57 -21.84
N PHE C 396 -18.35 13.14 -22.74
CA PHE C 396 -19.30 14.10 -23.30
C PHE C 396 -20.16 14.72 -22.22
N GLY C 397 -20.59 13.92 -21.24
CA GLY C 397 -21.47 14.42 -20.21
C GLY C 397 -20.80 15.45 -19.33
N ILE C 398 -19.55 15.18 -18.95
CA ILE C 398 -18.84 16.13 -18.09
C ILE C 398 -18.59 17.43 -18.85
N ALA C 399 -18.24 17.33 -20.14
CA ALA C 399 -18.06 18.55 -20.93
C ALA C 399 -19.35 19.34 -21.02
N MET C 400 -20.48 18.65 -21.22
CA MET C 400 -21.77 19.34 -21.27
C MET C 400 -22.05 20.07 -19.96
N TYR C 401 -21.84 19.40 -18.83
CA TYR C 401 -22.17 20.05 -17.55
C TYR C 401 -21.19 21.16 -17.20
N ARG C 402 -19.93 21.05 -17.63
CA ARG C 402 -19.00 22.12 -17.27
C ARG C 402 -19.21 23.35 -18.12
N GLN C 403 -19.49 23.17 -19.41
CA GLN C 403 -19.39 24.27 -20.37
C GLN C 403 -20.73 24.72 -20.95
N LEU C 404 -21.80 23.96 -20.75
CA LEU C 404 -23.10 24.28 -21.33
C LEU C 404 -24.07 24.64 -20.20
N PRO C 405 -24.47 25.90 -20.06
CA PRO C 405 -25.47 26.25 -19.06
C PRO C 405 -26.82 25.67 -19.42
N ALA C 406 -27.68 25.52 -18.40
CA ALA C 406 -28.95 24.83 -18.58
C ALA C 406 -29.83 25.52 -19.61
N VAL C 407 -29.59 26.80 -19.91
CA VAL C 407 -30.34 27.52 -20.94
C VAL C 407 -29.82 27.26 -22.34
N HIS C 408 -28.78 26.45 -22.49
CA HIS C 408 -28.23 26.28 -23.82
C HIS C 408 -28.99 25.19 -24.58
N PRO C 409 -29.31 25.42 -25.86
CA PRO C 409 -30.08 24.41 -26.62
C PRO C 409 -29.40 23.06 -26.74
N ILE C 410 -28.07 23.04 -26.84
CA ILE C 410 -27.38 21.75 -26.91
C ILE C 410 -27.40 21.07 -25.53
N PHE C 411 -27.34 21.86 -24.46
CA PHE C 411 -27.58 21.27 -23.15
C PHE C 411 -28.96 20.65 -23.08
N LYS C 412 -29.99 21.41 -23.45
CA LYS C 412 -31.34 20.88 -23.41
C LYS C 412 -31.47 19.61 -24.26
N LEU C 413 -30.64 19.48 -25.29
CA LEU C 413 -30.74 18.34 -26.18
C LEU C 413 -29.99 17.12 -25.65
N LEU C 414 -28.76 17.31 -25.18
CA LEU C 414 -27.92 16.20 -24.75
C LEU C 414 -28.20 15.76 -23.33
N VAL C 415 -28.76 16.62 -22.49
CA VAL C 415 -28.93 16.29 -21.08
C VAL C 415 -29.71 14.99 -20.92
N ALA C 416 -30.66 14.73 -21.83
CA ALA C 416 -31.48 13.52 -21.78
C ALA C 416 -30.72 12.26 -22.20
N HIS C 417 -29.53 12.42 -22.76
CA HIS C 417 -28.72 11.30 -23.23
C HIS C 417 -27.49 11.03 -22.39
N VAL C 418 -27.21 11.87 -21.39
CA VAL C 418 -26.13 11.61 -20.45
C VAL C 418 -26.68 11.31 -19.06
N ARG C 419 -27.95 10.96 -18.95
CA ARG C 419 -28.54 10.73 -17.62
C ARG C 419 -28.06 9.40 -17.06
N PHE C 420 -27.52 9.44 -15.84
CA PHE C 420 -27.06 8.28 -15.09
C PHE C 420 -25.76 7.69 -15.62
N THR C 421 -25.10 8.37 -16.57
CA THR C 421 -23.86 7.83 -17.11
C THR C 421 -22.69 8.10 -16.16
N ILE C 422 -22.57 9.33 -15.68
CA ILE C 422 -21.54 9.61 -14.67
C ILE C 422 -21.78 8.77 -13.43
N ALA C 423 -23.05 8.59 -13.06
CA ALA C 423 -23.35 7.84 -11.84
C ALA C 423 -23.08 6.35 -12.02
N ILE C 424 -23.44 5.81 -13.18
CA ILE C 424 -23.18 4.39 -13.43
C ILE C 424 -21.67 4.15 -13.51
N ASN C 425 -20.93 5.06 -14.14
CA ASN C 425 -19.48 4.91 -14.23
C ASN C 425 -18.83 4.98 -12.85
N THR C 426 -19.24 5.96 -12.04
CA THR C 426 -18.67 6.07 -10.70
C THR C 426 -18.95 4.83 -9.88
N LYS C 427 -20.18 4.31 -9.98
CA LYS C 427 -20.50 3.08 -9.25
C LYS C 427 -19.64 1.92 -9.74
N ALA C 428 -19.44 1.81 -11.05
CA ALA C 428 -18.58 0.76 -11.59
C ALA C 428 -17.17 0.86 -11.02
N ARG C 429 -16.57 2.05 -11.11
CA ARG C 429 -15.20 2.22 -10.61
C ARG C 429 -15.11 2.01 -9.11
N GLU C 430 -16.18 2.29 -8.37
CA GLU C 430 -16.14 2.14 -6.93
C GLU C 430 -16.42 0.71 -6.46
N GLN C 431 -17.04 -0.12 -7.29
CA GLN C 431 -17.40 -1.47 -6.86
C GLN C 431 -16.94 -2.51 -7.88
N LEU C 432 -16.98 -2.15 -9.16
CA LEU C 432 -16.86 -3.13 -10.23
C LEU C 432 -15.42 -3.31 -10.69
N ILE C 433 -14.82 -2.24 -11.23
CA ILE C 433 -13.52 -2.33 -11.88
C ILE C 433 -12.42 -1.65 -11.04
N CYS C 434 -12.68 -1.39 -9.76
CA CYS C 434 -11.61 -0.93 -8.90
C CYS C 434 -10.65 -2.09 -8.62
N GLU C 435 -9.52 -1.76 -8.01
CA GLU C 435 -8.59 -2.81 -7.59
C GLU C 435 -9.30 -3.72 -6.59
N CYS C 436 -9.37 -5.01 -6.91
CA CYS C 436 -10.10 -5.97 -6.09
C CYS C 436 -11.61 -5.77 -6.21
N GLY C 437 -12.10 -5.34 -7.37
CA GLY C 437 -13.52 -5.15 -7.59
C GLY C 437 -14.18 -6.42 -8.09
N LEU C 438 -15.51 -6.34 -8.26
CA LEU C 438 -16.26 -7.51 -8.71
C LEU C 438 -15.70 -8.06 -10.02
N PHE C 439 -15.13 -7.18 -10.84
CA PHE C 439 -14.64 -7.61 -12.15
C PHE C 439 -13.57 -8.68 -12.01
N ASP C 440 -12.66 -8.54 -11.03
CA ASP C 440 -11.57 -9.49 -10.84
C ASP C 440 -12.06 -10.85 -10.41
N LYS C 441 -13.35 -11.00 -10.10
CA LYS C 441 -13.85 -12.27 -9.59
C LYS C 441 -13.97 -13.33 -10.69
N ALA C 442 -14.52 -12.95 -11.85
CA ALA C 442 -14.80 -13.94 -12.88
C ALA C 442 -14.00 -13.75 -14.17
N ASN C 443 -13.60 -12.54 -14.51
CA ASN C 443 -12.91 -12.27 -15.78
C ASN C 443 -11.40 -12.44 -15.63
N ALA C 444 -10.79 -13.08 -16.63
CA ALA C 444 -9.34 -13.29 -16.63
C ALA C 444 -8.57 -11.99 -16.82
N THR C 445 -9.22 -10.93 -17.32
CA THR C 445 -8.59 -9.63 -17.48
C THR C 445 -8.70 -8.77 -16.23
N GLY C 446 -9.08 -9.36 -15.10
CA GLY C 446 -9.06 -8.65 -13.84
C GLY C 446 -7.65 -8.51 -13.28
N GLY C 447 -7.55 -7.67 -12.24
CA GLY C 447 -6.27 -7.45 -11.58
C GLY C 447 -5.35 -6.47 -12.28
N GLY C 448 -5.82 -5.78 -13.31
CA GLY C 448 -5.02 -4.79 -14.01
C GLY C 448 -5.01 -4.98 -15.51
N GLY C 449 -5.37 -6.17 -15.98
CA GLY C 449 -5.38 -6.42 -17.41
C GLY C 449 -6.26 -5.45 -18.17
N HIS C 450 -7.48 -5.20 -17.67
CA HIS C 450 -8.39 -4.33 -18.41
C HIS C 450 -7.90 -2.89 -18.44
N VAL C 451 -7.23 -2.43 -17.38
CA VAL C 451 -6.65 -1.10 -17.39
C VAL C 451 -5.61 -0.99 -18.50
N GLN C 452 -4.71 -1.98 -18.57
CA GLN C 452 -3.70 -2.01 -19.61
C GLN C 452 -4.33 -2.05 -20.99
N MET C 453 -5.39 -2.85 -21.14
CA MET C 453 -6.12 -2.89 -22.41
C MET C 453 -6.67 -1.51 -22.77
N VAL C 454 -7.31 -0.85 -21.79
CA VAL C 454 -7.90 0.46 -22.06
C VAL C 454 -6.82 1.44 -22.51
N GLN C 455 -5.72 1.51 -21.77
CA GLN C 455 -4.67 2.46 -22.16
C GLN C 455 -4.13 2.13 -23.55
N ARG C 456 -3.91 0.85 -23.84
CA ARG C 456 -3.34 0.50 -25.14
C ARG C 456 -4.32 0.79 -26.28
N ALA C 457 -5.61 0.53 -26.07
CA ALA C 457 -6.61 0.76 -27.10
C ALA C 457 -6.92 2.25 -27.29
N MET C 458 -6.72 3.05 -26.24
CA MET C 458 -7.05 4.47 -26.30
C MET C 458 -6.48 5.14 -27.56
N LYS C 459 -5.25 4.80 -27.91
CA LYS C 459 -4.61 5.40 -29.07
C LYS C 459 -5.28 4.97 -30.37
N ASP C 460 -6.19 3.99 -30.33
CA ASP C 460 -6.92 3.58 -31.51
C ASP C 460 -8.31 4.22 -31.61
N LEU C 461 -8.82 4.81 -30.53
CA LEU C 461 -10.16 5.40 -30.52
C LEU C 461 -10.12 6.76 -31.21
N THR C 462 -10.95 6.95 -32.23
CA THR C 462 -10.94 8.19 -32.99
C THR C 462 -12.36 8.66 -33.28
N TYR C 463 -12.48 9.95 -33.57
CA TYR C 463 -13.79 10.51 -33.91
C TYR C 463 -14.40 9.85 -35.13
N ALA C 464 -13.57 9.44 -36.11
CA ALA C 464 -14.12 8.77 -37.28
C ALA C 464 -14.54 7.34 -36.92
N SER C 465 -13.86 6.72 -35.97
CA SER C 465 -14.28 5.41 -35.53
C SER C 465 -15.65 5.46 -34.85
N LEU C 466 -16.03 6.61 -34.31
CA LEU C 466 -17.30 6.75 -33.62
C LEU C 466 -18.45 7.14 -34.54
N CYS C 467 -18.14 7.60 -35.75
CA CYS C 467 -19.15 7.87 -36.77
C CYS C 467 -19.51 6.55 -37.46
N PHE C 468 -20.80 6.20 -37.43
CA PHE C 468 -21.18 4.82 -37.71
C PHE C 468 -20.88 4.41 -39.15
N PRO C 469 -21.34 5.13 -40.17
CA PRO C 469 -21.05 4.69 -41.56
C PRO C 469 -19.57 4.59 -41.87
N GLU C 470 -18.77 5.62 -41.52
CA GLU C 470 -17.32 5.54 -41.75
C GLU C 470 -16.71 4.34 -41.03
N ALA C 471 -17.12 4.10 -39.79
CA ALA C 471 -16.58 2.99 -39.03
C ALA C 471 -16.91 1.65 -39.69
N ILE C 472 -18.15 1.50 -40.17
CA ILE C 472 -18.53 0.28 -40.88
C ILE C 472 -17.68 0.10 -42.13
N LYS C 473 -17.55 1.16 -42.93
CA LYS C 473 -16.81 1.05 -44.19
C LYS C 473 -15.32 0.82 -43.96
N ALA C 474 -14.76 1.33 -42.87
CA ALA C 474 -13.33 1.20 -42.62
C ALA C 474 -12.92 -0.25 -42.51
N ARG C 475 -13.84 -1.11 -42.08
CA ARG C 475 -13.60 -2.54 -41.96
C ARG C 475 -13.99 -3.31 -43.21
N GLY C 476 -14.45 -2.62 -44.26
CA GLY C 476 -14.87 -3.28 -45.47
C GLY C 476 -16.20 -3.99 -45.39
N MET C 477 -17.04 -3.63 -44.40
CA MET C 477 -18.33 -4.28 -44.18
C MET C 477 -19.51 -3.47 -44.69
N GLU C 478 -19.33 -2.71 -45.78
CA GLU C 478 -20.30 -1.71 -46.21
C GLU C 478 -21.41 -2.26 -47.10
N SER C 479 -21.11 -3.21 -47.98
CA SER C 479 -22.00 -3.56 -49.09
C SER C 479 -23.12 -4.49 -48.65
N LYS C 480 -24.33 -3.95 -48.55
CA LYS C 480 -25.49 -4.80 -48.35
C LYS C 480 -25.67 -5.79 -49.49
N GLU C 481 -25.11 -5.50 -50.67
CA GLU C 481 -25.20 -6.45 -51.78
C GLU C 481 -24.33 -7.67 -51.54
N ASP C 482 -23.11 -7.46 -51.04
CA ASP C 482 -22.16 -8.54 -50.81
C ASP C 482 -22.28 -9.19 -49.44
N ILE C 483 -22.70 -8.46 -48.42
CA ILE C 483 -22.79 -8.98 -47.06
C ILE C 483 -24.21 -8.85 -46.54
N PRO C 484 -25.14 -9.70 -46.97
CA PRO C 484 -26.56 -9.46 -46.69
C PRO C 484 -26.97 -9.60 -45.22
N TYR C 485 -26.34 -10.48 -44.45
CA TYR C 485 -26.80 -10.80 -43.09
C TYR C 485 -25.96 -10.06 -42.04
N TYR C 486 -26.02 -8.72 -42.07
CA TYR C 486 -25.33 -7.87 -41.10
C TYR C 486 -26.35 -6.92 -40.47
N PHE C 487 -27.12 -7.47 -39.52
CA PHE C 487 -28.23 -6.73 -38.93
C PHE C 487 -27.75 -5.55 -38.12
N TYR C 488 -26.61 -5.69 -37.44
CA TYR C 488 -26.10 -4.56 -36.67
C TYR C 488 -25.92 -3.35 -37.57
N ARG C 489 -25.32 -3.55 -38.74
CA ARG C 489 -25.15 -2.45 -39.69
C ARG C 489 -26.50 -1.95 -40.18
N ASP C 490 -27.39 -2.86 -40.57
CA ASP C 490 -28.65 -2.45 -41.19
C ASP C 490 -29.48 -1.59 -40.25
N ASP C 491 -29.56 -1.97 -38.98
CA ASP C 491 -30.30 -1.17 -38.02
C ASP C 491 -29.55 0.09 -37.62
N GLY C 492 -28.22 -0.03 -37.47
CA GLY C 492 -27.43 1.13 -37.09
C GLY C 492 -27.52 2.26 -38.09
N LEU C 493 -27.53 1.94 -39.38
CA LEU C 493 -27.62 3.00 -40.38
C LEU C 493 -28.97 3.69 -40.30
N LEU C 494 -30.04 2.93 -40.08
CA LEU C 494 -31.36 3.53 -39.93
C LEU C 494 -31.39 4.49 -38.74
N VAL C 495 -30.99 3.99 -37.57
CA VAL C 495 -31.05 4.81 -36.37
C VAL C 495 -30.14 6.02 -36.51
N TRP C 496 -28.95 5.83 -37.07
CA TRP C 496 -28.01 6.92 -37.23
C TRP C 496 -28.59 8.02 -38.10
N GLU C 497 -29.23 7.65 -39.22
CA GLU C 497 -29.82 8.68 -40.06
C GLU C 497 -30.99 9.37 -39.37
N ALA C 498 -31.76 8.62 -38.58
CA ALA C 498 -32.84 9.25 -37.83
C ALA C 498 -32.28 10.35 -36.92
N ILE C 499 -31.25 10.02 -36.15
CA ILE C 499 -30.66 11.00 -35.24
C ILE C 499 -29.94 12.11 -36.00
N ARG C 500 -29.30 11.78 -37.12
CA ARG C 500 -28.65 12.82 -37.92
C ARG C 500 -29.66 13.85 -38.37
N THR C 501 -30.81 13.38 -38.87
CA THR C 501 -31.86 14.29 -39.31
C THR C 501 -32.41 15.11 -38.14
N PHE C 502 -32.67 14.46 -37.01
CA PHE C 502 -33.19 15.14 -35.83
C PHE C 502 -32.24 16.23 -35.34
N THR C 503 -30.97 15.86 -35.17
CA THR C 503 -29.97 16.82 -34.71
C THR C 503 -29.80 17.94 -35.72
N ALA C 504 -29.78 17.60 -37.01
CA ALA C 504 -29.66 18.64 -38.03
C ALA C 504 -30.79 19.64 -37.86
N GLU C 505 -32.02 19.15 -37.70
CA GLU C 505 -33.17 20.04 -37.58
C GLU C 505 -33.05 20.95 -36.36
N VAL C 506 -32.68 20.39 -35.20
CA VAL C 506 -32.58 21.21 -34.00
C VAL C 506 -31.49 22.27 -34.17
N VAL C 507 -30.31 21.85 -34.63
CA VAL C 507 -29.21 22.77 -34.87
C VAL C 507 -29.66 23.92 -35.75
N ASP C 508 -30.39 23.60 -36.82
CA ASP C 508 -30.89 24.63 -37.72
C ASP C 508 -31.96 25.48 -37.06
N ILE C 509 -32.69 24.94 -36.09
CA ILE C 509 -33.67 25.76 -35.41
C ILE C 509 -32.96 26.85 -34.61
N TYR C 510 -31.79 26.54 -34.08
CA TYR C 510 -31.16 27.50 -33.19
C TYR C 510 -29.92 28.17 -33.75
N TYR C 511 -29.41 27.74 -34.90
CA TYR C 511 -28.26 28.39 -35.52
C TYR C 511 -28.68 28.81 -36.91
N GLU C 512 -28.96 30.11 -37.08
CA GLU C 512 -29.39 30.61 -38.39
C GLU C 512 -28.40 30.20 -39.47
N GLY C 513 -27.12 30.17 -39.14
CA GLY C 513 -26.10 29.84 -40.12
C GLY C 513 -24.81 29.43 -39.43
N ASP C 514 -23.78 29.20 -40.25
CA ASP C 514 -22.53 28.66 -39.73
C ASP C 514 -21.79 29.66 -38.86
N GLN C 515 -21.97 30.96 -39.08
CA GLN C 515 -21.32 31.93 -38.21
C GLN C 515 -21.82 31.80 -36.77
N VAL C 516 -23.11 31.53 -36.60
CA VAL C 516 -23.66 31.38 -35.26
C VAL C 516 -23.04 30.18 -34.57
N VAL C 517 -22.85 29.07 -35.31
CA VAL C 517 -22.16 27.92 -34.75
C VAL C 517 -20.72 28.27 -34.40
N GLU C 518 -19.98 28.85 -35.35
CA GLU C 518 -18.59 29.16 -35.11
C GLU C 518 -18.42 30.23 -34.03
N GLU C 519 -19.32 31.19 -33.97
CA GLU C 519 -19.22 32.29 -33.01
C GLU C 519 -19.81 31.95 -31.65
N ASP C 520 -20.33 30.74 -31.46
CA ASP C 520 -20.87 30.31 -30.17
C ASP C 520 -19.73 29.95 -29.22
N PRO C 521 -19.41 30.80 -28.24
CA PRO C 521 -18.23 30.52 -27.41
C PRO C 521 -18.40 29.29 -26.52
N GLU C 522 -19.62 29.04 -26.02
CA GLU C 522 -19.83 27.95 -25.09
C GLU C 522 -19.80 26.59 -25.79
N LEU C 523 -20.37 26.52 -26.99
CA LEU C 523 -20.23 25.31 -27.79
C LEU C 523 -18.75 25.01 -28.06
N GLN C 524 -17.98 26.05 -28.43
CA GLN C 524 -16.57 25.84 -28.72
C GLN C 524 -15.82 25.37 -27.48
N ASP C 525 -16.14 25.95 -26.32
CA ASP C 525 -15.47 25.54 -25.09
C ASP C 525 -15.86 24.11 -24.69
N PHE C 526 -17.11 23.72 -24.95
CA PHE C 526 -17.53 22.34 -24.76
C PHE C 526 -16.71 21.39 -25.62
N VAL C 527 -16.63 21.67 -26.92
CA VAL C 527 -15.84 20.86 -27.83
C VAL C 527 -14.38 20.79 -27.37
N ASN C 528 -13.84 21.90 -26.86
CA ASN C 528 -12.44 21.91 -26.45
C ASN C 528 -12.21 21.14 -25.15
N ASP C 529 -13.20 21.12 -24.25
CA ASP C 529 -13.05 20.28 -23.07
C ASP C 529 -13.14 18.82 -23.42
N VAL C 530 -13.87 18.48 -24.48
CA VAL C 530 -13.82 17.11 -24.96
C VAL C 530 -12.46 16.79 -25.56
N TYR C 531 -11.93 17.69 -26.38
CA TYR C 531 -10.68 17.40 -27.08
C TYR C 531 -9.51 17.32 -26.10
N VAL C 532 -9.42 18.27 -25.18
CA VAL C 532 -8.24 18.40 -24.33
C VAL C 532 -8.33 17.51 -23.10
N TYR C 533 -9.35 17.68 -22.28
CA TYR C 533 -9.37 16.95 -21.02
C TYR C 533 -9.87 15.52 -21.21
N GLY C 534 -10.99 15.35 -21.91
CA GLY C 534 -11.53 14.02 -22.15
C GLY C 534 -10.60 13.17 -22.98
N MET C 535 -10.30 13.63 -24.20
CA MET C 535 -9.47 12.91 -25.14
C MET C 535 -7.99 13.23 -24.99
N ARG C 536 -7.63 14.08 -24.03
CA ARG C 536 -6.25 14.31 -23.63
C ARG C 536 -5.45 15.06 -24.68
N GLY C 537 -6.12 15.80 -25.57
CA GLY C 537 -5.42 16.58 -26.58
C GLY C 537 -4.54 15.74 -27.48
N ARG C 538 -4.92 14.50 -27.72
CA ARG C 538 -4.19 13.64 -28.63
C ARG C 538 -4.59 13.98 -30.05
N LYS C 539 -3.63 14.46 -30.84
CA LYS C 539 -3.94 14.81 -32.22
C LYS C 539 -4.48 13.61 -32.98
N SER C 540 -4.03 12.40 -32.64
CA SER C 540 -4.40 11.20 -33.39
C SER C 540 -5.81 10.71 -33.08
N SER C 541 -6.61 11.51 -32.36
CA SER C 541 -7.98 11.16 -32.04
C SER C 541 -8.96 11.59 -33.11
N GLY C 542 -8.67 12.68 -33.82
CA GLY C 542 -9.56 13.18 -34.85
C GLY C 542 -10.71 14.02 -34.33
N PHE C 543 -10.78 14.27 -33.03
CA PHE C 543 -11.89 15.04 -32.51
C PHE C 543 -11.74 16.51 -32.90
N PRO C 544 -12.82 17.16 -33.29
CA PRO C 544 -12.74 18.58 -33.67
C PRO C 544 -12.25 19.42 -32.51
N LYS C 545 -11.25 20.27 -32.77
CA LYS C 545 -10.88 21.28 -31.80
C LYS C 545 -11.87 22.44 -31.79
N SER C 546 -12.75 22.50 -32.78
CA SER C 546 -13.75 23.55 -32.92
C SER C 546 -14.73 23.11 -34.01
N VAL C 547 -16.02 23.35 -33.77
CA VAL C 547 -17.05 23.12 -34.76
C VAL C 547 -17.45 24.49 -35.33
N LYS C 548 -17.43 24.60 -36.65
CA LYS C 548 -17.71 25.86 -37.31
C LYS C 548 -18.83 25.76 -38.31
N SER C 549 -19.61 24.69 -38.28
CA SER C 549 -20.65 24.51 -39.29
C SER C 549 -21.85 23.78 -38.70
N ARG C 550 -23.01 24.05 -39.28
CA ARG C 550 -24.21 23.33 -38.86
C ARG C 550 -24.13 21.86 -39.26
N GLU C 551 -23.51 21.55 -40.40
CA GLU C 551 -23.33 20.15 -40.78
C GLU C 551 -22.44 19.43 -39.77
N GLN C 552 -21.37 20.11 -39.32
CA GLN C 552 -20.47 19.49 -38.37
C GLN C 552 -21.11 19.40 -36.99
N LEU C 553 -21.90 20.40 -36.59
CA LEU C 553 -22.55 20.33 -35.29
C LEU C 553 -23.60 19.21 -35.26
N SER C 554 -24.40 19.09 -36.32
CA SER C 554 -25.32 17.96 -36.42
C SER C 554 -24.57 16.63 -36.34
N GLU C 555 -23.46 16.52 -37.08
CA GLU C 555 -22.69 15.27 -37.08
C GLU C 555 -22.12 14.96 -35.69
N TYR C 556 -21.67 16.00 -34.99
CA TYR C 556 -21.10 15.86 -33.65
C TYR C 556 -22.17 15.39 -32.65
N LEU C 557 -23.33 16.06 -32.66
CA LEU C 557 -24.41 15.66 -31.77
C LEU C 557 -24.92 14.27 -32.11
N THR C 558 -24.89 13.89 -33.39
CA THR C 558 -25.24 12.52 -33.75
C THR C 558 -24.25 11.53 -33.15
N VAL C 559 -22.95 11.83 -33.23
CA VAL C 559 -21.95 10.97 -32.58
C VAL C 559 -22.28 10.81 -31.10
N VAL C 560 -22.46 11.93 -30.39
CA VAL C 560 -22.73 11.90 -28.96
C VAL C 560 -23.95 11.01 -28.66
N ILE C 561 -25.09 11.34 -29.27
CA ILE C 561 -26.33 10.68 -28.90
C ILE C 561 -26.32 9.22 -29.36
N PHE C 562 -25.90 8.95 -30.60
CA PHE C 562 -25.88 7.59 -31.09
C PHE C 562 -24.98 6.71 -30.24
N THR C 563 -23.85 7.25 -29.76
CA THR C 563 -23.05 6.45 -28.84
C THR C 563 -23.80 6.20 -27.54
N ALA C 564 -24.57 7.19 -27.07
CA ALA C 564 -25.24 7.08 -25.79
C ALA C 564 -26.47 6.19 -25.81
N SER C 565 -27.08 5.96 -26.98
CA SER C 565 -28.34 5.22 -27.05
C SER C 565 -28.23 3.96 -27.87
N ALA C 566 -28.18 4.07 -29.20
CA ALA C 566 -28.28 2.88 -30.05
C ALA C 566 -27.07 1.98 -29.90
N GLN C 567 -25.87 2.53 -30.08
CA GLN C 567 -24.65 1.73 -30.04
C GLN C 567 -24.52 0.98 -28.72
N HIS C 568 -24.69 1.71 -27.62
CA HIS C 568 -24.54 1.11 -26.30
C HIS C 568 -25.53 -0.04 -26.10
N ALA C 569 -26.77 0.16 -26.56
CA ALA C 569 -27.77 -0.89 -26.44
C ALA C 569 -27.44 -2.08 -27.32
N ALA C 570 -26.81 -1.83 -28.47
CA ALA C 570 -26.41 -2.93 -29.34
C ALA C 570 -25.34 -3.78 -28.69
N VAL C 571 -24.50 -3.18 -27.85
CA VAL C 571 -23.43 -3.93 -27.19
C VAL C 571 -23.77 -4.40 -25.77
N ASN C 572 -24.89 -3.93 -25.21
CA ASN C 572 -25.23 -4.25 -23.83
C ASN C 572 -26.29 -5.35 -23.69
N PHE C 573 -27.39 -5.26 -24.44
CA PHE C 573 -28.54 -6.11 -24.19
C PHE C 573 -28.45 -7.45 -24.90
N GLY C 574 -27.27 -7.83 -25.38
CA GLY C 574 -27.01 -9.17 -25.85
C GLY C 574 -26.11 -10.00 -24.96
N GLN C 575 -25.85 -9.57 -23.72
CA GLN C 575 -24.91 -10.31 -22.89
C GLN C 575 -25.54 -11.56 -22.28
N TYR C 576 -26.80 -11.50 -21.86
CA TYR C 576 -27.41 -12.71 -21.35
C TYR C 576 -27.87 -13.62 -22.48
N ASP C 577 -28.23 -13.05 -23.64
CA ASP C 577 -28.58 -13.89 -24.78
C ASP C 577 -27.39 -14.73 -25.23
N TRP C 578 -26.22 -14.12 -25.38
CA TRP C 578 -25.08 -14.74 -26.02
C TRP C 578 -24.01 -15.22 -25.05
N ALA C 579 -23.75 -14.48 -23.98
CA ALA C 579 -22.72 -14.91 -23.04
C ALA C 579 -23.21 -15.91 -22.01
N SER C 580 -24.54 -16.06 -21.85
CA SER C 580 -25.08 -16.97 -20.85
C SER C 580 -24.57 -18.40 -21.04
N TRP C 581 -24.33 -18.82 -22.28
CA TRP C 581 -23.76 -20.15 -22.49
C TRP C 581 -22.27 -20.06 -22.26
N ILE C 582 -21.85 -20.37 -21.03
CA ILE C 582 -20.45 -20.18 -20.64
C ILE C 582 -19.50 -20.70 -21.70
N PRO C 583 -19.67 -21.91 -22.26
CA PRO C 583 -18.75 -22.37 -23.30
C PRO C 583 -18.67 -21.42 -24.49
N ASN C 584 -19.69 -20.60 -24.71
CA ASN C 584 -19.70 -19.67 -25.83
C ASN C 584 -19.05 -18.33 -25.51
N ALA C 585 -18.84 -18.00 -24.23
CA ALA C 585 -18.15 -16.75 -23.96
C ALA C 585 -17.49 -16.80 -22.58
N PRO C 586 -16.43 -17.59 -22.42
CA PRO C 586 -15.81 -17.74 -21.11
C PRO C 586 -15.17 -16.43 -20.67
N PRO C 587 -15.48 -15.96 -19.46
CA PRO C 587 -14.80 -14.76 -18.94
C PRO C 587 -13.37 -15.05 -18.54
N THR C 588 -13.00 -16.32 -18.36
CA THR C 588 -11.62 -16.68 -18.05
C THR C 588 -11.35 -18.09 -18.54
N MET C 589 -10.06 -18.41 -18.64
CA MET C 589 -9.58 -19.73 -19.02
C MET C 589 -8.53 -20.17 -18.02
N ARG C 590 -8.60 -21.42 -17.57
CA ARG C 590 -7.70 -21.90 -16.54
C ARG C 590 -6.60 -22.81 -17.08
N ALA C 591 -6.43 -22.86 -18.39
CA ALA C 591 -5.35 -23.61 -19.01
C ALA C 591 -4.78 -22.80 -20.16
N PRO C 592 -3.48 -22.95 -20.45
CA PRO C 592 -2.87 -22.19 -21.56
C PRO C 592 -3.38 -22.68 -22.89
N PRO C 593 -3.29 -21.86 -23.94
CA PRO C 593 -3.77 -22.26 -25.26
C PRO C 593 -3.08 -23.53 -25.72
N PRO C 594 -3.80 -24.44 -26.37
CA PRO C 594 -3.19 -25.71 -26.77
C PRO C 594 -2.05 -25.49 -27.75
N THR C 595 -0.91 -26.08 -27.44
CA THR C 595 0.29 -25.94 -28.26
C THR C 595 0.56 -27.16 -29.14
N ALA C 596 -0.32 -28.16 -29.13
CA ALA C 596 -0.14 -29.35 -29.94
C ALA C 596 -1.51 -29.91 -30.31
N LYS C 597 -1.52 -30.69 -31.38
CA LYS C 597 -2.73 -31.29 -31.90
C LYS C 597 -2.89 -32.73 -31.42
N GLY C 598 -4.14 -33.11 -31.15
CA GLY C 598 -4.45 -34.44 -30.65
C GLY C 598 -4.10 -34.66 -29.20
N VAL C 599 -3.96 -33.60 -28.42
CA VAL C 599 -3.56 -33.69 -27.02
C VAL C 599 -4.63 -33.23 -26.08
N VAL C 600 -5.82 -32.89 -26.58
CA VAL C 600 -6.87 -32.32 -25.76
C VAL C 600 -8.10 -33.20 -25.88
N THR C 601 -8.75 -33.41 -24.74
CA THR C 601 -9.95 -34.24 -24.62
C THR C 601 -11.05 -33.38 -24.02
N ILE C 602 -12.29 -33.75 -24.34
CA ILE C 602 -13.43 -32.96 -23.89
C ILE C 602 -13.33 -32.70 -22.39
N GLU C 603 -12.81 -33.69 -21.65
CA GLU C 603 -12.56 -33.52 -20.22
C GLU C 603 -11.64 -32.33 -19.97
N GLN C 604 -10.55 -32.23 -20.75
CA GLN C 604 -9.67 -31.09 -20.58
C GLN C 604 -10.34 -29.76 -20.93
N ILE C 605 -11.32 -29.78 -21.83
CA ILE C 605 -12.09 -28.56 -22.06
C ILE C 605 -12.86 -28.20 -20.82
N VAL C 606 -13.60 -29.17 -20.26
CA VAL C 606 -14.40 -28.89 -19.06
C VAL C 606 -13.50 -28.33 -17.96
N ASP C 607 -12.31 -28.87 -17.82
CA ASP C 607 -11.39 -28.41 -16.78
C ASP C 607 -10.72 -27.08 -17.11
N THR C 608 -10.58 -26.75 -18.39
CA THR C 608 -10.01 -25.46 -18.76
C THR C 608 -11.00 -24.33 -18.58
N LEU C 609 -12.30 -24.60 -18.73
CA LEU C 609 -13.32 -23.58 -18.61
C LEU C 609 -13.47 -23.14 -17.17
N PRO C 610 -14.21 -22.08 -16.92
CA PRO C 610 -14.32 -21.54 -15.56
C PRO C 610 -14.87 -22.56 -14.58
N ASP C 611 -14.57 -22.31 -13.31
CA ASP C 611 -15.08 -23.09 -12.20
C ASP C 611 -16.56 -22.78 -12.00
N ARG C 612 -17.17 -23.43 -11.01
CA ARG C 612 -18.59 -23.18 -10.75
C ARG C 612 -18.84 -21.75 -10.27
N GLY C 613 -17.92 -21.21 -9.49
CA GLY C 613 -18.12 -19.88 -8.91
C GLY C 613 -17.97 -18.76 -9.92
N ARG C 614 -16.94 -18.82 -10.77
CA ARG C 614 -16.82 -17.79 -11.79
C ARG C 614 -17.98 -17.89 -12.78
N SER C 615 -18.42 -19.10 -13.10
CA SER C 615 -19.61 -19.24 -13.94
C SER C 615 -20.79 -18.51 -13.32
N CYS C 616 -21.04 -18.75 -12.02
CA CYS C 616 -22.19 -18.12 -11.38
C CYS C 616 -22.06 -16.60 -11.38
N TRP C 617 -20.87 -16.07 -11.08
CA TRP C 617 -20.71 -14.62 -11.09
C TRP C 617 -20.86 -14.04 -12.50
N HIS C 618 -20.37 -14.77 -13.52
CA HIS C 618 -20.53 -14.33 -14.89
C HIS C 618 -22.00 -14.21 -15.25
N LEU C 619 -22.78 -15.24 -14.89
CA LEU C 619 -24.21 -15.22 -15.18
C LEU C 619 -24.89 -14.06 -14.46
N GLY C 620 -24.58 -13.89 -13.17
CA GLY C 620 -25.17 -12.78 -12.44
C GLY C 620 -24.87 -11.44 -13.08
N ALA C 621 -23.61 -11.23 -13.49
CA ALA C 621 -23.20 -9.96 -14.07
C ALA C 621 -23.87 -9.69 -15.42
N VAL C 622 -23.87 -10.70 -16.30
CA VAL C 622 -24.46 -10.50 -17.63
C VAL C 622 -25.97 -10.33 -17.53
N TRP C 623 -26.61 -11.08 -16.63
CA TRP C 623 -28.04 -10.94 -16.44
C TRP C 623 -28.36 -9.54 -15.91
N ALA C 624 -27.63 -9.08 -14.89
CA ALA C 624 -27.88 -7.75 -14.36
C ALA C 624 -27.72 -6.70 -15.44
N LEU C 625 -26.66 -6.80 -16.25
CA LEU C 625 -26.47 -5.80 -17.30
C LEU C 625 -27.44 -5.97 -18.46
N SER C 626 -28.25 -7.03 -18.48
CA SER C 626 -29.18 -7.26 -19.57
C SER C 626 -30.62 -6.87 -19.23
N GLN C 627 -30.80 -5.88 -18.35
CA GLN C 627 -32.11 -5.57 -17.80
C GLN C 627 -32.52 -4.14 -18.10
N PHE C 628 -33.81 -3.94 -18.38
CA PHE C 628 -34.42 -2.62 -18.48
C PHE C 628 -35.17 -2.31 -17.20
N GLN C 629 -35.16 -1.03 -16.81
CA GLN C 629 -35.94 -0.61 -15.65
C GLN C 629 -37.42 -0.49 -16.03
N GLU C 630 -38.30 -0.60 -15.03
CA GLU C 630 -39.72 -0.51 -15.34
C GLU C 630 -40.09 0.87 -15.87
N ASN C 631 -39.32 1.88 -15.53
CA ASN C 631 -39.52 3.20 -16.13
C ASN C 631 -38.29 3.57 -16.94
N GLU C 632 -37.99 2.76 -17.95
CA GLU C 632 -36.86 3.05 -18.82
C GLU C 632 -37.30 4.05 -19.87
N LEU C 633 -36.38 4.88 -20.31
CA LEU C 633 -36.72 5.88 -21.31
C LEU C 633 -35.97 5.53 -22.59
N PHE C 634 -36.72 5.19 -23.63
CA PHE C 634 -36.11 4.80 -24.88
C PHE C 634 -36.11 5.98 -25.84
N LEU C 635 -35.29 5.85 -26.87
CA LEU C 635 -34.97 6.97 -27.75
C LEU C 635 -36.23 7.68 -28.24
N GLY C 636 -36.36 8.95 -27.88
CA GLY C 636 -37.45 9.80 -28.31
C GLY C 636 -38.45 10.15 -27.22
N MET C 637 -38.57 9.32 -26.19
CA MET C 637 -39.49 9.59 -25.08
C MET C 637 -38.84 10.65 -24.19
N TYR C 638 -39.29 11.90 -24.32
CA TYR C 638 -38.68 13.04 -23.65
C TYR C 638 -39.62 13.70 -22.65
N PRO C 639 -39.91 13.01 -21.55
CA PRO C 639 -40.85 13.59 -20.57
C PRO C 639 -40.35 14.87 -19.93
N GLU C 640 -39.06 14.95 -19.60
CA GLU C 640 -38.53 16.18 -19.01
C GLU C 640 -38.44 17.26 -20.08
N GLU C 641 -39.36 18.22 -20.01
CA GLU C 641 -39.47 19.30 -21.00
C GLU C 641 -38.47 20.40 -20.68
N HIS C 642 -37.23 20.22 -21.16
CA HIS C 642 -36.29 21.33 -21.21
C HIS C 642 -36.60 22.27 -22.38
N PHE C 643 -36.80 21.70 -23.59
CA PHE C 643 -37.37 22.47 -24.68
C PHE C 643 -38.86 22.68 -24.42
N ILE C 644 -39.32 23.92 -24.61
CA ILE C 644 -40.73 24.27 -24.44
C ILE C 644 -41.30 24.98 -25.65
N GLU C 645 -40.48 25.27 -26.65
CA GLU C 645 -40.89 25.92 -27.88
C GLU C 645 -41.53 24.92 -28.83
N LYS C 646 -42.32 25.45 -29.76
CA LYS C 646 -43.19 24.66 -30.63
C LYS C 646 -42.42 23.98 -31.77
N PRO C 647 -41.55 24.69 -32.50
CA PRO C 647 -40.84 24.05 -33.63
C PRO C 647 -39.95 22.89 -33.22
N VAL C 648 -39.23 23.01 -32.11
CA VAL C 648 -38.36 21.92 -31.68
C VAL C 648 -39.18 20.74 -31.18
N LYS C 649 -40.35 21.01 -30.57
CA LYS C 649 -41.26 19.94 -30.23
C LYS C 649 -41.74 19.22 -31.48
N GLU C 650 -41.97 19.97 -32.57
CA GLU C 650 -42.33 19.36 -33.84
C GLU C 650 -41.20 18.49 -34.37
N ALA C 651 -39.96 18.97 -34.22
CA ALA C 651 -38.80 18.18 -34.63
C ALA C 651 -38.72 16.88 -33.85
N MET C 652 -38.93 16.93 -32.53
CA MET C 652 -38.96 15.71 -31.73
C MET C 652 -40.05 14.76 -32.21
N ALA C 653 -41.24 15.30 -32.51
CA ALA C 653 -42.33 14.44 -32.98
C ALA C 653 -41.96 13.73 -34.29
N ARG C 654 -41.42 14.48 -35.26
CA ARG C 654 -41.00 13.84 -36.51
C ARG C 654 -39.92 12.79 -36.25
N PHE C 655 -38.96 13.11 -35.38
CA PHE C 655 -37.95 12.13 -34.97
C PHE C 655 -38.61 10.85 -34.46
N ARG C 656 -39.58 10.98 -33.57
CA ARG C 656 -40.22 9.78 -33.01
C ARG C 656 -40.95 8.99 -34.09
N LYS C 657 -41.59 9.67 -35.03
CA LYS C 657 -42.25 8.94 -36.11
C LYS C 657 -41.25 8.15 -36.93
N ASN C 658 -40.12 8.77 -37.27
CA ASN C 658 -39.11 8.03 -38.01
C ASN C 658 -38.64 6.82 -37.21
N LEU C 659 -38.47 6.98 -35.90
CA LEU C 659 -38.05 5.87 -35.06
C LEU C 659 -39.06 4.72 -35.11
N GLU C 660 -40.35 5.05 -34.92
CA GLU C 660 -41.36 3.99 -34.95
C GLU C 660 -41.38 3.30 -36.31
N ALA C 661 -41.18 4.07 -37.39
CA ALA C 661 -41.09 3.47 -38.71
C ALA C 661 -39.93 2.49 -38.79
N ILE C 662 -38.77 2.88 -38.25
CA ILE C 662 -37.62 1.98 -38.23
C ILE C 662 -37.97 0.72 -37.44
N VAL C 663 -38.73 0.88 -36.36
CA VAL C 663 -39.14 -0.28 -35.58
C VAL C 663 -39.95 -1.22 -36.46
N SER C 664 -40.85 -0.67 -37.27
CA SER C 664 -41.62 -1.51 -38.17
C SER C 664 -40.71 -2.23 -39.16
N VAL C 665 -39.76 -1.50 -39.74
CA VAL C 665 -38.83 -2.11 -40.68
C VAL C 665 -38.14 -3.30 -40.02
N ILE C 666 -37.65 -3.11 -38.80
CA ILE C 666 -36.90 -4.16 -38.12
C ILE C 666 -37.80 -5.35 -37.83
N ALA C 667 -39.06 -5.11 -37.45
CA ALA C 667 -39.97 -6.21 -37.16
C ALA C 667 -40.29 -7.02 -38.41
N GLU C 668 -40.60 -6.34 -39.50
CA GLU C 668 -40.90 -7.06 -40.74
C GLU C 668 -39.68 -7.84 -41.21
N ARG C 669 -38.48 -7.25 -41.07
CA ARG C 669 -37.26 -7.98 -41.41
C ARG C 669 -37.12 -9.21 -40.53
N ASN C 670 -37.31 -9.05 -39.22
CA ASN C 670 -37.14 -10.16 -38.30
C ASN C 670 -38.10 -11.30 -38.58
N GLU C 671 -39.29 -11.00 -39.12
CA GLU C 671 -40.25 -12.08 -39.37
C GLU C 671 -39.67 -13.15 -40.31
N ASN C 672 -38.60 -12.83 -41.04
CA ASN C 672 -37.98 -13.77 -41.96
C ASN C 672 -36.68 -14.35 -41.42
N LEU C 673 -36.42 -14.23 -40.12
CA LEU C 673 -35.10 -14.54 -39.59
C LEU C 673 -35.06 -15.81 -38.75
N GLN C 674 -34.01 -16.59 -38.98
CA GLN C 674 -33.67 -17.70 -38.10
C GLN C 674 -33.54 -17.21 -36.66
N LEU C 675 -32.61 -16.29 -36.43
CA LEU C 675 -32.38 -15.70 -35.12
C LEU C 675 -32.63 -14.21 -35.19
N PRO C 676 -33.69 -13.71 -34.57
CA PRO C 676 -34.00 -12.28 -34.68
C PRO C 676 -32.94 -11.42 -33.99
N TYR C 677 -32.76 -10.21 -34.52
CA TYR C 677 -31.81 -9.24 -33.99
C TYR C 677 -32.60 -8.03 -33.51
N TYR C 678 -32.81 -7.92 -32.20
CA TYR C 678 -33.69 -6.89 -31.63
C TYR C 678 -32.98 -5.74 -30.94
N TYR C 679 -31.64 -5.71 -30.92
CA TYR C 679 -30.97 -4.72 -30.08
C TYR C 679 -31.16 -3.29 -30.60
N LEU C 680 -31.19 -3.11 -31.91
CA LEU C 680 -31.35 -1.77 -32.48
C LEU C 680 -32.80 -1.42 -32.78
N SER C 681 -33.74 -2.17 -32.25
CA SER C 681 -35.14 -1.76 -32.32
C SER C 681 -35.33 -0.56 -31.40
N PRO C 682 -35.65 0.62 -31.93
CA PRO C 682 -35.68 1.84 -31.10
C PRO C 682 -36.48 1.70 -29.81
N ASP C 683 -37.42 0.75 -29.78
CA ASP C 683 -38.20 0.52 -28.57
C ASP C 683 -37.43 -0.23 -27.50
N ARG C 684 -36.16 -0.55 -27.77
CA ARG C 684 -35.28 -1.24 -26.83
C ARG C 684 -33.96 -0.49 -26.71
N ILE C 685 -33.90 0.73 -27.20
CA ILE C 685 -32.72 1.58 -27.19
C ILE C 685 -32.95 2.69 -26.15
N PRO C 686 -32.28 2.64 -25.00
CA PRO C 686 -32.40 3.73 -24.03
C PRO C 686 -31.97 5.06 -24.64
N ASN C 687 -32.20 6.14 -23.88
CA ASN C 687 -31.72 7.44 -24.30
C ASN C 687 -30.24 7.62 -23.98
N SER C 688 -29.79 7.11 -22.83
CA SER C 688 -28.43 7.32 -22.36
C SER C 688 -27.81 5.97 -21.99
N VAL C 689 -26.56 6.03 -21.53
CA VAL C 689 -25.80 4.86 -21.10
C VAL C 689 -25.99 4.75 -19.59
N ALA C 690 -27.10 4.17 -19.16
CA ALA C 690 -27.41 4.04 -17.74
C ALA C 690 -26.98 2.70 -17.19
N ILE C 691 -26.21 1.94 -17.94
CA ILE C 691 -25.60 0.69 -17.48
C ILE C 691 -24.66 0.25 -18.60
N SER D 23 -53.94 34.63 46.46
CA SER D 23 -52.76 35.15 45.78
C SER D 23 -52.02 34.03 45.04
N TYR D 24 -50.92 33.59 45.63
CA TYR D 24 -50.11 32.51 45.07
C TYR D 24 -50.65 31.16 45.52
N THR D 25 -50.88 30.28 44.56
CA THR D 25 -51.21 28.88 44.85
C THR D 25 -49.95 28.05 44.65
N VAL D 26 -49.36 27.59 45.75
CA VAL D 26 -48.11 26.85 45.71
C VAL D 26 -48.41 25.37 45.89
N THR D 27 -47.86 24.54 45.02
CA THR D 27 -48.10 23.09 45.04
C THR D 27 -46.78 22.34 45.15
N VAL D 28 -46.68 21.47 46.14
CA VAL D 28 -45.47 20.69 46.40
C VAL D 28 -45.81 19.23 46.11
N ALA D 29 -45.04 18.60 45.21
CA ALA D 29 -45.23 17.20 44.88
C ALA D 29 -44.16 16.39 45.60
N THR D 30 -44.56 15.55 46.53
CA THR D 30 -43.64 14.67 47.25
C THR D 30 -43.50 13.34 46.54
N GLY D 31 -42.36 12.69 46.78
CA GLY D 31 -42.02 11.49 46.05
C GLY D 31 -42.79 10.27 46.53
N SER D 32 -42.79 9.25 45.67
CA SER D 32 -43.40 7.95 45.96
C SER D 32 -42.44 7.01 46.67
N GLN D 33 -41.18 7.41 46.84
CA GLN D 33 -40.16 6.58 47.49
C GLN D 33 -40.63 6.08 48.85
N GLU D 34 -39.85 5.19 49.47
CA GLU D 34 -40.19 4.70 50.80
C GLU D 34 -39.98 5.77 51.86
N HIS D 35 -38.77 6.31 51.94
CA HIS D 35 -38.39 7.22 53.01
C HIS D 35 -38.55 8.68 52.63
N ALA D 36 -39.22 8.98 51.51
CA ALA D 36 -39.35 10.33 50.97
C ALA D 36 -40.30 11.22 51.74
N GLY D 37 -40.77 10.81 52.91
CA GLY D 37 -41.61 11.65 53.74
C GLY D 37 -40.77 12.31 54.81
N THR D 38 -41.18 13.50 55.22
CA THR D 38 -40.46 14.23 56.24
C THR D 38 -41.41 14.87 57.23
N ASP D 39 -40.99 14.87 58.51
CA ASP D 39 -41.69 15.58 59.56
C ASP D 39 -41.03 16.91 59.93
N ASP D 40 -39.92 17.26 59.29
CA ASP D 40 -39.25 18.51 59.60
C ASP D 40 -40.02 19.69 59.01
N TYR D 41 -39.65 20.90 59.46
CA TYR D 41 -40.26 22.11 58.95
C TYR D 41 -39.75 22.42 57.56
N ILE D 42 -40.65 22.88 56.69
CA ILE D 42 -40.29 23.28 55.33
C ILE D 42 -40.73 24.72 55.13
N TYR D 43 -39.77 25.61 54.98
CA TYR D 43 -40.04 27.00 54.65
C TYR D 43 -39.81 27.21 53.16
N LEU D 44 -40.51 28.18 52.60
CA LEU D 44 -40.50 28.42 51.16
C LEU D 44 -40.50 29.91 50.90
N SER D 45 -39.75 30.33 49.90
CA SER D 45 -39.67 31.73 49.51
C SER D 45 -39.68 31.82 47.99
N LEU D 46 -40.25 32.91 47.49
CA LEU D 46 -40.32 33.18 46.06
C LEU D 46 -39.39 34.36 45.74
N VAL D 47 -38.45 34.13 44.84
CA VAL D 47 -37.51 35.15 44.41
C VAL D 47 -38.01 35.72 43.09
N GLY D 48 -38.29 37.01 43.08
CA GLY D 48 -38.85 37.65 41.91
C GLY D 48 -37.92 38.64 41.27
N SER D 49 -38.21 39.03 40.02
CA SER D 49 -37.35 39.98 39.32
C SER D 49 -37.38 41.37 39.95
N ALA D 50 -38.35 41.66 40.81
CA ALA D 50 -38.42 42.96 41.47
C ALA D 50 -38.34 42.87 42.98
N GLY D 51 -38.13 41.67 43.53
CA GLY D 51 -38.02 41.51 44.96
C GLY D 51 -38.18 40.06 45.34
N CYS D 52 -37.93 39.78 46.61
CA CYS D 52 -38.10 38.46 47.17
C CYS D 52 -39.24 38.50 48.19
N SER D 53 -39.64 37.32 48.65
CA SER D 53 -40.77 37.18 49.56
C SER D 53 -40.31 36.55 50.86
N GLU D 54 -41.07 36.79 51.93
CA GLU D 54 -40.66 36.26 53.22
C GLU D 54 -40.62 34.74 53.16
N LYS D 55 -39.91 34.15 54.12
CA LYS D 55 -39.88 32.71 54.28
C LYS D 55 -41.22 32.25 54.86
N HIS D 56 -42.12 31.81 53.99
CA HIS D 56 -43.42 31.30 54.42
C HIS D 56 -43.30 29.82 54.78
N LEU D 57 -43.74 29.48 56.00
CA LEU D 57 -43.80 28.09 56.41
C LEU D 57 -45.07 27.50 55.80
N LEU D 58 -44.90 26.45 55.00
CA LEU D 58 -46.06 25.88 54.32
C LEU D 58 -46.99 25.20 55.32
N ASP D 59 -46.47 24.19 56.02
CA ASP D 59 -47.31 23.50 56.98
C ASP D 59 -46.47 23.04 58.16
N LYS D 60 -47.11 23.06 59.32
CA LYS D 60 -46.60 22.47 60.55
C LYS D 60 -46.68 20.95 60.50
N GLY D 61 -47.28 20.40 59.44
CA GLY D 61 -47.52 18.98 59.33
C GLY D 61 -46.58 18.22 58.39
N SER D 62 -46.54 16.91 58.60
CA SER D 62 -45.63 16.02 57.87
C SER D 62 -46.05 15.84 56.42
N PHE D 63 -45.09 15.98 55.52
CA PHE D 63 -45.29 15.63 54.12
C PHE D 63 -45.13 14.12 53.95
N GLU D 64 -46.08 13.48 53.27
CA GLU D 64 -46.07 12.03 53.11
C GLU D 64 -45.48 11.63 51.77
N ARG D 65 -45.08 10.36 51.68
CA ARG D 65 -44.55 9.85 50.43
C ARG D 65 -45.68 9.70 49.42
N GLY D 66 -45.48 10.23 48.21
CA GLY D 66 -46.49 10.22 47.17
C GLY D 66 -47.57 11.27 47.28
N ALA D 67 -47.42 12.26 48.16
CA ALA D 67 -48.44 13.27 48.40
C ALA D 67 -48.30 14.43 47.42
N VAL D 68 -49.31 15.29 47.40
CA VAL D 68 -49.28 16.55 46.65
C VAL D 68 -50.03 17.61 47.44
N ASP D 69 -49.31 18.52 48.08
CA ASP D 69 -49.92 19.50 48.98
C ASP D 69 -50.04 20.86 48.32
N SER D 70 -51.15 21.54 48.57
CA SER D 70 -51.42 22.85 47.99
C SER D 70 -51.65 23.87 49.10
N TYR D 71 -51.06 25.06 48.94
CA TYR D 71 -51.06 26.12 49.94
C TYR D 71 -51.39 27.47 49.33
N ASP D 72 -52.00 28.32 50.15
CA ASP D 72 -52.28 29.71 49.82
C ASP D 72 -51.19 30.57 50.41
N VAL D 73 -50.52 31.35 49.57
CA VAL D 73 -49.43 32.23 49.99
C VAL D 73 -49.81 33.64 49.55
N THR D 74 -49.85 34.56 50.51
CA THR D 74 -50.13 35.95 50.24
C THR D 74 -48.84 36.72 50.33
N VAL D 75 -48.52 37.46 49.28
CA VAL D 75 -47.23 38.15 49.19
C VAL D 75 -47.37 39.53 49.84
N ASP D 76 -46.32 39.95 50.53
CA ASP D 76 -46.37 41.24 51.21
C ASP D 76 -46.44 42.38 50.21
N GLU D 77 -45.83 42.21 49.06
CA GLU D 77 -45.80 43.23 48.01
C GLU D 77 -45.61 42.52 46.68
N GLU D 78 -45.90 43.22 45.60
CA GLU D 78 -45.69 42.64 44.28
C GLU D 78 -44.22 42.28 44.07
N LEU D 79 -43.98 41.03 43.65
CA LEU D 79 -42.63 40.52 43.43
C LEU D 79 -42.25 40.50 41.95
N GLY D 80 -43.16 40.85 41.06
CA GLY D 80 -42.89 40.73 39.65
C GLY D 80 -42.76 39.26 39.27
N GLU D 81 -42.40 39.04 38.02
CA GLU D 81 -42.27 37.69 37.50
C GLU D 81 -41.35 36.88 38.41
N ILE D 82 -41.83 35.73 38.87
CA ILE D 82 -41.04 34.88 39.76
C ILE D 82 -39.99 34.16 38.94
N GLN D 83 -38.73 34.25 39.37
CA GLN D 83 -37.62 33.63 38.65
C GLN D 83 -37.13 32.36 39.34
N LEU D 84 -37.05 32.37 40.66
CA LEU D 84 -36.55 31.26 41.44
C LEU D 84 -37.48 31.04 42.63
N VAL D 85 -37.40 29.86 43.23
CA VAL D 85 -38.10 29.59 44.48
C VAL D 85 -37.15 28.87 45.42
N ARG D 86 -37.00 29.39 46.63
CA ARG D 86 -36.14 28.82 47.65
C ARG D 86 -36.91 27.89 48.56
N ILE D 87 -36.27 26.79 48.94
CA ILE D 87 -36.83 25.79 49.84
C ILE D 87 -35.78 25.49 50.89
N GLU D 88 -36.12 25.75 52.14
CA GLU D 88 -35.30 25.38 53.29
C GLU D 88 -36.17 24.54 54.20
N LYS D 89 -35.54 23.60 54.90
CA LYS D 89 -36.26 22.65 55.75
C LYS D 89 -35.68 22.75 57.15
N ARG D 90 -36.53 23.02 58.13
CA ARG D 90 -36.09 23.11 59.51
C ARG D 90 -36.40 21.78 60.16
N LYS D 91 -35.38 21.15 60.73
CA LYS D 91 -35.55 19.82 61.29
C LYS D 91 -36.35 19.87 62.59
N TYR D 92 -37.38 19.05 62.66
CA TYR D 92 -38.17 18.82 63.87
C TYR D 92 -37.76 17.48 64.46
N GLY D 93 -37.17 17.51 65.65
CA GLY D 93 -36.65 16.30 66.23
C GLY D 93 -35.72 15.61 65.26
N SER D 94 -35.63 14.28 65.40
CA SER D 94 -34.92 13.40 64.47
C SER D 94 -34.95 13.95 63.06
N ASN D 95 -33.78 14.32 62.53
CA ASN D 95 -33.67 14.89 61.18
C ASN D 95 -34.03 13.88 60.11
N ASP D 96 -34.94 14.27 59.20
CA ASP D 96 -35.44 13.44 58.11
C ASP D 96 -35.11 14.06 56.76
N ASP D 97 -34.65 13.23 55.82
CA ASP D 97 -34.42 13.69 54.46
C ASP D 97 -35.72 13.65 53.68
N TRP D 98 -35.91 14.62 52.78
CA TRP D 98 -37.17 14.80 52.09
C TRP D 98 -36.93 14.79 50.60
N TYR D 99 -37.61 13.90 49.87
CA TYR D 99 -37.46 13.89 48.42
C TYR D 99 -38.55 14.76 47.82
N LEU D 100 -38.14 15.88 47.25
CA LEU D 100 -39.06 16.79 46.58
C LEU D 100 -39.04 16.48 45.09
N LYS D 101 -40.23 16.33 44.50
CA LYS D 101 -40.37 16.04 43.07
C LYS D 101 -40.38 17.34 42.26
N TYR D 102 -41.44 18.12 42.42
CA TYR D 102 -41.55 19.40 41.73
C TYR D 102 -42.36 20.37 42.57
N ILE D 103 -42.43 21.61 42.09
CA ILE D 103 -43.19 22.67 42.75
C ILE D 103 -43.88 23.51 41.68
N THR D 104 -45.17 23.71 41.82
CA THR D 104 -45.94 24.51 40.88
C THR D 104 -46.39 25.80 41.54
N LEU D 105 -46.43 26.86 40.76
CA LEU D 105 -46.92 28.17 41.19
C LEU D 105 -48.05 28.60 40.28
N LYS D 106 -49.13 29.06 40.88
CA LYS D 106 -50.20 29.75 40.18
C LYS D 106 -50.14 31.17 40.73
N THR D 107 -49.62 32.08 39.92
CA THR D 107 -49.40 33.43 40.42
C THR D 107 -50.70 34.21 40.41
N PRO D 108 -50.75 35.32 41.14
CA PRO D 108 -51.96 36.16 41.08
C PRO D 108 -52.27 36.61 39.67
N HIS D 109 -51.27 37.04 38.93
CA HIS D 109 -51.42 37.54 37.57
C HIS D 109 -51.82 36.46 36.57
N GLY D 110 -52.12 35.24 37.04
CA GLY D 110 -52.57 34.20 36.15
C GLY D 110 -51.48 33.38 35.49
N ASP D 111 -50.41 33.09 36.22
CA ASP D 111 -49.26 32.40 35.66
C ASP D 111 -49.11 31.03 36.30
N TYR D 112 -48.94 30.02 35.46
CA TYR D 112 -48.63 28.67 35.92
C TYR D 112 -47.17 28.38 35.60
N ILE D 113 -46.37 28.16 36.63
CA ILE D 113 -44.93 27.98 36.49
C ILE D 113 -44.52 26.73 37.26
N GLU D 114 -43.85 25.81 36.59
CA GLU D 114 -43.45 24.55 37.21
C GLU D 114 -41.93 24.54 37.37
N PHE D 115 -41.47 24.15 38.55
CA PHE D 115 -40.05 24.03 38.89
C PHE D 115 -39.76 22.56 39.15
N PRO D 116 -39.04 21.87 38.27
CA PRO D 116 -38.66 20.49 38.57
C PRO D 116 -37.54 20.48 39.60
N CYS D 117 -37.73 19.72 40.67
CA CYS D 117 -36.71 19.55 41.70
C CYS D 117 -36.07 18.16 41.62
N TYR D 118 -36.79 17.13 42.05
CA TYR D 118 -36.30 15.76 41.98
C TYR D 118 -34.99 15.62 42.77
N ARG D 119 -35.04 16.02 44.04
CA ARG D 119 -33.83 16.01 44.84
C ARG D 119 -34.15 15.67 46.28
N TRP D 120 -33.13 15.16 46.99
CA TRP D 120 -33.21 14.95 48.42
C TRP D 120 -32.76 16.22 49.13
N ILE D 121 -33.63 16.72 50.00
CA ILE D 121 -33.42 17.93 50.76
C ILE D 121 -33.21 17.50 52.21
N THR D 122 -32.01 17.74 52.71
CA THR D 122 -31.64 17.42 54.08
C THR D 122 -31.21 18.68 54.82
N GLY D 123 -31.62 18.78 56.08
CA GLY D 123 -31.27 19.89 56.93
C GLY D 123 -29.95 20.60 56.64
N ASP D 124 -28.93 19.88 56.14
CA ASP D 124 -27.60 20.48 56.01
C ASP D 124 -27.60 21.72 55.09
N VAL D 125 -28.40 21.71 54.02
CA VAL D 125 -28.35 22.79 53.03
C VAL D 125 -29.76 23.20 52.60
N GLU D 126 -29.84 24.43 52.08
CA GLU D 126 -31.04 24.98 51.46
C GLU D 126 -30.97 24.83 49.93
N VAL D 127 -32.08 24.36 49.35
CA VAL D 127 -32.18 24.15 47.90
C VAL D 127 -32.87 25.35 47.26
N VAL D 128 -32.44 25.71 46.05
CA VAL D 128 -33.04 26.80 45.28
C VAL D 128 -33.33 26.30 43.86
N LEU D 129 -34.59 26.40 43.44
CA LEU D 129 -35.04 25.86 42.16
C LEU D 129 -35.37 26.96 41.16
N ARG D 130 -35.18 26.64 39.87
CA ARG D 130 -35.44 27.52 38.73
C ARG D 130 -36.49 26.91 37.82
N ASP D 131 -37.06 27.76 36.96
CA ASP D 131 -38.11 27.32 36.05
C ASP D 131 -37.62 26.17 35.17
N GLY D 132 -38.54 25.25 34.87
CA GLY D 132 -38.22 24.06 34.10
C GLY D 132 -37.84 24.29 32.65
N ARG D 133 -37.88 25.53 32.16
CA ARG D 133 -37.54 25.79 30.76
C ARG D 133 -36.04 25.65 30.57
N ALA D 134 -35.63 24.67 29.77
CA ALA D 134 -34.20 24.41 29.60
C ALA D 134 -33.51 25.67 29.12
N LYS D 135 -32.34 25.95 29.69
CA LYS D 135 -31.67 27.22 29.49
C LYS D 135 -30.20 27.04 29.17
N LEU D 136 -29.70 27.86 28.27
CA LEU D 136 -28.28 27.97 28.02
C LEU D 136 -27.73 29.23 28.68
N ALA D 137 -26.44 29.21 28.98
CA ALA D 137 -25.81 30.33 29.67
C ALA D 137 -26.05 31.64 28.93
N ARG D 138 -26.04 31.60 27.59
CA ARG D 138 -26.29 32.81 26.81
C ARG D 138 -27.63 33.43 27.16
N ASP D 139 -28.60 32.61 27.58
CA ASP D 139 -29.93 33.11 27.89
C ASP D 139 -29.96 33.89 29.22
N ASP D 140 -29.09 33.55 30.17
CA ASP D 140 -29.10 34.21 31.47
C ASP D 140 -28.35 35.52 31.38
N GLN D 141 -29.00 36.61 31.76
CA GLN D 141 -28.42 37.95 31.65
C GLN D 141 -28.63 38.84 32.86
N ILE D 142 -29.34 38.37 33.89
CA ILE D 142 -29.61 39.18 35.07
C ILE D 142 -28.83 38.58 36.23
N HIS D 143 -28.35 39.46 37.13
CA HIS D 143 -27.51 39.03 38.24
C HIS D 143 -28.12 37.87 39.00
N ILE D 144 -29.45 37.82 39.10
CA ILE D 144 -30.11 36.81 39.93
C ILE D 144 -29.90 35.42 39.33
N LEU D 145 -30.31 35.24 38.06
CA LEU D 145 -30.19 33.94 37.42
C LEU D 145 -28.73 33.56 37.20
N LYS D 146 -27.92 34.51 36.77
CA LYS D 146 -26.51 34.23 36.54
C LYS D 146 -25.81 33.82 37.82
N GLN D 147 -26.09 34.53 38.92
CA GLN D 147 -25.52 34.15 40.21
C GLN D 147 -26.00 32.77 40.62
N HIS D 148 -27.28 32.46 40.40
CA HIS D 148 -27.78 31.15 40.75
C HIS D 148 -27.01 30.06 40.00
N ARG D 149 -26.81 30.24 38.69
CA ARG D 149 -26.11 29.24 37.91
C ARG D 149 -24.66 29.10 38.39
N ARG D 150 -24.00 30.22 38.65
CA ARG D 150 -22.62 30.19 39.14
C ARG D 150 -22.51 29.44 40.46
N LYS D 151 -23.35 29.78 41.43
CA LYS D 151 -23.30 29.07 42.71
C LYS D 151 -23.67 27.60 42.54
N GLU D 152 -24.62 27.29 41.65
CA GLU D 152 -24.99 25.90 41.44
C GLU D 152 -23.77 25.11 40.98
N LEU D 153 -23.04 25.64 40.02
CA LEU D 153 -21.86 24.91 39.53
C LEU D 153 -20.74 24.89 40.58
N GLU D 154 -20.59 25.97 41.36
CA GLU D 154 -19.61 25.95 42.44
C GLU D 154 -19.90 24.81 43.41
N THR D 155 -21.16 24.67 43.83
CA THR D 155 -21.52 23.65 44.80
C THR D 155 -21.44 22.26 44.18
N ARG D 156 -21.85 22.14 42.92
CA ARG D 156 -21.75 20.88 42.20
C ARG D 156 -20.31 20.39 42.14
N GLN D 157 -19.39 21.28 41.78
CA GLN D 157 -17.99 20.90 41.63
C GLN D 157 -17.33 20.64 42.97
N LYS D 158 -17.78 21.30 44.03
CA LYS D 158 -17.28 20.90 45.35
C LYS D 158 -17.85 19.56 45.79
N GLN D 159 -19.09 19.24 45.38
CA GLN D 159 -19.81 18.11 45.95
C GLN D 159 -19.57 16.80 45.23
N TYR D 160 -19.41 16.84 43.91
CA TYR D 160 -19.19 15.65 43.10
C TYR D 160 -17.79 15.79 42.50
N ARG D 161 -16.81 15.20 43.16
CA ARG D 161 -15.41 15.33 42.79
C ARG D 161 -14.89 14.04 42.17
N TRP D 162 -13.74 14.17 41.51
CA TRP D 162 -13.08 13.05 40.85
C TRP D 162 -12.06 12.42 41.80
N MET D 163 -11.84 11.12 41.63
CA MET D 163 -10.92 10.34 42.43
C MET D 163 -10.40 9.19 41.58
N GLU D 164 -9.16 8.80 41.81
CA GLU D 164 -8.58 7.67 41.11
C GLU D 164 -8.66 6.47 42.04
N TRP D 165 -9.57 5.55 41.75
CA TRP D 165 -9.74 4.37 42.60
C TRP D 165 -8.57 3.42 42.47
N ASN D 166 -8.19 3.10 41.23
CA ASN D 166 -7.06 2.24 40.96
C ASN D 166 -6.23 2.83 39.83
N PRO D 167 -4.93 2.57 39.83
CA PRO D 167 -4.08 3.16 38.78
C PRO D 167 -4.52 2.74 37.39
N GLY D 168 -4.36 3.65 36.43
CA GLY D 168 -4.75 3.41 35.06
C GLY D 168 -6.23 3.31 34.81
N PHE D 169 -7.05 3.35 35.86
CA PHE D 169 -8.50 3.30 35.74
C PHE D 169 -9.03 4.66 35.29
N PRO D 170 -10.19 4.68 34.62
CA PRO D 170 -10.89 5.95 34.44
C PRO D 170 -11.20 6.56 35.79
N LEU D 171 -11.26 7.88 35.84
CA LEU D 171 -11.53 8.56 37.10
C LEU D 171 -12.98 8.37 37.49
N SER D 172 -13.23 8.19 38.78
CA SER D 172 -14.53 7.89 39.34
C SER D 172 -14.91 8.94 40.39
N ILE D 173 -16.09 8.81 40.98
CA ILE D 173 -16.51 9.77 42.00
C ILE D 173 -15.57 9.68 43.19
N ASP D 174 -15.28 10.82 43.80
CA ASP D 174 -14.40 10.90 44.97
C ASP D 174 -15.12 10.45 46.24
N ALA D 175 -15.60 9.21 46.21
CA ALA D 175 -16.28 8.60 47.33
C ALA D 175 -15.62 7.27 47.70
N LYS D 176 -15.58 6.99 49.00
CA LYS D 176 -15.10 5.72 49.52
C LYS D 176 -16.21 4.69 49.64
N CYS D 177 -17.38 5.07 50.17
CA CYS D 177 -18.53 4.18 50.25
C CYS D 177 -19.78 4.91 49.77
N HIS D 178 -20.85 4.13 49.61
CA HIS D 178 -22.11 4.66 49.07
C HIS D 178 -22.68 5.76 49.96
N LYS D 179 -22.71 5.53 51.28
CA LYS D 179 -23.29 6.52 52.18
C LYS D 179 -22.55 7.85 52.18
N ASP D 180 -21.34 7.90 51.60
CA ASP D 180 -20.54 9.12 51.53
C ASP D 180 -20.79 9.93 50.27
N LEU D 181 -21.59 9.40 49.33
CA LEU D 181 -21.92 10.12 48.12
C LEU D 181 -22.90 11.23 48.44
N PRO D 182 -23.04 12.22 47.56
CA PRO D 182 -24.15 13.16 47.72
C PRO D 182 -25.47 12.39 47.71
N ARG D 183 -26.34 12.74 48.66
CA ARG D 183 -27.60 12.02 48.81
C ARG D 183 -28.39 12.01 47.51
N ASP D 184 -28.19 13.01 46.65
CA ASP D 184 -28.94 13.06 45.41
C ASP D 184 -28.62 11.91 44.47
N ILE D 185 -27.41 11.34 44.58
CA ILE D 185 -27.00 10.30 43.65
C ILE D 185 -26.91 8.93 44.31
N GLN D 186 -27.49 8.78 45.50
CA GLN D 186 -27.48 7.50 46.17
C GLN D 186 -28.63 6.63 45.69
N PHE D 187 -28.59 5.35 46.11
CA PHE D 187 -29.76 4.50 45.99
C PHE D 187 -30.79 5.00 46.99
N ASP D 188 -32.07 4.92 46.64
CA ASP D 188 -33.09 5.46 47.52
C ASP D 188 -32.96 4.87 48.92
N SER D 189 -32.60 3.60 49.01
CA SER D 189 -32.23 2.93 50.25
C SER D 189 -30.75 2.58 50.23
N GLU D 190 -30.16 2.44 51.42
CA GLU D 190 -28.76 2.06 51.51
C GLU D 190 -28.56 0.61 51.07
N LYS D 191 -29.40 -0.30 51.56
CA LYS D 191 -29.30 -1.71 51.21
C LYS D 191 -30.41 -2.14 50.25
N GLY D 192 -31.02 -1.19 49.53
CA GLY D 192 -32.04 -1.56 48.57
C GLY D 192 -31.45 -2.42 47.47
N VAL D 193 -30.30 -2.01 46.94
CA VAL D 193 -29.55 -2.76 45.94
C VAL D 193 -28.18 -3.02 46.56
N ASP D 194 -28.04 -4.15 47.24
CA ASP D 194 -26.81 -4.52 47.94
C ASP D 194 -26.31 -5.85 47.41
N PHE D 195 -25.05 -5.88 46.97
CA PHE D 195 -24.47 -7.13 46.47
C PHE D 195 -24.44 -8.20 47.56
N VAL D 196 -24.05 -7.83 48.77
CA VAL D 196 -23.99 -8.80 49.85
C VAL D 196 -25.37 -9.43 50.06
N LEU D 197 -26.41 -8.60 50.06
CA LEU D 197 -27.76 -9.12 50.20
C LEU D 197 -28.28 -9.75 48.91
N ASN D 198 -28.04 -9.12 47.75
CA ASN D 198 -28.67 -9.63 46.53
C ASN D 198 -28.10 -10.99 46.12
N TYR D 199 -26.79 -11.18 46.28
CA TYR D 199 -26.18 -12.47 45.97
C TYR D 199 -26.68 -13.55 46.91
N SER D 200 -26.71 -13.26 48.21
CA SER D 200 -27.14 -14.25 49.17
C SER D 200 -28.62 -14.58 49.02
N LYS D 201 -29.45 -13.56 48.76
CA LYS D 201 -30.86 -13.82 48.59
C LYS D 201 -31.13 -14.61 47.33
N ALA D 202 -30.32 -14.41 46.29
CA ALA D 202 -30.45 -15.26 45.11
C ALA D 202 -30.03 -16.69 45.44
N MET D 203 -28.88 -16.86 46.09
CA MET D 203 -28.42 -18.21 46.39
C MET D 203 -29.45 -18.96 47.22
N GLU D 204 -30.16 -18.25 48.09
CA GLU D 204 -31.21 -18.84 48.90
C GLU D 204 -32.49 -19.05 48.11
N ASN D 205 -32.78 -18.17 47.15
CA ASN D 205 -33.96 -18.34 46.32
C ASN D 205 -33.82 -19.54 45.40
N LEU D 206 -32.62 -19.77 44.88
CA LEU D 206 -32.37 -20.88 43.96
C LEU D 206 -32.15 -22.22 44.65
N PHE D 207 -32.18 -22.26 45.99
CA PHE D 207 -32.03 -23.51 46.74
C PHE D 207 -30.61 -24.07 46.62
N ILE D 208 -29.61 -23.18 46.65
CA ILE D 208 -28.22 -23.58 46.51
C ILE D 208 -27.41 -23.01 47.66
N ASN D 209 -28.09 -22.64 48.73
CA ASN D 209 -27.42 -22.04 49.89
C ASN D 209 -26.51 -23.05 50.60
N ARG D 210 -26.88 -24.33 50.61
CA ARG D 210 -26.11 -25.37 51.29
C ARG D 210 -24.66 -25.44 50.83
N PHE D 211 -24.32 -24.84 49.69
CA PHE D 211 -22.98 -24.90 49.12
C PHE D 211 -22.19 -23.62 49.32
N MET D 212 -22.65 -22.76 50.23
CA MET D 212 -22.09 -21.42 50.36
C MET D 212 -20.59 -21.45 50.63
N HIS D 213 -20.10 -22.47 51.35
CA HIS D 213 -18.70 -22.57 51.73
C HIS D 213 -18.07 -23.87 51.26
N MET D 214 -18.47 -24.35 50.07
CA MET D 214 -17.97 -25.63 49.59
C MET D 214 -16.96 -25.38 48.47
N PHE D 215 -15.89 -24.67 48.79
CA PHE D 215 -14.85 -24.28 47.84
C PHE D 215 -13.81 -25.35 47.56
N GLN D 216 -13.99 -26.59 48.04
CA GLN D 216 -13.03 -27.65 47.76
C GLN D 216 -13.71 -28.92 47.27
N SER D 217 -15.02 -28.86 47.03
CA SER D 217 -15.80 -30.00 46.58
C SER D 217 -16.29 -29.78 45.16
N SER D 218 -16.05 -30.76 44.31
CA SER D 218 -16.47 -30.73 42.91
C SER D 218 -17.74 -31.55 42.74
N TRP D 219 -18.54 -31.19 41.76
CA TRP D 219 -19.73 -31.97 41.45
C TRP D 219 -19.32 -33.38 41.04
N ASN D 220 -19.97 -34.38 41.65
CA ASN D 220 -19.54 -35.77 41.46
C ASN D 220 -19.55 -36.17 39.99
N ASP D 221 -20.38 -35.52 39.18
CA ASP D 221 -20.45 -35.75 37.74
C ASP D 221 -21.29 -34.59 37.18
N PHE D 222 -21.46 -34.59 35.86
CA PHE D 222 -22.38 -33.63 35.24
C PHE D 222 -23.81 -33.84 35.74
N ALA D 223 -24.17 -35.08 36.07
CA ALA D 223 -25.53 -35.35 36.56
C ALA D 223 -25.81 -34.58 37.84
N ASP D 224 -24.83 -34.45 38.74
CA ASP D 224 -25.09 -33.76 40.00
C ASP D 224 -25.49 -32.31 39.75
N PHE D 225 -24.67 -31.56 39.02
CA PHE D 225 -25.01 -30.18 38.73
C PHE D 225 -26.27 -30.10 37.89
N GLU D 226 -26.49 -31.06 36.99
CA GLU D 226 -27.68 -31.02 36.15
C GLU D 226 -28.95 -31.12 37.01
N LYS D 227 -28.93 -31.97 38.03
CA LYS D 227 -30.06 -32.09 38.95
C LYS D 227 -30.21 -30.84 39.82
N ILE D 228 -29.11 -30.19 40.18
CA ILE D 228 -29.30 -28.90 40.88
C ILE D 228 -29.87 -27.85 39.92
N PHE D 229 -29.53 -27.93 38.63
CA PHE D 229 -29.89 -26.93 37.64
C PHE D 229 -31.33 -27.07 37.15
N VAL D 230 -31.87 -28.29 37.11
CA VAL D 230 -33.21 -28.48 36.59
C VAL D 230 -34.23 -27.66 37.38
N LYS D 231 -33.95 -27.39 38.65
CA LYS D 231 -34.90 -26.67 39.48
C LYS D 231 -34.88 -25.16 39.20
N ILE D 232 -33.74 -24.63 38.76
CA ILE D 232 -33.60 -23.19 38.57
C ILE D 232 -33.46 -22.80 37.10
N SER D 233 -33.32 -23.76 36.19
CA SER D 233 -33.08 -23.43 34.79
C SER D 233 -34.24 -22.60 34.24
N ASN D 234 -33.96 -21.88 33.16
CA ASN D 234 -34.93 -21.13 32.37
C ASN D 234 -34.94 -21.68 30.94
N THR D 235 -35.60 -20.95 30.04
CA THR D 235 -35.72 -21.33 28.63
C THR D 235 -34.34 -21.46 27.96
N ILE D 236 -33.69 -20.32 27.76
CA ILE D 236 -32.38 -20.34 27.12
C ILE D 236 -31.41 -21.15 27.97
N SER D 237 -31.54 -21.08 29.29
CA SER D 237 -30.65 -21.83 30.16
C SER D 237 -30.83 -23.33 29.98
N GLU D 238 -32.08 -23.78 29.88
CA GLU D 238 -32.34 -25.21 29.73
C GLU D 238 -31.87 -25.72 28.38
N ARG D 239 -32.04 -24.92 27.32
CA ARG D 239 -31.52 -25.33 26.03
C ARG D 239 -29.99 -25.32 26.01
N VAL D 240 -29.36 -24.29 26.59
CA VAL D 240 -27.91 -24.29 26.74
C VAL D 240 -27.49 -25.58 27.42
N MET D 241 -28.18 -25.96 28.50
CA MET D 241 -27.85 -27.20 29.18
C MET D 241 -27.91 -28.39 28.22
N ASN D 242 -28.97 -28.48 27.43
CA ASN D 242 -29.12 -29.68 26.62
C ASN D 242 -28.19 -29.71 25.42
N HIS D 243 -27.65 -28.56 24.98
CA HIS D 243 -26.95 -28.52 23.71
C HIS D 243 -25.64 -27.75 23.79
N TRP D 244 -25.03 -27.71 24.96
CA TRP D 244 -23.82 -26.92 25.20
C TRP D 244 -22.57 -27.53 24.57
N GLN D 245 -22.58 -28.83 24.28
CA GLN D 245 -21.44 -29.50 23.66
C GLN D 245 -21.43 -29.40 22.14
N GLU D 246 -22.35 -28.61 21.56
CA GLU D 246 -22.52 -28.55 20.11
C GLU D 246 -21.81 -27.32 19.55
N ASP D 247 -21.03 -27.53 18.51
CA ASP D 247 -20.27 -26.43 17.91
C ASP D 247 -21.18 -25.30 17.46
N LEU D 248 -22.43 -25.60 17.13
CA LEU D 248 -23.36 -24.57 16.69
C LEU D 248 -23.67 -23.60 17.83
N MET D 249 -23.89 -24.12 19.03
CA MET D 249 -24.10 -23.26 20.19
C MET D 249 -22.86 -22.44 20.52
N PHE D 250 -21.70 -23.09 20.47
CA PHE D 250 -20.44 -22.42 20.75
C PHE D 250 -20.28 -21.21 19.86
N GLY D 251 -20.44 -21.40 18.54
CA GLY D 251 -20.30 -20.29 17.63
C GLY D 251 -21.44 -19.30 17.74
N TYR D 252 -22.64 -19.77 18.10
CA TYR D 252 -23.81 -18.90 18.14
C TYR D 252 -23.68 -17.85 19.23
N GLN D 253 -23.03 -18.20 20.33
CA GLN D 253 -22.90 -17.21 21.39
C GLN D 253 -22.02 -16.03 20.98
N PHE D 254 -21.06 -16.24 20.08
CA PHE D 254 -20.20 -15.16 19.64
C PHE D 254 -20.95 -14.06 18.89
N LEU D 255 -22.16 -14.36 18.43
CA LEU D 255 -23.00 -13.39 17.75
C LEU D 255 -24.20 -12.94 18.57
N ASN D 256 -24.86 -13.87 19.25
CA ASN D 256 -26.11 -13.52 19.90
C ASN D 256 -26.12 -13.93 21.37
N GLY D 257 -24.97 -14.26 21.95
CA GLY D 257 -24.88 -14.58 23.36
C GLY D 257 -24.81 -13.33 24.21
N ALA D 258 -24.28 -13.51 25.43
CA ALA D 258 -24.15 -12.43 26.40
C ALA D 258 -22.89 -11.61 26.22
N ASN D 259 -22.00 -12.00 25.30
CA ASN D 259 -20.76 -11.27 25.05
C ASN D 259 -20.52 -11.23 23.54
N PRO D 260 -21.50 -10.72 22.78
CA PRO D 260 -21.44 -10.78 21.31
C PRO D 260 -20.67 -9.62 20.70
N VAL D 261 -19.48 -9.33 21.25
CA VAL D 261 -18.75 -8.12 20.90
C VAL D 261 -17.33 -8.40 20.42
N LEU D 262 -16.89 -9.66 20.42
CA LEU D 262 -15.50 -10.00 20.20
C LEU D 262 -15.19 -10.58 18.81
N ILE D 263 -16.20 -11.06 18.09
CA ILE D 263 -15.96 -11.71 16.81
C ILE D 263 -15.36 -10.73 15.81
N ARG D 264 -14.51 -11.26 14.93
CA ARG D 264 -13.86 -10.48 13.89
C ARG D 264 -13.90 -11.25 12.59
N ARG D 265 -14.16 -10.54 11.49
CA ARG D 265 -13.95 -11.13 10.19
C ARG D 265 -12.44 -11.16 9.95
N CYS D 266 -11.92 -12.29 9.48
CA CYS D 266 -10.48 -12.44 9.33
C CYS D 266 -10.05 -12.08 7.92
N THR D 267 -9.10 -11.17 7.81
CA THR D 267 -8.52 -10.76 6.54
C THR D 267 -7.15 -11.39 6.27
N GLU D 268 -6.48 -11.93 7.28
CA GLU D 268 -5.21 -12.60 7.08
C GLU D 268 -4.94 -13.51 8.27
N LEU D 269 -4.48 -14.72 7.99
CA LEU D 269 -4.28 -15.68 9.05
C LEU D 269 -3.19 -15.17 10.00
N PRO D 270 -3.40 -15.22 11.31
CA PRO D 270 -2.35 -14.79 12.23
C PRO D 270 -1.14 -15.69 12.12
N GLU D 271 0.04 -15.08 12.13
CA GLU D 271 1.26 -15.88 12.14
C GLU D 271 1.39 -16.63 13.45
N LYS D 272 0.78 -16.12 14.52
CA LYS D 272 0.86 -16.80 15.80
C LYS D 272 0.07 -18.09 15.79
N LEU D 273 -0.91 -18.21 14.91
CA LEU D 273 -1.72 -19.42 14.83
C LEU D 273 -1.39 -20.20 13.56
N PRO D 274 -0.51 -21.19 13.62
CA PRO D 274 -0.12 -21.90 12.40
C PRO D 274 -1.09 -23.03 12.04
N VAL D 275 -2.35 -22.67 11.80
CA VAL D 275 -3.35 -23.65 11.40
C VAL D 275 -3.15 -23.94 9.92
N THR D 276 -3.42 -25.18 9.53
CA THR D 276 -3.14 -25.64 8.18
C THR D 276 -4.44 -26.05 7.48
N THR D 277 -4.43 -25.96 6.15
CA THR D 277 -5.58 -26.40 5.37
C THR D 277 -5.88 -27.87 5.63
N GLU D 278 -4.82 -28.70 5.70
CA GLU D 278 -5.02 -30.11 6.02
C GLU D 278 -5.62 -30.30 7.40
N MET D 279 -5.38 -29.36 8.32
CA MET D 279 -5.92 -29.51 9.68
C MET D 279 -7.42 -29.26 9.72
N VAL D 280 -7.92 -28.40 8.85
CA VAL D 280 -9.31 -27.97 8.90
C VAL D 280 -10.08 -28.43 7.65
N GLU D 281 -9.47 -29.27 6.81
CA GLU D 281 -10.14 -29.70 5.58
C GLU D 281 -11.53 -30.26 5.87
N CYS D 282 -11.69 -30.95 6.99
CA CYS D 282 -12.97 -31.57 7.30
C CYS D 282 -14.02 -30.55 7.69
N SER D 283 -13.61 -29.44 8.29
CA SER D 283 -14.55 -28.39 8.66
C SER D 283 -15.00 -27.57 7.44
N LEU D 284 -14.13 -27.44 6.44
CA LEU D 284 -14.45 -26.63 5.27
C LEU D 284 -15.43 -27.34 4.35
N GLU D 285 -16.33 -26.56 3.74
CA GLU D 285 -17.46 -27.12 3.00
C GLU D 285 -17.57 -26.52 1.59
N ARG D 286 -16.49 -25.98 1.04
CA ARG D 286 -16.54 -25.36 -0.27
C ARG D 286 -15.44 -25.86 -1.19
N GLN D 287 -14.64 -26.84 -0.76
CA GLN D 287 -13.51 -27.37 -1.52
C GLN D 287 -12.45 -26.29 -1.77
N LEU D 288 -12.44 -25.25 -0.95
CA LEU D 288 -11.45 -24.20 -1.03
C LEU D 288 -10.42 -24.39 0.08
N SER D 289 -9.32 -23.67 -0.06
CA SER D 289 -8.24 -23.74 0.92
C SER D 289 -8.53 -22.78 2.05
N LEU D 290 -8.01 -23.10 3.24
CA LEU D 290 -8.23 -22.26 4.40
C LEU D 290 -7.82 -20.81 4.12
N GLU D 291 -6.64 -20.63 3.53
CA GLU D 291 -6.17 -19.28 3.22
C GLU D 291 -7.06 -18.63 2.17
N GLN D 292 -7.41 -19.38 1.12
CA GLN D 292 -8.33 -18.87 0.09
C GLN D 292 -9.69 -18.55 0.70
N GLU D 293 -10.13 -19.37 1.66
CA GLU D 293 -11.41 -19.13 2.31
C GLU D 293 -11.34 -17.87 3.14
N VAL D 294 -10.17 -17.58 3.73
CA VAL D 294 -9.99 -16.32 4.44
C VAL D 294 -10.11 -15.16 3.47
N GLN D 295 -9.54 -15.31 2.27
CA GLN D 295 -9.70 -14.24 1.30
C GLN D 295 -11.14 -14.08 0.86
N GLN D 296 -11.95 -15.15 0.93
CA GLN D 296 -13.36 -14.98 0.60
C GLN D 296 -14.15 -14.35 1.75
N GLY D 297 -13.57 -14.29 2.94
CA GLY D 297 -14.26 -13.72 4.09
C GLY D 297 -15.06 -14.71 4.89
N ASN D 298 -14.72 -15.98 4.85
CA ASN D 298 -15.49 -16.98 5.59
C ASN D 298 -14.82 -17.42 6.87
N ILE D 299 -13.67 -16.84 7.22
CA ILE D 299 -12.95 -17.17 8.43
C ILE D 299 -13.05 -16.01 9.41
N PHE D 300 -13.51 -16.29 10.61
CA PHE D 300 -13.65 -15.31 11.68
C PHE D 300 -12.77 -15.75 12.84
N ILE D 301 -12.49 -14.82 13.74
CA ILE D 301 -11.49 -15.09 14.77
C ILE D 301 -11.89 -14.40 16.06
N VAL D 302 -11.51 -15.02 17.17
CA VAL D 302 -11.61 -14.43 18.50
C VAL D 302 -10.24 -14.55 19.14
N ASP D 303 -9.58 -13.41 19.35
CA ASP D 303 -8.21 -13.38 19.84
C ASP D 303 -8.22 -12.86 21.27
N PHE D 304 -7.71 -13.65 22.20
CA PHE D 304 -7.72 -13.30 23.63
C PHE D 304 -6.34 -12.83 24.10
N GLU D 305 -5.70 -11.99 23.30
CA GLU D 305 -4.38 -11.47 23.65
C GLU D 305 -4.40 -10.70 24.96
N LEU D 306 -5.55 -10.16 25.34
CA LEU D 306 -5.61 -9.32 26.53
C LEU D 306 -5.60 -10.14 27.80
N LEU D 307 -5.90 -11.42 27.72
CA LEU D 307 -5.85 -12.31 28.87
C LEU D 307 -4.46 -12.91 29.05
N ASP D 308 -3.56 -12.63 28.12
CA ASP D 308 -2.20 -13.14 28.20
C ASP D 308 -1.40 -12.27 29.16
N GLY D 309 -0.89 -12.88 30.25
CA GLY D 309 -0.12 -12.18 31.26
C GLY D 309 -0.90 -11.76 32.48
N ILE D 310 -2.21 -11.95 32.50
CA ILE D 310 -3.03 -11.65 33.67
C ILE D 310 -2.72 -12.65 34.78
N ASP D 311 -2.74 -12.17 36.03
CA ASP D 311 -2.41 -13.02 37.16
C ASP D 311 -3.64 -13.83 37.59
N ALA D 312 -3.47 -15.13 37.79
CA ALA D 312 -4.59 -15.96 38.22
C ALA D 312 -4.87 -15.73 39.71
N ASN D 313 -6.07 -16.13 40.13
CA ASN D 313 -6.55 -15.85 41.49
C ASN D 313 -5.83 -16.73 42.51
N LYS D 314 -4.96 -16.12 43.32
CA LYS D 314 -4.25 -16.84 44.36
C LYS D 314 -4.77 -16.53 45.76
N THR D 315 -5.93 -15.88 45.88
CA THR D 315 -6.44 -15.54 47.20
C THR D 315 -6.82 -16.78 48.00
N ASP D 316 -7.08 -17.90 47.33
CA ASP D 316 -7.39 -19.16 48.00
C ASP D 316 -6.15 -20.03 47.88
N PRO D 317 -5.30 -20.11 48.90
CA PRO D 317 -4.06 -20.87 48.75
C PRO D 317 -4.28 -22.34 48.47
N CYS D 318 -5.38 -22.91 48.94
CA CYS D 318 -5.67 -24.32 48.77
C CYS D 318 -6.37 -24.63 47.46
N THR D 319 -6.54 -23.64 46.58
CA THR D 319 -7.09 -23.87 45.25
C THR D 319 -6.27 -23.09 44.24
N LEU D 320 -5.71 -23.80 43.27
CA LEU D 320 -4.98 -23.17 42.18
C LEU D 320 -5.95 -22.87 41.04
N GLN D 321 -6.02 -21.61 40.64
CA GLN D 321 -6.85 -21.17 39.53
C GLN D 321 -5.97 -20.77 38.36
N PHE D 322 -6.47 -21.00 37.15
CA PHE D 322 -5.67 -20.86 35.94
C PHE D 322 -6.42 -20.04 34.91
N LEU D 323 -5.67 -19.26 34.15
CA LEU D 323 -6.17 -18.49 33.01
C LEU D 323 -5.49 -18.99 31.75
N ALA D 324 -6.00 -18.53 30.61
CA ALA D 324 -5.40 -18.83 29.31
C ALA D 324 -5.53 -17.59 28.44
N ALA D 325 -5.08 -17.70 27.19
CA ALA D 325 -5.19 -16.61 26.23
C ALA D 325 -5.48 -17.20 24.85
N PRO D 326 -6.62 -17.87 24.70
CA PRO D 326 -6.89 -18.62 23.47
C PRO D 326 -6.99 -17.73 22.23
N ILE D 327 -6.88 -18.42 21.10
CA ILE D 327 -7.20 -17.91 19.77
C ILE D 327 -8.16 -18.92 19.15
N CYS D 328 -9.38 -18.48 18.88
CA CYS D 328 -10.39 -19.33 18.29
C CYS D 328 -10.58 -18.92 16.84
N LEU D 329 -10.45 -19.89 15.94
CA LEU D 329 -10.72 -19.71 14.52
C LEU D 329 -12.05 -20.36 14.19
N LEU D 330 -12.94 -19.61 13.56
CA LEU D 330 -14.29 -20.05 13.24
C LEU D 330 -14.54 -19.91 11.75
N TYR D 331 -15.54 -20.63 11.26
CA TYR D 331 -15.81 -20.78 9.85
C TYR D 331 -17.30 -20.64 9.58
N LYS D 332 -17.64 -20.01 8.45
CA LYS D 332 -19.02 -19.78 8.04
C LYS D 332 -19.38 -20.83 6.99
N ASN D 333 -20.20 -21.81 7.38
CA ASN D 333 -20.45 -22.93 6.48
C ASN D 333 -21.49 -22.55 5.43
N LEU D 334 -21.76 -23.50 4.54
CA LEU D 334 -22.69 -23.27 3.44
C LEU D 334 -24.06 -22.83 3.93
N ALA D 335 -24.42 -23.20 5.16
CA ALA D 335 -25.68 -22.80 5.77
C ALA D 335 -25.61 -21.41 6.39
N ASN D 336 -24.50 -20.69 6.19
CA ASN D 336 -24.32 -19.33 6.72
C ASN D 336 -24.25 -19.31 8.24
N LYS D 337 -23.81 -20.40 8.85
CA LYS D 337 -23.67 -20.51 10.29
C LYS D 337 -22.20 -20.52 10.69
N ILE D 338 -21.88 -19.85 11.79
CA ILE D 338 -20.51 -19.69 12.26
C ILE D 338 -20.22 -20.76 13.30
N VAL D 339 -19.30 -21.66 12.97
CA VAL D 339 -18.93 -22.77 13.85
C VAL D 339 -17.41 -22.81 14.04
N PRO D 340 -16.92 -23.24 15.20
CA PRO D 340 -15.48 -23.25 15.44
C PRO D 340 -14.78 -24.34 14.64
N ILE D 341 -13.67 -23.98 14.02
CA ILE D 341 -12.84 -24.93 13.29
C ILE D 341 -11.46 -25.10 13.89
N ALA D 342 -11.02 -24.22 14.78
CA ALA D 342 -9.71 -24.38 15.40
C ALA D 342 -9.66 -23.63 16.72
N ILE D 343 -8.90 -24.18 17.67
CA ILE D 343 -8.77 -23.57 18.99
C ILE D 343 -7.34 -23.79 19.48
N GLN D 344 -6.62 -22.71 19.75
CA GLN D 344 -5.32 -22.79 20.39
C GLN D 344 -5.38 -22.03 21.71
N LEU D 345 -5.15 -22.72 22.81
CA LEU D 345 -5.48 -22.15 24.11
C LEU D 345 -4.52 -21.03 24.55
N ASN D 346 -3.35 -20.90 23.94
CA ASN D 346 -2.39 -19.88 24.34
C ASN D 346 -1.89 -19.11 23.12
N GLN D 347 -1.13 -18.05 23.39
CA GLN D 347 -0.78 -17.08 22.36
C GLN D 347 0.47 -17.49 21.56
N ILE D 348 1.48 -18.03 22.24
CA ILE D 348 2.75 -18.40 21.62
C ILE D 348 2.64 -19.84 21.14
N PRO D 349 2.83 -20.12 19.85
CA PRO D 349 2.70 -21.49 19.35
C PRO D 349 3.81 -22.37 19.92
N GLY D 350 3.72 -23.65 19.61
CA GLY D 350 4.76 -24.57 20.01
C GLY D 350 4.28 -26.00 20.00
N ASP D 351 5.08 -26.85 20.63
CA ASP D 351 4.74 -28.25 20.78
C ASP D 351 3.83 -28.48 21.98
N GLU D 352 3.84 -27.56 22.95
CA GLU D 352 3.03 -27.66 24.16
C GLU D 352 1.73 -26.86 24.11
N ASN D 353 1.51 -26.07 23.07
CA ASN D 353 0.25 -25.36 22.86
C ASN D 353 -0.38 -25.89 21.57
N PRO D 354 -1.00 -27.07 21.62
CA PRO D 354 -1.55 -27.64 20.39
C PRO D 354 -2.68 -26.78 19.85
N ILE D 355 -2.87 -26.86 18.54
CA ILE D 355 -4.03 -26.30 17.87
C ILE D 355 -5.07 -27.41 17.85
N PHE D 356 -6.06 -27.32 18.74
CA PHE D 356 -7.07 -28.34 18.85
C PHE D 356 -8.09 -28.22 17.73
N LEU D 357 -8.73 -29.33 17.42
CA LEU D 357 -9.59 -29.46 16.26
C LEU D 357 -10.81 -30.28 16.63
N PRO D 358 -11.92 -30.12 15.90
CA PRO D 358 -13.08 -31.00 16.08
C PRO D 358 -12.81 -32.43 15.67
N SER D 359 -11.69 -32.69 14.97
CA SER D 359 -11.31 -34.04 14.61
C SER D 359 -10.61 -34.76 15.76
N ASP D 360 -10.24 -34.03 16.81
CA ASP D 360 -9.55 -34.62 17.94
C ASP D 360 -10.53 -35.45 18.77
N ALA D 361 -10.00 -36.06 19.83
CA ALA D 361 -10.85 -36.79 20.77
C ALA D 361 -11.98 -35.88 21.27
N LYS D 362 -13.10 -36.50 21.63
CA LYS D 362 -14.28 -35.71 21.99
C LYS D 362 -13.96 -34.67 23.07
N TYR D 363 -13.26 -35.08 24.14
CA TYR D 363 -13.07 -34.24 25.31
C TYR D 363 -11.88 -33.29 25.18
N ASP D 364 -10.91 -33.60 24.30
CA ASP D 364 -9.91 -32.60 23.97
C ASP D 364 -10.56 -31.40 23.27
N TRP D 365 -11.38 -31.66 22.25
CA TRP D 365 -12.08 -30.58 21.56
C TRP D 365 -13.05 -29.87 22.48
N LEU D 366 -13.75 -30.63 23.33
CA LEU D 366 -14.68 -30.03 24.25
C LEU D 366 -13.97 -29.10 25.22
N LEU D 367 -12.80 -29.52 25.73
CA LEU D 367 -12.08 -28.69 26.67
C LEU D 367 -11.50 -27.44 26.01
N ALA D 368 -11.01 -27.56 24.78
CA ALA D 368 -10.57 -26.37 24.08
C ALA D 368 -11.71 -25.36 23.95
N LYS D 369 -12.89 -25.85 23.56
CA LYS D 369 -14.05 -24.97 23.44
C LYS D 369 -14.44 -24.35 24.77
N ILE D 370 -14.38 -25.16 25.84
CA ILE D 370 -14.72 -24.69 27.18
C ILE D 370 -13.77 -23.59 27.64
N TRP D 371 -12.47 -23.75 27.36
CA TRP D 371 -11.52 -22.71 27.73
C TRP D 371 -11.76 -21.43 26.93
N VAL D 372 -12.06 -21.56 25.63
CA VAL D 372 -12.39 -20.35 24.87
C VAL D 372 -13.61 -19.67 25.47
N ARG D 373 -14.61 -20.46 25.86
CA ARG D 373 -15.83 -19.93 26.45
C ARG D 373 -15.55 -19.23 27.78
N SER D 374 -14.78 -19.88 28.66
CA SER D 374 -14.36 -19.28 29.93
C SER D 374 -13.63 -17.96 29.70
N SER D 375 -12.74 -17.92 28.70
CA SER D 375 -12.03 -16.68 28.39
C SER D 375 -13.00 -15.59 27.98
N ASP D 376 -14.00 -15.94 27.17
CA ASP D 376 -15.02 -14.98 26.78
C ASP D 376 -15.74 -14.45 28.02
N PHE D 377 -16.01 -15.33 28.97
CA PHE D 377 -16.67 -14.88 30.20
C PHE D 377 -15.78 -13.94 31.01
N HIS D 378 -14.49 -14.25 31.10
CA HIS D 378 -13.59 -13.39 31.86
C HIS D 378 -13.50 -12.00 31.23
N VAL D 379 -13.39 -11.93 29.91
CA VAL D 379 -13.40 -10.63 29.26
C VAL D 379 -14.75 -9.94 29.50
N HIS D 380 -15.85 -10.67 29.32
CA HIS D 380 -17.16 -10.06 29.44
C HIS D 380 -17.32 -9.36 30.78
N GLN D 381 -17.02 -10.07 31.87
CA GLN D 381 -17.30 -9.52 33.19
C GLN D 381 -16.60 -8.18 33.42
N THR D 382 -15.33 -8.06 32.99
CA THR D 382 -14.49 -6.91 33.27
C THR D 382 -14.49 -5.87 32.15
N ILE D 383 -14.31 -6.31 30.90
CA ILE D 383 -14.08 -5.37 29.81
C ILE D 383 -15.40 -5.05 29.12
N THR D 384 -16.11 -6.08 28.67
CA THR D 384 -17.40 -5.87 28.02
C THR D 384 -18.38 -5.16 28.94
N HIS D 385 -18.36 -5.52 30.22
CA HIS D 385 -19.42 -5.15 31.14
C HIS D 385 -19.04 -3.98 32.04
N LEU D 386 -18.03 -4.15 32.88
CA LEU D 386 -17.59 -3.15 33.85
C LEU D 386 -17.02 -1.91 33.18
N LEU D 387 -15.84 -2.02 32.59
CA LEU D 387 -15.15 -0.88 32.00
C LEU D 387 -16.00 -0.15 30.97
N ARG D 388 -16.25 -0.81 29.85
CA ARG D 388 -16.79 -0.11 28.69
C ARG D 388 -18.22 0.39 28.88
N THR D 389 -18.93 -0.05 29.90
CA THR D 389 -20.28 0.45 30.19
C THR D 389 -20.35 1.15 31.54
N HIS D 390 -20.09 0.45 32.64
CA HIS D 390 -20.22 1.06 33.96
C HIS D 390 -19.32 2.27 34.09
N LEU D 391 -18.02 2.10 33.84
CA LEU D 391 -17.04 3.15 34.11
C LEU D 391 -17.18 4.28 33.12
N VAL D 392 -17.51 3.97 31.87
CA VAL D 392 -17.77 4.99 30.86
C VAL D 392 -18.96 5.83 31.27
N SER D 393 -20.06 5.17 31.62
CA SER D 393 -21.26 5.88 32.08
C SER D 393 -20.94 6.72 33.30
N GLU D 394 -20.12 6.22 34.21
CA GLU D 394 -19.79 7.00 35.40
C GLU D 394 -19.00 8.24 35.04
N VAL D 395 -18.09 8.13 34.07
CA VAL D 395 -17.37 9.31 33.63
C VAL D 395 -18.36 10.35 33.09
N PHE D 396 -19.27 9.90 32.22
CA PHE D 396 -20.25 10.82 31.65
C PHE D 396 -21.13 11.44 32.73
N GLY D 397 -21.53 10.64 33.71
CA GLY D 397 -22.38 11.15 34.77
C GLY D 397 -21.68 12.18 35.63
N ILE D 398 -20.43 11.91 36.00
CA ILE D 398 -19.71 12.86 36.83
C ILE D 398 -19.47 14.16 36.07
N ALA D 399 -19.13 14.05 34.79
CA ALA D 399 -18.99 15.27 33.99
C ALA D 399 -20.30 16.02 33.93
N MET D 400 -21.41 15.29 33.77
CA MET D 400 -22.73 15.90 33.71
C MET D 400 -23.03 16.67 35.00
N TYR D 401 -22.81 16.04 36.15
CA TYR D 401 -23.13 16.70 37.41
C TYR D 401 -22.17 17.83 37.73
N ARG D 402 -20.92 17.77 37.27
CA ARG D 402 -20.01 18.85 37.60
C ARG D 402 -20.24 20.07 36.70
N GLN D 403 -20.58 19.86 35.42
CA GLN D 403 -20.52 20.95 34.45
C GLN D 403 -21.85 21.44 33.93
N LEU D 404 -22.95 20.70 34.12
CA LEU D 404 -24.25 21.07 33.57
C LEU D 404 -25.24 21.43 34.65
N PRO D 405 -25.68 22.69 34.75
CA PRO D 405 -26.67 23.06 35.76
C PRO D 405 -28.02 22.42 35.49
N ALA D 406 -28.80 22.29 36.57
CA ALA D 406 -30.06 21.53 36.53
C ALA D 406 -31.07 22.11 35.55
N VAL D 407 -30.93 23.39 35.18
CA VAL D 407 -31.79 24.01 34.18
C VAL D 407 -31.31 23.75 32.77
N HIS D 408 -30.24 23.00 32.61
CA HIS D 408 -29.68 22.85 31.27
C HIS D 408 -30.40 21.75 30.50
N PRO D 409 -30.67 21.94 29.21
CA PRO D 409 -31.37 20.90 28.44
C PRO D 409 -30.63 19.58 28.39
N ILE D 410 -29.29 19.61 28.37
CA ILE D 410 -28.52 18.36 28.36
C ILE D 410 -28.55 17.69 29.73
N PHE D 411 -28.53 18.47 30.80
CA PHE D 411 -28.77 17.88 32.11
C PHE D 411 -30.13 17.22 32.13
N LYS D 412 -31.17 17.98 31.77
CA LYS D 412 -32.51 17.44 31.76
C LYS D 412 -32.60 16.19 30.89
N LEU D 413 -31.74 16.06 29.88
CA LEU D 413 -31.81 14.95 28.95
C LEU D 413 -31.06 13.72 29.45
N LEU D 414 -29.83 13.91 29.93
CA LEU D 414 -28.99 12.79 30.34
C LEU D 414 -29.22 12.34 31.78
N VAL D 415 -29.75 13.21 32.65
CA VAL D 415 -29.82 12.86 34.07
C VAL D 415 -30.55 11.55 34.28
N ALA D 416 -31.55 11.26 33.44
CA ALA D 416 -32.31 10.02 33.55
C ALA D 416 -31.54 8.79 33.08
N HIS D 417 -30.36 8.98 32.49
CA HIS D 417 -29.54 7.88 32.00
C HIS D 417 -28.31 7.60 32.85
N VAL D 418 -28.04 8.45 33.85
CA VAL D 418 -26.97 8.25 34.82
C VAL D 418 -27.57 7.92 36.19
N ARG D 419 -28.82 7.46 36.20
CA ARG D 419 -29.53 7.18 37.43
C ARG D 419 -28.98 5.90 38.08
N PHE D 420 -28.51 6.01 39.32
CA PHE D 420 -28.00 4.91 40.15
C PHE D 420 -26.68 4.36 39.65
N THR D 421 -26.06 5.01 38.66
CA THR D 421 -24.84 4.44 38.10
C THR D 421 -23.64 4.68 39.02
N ILE D 422 -23.49 5.91 39.51
CA ILE D 422 -22.44 6.19 40.48
C ILE D 422 -22.63 5.34 41.74
N ALA D 423 -23.88 5.17 42.16
CA ALA D 423 -24.14 4.44 43.40
C ALA D 423 -23.88 2.95 43.23
N ILE D 424 -24.30 2.38 42.11
CA ILE D 424 -24.06 0.96 41.86
C ILE D 424 -22.56 0.71 41.68
N ASN D 425 -21.87 1.62 41.00
CA ASN D 425 -20.43 1.46 40.83
C ASN D 425 -19.70 1.55 42.16
N THR D 426 -20.07 2.53 42.99
CA THR D 426 -19.47 2.67 44.31
C THR D 426 -19.72 1.44 45.17
N LYS D 427 -20.94 0.89 45.10
CA LYS D 427 -21.25 -0.32 45.84
C LYS D 427 -20.37 -1.48 45.38
N ALA D 428 -20.17 -1.60 44.07
CA ALA D 428 -19.26 -2.62 43.55
C ALA D 428 -17.86 -2.44 44.11
N ARG D 429 -17.33 -1.22 44.01
CA ARG D 429 -15.97 -0.96 44.46
C ARG D 429 -15.83 -1.18 45.97
N GLU D 430 -16.90 -0.97 46.70
CA GLU D 430 -16.90 -1.12 48.15
C GLU D 430 -17.11 -2.55 48.61
N GLN D 431 -17.70 -3.40 47.79
CA GLN D 431 -18.05 -4.78 48.15
C GLN D 431 -17.61 -5.80 47.12
N LEU D 432 -17.65 -5.46 45.83
CA LEU D 432 -17.52 -6.44 44.77
C LEU D 432 -16.08 -6.60 44.28
N ILE D 433 -15.51 -5.53 43.73
CA ILE D 433 -14.22 -5.61 43.06
C ILE D 433 -13.11 -4.98 43.89
N CYS D 434 -13.37 -4.72 45.17
CA CYS D 434 -12.31 -4.28 46.04
C CYS D 434 -11.39 -5.46 46.37
N GLU D 435 -10.27 -5.17 47.02
CA GLU D 435 -9.40 -6.22 47.49
C GLU D 435 -10.14 -7.07 48.52
N CYS D 436 -10.22 -8.37 48.27
CA CYS D 436 -10.99 -9.31 49.09
C CYS D 436 -12.49 -9.10 48.92
N GLY D 437 -12.93 -8.70 47.72
CA GLY D 437 -14.35 -8.51 47.45
C GLY D 437 -15.02 -9.78 46.95
N LEU D 438 -16.35 -9.70 46.80
CA LEU D 438 -17.12 -10.86 46.37
C LEU D 438 -16.58 -11.43 45.07
N PHE D 439 -15.95 -10.59 44.25
CA PHE D 439 -15.46 -11.05 42.95
C PHE D 439 -14.40 -12.14 43.13
N ASP D 440 -13.48 -11.98 44.09
CA ASP D 440 -12.40 -12.94 44.26
C ASP D 440 -12.89 -14.31 44.74
N LYS D 441 -14.18 -14.44 45.04
CA LYS D 441 -14.67 -15.70 45.58
C LYS D 441 -14.72 -16.78 44.52
N ALA D 442 -15.22 -16.46 43.33
CA ALA D 442 -15.41 -17.46 42.30
C ALA D 442 -14.59 -17.26 41.02
N ASN D 443 -14.25 -16.02 40.67
CA ASN D 443 -13.62 -15.74 39.39
C ASN D 443 -12.10 -15.85 39.45
N ALA D 444 -11.52 -16.43 38.41
CA ALA D 444 -10.07 -16.59 38.32
C ALA D 444 -9.34 -15.26 38.11
N THR D 445 -10.04 -14.22 37.66
CA THR D 445 -9.44 -12.91 37.52
C THR D 445 -9.57 -12.06 38.77
N GLY D 446 -9.95 -12.67 39.90
CA GLY D 446 -9.93 -11.96 41.17
C GLY D 446 -8.53 -11.83 41.73
N GLY D 447 -8.41 -11.00 42.75
CA GLY D 447 -7.12 -10.79 43.39
C GLY D 447 -6.19 -9.83 42.67
N GLY D 448 -6.66 -9.12 41.65
CA GLY D 448 -5.83 -8.16 40.96
C GLY D 448 -5.83 -8.36 39.46
N GLY D 449 -6.19 -9.57 39.02
CA GLY D 449 -6.21 -9.83 37.59
C GLY D 449 -7.11 -8.88 36.84
N HIS D 450 -8.32 -8.62 37.36
CA HIS D 450 -9.25 -7.76 36.64
C HIS D 450 -8.78 -6.31 36.63
N VAL D 451 -8.08 -5.88 37.67
CA VAL D 451 -7.51 -4.54 37.66
C VAL D 451 -6.53 -4.40 36.49
N GLN D 452 -5.61 -5.37 36.37
CA GLN D 452 -4.66 -5.39 35.26
C GLN D 452 -5.41 -5.44 33.93
N MET D 453 -6.50 -6.21 33.88
CA MET D 453 -7.29 -6.30 32.67
C MET D 453 -7.81 -4.92 32.27
N VAL D 454 -8.40 -4.21 33.23
CA VAL D 454 -8.93 -2.86 32.97
C VAL D 454 -7.81 -1.95 32.49
N GLN D 455 -6.67 -1.98 33.19
CA GLN D 455 -5.55 -1.13 32.79
C GLN D 455 -5.14 -1.40 31.36
N ARG D 456 -5.01 -2.68 31.00
CA ARG D 456 -4.55 -3.02 29.65
C ARG D 456 -5.59 -2.64 28.60
N ALA D 457 -6.87 -2.86 28.87
CA ALA D 457 -7.91 -2.51 27.90
C ALA D 457 -8.10 -1.00 27.80
N MET D 458 -7.77 -0.27 28.87
CA MET D 458 -7.96 1.17 28.90
C MET D 458 -7.36 1.84 27.68
N LYS D 459 -6.14 1.44 27.32
CA LYS D 459 -5.48 2.00 26.15
C LYS D 459 -6.17 1.62 24.86
N ASP D 460 -7.15 0.71 24.93
CA ASP D 460 -7.95 0.28 23.79
C ASP D 460 -9.28 1.03 23.68
N LEU D 461 -9.70 1.76 24.72
CA LEU D 461 -10.98 2.47 24.69
C LEU D 461 -10.88 3.71 23.82
N THR D 462 -11.80 3.82 22.86
CA THR D 462 -11.79 4.93 21.93
C THR D 462 -13.20 5.48 21.75
N TYR D 463 -13.28 6.73 21.33
CA TYR D 463 -14.58 7.32 21.02
C TYR D 463 -15.26 6.58 19.89
N ALA D 464 -14.49 6.03 18.95
CA ALA D 464 -15.08 5.29 17.84
C ALA D 464 -15.60 3.92 18.29
N SER D 465 -14.98 3.29 19.28
CA SER D 465 -15.45 1.97 19.70
C SER D 465 -16.84 2.02 20.32
N LEU D 466 -17.24 3.17 20.88
CA LEU D 466 -18.57 3.33 21.46
C LEU D 466 -19.61 3.78 20.44
N CYS D 467 -19.19 4.25 19.28
CA CYS D 467 -20.11 4.57 18.20
C CYS D 467 -20.50 3.27 17.51
N PHE D 468 -21.81 2.96 17.49
CA PHE D 468 -22.25 1.60 17.20
C PHE D 468 -21.97 1.19 15.76
N PRO D 469 -22.45 1.91 14.74
CA PRO D 469 -22.17 1.48 13.37
C PRO D 469 -20.68 1.42 13.07
N GLU D 470 -19.95 2.47 13.44
CA GLU D 470 -18.52 2.50 13.22
C GLU D 470 -17.87 1.29 13.85
N ALA D 471 -18.28 0.97 15.09
CA ALA D 471 -17.70 -0.14 15.81
C ALA D 471 -17.97 -1.45 15.11
N ILE D 472 -19.19 -1.67 14.63
CA ILE D 472 -19.47 -2.89 13.89
C ILE D 472 -18.57 -2.98 12.67
N LYS D 473 -18.42 -1.87 11.94
CA LYS D 473 -17.59 -1.90 10.73
C LYS D 473 -16.14 -2.18 11.06
N ALA D 474 -15.69 -1.79 12.27
CA ALA D 474 -14.30 -2.02 12.64
C ALA D 474 -13.98 -3.50 12.77
N ARG D 475 -14.96 -4.32 13.13
CA ARG D 475 -14.74 -5.77 13.25
C ARG D 475 -15.10 -6.54 11.99
N GLY D 476 -15.51 -5.85 10.92
CA GLY D 476 -15.89 -6.52 9.70
C GLY D 476 -17.22 -7.24 9.76
N MET D 477 -18.06 -6.92 10.73
CA MET D 477 -19.33 -7.60 10.94
C MET D 477 -20.52 -6.80 10.41
N GLU D 478 -20.29 -5.97 9.38
CA GLU D 478 -21.28 -5.02 8.91
C GLU D 478 -22.25 -5.64 7.92
N SER D 479 -21.77 -6.57 7.11
CA SER D 479 -22.53 -7.06 5.96
C SER D 479 -23.55 -8.08 6.43
N LYS D 480 -24.81 -7.64 6.56
CA LYS D 480 -25.90 -8.57 6.88
C LYS D 480 -26.07 -9.61 5.79
N GLU D 481 -25.61 -9.34 4.58
CA GLU D 481 -25.68 -10.33 3.52
C GLU D 481 -24.69 -11.47 3.77
N ASP D 482 -23.47 -11.14 4.23
CA ASP D 482 -22.48 -12.17 4.49
C ASP D 482 -22.65 -12.79 5.86
N ILE D 483 -23.16 -12.02 6.82
CA ILE D 483 -23.34 -12.46 8.19
C ILE D 483 -24.81 -12.33 8.55
N PRO D 484 -25.66 -13.27 8.12
CA PRO D 484 -27.11 -13.03 8.23
C PRO D 484 -27.61 -13.04 9.66
N TYR D 485 -27.05 -13.88 10.51
CA TYR D 485 -27.60 -14.12 11.85
C TYR D 485 -26.83 -13.35 12.92
N TYR D 486 -26.89 -12.03 12.83
CA TYR D 486 -26.25 -11.16 13.83
C TYR D 486 -27.33 -10.25 14.38
N PHE D 487 -28.15 -10.80 15.28
CA PHE D 487 -29.29 -10.07 15.83
C PHE D 487 -28.82 -8.92 16.71
N TYR D 488 -27.74 -9.12 17.45
CA TYR D 488 -27.19 -8.03 18.24
C TYR D 488 -26.90 -6.83 17.35
N ARG D 489 -26.28 -7.06 16.19
CA ARG D 489 -25.99 -5.96 15.30
C ARG D 489 -27.27 -5.27 14.85
N ASP D 490 -28.26 -6.05 14.41
CA ASP D 490 -29.46 -5.47 13.83
C ASP D 490 -30.21 -4.63 14.85
N ASP D 491 -30.37 -5.16 16.07
CA ASP D 491 -31.11 -4.44 17.10
C ASP D 491 -30.32 -3.25 17.60
N GLY D 492 -28.99 -3.38 17.73
CA GLY D 492 -28.19 -2.25 18.11
C GLY D 492 -28.28 -1.13 17.10
N LEU D 493 -28.31 -1.50 15.81
CA LEU D 493 -28.41 -0.48 14.77
C LEU D 493 -29.74 0.23 14.83
N LEU D 494 -30.83 -0.52 15.04
CA LEU D 494 -32.14 0.10 15.19
C LEU D 494 -32.18 1.06 16.36
N VAL D 495 -31.79 0.59 17.54
CA VAL D 495 -31.87 1.43 18.73
C VAL D 495 -30.95 2.64 18.59
N TRP D 496 -29.73 2.43 18.08
CA TRP D 496 -28.80 3.53 17.95
C TRP D 496 -29.39 4.62 17.06
N GLU D 497 -30.02 4.23 15.94
CA GLU D 497 -30.61 5.24 15.07
C GLU D 497 -31.79 5.93 15.73
N ALA D 498 -32.58 5.18 16.53
CA ALA D 498 -33.67 5.81 17.27
C ALA D 498 -33.16 6.92 18.19
N ILE D 499 -32.11 6.62 18.95
CA ILE D 499 -31.55 7.62 19.85
C ILE D 499 -30.91 8.75 19.04
N ARG D 500 -30.30 8.44 17.89
CA ARG D 500 -29.72 9.47 17.06
C ARG D 500 -30.78 10.49 16.65
N THR D 501 -31.94 10.00 16.22
CA THR D 501 -33.01 10.89 15.81
C THR D 501 -33.53 11.71 16.99
N PHE D 502 -33.74 11.06 18.14
CA PHE D 502 -34.27 11.76 19.31
C PHE D 502 -33.33 12.88 19.77
N THR D 503 -32.05 12.56 19.94
CA THR D 503 -31.08 13.55 20.38
C THR D 503 -30.93 14.66 19.33
N ALA D 504 -30.92 14.30 18.05
CA ALA D 504 -30.86 15.32 17.00
C ALA D 504 -32.02 16.29 17.12
N GLU D 505 -33.23 15.76 17.34
CA GLU D 505 -34.40 16.63 17.46
C GLU D 505 -34.25 17.59 18.62
N VAL D 506 -33.82 17.07 19.79
CA VAL D 506 -33.67 17.95 20.95
C VAL D 506 -32.63 19.03 20.68
N VAL D 507 -31.46 18.62 20.20
CA VAL D 507 -30.40 19.57 19.86
C VAL D 507 -30.93 20.65 18.94
N ASP D 508 -31.71 20.27 17.93
CA ASP D 508 -32.25 21.28 17.03
C ASP D 508 -33.27 22.17 17.72
N ILE D 509 -33.94 21.65 18.75
CA ILE D 509 -34.87 22.49 19.48
C ILE D 509 -34.12 23.54 20.28
N TYR D 510 -32.92 23.22 20.76
CA TYR D 510 -32.23 24.13 21.66
C TYR D 510 -31.00 24.81 21.08
N TYR D 511 -30.55 24.43 19.88
CA TYR D 511 -29.38 25.07 19.28
C TYR D 511 -29.72 25.56 17.87
N GLU D 512 -29.82 26.89 17.72
CA GLU D 512 -30.09 27.45 16.40
C GLU D 512 -29.07 26.95 15.38
N GLY D 513 -27.81 26.83 15.76
CA GLY D 513 -26.80 26.44 14.80
C GLY D 513 -25.54 25.95 15.47
N ASP D 514 -24.54 25.66 14.65
CA ASP D 514 -23.32 25.06 15.17
C ASP D 514 -22.53 26.04 16.03
N GLN D 515 -22.61 27.33 15.74
CA GLN D 515 -21.94 28.32 16.56
C GLN D 515 -22.52 28.32 17.97
N VAL D 516 -23.83 28.09 18.09
CA VAL D 516 -24.46 28.05 19.40
C VAL D 516 -23.87 26.92 20.23
N VAL D 517 -23.63 25.77 19.59
CA VAL D 517 -22.96 24.66 20.25
C VAL D 517 -21.52 25.04 20.62
N GLU D 518 -20.79 25.61 19.67
CA GLU D 518 -19.37 25.88 19.88
C GLU D 518 -19.13 26.85 21.03
N GLU D 519 -20.02 27.84 21.19
CA GLU D 519 -19.84 28.89 22.19
C GLU D 519 -20.35 28.50 23.58
N ASP D 520 -20.88 27.29 23.77
CA ASP D 520 -21.44 26.87 25.06
C ASP D 520 -20.36 26.53 26.08
N PRO D 521 -20.08 27.40 27.06
CA PRO D 521 -18.98 27.11 27.98
C PRO D 521 -19.23 25.90 28.86
N GLU D 522 -20.47 25.67 29.27
CA GLU D 522 -20.76 24.55 30.17
C GLU D 522 -20.77 23.21 29.43
N LEU D 523 -21.30 23.19 28.21
CA LEU D 523 -21.17 22.00 27.38
C LEU D 523 -19.71 21.69 27.10
N GLN D 524 -18.92 22.71 26.77
CA GLN D 524 -17.52 22.49 26.47
C GLN D 524 -16.78 21.98 27.69
N ASP D 525 -17.08 22.54 28.86
CA ASP D 525 -16.44 22.08 30.09
C ASP D 525 -16.88 20.67 30.44
N PHE D 526 -18.14 20.30 30.19
CA PHE D 526 -18.55 18.93 30.41
C PHE D 526 -17.74 17.97 29.53
N VAL D 527 -17.68 18.26 28.23
CA VAL D 527 -16.91 17.43 27.31
C VAL D 527 -15.45 17.35 27.73
N ASN D 528 -14.87 18.47 28.17
CA ASN D 528 -13.46 18.49 28.51
C ASN D 528 -13.18 17.81 29.85
N ASP D 529 -14.17 17.80 30.75
CA ASP D 529 -14.04 17.04 31.97
C ASP D 529 -14.11 15.56 31.68
N VAL D 530 -14.82 15.19 30.62
CA VAL D 530 -14.78 13.80 30.16
C VAL D 530 -13.41 13.47 29.58
N TYR D 531 -12.90 14.35 28.71
CA TYR D 531 -11.64 14.09 28.01
C TYR D 531 -10.46 14.11 28.98
N VAL D 532 -10.43 15.08 29.89
CA VAL D 532 -9.25 15.27 30.73
C VAL D 532 -9.27 14.36 31.95
N TYR D 533 -10.30 14.49 32.78
CA TYR D 533 -10.32 13.74 34.03
C TYR D 533 -10.83 12.32 33.83
N GLY D 534 -11.93 12.16 33.10
CA GLY D 534 -12.49 10.84 32.90
C GLY D 534 -11.54 9.91 32.18
N MET D 535 -11.17 10.28 30.95
CA MET D 535 -10.30 9.45 30.12
C MET D 535 -8.82 9.78 30.27
N ARG D 536 -8.46 10.70 31.16
CA ARG D 536 -7.08 10.95 31.59
C ARG D 536 -6.23 11.68 30.55
N GLY D 537 -6.85 12.40 29.61
CA GLY D 537 -6.08 13.16 28.65
C GLY D 537 -5.15 12.34 27.77
N ARG D 538 -5.54 11.09 27.46
CA ARG D 538 -4.77 10.26 26.54
C ARG D 538 -5.11 10.66 25.11
N LYS D 539 -4.12 11.16 24.37
CA LYS D 539 -4.40 11.64 23.03
C LYS D 539 -5.03 10.57 22.15
N SER D 540 -4.67 9.31 22.37
CA SER D 540 -5.08 8.19 21.52
C SER D 540 -6.51 7.71 21.80
N SER D 541 -7.29 8.44 22.61
CA SER D 541 -8.65 7.99 22.92
C SER D 541 -9.64 8.38 21.84
N GLY D 542 -9.39 9.47 21.11
CA GLY D 542 -10.30 9.91 20.10
C GLY D 542 -11.49 10.69 20.60
N PHE D 543 -11.58 10.94 21.89
CA PHE D 543 -12.71 11.69 22.42
C PHE D 543 -12.60 13.15 22.02
N PRO D 544 -13.69 13.77 21.59
CA PRO D 544 -13.63 15.20 21.26
C PRO D 544 -13.23 16.00 22.48
N LYS D 545 -12.25 16.86 22.32
CA LYS D 545 -11.94 17.82 23.37
C LYS D 545 -12.96 18.94 23.44
N SER D 546 -13.82 19.06 22.42
CA SER D 546 -14.82 20.10 22.33
C SER D 546 -15.78 19.71 21.22
N VAL D 547 -17.06 20.00 21.43
CA VAL D 547 -18.08 19.83 20.40
C VAL D 547 -18.36 21.18 19.78
N LYS D 548 -18.29 21.27 18.46
CA LYS D 548 -18.47 22.53 17.77
C LYS D 548 -19.59 22.47 16.74
N SER D 549 -20.39 21.41 16.73
CA SER D 549 -21.45 21.27 15.74
C SER D 549 -22.60 20.49 16.34
N ARG D 550 -23.80 20.75 15.82
CA ARG D 550 -24.95 19.95 16.24
C ARG D 550 -24.82 18.51 15.74
N GLU D 551 -24.20 18.34 14.57
CA GLU D 551 -23.94 16.99 14.05
C GLU D 551 -23.05 16.20 14.99
N GLN D 552 -22.09 16.87 15.63
CA GLN D 552 -21.15 16.25 16.56
C GLN D 552 -21.77 16.01 17.94
N LEU D 553 -22.58 16.97 18.43
CA LEU D 553 -23.24 16.85 19.72
C LEU D 553 -24.30 15.75 19.74
N SER D 554 -25.04 15.63 18.64
CA SER D 554 -25.98 14.52 18.53
C SER D 554 -25.27 13.18 18.72
N GLU D 555 -24.14 12.99 18.03
CA GLU D 555 -23.42 11.72 18.17
C GLU D 555 -22.89 11.52 19.60
N TYR D 556 -22.44 12.61 20.24
CA TYR D 556 -21.92 12.48 21.60
C TYR D 556 -23.00 12.01 22.57
N LEU D 557 -24.15 12.68 22.54
CA LEU D 557 -25.26 12.26 23.39
C LEU D 557 -25.77 10.89 23.01
N THR D 558 -25.71 10.53 21.72
CA THR D 558 -26.09 9.18 21.31
C THR D 558 -25.18 8.15 21.94
N VAL D 559 -23.87 8.40 21.93
CA VAL D 559 -22.94 7.53 22.63
C VAL D 559 -23.36 7.37 24.08
N VAL D 560 -23.56 8.49 24.77
CA VAL D 560 -23.91 8.45 26.19
C VAL D 560 -25.14 7.58 26.42
N ILE D 561 -26.23 7.89 25.71
CA ILE D 561 -27.49 7.22 26.01
C ILE D 561 -27.44 5.76 25.60
N PHE D 562 -26.93 5.46 24.41
CA PHE D 562 -26.87 4.07 23.97
C PHE D 562 -26.00 3.23 24.89
N THR D 563 -24.89 3.79 25.38
CA THR D 563 -24.05 3.05 26.31
C THR D 563 -24.77 2.82 27.63
N ALA D 564 -25.55 3.80 28.08
CA ALA D 564 -26.22 3.68 29.38
C ALA D 564 -27.41 2.74 29.35
N SER D 565 -28.00 2.50 28.17
CA SER D 565 -29.21 1.70 28.06
C SER D 565 -29.00 0.47 27.17
N ALA D 566 -28.88 0.64 25.85
CA ALA D 566 -28.91 -0.50 24.94
C ALA D 566 -27.72 -1.43 25.15
N GLN D 567 -26.51 -0.90 25.05
CA GLN D 567 -25.33 -1.74 25.19
C GLN D 567 -25.33 -2.48 26.52
N HIS D 568 -25.55 -1.74 27.61
CA HIS D 568 -25.51 -2.36 28.93
C HIS D 568 -26.55 -3.45 29.06
N ALA D 569 -27.75 -3.21 28.55
CA ALA D 569 -28.78 -4.23 28.65
C ALA D 569 -28.45 -5.45 27.81
N ALA D 570 -27.82 -5.25 26.65
CA ALA D 570 -27.45 -6.37 25.81
C ALA D 570 -26.37 -7.23 26.45
N VAL D 571 -25.49 -6.61 27.25
CA VAL D 571 -24.38 -7.37 27.84
C VAL D 571 -24.63 -7.81 29.28
N ASN D 572 -25.67 -7.31 29.95
CA ASN D 572 -25.87 -7.66 31.35
C ASN D 572 -26.98 -8.69 31.57
N PHE D 573 -28.12 -8.53 30.89
CA PHE D 573 -29.31 -9.29 31.22
C PHE D 573 -29.40 -10.63 30.50
N GLY D 574 -28.30 -11.07 29.89
CA GLY D 574 -28.19 -12.42 29.37
C GLY D 574 -27.26 -13.31 30.17
N GLN D 575 -26.89 -12.89 31.38
CA GLN D 575 -25.87 -13.60 32.15
C GLN D 575 -26.44 -14.85 32.82
N TYR D 576 -27.67 -14.81 33.29
CA TYR D 576 -28.25 -16.04 33.84
C TYR D 576 -28.71 -16.99 32.74
N ASP D 577 -29.13 -16.46 31.59
CA ASP D 577 -29.49 -17.32 30.47
C ASP D 577 -28.32 -18.18 30.05
N TRP D 578 -27.14 -17.59 29.94
CA TRP D 578 -26.00 -18.25 29.33
C TRP D 578 -24.98 -18.78 30.33
N ALA D 579 -24.74 -18.05 31.41
CA ALA D 579 -23.77 -18.48 32.40
C ALA D 579 -24.35 -19.47 33.41
N SER D 580 -25.67 -19.62 33.46
CA SER D 580 -26.28 -20.54 34.41
C SER D 580 -25.76 -21.96 34.23
N TRP D 581 -25.45 -22.35 33.00
CA TRP D 581 -24.84 -23.65 32.72
C TRP D 581 -23.33 -23.51 32.91
N ILE D 582 -22.85 -23.84 34.13
CA ILE D 582 -21.45 -23.59 34.49
C ILE D 582 -20.49 -24.04 33.39
N PRO D 583 -20.61 -25.25 32.83
CA PRO D 583 -19.69 -25.66 31.77
C PRO D 583 -19.69 -24.71 30.58
N ASN D 584 -20.76 -23.95 30.39
CA ASN D 584 -20.83 -23.03 29.26
C ASN D 584 -20.25 -21.65 29.54
N ALA D 585 -19.98 -21.32 30.80
CA ALA D 585 -19.36 -20.05 31.14
C ALA D 585 -18.64 -20.17 32.48
N PRO D 586 -17.53 -20.90 32.53
CA PRO D 586 -16.86 -21.12 33.82
C PRO D 586 -16.29 -19.83 34.38
N PRO D 587 -16.60 -19.50 35.64
CA PRO D 587 -15.97 -18.33 36.26
C PRO D 587 -14.53 -18.56 36.70
N THR D 588 -14.10 -19.81 36.80
CA THR D 588 -12.71 -20.15 37.11
C THR D 588 -12.45 -21.55 36.62
N MET D 589 -11.17 -21.89 36.48
CA MET D 589 -10.73 -23.25 36.14
C MET D 589 -9.59 -23.64 37.07
N ARG D 590 -9.66 -24.86 37.59
CA ARG D 590 -8.74 -25.33 38.62
C ARG D 590 -7.67 -26.25 38.08
N ALA D 591 -7.51 -26.33 36.76
CA ALA D 591 -6.46 -27.10 36.11
C ALA D 591 -5.91 -26.28 34.96
N PRO D 592 -4.63 -26.42 34.65
CA PRO D 592 -4.05 -25.67 33.54
C PRO D 592 -4.56 -26.18 32.20
N PRO D 593 -4.54 -25.35 31.16
CA PRO D 593 -5.03 -25.78 29.85
C PRO D 593 -4.22 -26.96 29.33
N PRO D 594 -4.87 -27.95 28.73
CA PRO D 594 -4.17 -29.17 28.34
C PRO D 594 -3.07 -28.88 27.34
N THR D 595 -1.89 -29.42 27.61
CA THR D 595 -0.73 -29.25 26.76
C THR D 595 -0.45 -30.47 25.87
N ALA D 596 -1.32 -31.47 25.89
CA ALA D 596 -1.13 -32.65 25.07
C ALA D 596 -2.48 -33.22 24.67
N LYS D 597 -2.48 -33.98 23.58
CA LYS D 597 -3.69 -34.54 23.01
C LYS D 597 -3.89 -35.99 23.44
N GLY D 598 -5.15 -36.35 23.69
CA GLY D 598 -5.49 -37.70 24.09
C GLY D 598 -5.11 -38.04 25.51
N VAL D 599 -4.97 -37.03 26.36
CA VAL D 599 -4.50 -37.19 27.72
C VAL D 599 -5.52 -36.77 28.76
N VAL D 600 -6.73 -36.37 28.35
CA VAL D 600 -7.69 -35.80 29.28
C VAL D 600 -8.97 -36.62 29.26
N THR D 601 -9.55 -36.79 30.46
CA THR D 601 -10.73 -37.60 30.68
C THR D 601 -11.83 -36.72 31.24
N ILE D 602 -13.08 -37.14 30.96
CA ILE D 602 -14.23 -36.35 31.38
C ILE D 602 -14.17 -36.08 32.88
N GLU D 603 -13.70 -37.05 33.66
CA GLU D 603 -13.51 -36.86 35.10
C GLU D 603 -12.58 -35.68 35.38
N GLN D 604 -11.46 -35.62 34.65
CA GLN D 604 -10.54 -34.50 34.83
C GLN D 604 -11.17 -33.17 34.40
N ILE D 605 -12.12 -33.19 33.46
CA ILE D 605 -12.83 -31.96 33.16
C ILE D 605 -13.70 -31.55 34.34
N VAL D 606 -14.49 -32.49 34.87
CA VAL D 606 -15.32 -32.19 36.05
C VAL D 606 -14.47 -31.63 37.17
N ASP D 607 -13.26 -32.17 37.33
CA ASP D 607 -12.36 -31.66 38.35
C ASP D 607 -11.74 -30.33 37.96
N THR D 608 -11.64 -30.03 36.66
CA THR D 608 -11.15 -28.74 36.19
C THR D 608 -12.19 -27.64 36.39
N LEU D 609 -13.48 -28.00 36.34
CA LEU D 609 -14.55 -27.04 36.45
C LEU D 609 -14.63 -26.52 37.88
N PRO D 610 -15.39 -25.45 38.11
CA PRO D 610 -15.47 -24.88 39.45
C PRO D 610 -16.05 -25.87 40.46
N ASP D 611 -15.74 -25.64 41.72
CA ASP D 611 -16.29 -26.45 42.79
C ASP D 611 -17.76 -26.09 42.99
N ARG D 612 -18.41 -26.76 43.94
CA ARG D 612 -19.81 -26.44 44.23
C ARG D 612 -19.97 -25.03 44.78
N GLY D 613 -18.99 -24.56 45.56
CA GLY D 613 -19.12 -23.25 46.18
C GLY D 613 -18.97 -22.12 45.18
N ARG D 614 -17.95 -22.21 44.32
CA ARG D 614 -17.83 -21.22 43.26
C ARG D 614 -18.97 -21.33 42.26
N SER D 615 -19.44 -22.54 41.96
CA SER D 615 -20.60 -22.65 41.10
C SER D 615 -21.76 -21.85 41.68
N CYS D 616 -22.00 -22.02 42.98
CA CYS D 616 -23.11 -21.33 43.63
C CYS D 616 -22.92 -19.80 43.59
N TRP D 617 -21.72 -19.32 43.91
CA TRP D 617 -21.50 -17.88 43.92
C TRP D 617 -21.61 -17.29 42.52
N HIS D 618 -21.12 -18.02 41.51
CA HIS D 618 -21.27 -17.59 40.12
C HIS D 618 -22.73 -17.50 39.74
N LEU D 619 -23.50 -18.53 40.09
CA LEU D 619 -24.92 -18.53 39.75
C LEU D 619 -25.64 -17.37 40.43
N GLY D 620 -25.39 -17.19 41.73
CA GLY D 620 -26.02 -16.08 42.43
C GLY D 620 -25.70 -14.75 41.80
N ALA D 621 -24.43 -14.56 41.42
CA ALA D 621 -24.03 -13.28 40.83
C ALA D 621 -24.73 -13.04 39.51
N VAL D 622 -24.76 -14.06 38.63
CA VAL D 622 -25.36 -13.86 37.30
C VAL D 622 -26.87 -13.68 37.42
N TRP D 623 -27.51 -14.43 38.31
CA TRP D 623 -28.94 -14.27 38.49
C TRP D 623 -29.27 -12.88 39.01
N ALA D 624 -28.62 -12.47 40.10
CA ALA D 624 -28.90 -11.15 40.66
C ALA D 624 -28.65 -10.06 39.63
N LEU D 625 -27.55 -10.16 38.88
CA LEU D 625 -27.22 -9.13 37.91
C LEU D 625 -28.09 -9.18 36.67
N SER D 626 -28.89 -10.24 36.49
CA SER D 626 -29.76 -10.37 35.33
C SER D 626 -31.22 -10.08 35.66
N GLN D 627 -31.48 -9.22 36.64
CA GLN D 627 -32.83 -9.02 37.17
C GLN D 627 -33.26 -7.57 36.98
N PHE D 628 -34.55 -7.38 36.71
CA PHE D 628 -35.16 -6.07 36.63
C PHE D 628 -35.86 -5.72 37.93
N GLN D 629 -35.86 -4.43 38.25
CA GLN D 629 -36.49 -3.95 39.46
C GLN D 629 -38.01 -3.96 39.33
N GLU D 630 -38.67 -3.95 40.48
CA GLU D 630 -40.12 -4.02 40.48
C GLU D 630 -40.72 -2.79 39.83
N ASN D 631 -40.02 -1.67 39.92
CA ASN D 631 -40.39 -0.42 39.27
C ASN D 631 -39.26 -0.01 38.32
N GLU D 632 -39.04 -0.81 37.27
CA GLU D 632 -37.95 -0.52 36.35
C GLU D 632 -38.37 0.51 35.31
N LEU D 633 -37.39 1.28 34.83
CA LEU D 633 -37.62 2.33 33.82
C LEU D 633 -36.93 1.95 32.51
N PHE D 634 -37.72 1.71 31.48
CA PHE D 634 -37.18 1.31 30.19
C PHE D 634 -37.06 2.50 29.25
N LEU D 635 -36.32 2.29 28.17
CA LEU D 635 -35.98 3.35 27.25
C LEU D 635 -37.21 4.14 26.85
N GLY D 636 -37.20 5.43 27.19
CA GLY D 636 -38.29 6.32 26.88
C GLY D 636 -39.12 6.69 28.09
N MET D 637 -39.11 5.86 29.12
CA MET D 637 -39.89 6.13 30.32
C MET D 637 -39.16 7.21 31.11
N TYR D 638 -39.60 8.45 30.95
CA TYR D 638 -38.96 9.61 31.55
C TYR D 638 -39.95 10.21 32.54
N PRO D 639 -40.26 9.48 33.62
CA PRO D 639 -41.29 9.96 34.55
C PRO D 639 -40.94 11.25 35.24
N GLU D 640 -39.68 11.45 35.61
CA GLU D 640 -39.30 12.73 36.21
C GLU D 640 -39.31 13.81 35.14
N GLU D 641 -40.28 14.71 35.22
CA GLU D 641 -40.46 15.77 34.23
C GLU D 641 -39.46 16.88 34.54
N HIS D 642 -38.22 16.69 34.08
CA HIS D 642 -37.28 17.80 34.08
C HIS D 642 -37.59 18.76 32.94
N PHE D 643 -37.76 18.23 31.72
CA PHE D 643 -38.35 19.01 30.65
C PHE D 643 -39.85 19.17 30.90
N ILE D 644 -40.36 20.38 30.75
CA ILE D 644 -41.79 20.67 30.88
C ILE D 644 -42.35 21.39 29.67
N GLU D 645 -41.52 21.70 28.69
CA GLU D 645 -41.85 22.39 27.46
C GLU D 645 -42.53 21.45 26.46
N LYS D 646 -43.25 22.04 25.51
CA LYS D 646 -44.12 21.33 24.57
C LYS D 646 -43.37 20.62 23.43
N PRO D 647 -42.49 21.32 22.72
CA PRO D 647 -41.82 20.69 21.56
C PRO D 647 -40.95 19.51 21.94
N VAL D 648 -40.19 19.62 23.05
CA VAL D 648 -39.32 18.52 23.41
C VAL D 648 -40.14 17.34 23.93
N LYS D 649 -41.27 17.60 24.59
CA LYS D 649 -42.16 16.51 24.97
C LYS D 649 -42.71 15.81 23.74
N GLU D 650 -43.01 16.56 22.67
CA GLU D 650 -43.44 15.93 21.42
C GLU D 650 -42.31 15.09 20.82
N ALA D 651 -41.08 15.62 20.86
CA ALA D 651 -39.94 14.85 20.36
C ALA D 651 -39.79 13.54 21.12
N MET D 652 -39.95 13.60 22.44
CA MET D 652 -39.93 12.39 23.26
C MET D 652 -41.02 11.42 22.83
N ALA D 653 -42.24 11.93 22.59
CA ALA D 653 -43.33 11.07 22.15
C ALA D 653 -42.98 10.35 20.85
N ARG D 654 -42.42 11.09 19.89
CA ARG D 654 -41.98 10.45 18.65
C ARG D 654 -40.93 9.40 18.93
N PHE D 655 -39.99 9.70 19.83
CA PHE D 655 -39.04 8.70 20.30
C PHE D 655 -39.74 7.43 20.73
N ARG D 656 -40.79 7.58 21.54
CA ARG D 656 -41.51 6.42 22.05
C ARG D 656 -42.14 5.64 20.92
N LYS D 657 -42.67 6.36 19.92
CA LYS D 657 -43.28 5.69 18.78
C LYS D 657 -42.26 4.86 18.02
N ASN D 658 -41.10 5.45 17.74
CA ASN D 658 -40.08 4.71 17.01
C ASN D 658 -39.63 3.49 17.79
N LEU D 659 -39.50 3.62 19.12
CA LEU D 659 -39.15 2.48 19.95
C LEU D 659 -40.22 1.39 19.83
N GLU D 660 -41.49 1.77 19.90
CA GLU D 660 -42.57 0.80 19.75
C GLU D 660 -42.45 0.07 18.41
N ALA D 661 -42.09 0.81 17.36
CA ALA D 661 -41.88 0.20 16.05
C ALA D 661 -40.76 -0.83 16.09
N ILE D 662 -39.65 -0.47 16.73
CA ILE D 662 -38.53 -1.42 16.84
C ILE D 662 -38.99 -2.67 17.58
N VAL D 663 -39.81 -2.50 18.62
CA VAL D 663 -40.28 -3.68 19.35
C VAL D 663 -41.09 -4.58 18.43
N SER D 664 -41.95 -4.00 17.60
CA SER D 664 -42.75 -4.81 16.68
C SER D 664 -41.86 -5.54 15.68
N VAL D 665 -40.88 -4.84 15.11
CA VAL D 665 -39.96 -5.47 14.18
C VAL D 665 -39.28 -6.67 14.83
N ILE D 666 -38.80 -6.48 16.07
CA ILE D 666 -38.07 -7.56 16.75
C ILE D 666 -39.00 -8.73 17.01
N ALA D 667 -40.27 -8.48 17.32
CA ALA D 667 -41.21 -9.59 17.52
C ALA D 667 -41.38 -10.40 16.24
N GLU D 668 -41.62 -9.70 15.13
CA GLU D 668 -41.78 -10.39 13.87
C GLU D 668 -40.53 -11.20 13.54
N ARG D 669 -39.36 -10.63 13.83
CA ARG D 669 -38.11 -11.39 13.64
C ARG D 669 -38.08 -12.63 14.52
N ASN D 670 -38.41 -12.48 15.81
CA ASN D 670 -38.31 -13.59 16.75
C ASN D 670 -39.21 -14.75 16.37
N GLU D 671 -40.31 -14.48 15.65
CA GLU D 671 -41.17 -15.58 15.26
C GLU D 671 -40.46 -16.60 14.35
N ASN D 672 -39.38 -16.21 13.68
CA ASN D 672 -38.65 -17.09 12.77
C ASN D 672 -37.33 -17.59 13.34
N LEU D 673 -37.12 -17.50 14.65
CA LEU D 673 -35.84 -17.82 15.26
C LEU D 673 -35.95 -19.06 16.12
N GLN D 674 -34.92 -19.91 16.09
CA GLN D 674 -34.82 -20.99 17.08
C GLN D 674 -34.89 -20.42 18.49
N LEU D 675 -33.90 -19.60 18.84
CA LEU D 675 -33.76 -19.04 20.17
C LEU D 675 -33.92 -17.53 20.11
N PRO D 676 -35.01 -16.97 20.62
CA PRO D 676 -35.25 -15.53 20.48
C PRO D 676 -34.23 -14.69 21.22
N TYR D 677 -33.96 -13.51 20.69
CA TYR D 677 -32.99 -12.57 21.25
C TYR D 677 -33.77 -11.33 21.69
N TYR D 678 -34.04 -11.21 22.99
CA TYR D 678 -34.93 -10.16 23.49
C TYR D 678 -34.20 -9.03 24.21
N TYR D 679 -32.87 -9.10 24.31
CA TYR D 679 -32.15 -8.18 25.17
C TYR D 679 -32.14 -6.76 24.63
N LEU D 680 -32.09 -6.59 23.32
CA LEU D 680 -32.15 -5.26 22.72
C LEU D 680 -33.57 -4.87 22.33
N SER D 681 -34.57 -5.60 22.81
CA SER D 681 -35.95 -5.16 22.63
C SER D 681 -36.18 -3.95 23.52
N PRO D 682 -36.47 -2.77 22.94
CA PRO D 682 -36.52 -1.53 23.74
C PRO D 682 -37.37 -1.63 25.00
N ASP D 683 -38.34 -2.55 25.01
CA ASP D 683 -39.19 -2.76 26.17
C ASP D 683 -38.49 -3.53 27.28
N ARG D 684 -37.22 -3.88 27.09
CA ARG D 684 -36.41 -4.59 28.08
C ARG D 684 -35.08 -3.89 28.31
N ILE D 685 -34.92 -2.67 27.83
CA ILE D 685 -33.71 -1.88 27.96
C ILE D 685 -33.99 -0.75 28.95
N PRO D 686 -33.47 -0.80 30.17
CA PRO D 686 -33.64 0.32 31.10
C PRO D 686 -33.08 1.61 30.52
N ASN D 687 -33.29 2.71 31.23
CA ASN D 687 -32.73 3.99 30.79
C ASN D 687 -31.26 4.10 31.15
N SER D 688 -30.86 3.59 32.31
CA SER D 688 -29.52 3.77 32.84
C SER D 688 -28.94 2.42 33.25
N VAL D 689 -27.71 2.45 33.75
CA VAL D 689 -27.01 1.26 34.21
C VAL D 689 -27.18 1.14 35.72
N ALA D 690 -28.33 0.63 36.15
CA ALA D 690 -28.63 0.52 37.58
C ALA D 690 -28.42 -0.89 38.13
N ILE D 691 -27.75 -1.77 37.38
CA ILE D 691 -27.46 -3.12 37.86
C ILE D 691 -26.50 -3.81 36.89
#